data_8OZI
#
_entry.id   8OZI
#
_cell.length_a   1.00
_cell.length_b   1.00
_cell.length_c   1.00
_cell.angle_alpha   90.00
_cell.angle_beta   90.00
_cell.angle_gamma   90.00
#
_symmetry.space_group_name_H-M   'P 1'
#
loop_
_entity.id
_entity.type
_entity.pdbx_description
1 polymer 'TIR domain-containing protein'
2 polymer 'Piwi domain-containing protein'
3 polymer "RNA (5'-R(P*UP*UP*UP*UP*UP*UP*UP*UP*UP*UP*UP*UP*UP*UP*UP*UP*UP*U)-3')"
4 polymer "DNA (5'-D(*AP*AP*AP*AP*AP*AP*AP*AP*AP*AP*AP*AP*AP*AP*AP*A)-3')"
5 non-polymer NICOTINAMIDE-ADENINE-DINUCLEOTIDE
#
loop_
_entity_poly.entity_id
_entity_poly.type
_entity_poly.pdbx_seq_one_letter_code
_entity_poly.pdbx_strand_id
1 'polypeptide(L)'
;MRNKIFISHATPDDNDFTRWLALKLIGLGYEVWCDILFLDKGVDFWSNIEKVIREDTCKFLLVSSSYSNQREGVLKELAV
AAKVKKQLKDDKFIIPLAIDEQLSYDDINIDIVRLNAIDFKMSWARGLKDILEAFEKQKVPKEVADASKSNLLYQQIFLH
DKSVIEKEEIYDSNWLSILSFPEELRFHEYNWMLPKRFDVRELTFPAVRYKNYLCTFAWAYDFTYHLPKTETYHKSKTIR
IPTEEILSGSYDSNFIRNAECKRLIVQLLNKAFELRMKDKEVQEYEMSNKTAYWLEKGKLEKDKFEKTMLVGKQKDKNWH
FAISGASKLYPFPVLMISSHIFFTADGKKLIDSSSVQHSSRRRQGKNWWNNTWRTKLLAFIKYLSDDDTSFYLEMGSEEK
VFVSNEPVKFKGNVSYNIPEKNTLEEEAELSGFNQGEDIEELEELIENLEAE
;
A,C,E,G
2 'polypeptide(L)'
;MKELIYIEEPKILFAHGQKCTDARDGLALFGPLNNLYGIKSGVIGTKQGLKIFRDYLDHIQKPIYNSNSITRPMFPGFEA
VFDCKWESTGITFKEVTNEDIGKFLYNSSTHKRTYDLVSLFIDKIISANKNEDENVDVWFVIVPDEIYKYCRPNSVLPKE
MVQTKALMSKSKAKSFRYEPSLFPDINIELKEQEKEAETYNYDAQFHDQFKARLLKHTIPTQIFRESTLAWRDFKNAFGL
PIRDFSKIEGHLAWTISTAAFYKAGGKPWKLSDVRNGVCYLGLVYKKVEKSKNPRNACCAAQMFLDNGDGTVFKGEVGPW
YNPKNGQYHLEPKEAKALLSQSLQSYKEQIGEYPKEVFIHAKTRFNHQEWDAFLEVTPKETNLVGVTISKTKPLKLYKTE
GDYTILRGNAYVVNERSAFLWTVGYVPKIQTALSMEVPNPLFIEINKGEADIKQVLKDILSLTKLNYNACIFADGEPVTL
RFADKIGEILTASTDIKTPPLAFKYYI
;
B,D,F,H
3 'polyribonucleotide' UUUUUUUUUUUUUUUUUU I,K,M,N
4 'polydeoxyribonucleotide' (DA)(DA)(DA)(DA)(DA)(DA)(DA)(DA)(DA)(DA)(DA)(DA)(DA)(DA)(DA)(DA) J,L,O,P
#
# COMPACT_ATOMS: atom_id res chain seq x y z
N MET A 1 -1.18 7.27 26.34
CA MET A 1 -2.00 7.00 25.16
C MET A 1 -1.51 7.80 23.97
N ARG A 2 -1.92 7.37 22.77
CA ARG A 2 -1.53 8.07 21.55
C ARG A 2 -2.51 9.20 21.28
N ASN A 3 -2.06 10.44 21.49
CA ASN A 3 -2.90 11.61 21.24
C ASN A 3 -2.12 12.73 20.56
N LYS A 4 -1.00 12.44 19.92
CA LYS A 4 -0.20 13.43 19.22
C LYS A 4 -0.22 13.17 17.73
N ILE A 5 -0.24 14.23 16.94
CA ILE A 5 -0.27 14.15 15.49
C ILE A 5 1.11 14.51 14.96
N PHE A 6 1.70 13.61 14.18
CA PHE A 6 3.03 13.81 13.63
C PHE A 6 2.91 14.37 12.21
N ILE A 7 3.68 15.40 11.92
CA ILE A 7 3.69 16.03 10.60
C ILE A 7 5.10 15.92 10.03
N SER A 8 5.29 15.04 9.07
CA SER A 8 6.56 14.93 8.36
C SER A 8 6.56 15.86 7.16
N HIS A 9 7.72 16.40 6.85
CA HIS A 9 7.86 17.37 5.77
C HIS A 9 9.33 17.56 5.47
N ALA A 10 9.61 18.32 4.42
CA ALA A 10 10.96 18.73 4.08
C ALA A 10 11.30 20.01 4.86
N THR A 11 12.32 19.93 5.71
CA THR A 11 12.62 21.05 6.59
C THR A 11 13.02 22.34 5.88
N PRO A 12 13.88 22.34 4.84
CA PRO A 12 14.33 23.64 4.32
C PRO A 12 13.45 24.19 3.20
N ASP A 13 12.38 23.49 2.85
CA ASP A 13 11.61 23.88 1.67
C ASP A 13 10.13 24.09 1.95
N ASP A 14 9.54 23.24 2.78
CA ASP A 14 8.10 23.29 3.05
C ASP A 14 7.77 23.89 4.41
N ASN A 15 8.51 24.93 4.83
CA ASN A 15 8.29 25.51 6.15
C ASN A 15 6.99 26.31 6.19
N ASP A 16 6.61 26.94 5.09
CA ASP A 16 5.45 27.84 5.12
C ASP A 16 4.16 27.05 5.33
N PHE A 17 3.91 26.05 4.49
CA PHE A 17 2.68 25.27 4.64
C PHE A 17 2.67 24.51 5.95
N THR A 18 3.80 23.93 6.33
CA THR A 18 3.86 23.17 7.57
C THR A 18 3.61 24.08 8.77
N ARG A 19 4.19 25.28 8.75
CA ARG A 19 3.93 26.25 9.80
C ARG A 19 2.47 26.62 9.89
N TRP A 20 1.85 26.93 8.74
CA TRP A 20 0.45 27.33 8.74
C TRP A 20 -0.43 26.19 9.25
N LEU A 21 -0.20 24.98 8.76
CA LEU A 21 -1.02 23.84 9.15
C LEU A 21 -0.86 23.52 10.63
N ALA A 22 0.38 23.53 11.12
CA ALA A 22 0.63 23.22 12.52
C ALA A 22 0.01 24.27 13.43
N LEU A 23 0.20 25.55 13.11
CA LEU A 23 -0.37 26.61 13.93
C LEU A 23 -1.89 26.62 13.89
N LYS A 24 -2.50 26.18 12.78
CA LYS A 24 -3.94 26.04 12.72
C LYS A 24 -4.43 24.85 13.54
N LEU A 25 -3.76 23.71 13.42
CA LEU A 25 -4.18 22.50 14.13
C LEU A 25 -4.05 22.66 15.63
N ILE A 26 -2.96 23.27 16.09
CA ILE A 26 -2.78 23.47 17.52
C ILE A 26 -3.88 24.39 18.06
N GLY A 27 -4.18 25.46 17.33
CA GLY A 27 -5.27 26.33 17.76
C GLY A 27 -6.60 25.61 17.78
N LEU A 28 -6.81 24.69 16.86
CA LEU A 28 -8.04 23.91 16.82
C LEU A 28 -8.15 22.89 17.95
N GLY A 29 -7.07 22.67 18.70
CA GLY A 29 -7.09 21.76 19.84
C GLY A 29 -6.45 20.42 19.61
N TYR A 30 -5.65 20.26 18.57
CA TYR A 30 -5.01 18.98 18.24
C TYR A 30 -3.54 19.04 18.62
N GLU A 31 -3.08 18.06 19.39
CA GLU A 31 -1.68 17.99 19.77
C GLU A 31 -0.84 17.69 18.54
N VAL A 32 0.18 18.52 18.29
CA VAL A 32 0.96 18.44 17.06
C VAL A 32 2.44 18.34 17.41
N TRP A 33 3.13 17.43 16.72
CA TRP A 33 4.57 17.28 16.84
C TRP A 33 5.20 17.56 15.48
N CYS A 34 6.15 18.49 15.44
CA CYS A 34 6.84 18.80 14.20
C CYS A 34 8.21 19.38 14.52
N ASP A 35 9.15 19.20 13.59
CA ASP A 35 10.52 19.59 13.87
C ASP A 35 10.70 21.10 13.82
N ILE A 36 9.90 21.81 13.00
CA ILE A 36 9.97 23.26 12.97
C ILE A 36 9.37 23.87 14.21
N LEU A 37 8.60 23.09 14.98
CA LEU A 37 7.94 23.62 16.18
C LEU A 37 8.97 23.91 17.26
N PHE A 38 9.68 22.87 17.72
CA PHE A 38 10.58 23.02 18.84
C PHE A 38 11.79 23.88 18.48
N LEU A 39 12.11 24.82 19.37
CA LEU A 39 13.23 25.73 19.15
C LEU A 39 14.44 25.26 19.92
N ASP A 40 15.55 25.02 19.19
CA ASP A 40 16.85 24.42 19.51
C ASP A 40 16.84 22.95 19.10
N LYS A 41 18.01 22.40 18.84
CA LYS A 41 18.14 21.00 18.46
C LYS A 41 19.37 20.40 19.16
N GLY A 42 19.37 19.08 19.25
CA GLY A 42 20.48 18.34 19.83
C GLY A 42 20.60 17.00 19.13
N VAL A 43 21.58 16.22 19.57
CA VAL A 43 21.78 14.88 18.99
C VAL A 43 20.62 13.96 19.32
N ASP A 44 19.81 14.29 20.32
CA ASP A 44 18.79 13.37 20.80
C ASP A 44 17.58 13.31 19.86
N PHE A 45 17.44 14.25 18.92
CA PHE A 45 16.20 14.35 18.17
C PHE A 45 16.02 13.16 17.23
N TRP A 46 17.12 12.53 16.80
CA TRP A 46 16.99 11.37 15.93
C TRP A 46 16.26 10.23 16.62
N SER A 47 16.57 9.97 17.89
CA SER A 47 15.84 8.95 18.64
C SER A 47 14.49 9.47 19.10
N ASN A 48 14.39 10.78 19.35
CA ASN A 48 13.13 11.38 19.76
C ASN A 48 12.06 11.19 18.70
N ILE A 49 12.42 11.39 17.43
CA ILE A 49 11.47 11.24 16.34
C ILE A 49 10.94 9.81 16.30
N GLU A 50 11.84 8.84 16.36
CA GLU A 50 11.42 7.44 16.29
C GLU A 50 10.53 7.07 17.46
N LYS A 51 10.89 7.48 18.68
CA LYS A 51 10.09 7.09 19.83
C LYS A 51 8.72 7.76 19.78
N VAL A 52 8.66 9.02 19.33
CA VAL A 52 7.36 9.69 19.22
C VAL A 52 6.50 8.99 18.18
N ILE A 53 7.08 8.66 17.02
CA ILE A 53 6.31 7.98 15.98
C ILE A 53 5.79 6.64 16.48
N ARG A 54 6.62 5.86 17.17
CA ARG A 54 6.26 4.51 17.56
C ARG A 54 5.41 4.44 18.83
N GLU A 55 5.37 5.48 19.65
CA GLU A 55 4.72 5.38 20.94
C GLU A 55 3.66 6.44 21.22
N ASP A 56 3.71 7.60 20.58
CA ASP A 56 2.78 8.68 20.90
C ASP A 56 1.90 9.10 19.73
N THR A 57 2.35 8.91 18.50
CA THR A 57 1.62 9.41 17.33
C THR A 57 0.32 8.65 17.14
N CYS A 58 -0.77 9.39 16.91
CA CYS A 58 -2.05 8.80 16.54
C CYS A 58 -2.37 8.94 15.06
N LYS A 59 -1.95 10.02 14.42
CA LYS A 59 -2.05 10.17 12.98
C LYS A 59 -0.74 10.71 12.44
N PHE A 60 -0.36 10.23 11.26
CA PHE A 60 0.88 10.63 10.62
C PHE A 60 0.52 11.37 9.33
N LEU A 61 0.76 12.67 9.30
CA LEU A 61 0.47 13.50 8.15
C LEU A 61 1.76 13.71 7.37
N LEU A 62 1.76 13.31 6.10
CA LEU A 62 2.94 13.45 5.24
C LEU A 62 2.68 14.57 4.25
N VAL A 63 3.43 15.66 4.41
CA VAL A 63 3.37 16.76 3.44
C VAL A 63 3.99 16.26 2.14
N SER A 64 3.15 16.07 1.13
CA SER A 64 3.57 15.51 -0.15
C SER A 64 3.86 16.65 -1.11
N SER A 65 5.14 16.79 -1.48
CA SER A 65 5.56 17.83 -2.39
C SER A 65 6.77 17.34 -3.17
N SER A 66 7.11 18.07 -4.24
CA SER A 66 8.24 17.67 -5.08
C SER A 66 9.55 17.65 -4.29
N TYR A 67 9.63 18.42 -3.22
CA TYR A 67 10.81 18.39 -2.36
C TYR A 67 10.77 17.20 -1.41
N SER A 68 9.63 17.01 -0.74
CA SER A 68 9.51 15.96 0.26
C SER A 68 9.31 14.58 -0.35
N ASN A 69 9.19 14.49 -1.67
CA ASN A 69 8.88 13.21 -2.30
C ASN A 69 10.00 12.19 -2.08
N GLN A 70 11.25 12.61 -2.28
CA GLN A 70 12.39 11.70 -2.22
C GLN A 70 13.45 12.30 -1.29
N ARG A 71 13.03 12.74 -0.11
CA ARG A 71 13.93 13.26 0.91
C ARG A 71 14.22 12.14 1.91
N GLU A 72 15.51 11.92 2.18
CA GLU A 72 15.92 10.73 2.93
C GLU A 72 15.31 10.68 4.32
N GLY A 73 15.33 11.79 5.05
CA GLY A 73 14.71 11.81 6.36
C GLY A 73 13.21 11.60 6.29
N VAL A 74 12.59 12.20 5.28
CA VAL A 74 11.15 12.02 5.08
C VAL A 74 10.84 10.56 4.77
N LEU A 75 11.65 9.94 3.92
CA LEU A 75 11.43 8.53 3.59
C LEU A 75 11.62 7.63 4.80
N LYS A 76 12.62 7.92 5.62
CA LYS A 76 12.83 7.13 6.84
C LYS A 76 11.64 7.27 7.79
N GLU A 77 11.17 8.49 8.00
CA GLU A 77 10.00 8.70 8.83
C GLU A 77 8.78 7.99 8.26
N LEU A 78 8.63 8.01 6.94
CA LEU A 78 7.49 7.35 6.31
C LEU A 78 7.56 5.84 6.48
N ALA A 79 8.76 5.26 6.38
CA ALA A 79 8.91 3.82 6.60
C ALA A 79 8.58 3.44 8.04
N VAL A 80 9.06 4.22 9.01
CA VAL A 80 8.72 3.93 10.40
C VAL A 80 7.22 4.08 10.61
N ALA A 81 6.60 5.07 9.96
CA ALA A 81 5.16 5.23 10.04
C ALA A 81 4.43 4.02 9.46
N ALA A 82 4.95 3.48 8.35
CA ALA A 82 4.34 2.29 7.76
C ALA A 82 4.43 1.10 8.70
N LYS A 83 5.59 0.91 9.34
CA LYS A 83 5.73 -0.17 10.30
C LYS A 83 4.77 0.01 11.48
N VAL A 84 4.64 1.24 11.98
CA VAL A 84 3.70 1.51 13.07
C VAL A 84 2.27 1.24 12.62
N LYS A 85 1.95 1.58 11.37
CA LYS A 85 0.61 1.31 10.84
C LYS A 85 0.33 -0.19 10.79
N LYS A 86 1.32 -0.97 10.37
CA LYS A 86 1.17 -2.41 10.38
C LYS A 86 0.96 -2.94 11.80
N GLN A 87 1.75 -2.43 12.75
CA GLN A 87 1.68 -2.92 14.12
C GLN A 87 0.33 -2.56 14.76
N LEU A 88 -0.17 -1.36 14.50
CA LEU A 88 -1.35 -0.88 15.20
C LEU A 88 -2.66 -1.43 14.61
N LYS A 89 -2.59 -2.11 13.47
CA LYS A 89 -3.77 -2.64 12.79
C LYS A 89 -4.78 -1.55 12.48
N ASP A 90 -4.29 -0.38 12.08
CA ASP A 90 -5.12 0.77 11.74
C ASP A 90 -4.73 1.25 10.35
N ASP A 91 -5.60 1.01 9.37
CA ASP A 91 -5.29 1.36 7.99
C ASP A 91 -5.26 2.87 7.78
N LYS A 92 -6.15 3.61 8.44
CA LYS A 92 -6.24 5.05 8.26
C LYS A 92 -5.30 5.76 9.24
N PHE A 93 -4.01 5.50 9.06
CA PHE A 93 -2.99 6.05 9.93
C PHE A 93 -2.19 7.12 9.21
N ILE A 94 -1.60 6.77 8.07
CA ILE A 94 -0.88 7.76 7.27
C ILE A 94 -1.89 8.49 6.40
N ILE A 95 -1.91 9.82 6.50
CA ILE A 95 -2.83 10.65 5.73
C ILE A 95 -2.01 11.65 4.92
N PRO A 96 -1.56 11.29 3.73
CA PRO A 96 -0.72 12.20 2.94
C PRO A 96 -1.48 13.46 2.57
N LEU A 97 -0.74 14.56 2.50
CA LEU A 97 -1.30 15.85 2.11
C LEU A 97 -0.48 16.40 0.95
N ALA A 98 -1.07 16.40 -0.24
CA ALA A 98 -0.40 16.87 -1.44
C ALA A 98 -0.63 18.37 -1.59
N ILE A 99 0.47 19.13 -1.63
CA ILE A 99 0.40 20.59 -1.68
C ILE A 99 1.05 21.14 -2.94
N ASP A 100 1.61 20.29 -3.78
CA ASP A 100 2.29 20.72 -4.99
C ASP A 100 1.49 20.32 -6.22
N GLU A 101 1.32 21.27 -7.13
CA GLU A 101 0.61 21.00 -8.38
C GLU A 101 1.49 20.34 -9.42
N GLN A 102 2.79 20.54 -9.37
CA GLN A 102 3.72 19.91 -10.30
C GLN A 102 4.01 18.46 -9.93
N LEU A 103 3.54 18.00 -8.78
CA LEU A 103 3.70 16.62 -8.36
C LEU A 103 2.38 15.90 -8.61
N SER A 104 2.25 15.28 -9.77
CA SER A 104 1.04 14.54 -10.10
C SER A 104 0.94 13.29 -9.23
N TYR A 105 -0.28 12.77 -9.14
CA TYR A 105 -0.51 11.56 -8.35
C TYR A 105 0.18 10.34 -8.93
N ASP A 106 0.68 10.42 -10.16
CA ASP A 106 1.36 9.30 -10.79
C ASP A 106 2.85 9.28 -10.52
N ASP A 107 3.39 10.26 -9.82
CA ASP A 107 4.82 10.31 -9.51
C ASP A 107 5.09 10.40 -8.01
N ILE A 108 4.10 10.13 -7.17
CA ILE A 108 4.27 10.17 -5.73
C ILE A 108 4.99 8.89 -5.28
N ASN A 109 5.42 8.88 -4.02
CA ASN A 109 6.26 7.79 -3.52
C ASN A 109 5.47 6.48 -3.47
N ILE A 110 6.23 5.38 -3.50
CA ILE A 110 5.61 4.05 -3.54
C ILE A 110 4.84 3.78 -2.26
N ASP A 111 5.34 4.29 -1.13
CA ASP A 111 4.62 4.11 0.14
C ASP A 111 3.32 4.89 0.13
N ILE A 112 3.22 5.93 -0.70
CA ILE A 112 2.03 6.77 -0.75
C ILE A 112 1.15 6.47 -1.96
N VAL A 113 1.69 5.81 -2.98
CA VAL A 113 1.02 5.74 -4.28
C VAL A 113 -0.33 5.06 -4.15
N ARG A 114 -0.51 4.21 -3.14
CA ARG A 114 -1.78 3.54 -2.92
C ARG A 114 -2.70 4.28 -1.95
N LEU A 115 -2.22 5.33 -1.31
CA LEU A 115 -2.94 5.97 -0.22
C LEU A 115 -3.76 7.15 -0.73
N ASN A 116 -5.03 7.20 -0.34
CA ASN A 116 -5.87 8.36 -0.62
C ASN A 116 -5.29 9.59 0.07
N ALA A 117 -5.18 10.69 -0.68
CA ALA A 117 -4.54 11.89 -0.19
C ALA A 117 -5.54 13.05 -0.15
N ILE A 118 -5.36 13.94 0.81
CA ILE A 118 -6.15 15.16 0.89
C ILE A 118 -5.55 16.20 -0.04
N ASP A 119 -6.39 16.82 -0.85
CA ASP A 119 -5.95 17.72 -1.91
C ASP A 119 -5.82 19.13 -1.35
N PHE A 120 -4.57 19.60 -1.20
CA PHE A 120 -4.28 20.97 -0.83
C PHE A 120 -3.84 21.80 -2.03
N LYS A 121 -3.86 21.22 -3.24
CA LYS A 121 -3.25 21.87 -4.39
C LYS A 121 -4.01 23.13 -4.79
N MET A 122 -5.34 23.07 -4.75
CA MET A 122 -6.16 24.19 -5.19
C MET A 122 -6.40 25.21 -4.08
N SER A 123 -7.01 24.79 -2.97
CA SER A 123 -7.31 25.68 -1.86
C SER A 123 -6.81 25.05 -0.58
N TRP A 124 -6.08 25.82 0.23
CA TRP A 124 -5.60 25.31 1.50
C TRP A 124 -6.73 25.14 2.51
N ALA A 125 -7.72 26.04 2.46
CA ALA A 125 -8.83 25.96 3.41
C ALA A 125 -9.67 24.73 3.17
N ARG A 126 -9.89 24.36 1.91
CA ARG A 126 -10.62 23.13 1.61
C ARG A 126 -9.86 21.92 2.14
N GLY A 127 -8.55 21.91 1.97
CA GLY A 127 -7.75 20.82 2.50
C GLY A 127 -7.82 20.74 4.02
N LEU A 128 -7.80 21.90 4.69
CA LEU A 128 -7.90 21.91 6.14
C LEU A 128 -9.26 21.44 6.60
N LYS A 129 -10.32 21.81 5.87
CA LYS A 129 -11.65 21.30 6.19
C LYS A 129 -11.70 19.79 6.03
N ASP A 130 -11.09 19.27 4.97
CA ASP A 130 -11.02 17.83 4.78
C ASP A 130 -10.27 17.15 5.92
N ILE A 131 -9.16 17.76 6.35
CA ILE A 131 -8.38 17.21 7.45
C ILE A 131 -9.23 17.15 8.72
N LEU A 132 -9.91 18.26 9.03
CA LEU A 132 -10.74 18.27 10.23
C LEU A 132 -11.85 17.23 10.15
N GLU A 133 -12.52 17.12 9.00
CA GLU A 133 -13.61 16.17 8.87
C GLU A 133 -13.10 14.74 9.00
N ALA A 134 -11.96 14.44 8.40
CA ALA A 134 -11.38 13.11 8.56
C ALA A 134 -10.99 12.85 10.01
N PHE A 135 -10.60 13.89 10.73
CA PHE A 135 -10.21 13.70 12.13
C PHE A 135 -11.43 13.44 13.01
N GLU A 136 -12.53 14.16 12.79
CA GLU A 136 -13.73 13.84 13.57
C GLU A 136 -14.28 12.48 13.18
N LYS A 137 -14.21 12.13 11.90
CA LYS A 137 -14.71 10.82 11.46
C LYS A 137 -13.92 9.68 12.08
N GLN A 138 -12.60 9.83 12.15
CA GLN A 138 -11.74 8.80 12.69
C GLN A 138 -11.55 8.95 14.19
N LYS A 139 -12.25 9.92 14.79
CA LYS A 139 -12.27 10.14 16.23
C LYS A 139 -10.87 10.32 16.81
N VAL A 140 -10.06 11.17 16.17
CA VAL A 140 -8.72 11.49 16.67
C VAL A 140 -8.86 12.17 18.02
N PRO A 141 -8.00 11.87 18.99
CA PRO A 141 -8.07 12.56 20.28
C PRO A 141 -7.94 14.07 20.09
N LYS A 142 -8.74 14.82 20.84
CA LYS A 142 -8.86 16.26 20.64
C LYS A 142 -9.11 16.94 21.97
N GLU A 143 -8.69 18.20 22.06
CA GLU A 143 -9.02 19.06 23.17
C GLU A 143 -9.87 20.23 22.68
N VAL A 144 -10.42 20.98 23.63
CA VAL A 144 -11.24 22.14 23.28
C VAL A 144 -10.39 23.15 22.53
N ALA A 145 -10.93 23.67 21.43
CA ALA A 145 -10.19 24.60 20.59
C ALA A 145 -9.82 25.86 21.36
N ASP A 146 -8.57 26.29 21.20
CA ASP A 146 -8.05 27.45 21.93
C ASP A 146 -6.95 28.08 21.10
N ALA A 147 -7.28 29.18 20.41
CA ALA A 147 -6.30 29.84 19.56
C ALA A 147 -5.18 30.47 20.38
N SER A 148 -5.42 30.72 21.67
CA SER A 148 -4.39 31.32 22.50
C SER A 148 -3.18 30.41 22.65
N LYS A 149 -3.38 29.09 22.59
CA LYS A 149 -2.25 28.18 22.58
C LYS A 149 -1.37 28.39 21.35
N SER A 150 -2.00 28.55 20.19
CA SER A 150 -1.24 28.83 18.97
C SER A 150 -0.55 30.18 19.05
N ASN A 151 -1.21 31.17 19.65
CA ASN A 151 -0.57 32.48 19.81
C ASN A 151 0.65 32.37 20.71
N LEU A 152 0.53 31.65 21.82
CA LEU A 152 1.66 31.48 22.73
C LEU A 152 2.81 30.77 22.03
N LEU A 153 2.51 29.71 21.29
CA LEU A 153 3.56 28.97 20.62
C LEU A 153 4.22 29.80 19.53
N TYR A 154 3.43 30.58 18.80
CA TYR A 154 3.96 31.46 17.76
C TYR A 154 4.89 32.51 18.36
N GLN A 155 4.49 33.10 19.49
CA GLN A 155 5.33 34.09 20.13
C GLN A 155 6.58 33.47 20.73
N GLN A 156 6.47 32.23 21.20
CA GLN A 156 7.60 31.57 21.84
C GLN A 156 8.64 31.13 20.81
N ILE A 157 8.20 30.78 19.60
CA ILE A 157 9.11 30.20 18.62
C ILE A 157 9.24 31.03 17.34
N PHE A 158 8.16 31.21 16.57
CA PHE A 158 8.26 31.96 15.33
C PHE A 158 8.14 33.45 15.59
N LEU A 159 8.96 36.35 15.15
CA LEU A 159 8.43 37.22 16.20
C LEU A 159 9.13 36.90 17.53
N HIS A 160 9.91 35.82 17.55
CA HIS A 160 10.68 35.47 18.72
C HIS A 160 12.17 35.74 18.54
N ASP A 161 12.72 35.31 17.40
CA ASP A 161 14.13 35.54 17.10
C ASP A 161 14.42 37.00 16.79
N LYS A 162 13.38 37.79 16.55
CA LYS A 162 13.51 39.21 16.19
C LYS A 162 12.53 39.97 17.08
N SER A 163 13.00 40.38 18.26
CA SER A 163 12.17 41.05 19.24
C SER A 163 12.92 42.21 19.85
N VAL A 164 12.16 43.10 20.49
CA VAL A 164 12.73 44.26 21.16
C VAL A 164 13.58 43.81 22.34
N ILE A 165 14.84 44.23 22.36
CA ILE A 165 15.77 43.89 23.43
C ILE A 165 16.36 45.17 23.99
N GLU A 166 16.75 45.14 25.26
CA GLU A 166 17.30 46.33 25.91
C GLU A 166 18.83 46.31 25.91
N LYS A 167 19.42 47.32 25.26
CA LYS A 167 20.86 47.56 25.33
C LYS A 167 21.12 48.94 24.73
N GLU A 168 21.84 49.78 25.47
CA GLU A 168 21.98 51.19 25.11
C GLU A 168 22.72 51.35 23.79
N GLU A 169 22.25 52.27 22.95
CA GLU A 169 22.91 52.61 21.70
C GLU A 169 22.97 54.12 21.57
N ILE A 170 24.11 54.62 21.08
CA ILE A 170 24.28 56.04 20.83
C ILE A 170 23.94 56.33 19.37
N TYR A 171 23.31 57.48 19.13
CA TYR A 171 22.84 57.84 17.80
C TYR A 171 23.54 59.13 17.36
N ASP A 172 23.78 59.25 16.06
CA ASP A 172 24.36 60.44 15.48
C ASP A 172 23.30 61.13 14.63
N SER A 173 23.02 62.39 14.93
CA SER A 173 22.01 63.15 14.22
C SER A 173 22.66 64.00 13.13
N ASN A 174 21.87 64.87 12.51
CA ASN A 174 22.39 65.88 11.60
C ASN A 174 22.32 67.28 12.19
N TRP A 175 22.27 67.40 13.51
CA TRP A 175 22.22 68.67 14.21
C TRP A 175 23.63 69.01 14.67
N LEU A 176 24.08 70.23 14.38
CA LEU A 176 25.40 70.68 14.80
C LEU A 176 25.24 71.72 15.90
N SER A 177 25.72 71.38 17.09
CA SER A 177 25.62 72.29 18.24
C SER A 177 26.46 73.53 18.02
N ILE A 178 25.95 74.66 18.49
CA ILE A 178 26.67 75.92 18.43
C ILE A 178 27.34 76.17 19.78
N LEU A 179 28.66 76.35 19.77
CA LEU A 179 29.41 76.53 21.00
C LEU A 179 29.20 77.91 21.63
N SER A 180 29.21 78.97 20.83
CA SER A 180 29.13 80.31 21.40
C SER A 180 28.59 81.30 20.38
N PHE A 181 28.06 82.40 20.89
CA PHE A 181 27.61 83.55 20.13
C PHE A 181 28.33 84.80 20.63
N PRO A 182 28.34 85.88 19.85
CA PRO A 182 28.84 87.15 20.37
C PRO A 182 28.03 87.60 21.58
N GLU A 183 28.65 88.48 22.38
CA GLU A 183 28.01 88.93 23.61
C GLU A 183 26.70 89.67 23.36
N GLU A 184 26.66 90.54 22.34
CA GLU A 184 25.52 91.42 22.15
C GLU A 184 25.16 91.53 20.68
N LEU A 185 23.87 91.70 20.42
CA LEU A 185 23.37 92.00 19.07
C LEU A 185 23.24 93.51 18.90
N ARG A 186 23.87 94.04 17.86
CA ARG A 186 24.05 95.47 17.69
C ARG A 186 23.06 96.02 16.68
N PHE A 187 22.41 97.12 17.05
CA PHE A 187 21.43 97.81 16.22
C PHE A 187 22.01 99.19 15.85
N HIS A 188 22.66 99.25 14.69
CA HIS A 188 23.35 100.46 14.28
C HIS A 188 22.37 101.48 13.73
N GLU A 189 22.56 102.75 14.12
CA GLU A 189 21.70 103.85 13.68
C GLU A 189 22.25 104.46 12.39
N TYR A 190 22.32 103.64 11.34
CA TYR A 190 22.86 104.10 10.07
C TYR A 190 21.95 105.15 9.44
N ASN A 191 20.66 104.86 9.31
CA ASN A 191 19.69 105.78 8.75
C ASN A 191 20.09 106.24 7.35
N TRP A 192 20.22 107.56 7.16
CA TRP A 192 20.62 108.10 5.87
C TRP A 192 22.02 107.67 5.46
N MET A 193 22.84 107.23 6.42
CA MET A 193 24.19 106.79 6.10
C MET A 193 24.18 105.56 5.20
N LEU A 194 23.29 104.61 5.47
CA LEU A 194 23.10 103.46 4.60
C LEU A 194 22.00 103.76 3.58
N PRO A 195 22.27 103.66 2.29
CA PRO A 195 21.25 104.01 1.29
C PRO A 195 19.99 103.17 1.43
N LYS A 196 18.84 103.83 1.26
CA LYS A 196 17.56 103.13 1.40
C LYS A 196 17.39 102.06 0.33
N ARG A 197 17.81 102.34 -0.89
CA ARG A 197 17.74 101.38 -1.99
C ARG A 197 19.09 100.67 -2.15
N PHE A 198 19.46 99.93 -1.10
CA PHE A 198 20.68 99.14 -1.09
C PHE A 198 20.37 97.74 -0.60
N ASP A 199 21.10 96.77 -1.15
CA ASP A 199 20.91 95.37 -0.80
C ASP A 199 21.91 94.97 0.27
N VAL A 200 21.43 94.33 1.34
CA VAL A 200 22.30 93.89 2.42
C VAL A 200 22.94 92.54 2.14
N ARG A 201 22.48 91.83 1.12
CA ARG A 201 23.03 90.51 0.81
C ARG A 201 24.41 90.57 0.16
N GLU A 202 24.79 91.72 -0.40
CA GLU A 202 26.13 91.89 -0.94
C GLU A 202 27.13 92.40 0.09
N LEU A 203 26.65 92.98 1.19
CA LEU A 203 27.53 93.48 2.24
C LEU A 203 28.29 92.32 2.88
N THR A 204 29.54 92.58 3.26
CA THR A 204 30.49 91.55 3.69
C THR A 204 29.95 90.63 4.79
N PHE A 205 29.67 91.18 5.97
CA PHE A 205 29.19 90.36 7.07
C PHE A 205 27.67 90.35 7.13
N PRO A 206 27.07 89.33 7.75
CA PRO A 206 25.60 89.28 7.82
C PRO A 206 25.03 90.47 8.56
N ALA A 207 24.02 91.09 7.94
CA ALA A 207 23.34 92.25 8.50
C ALA A 207 22.00 92.45 7.82
N VAL A 208 20.91 92.48 8.60
CA VAL A 208 19.57 92.61 8.06
C VAL A 208 18.97 93.91 8.59
N ARG A 209 18.25 94.64 7.73
CA ARG A 209 17.69 95.92 8.11
C ARG A 209 16.36 95.72 8.82
N TYR A 210 16.27 96.22 10.06
CA TYR A 210 15.05 96.21 10.84
C TYR A 210 14.68 97.65 11.17
N LYS A 211 13.48 98.06 10.79
CA LYS A 211 13.06 99.46 10.89
C LYS A 211 14.10 100.35 10.23
N ASN A 212 14.76 101.17 11.03
CA ASN A 212 15.91 101.96 10.57
C ASN A 212 17.19 101.54 11.26
N TYR A 213 17.24 100.32 11.80
CA TYR A 213 18.37 99.80 12.56
C TYR A 213 18.92 98.58 11.84
N LEU A 214 20.20 98.63 11.47
CA LEU A 214 20.83 97.49 10.83
C LEU A 214 21.17 96.44 11.87
N CYS A 215 20.54 95.27 11.76
CA CYS A 215 20.67 94.21 12.76
C CYS A 215 21.85 93.32 12.41
N THR A 216 22.88 93.35 13.26
CA THR A 216 24.03 92.48 13.08
C THR A 216 24.79 92.40 14.40
N PHE A 217 25.65 91.37 14.49
CA PHE A 217 26.51 91.17 15.65
C PHE A 217 27.88 91.80 15.48
N ALA A 218 28.13 92.48 14.36
CA ALA A 218 29.44 93.01 14.05
C ALA A 218 29.65 94.36 14.71
N TRP A 219 30.87 94.88 14.59
CA TRP A 219 31.22 96.19 15.12
C TRP A 219 30.79 97.28 14.14
N ALA A 220 30.63 98.50 14.66
CA ALA A 220 29.99 99.57 13.91
C ALA A 220 30.73 99.90 12.62
N TYR A 221 32.06 100.01 12.70
CA TYR A 221 32.86 100.42 11.55
C TYR A 221 33.45 99.24 10.79
N ASP A 222 32.85 98.05 10.94
CA ASP A 222 33.26 96.92 10.12
C ASP A 222 32.78 97.03 8.69
N PHE A 223 31.91 98.00 8.40
CA PHE A 223 31.18 98.06 7.13
C PHE A 223 31.54 99.31 6.34
N THR A 224 32.80 99.73 6.39
CA THR A 224 33.21 100.99 5.77
C THR A 224 33.31 100.85 4.25
N TYR A 225 33.80 99.71 3.78
CA TYR A 225 34.11 99.57 2.35
C TYR A 225 32.85 99.72 1.49
N HIS A 226 31.80 98.96 1.80
CA HIS A 226 30.60 99.02 0.98
C HIS A 226 29.73 100.22 1.34
N LEU A 227 29.97 100.83 2.50
CA LEU A 227 29.23 102.00 2.97
C LEU A 227 30.21 103.09 3.36
N PRO A 228 30.72 103.86 2.40
CA PRO A 228 31.70 104.90 2.73
C PRO A 228 31.15 105.98 3.65
N LYS A 229 29.83 106.19 3.66
CA LYS A 229 29.24 107.25 4.46
C LYS A 229 29.33 106.95 5.95
N THR A 230 29.49 105.68 6.30
CA THR A 230 29.49 105.24 7.70
C THR A 230 30.80 105.51 8.42
N GLU A 231 31.65 106.37 7.88
CA GLU A 231 32.91 106.68 8.55
C GLU A 231 32.71 107.57 9.78
N THR A 232 31.63 108.34 9.83
CA THR A 232 31.39 109.31 10.90
C THR A 232 30.16 108.95 11.72
N TYR A 233 29.98 107.66 12.00
CA TYR A 233 28.88 107.21 12.83
C TYR A 233 29.31 107.18 14.30
N HIS A 234 28.36 107.48 15.18
CA HIS A 234 28.60 107.52 16.62
C HIS A 234 28.13 106.22 17.26
N LYS A 235 29.05 105.54 17.96
CA LYS A 235 28.76 104.22 18.51
C LYS A 235 27.79 104.24 19.68
N SER A 236 27.55 105.40 20.29
CA SER A 236 26.59 105.51 21.38
C SER A 236 25.15 105.38 20.90
N LYS A 237 24.93 105.40 19.58
CA LYS A 237 23.60 105.30 18.99
C LYS A 237 23.15 103.85 18.83
N THR A 238 23.97 102.88 19.22
CA THR A 238 23.61 101.48 19.11
C THR A 238 22.80 101.05 20.33
N ILE A 239 21.90 100.09 20.11
CA ILE A 239 21.01 99.59 21.14
C ILE A 239 21.35 98.13 21.42
N ARG A 240 22.65 97.82 21.42
CA ARG A 240 23.14 96.48 21.73
C ARG A 240 22.36 95.83 22.87
N ILE A 241 22.06 94.54 22.68
CA ILE A 241 21.18 93.78 23.58
C ILE A 241 21.91 92.55 24.11
N PRO A 242 21.67 92.14 25.36
CA PRO A 242 22.33 90.92 25.87
C PRO A 242 21.78 89.65 25.24
N THR A 243 22.35 89.27 24.09
CA THR A 243 21.94 88.12 23.29
C THR A 243 21.59 86.89 24.12
N GLU A 244 22.33 86.65 25.21
CA GLU A 244 22.02 85.52 26.08
C GLU A 244 20.61 85.63 26.64
N GLU A 245 20.18 86.84 27.02
CA GLU A 245 18.81 87.02 27.47
C GLU A 245 17.81 86.74 26.35
N ILE A 246 18.14 87.14 25.12
CA ILE A 246 17.26 86.86 23.99
C ILE A 246 17.09 85.37 23.80
N LEU A 247 18.18 84.61 23.86
CA LEU A 247 18.08 83.16 23.75
C LEU A 247 17.29 82.57 24.92
N SER A 248 17.51 83.10 26.12
CA SER A 248 16.69 82.69 27.27
C SER A 248 15.23 83.08 27.07
N GLY A 249 14.99 84.28 26.56
CA GLY A 249 13.64 84.75 26.32
C GLY A 249 13.23 85.87 27.25
N SER A 250 14.15 86.28 28.14
CA SER A 250 13.84 87.31 29.12
C SER A 250 13.57 88.65 28.45
N TYR A 251 14.39 89.03 27.48
CA TYR A 251 14.26 90.34 26.85
C TYR A 251 13.05 90.39 25.92
N ASP A 252 12.30 91.49 26.01
CA ASP A 252 11.22 91.80 25.09
C ASP A 252 10.80 93.24 25.35
N SER A 253 10.51 93.98 24.27
CA SER A 253 10.16 95.38 24.42
C SER A 253 9.37 95.90 23.22
N ASN A 254 8.98 97.18 23.28
CA ASN A 254 8.31 97.79 22.14
C ASN A 254 9.26 97.89 20.95
N PHE A 255 10.53 98.18 21.21
CA PHE A 255 11.51 98.29 20.13
C PHE A 255 11.68 96.97 19.39
N ILE A 256 11.80 95.86 20.13
CA ILE A 256 12.01 94.56 19.53
C ILE A 256 11.35 93.51 20.42
N ARG A 257 10.86 92.45 19.80
CA ARG A 257 10.20 91.35 20.48
C ARG A 257 11.01 90.07 20.30
N ASN A 258 10.94 89.22 21.33
CA ASN A 258 11.72 87.98 21.31
C ASN A 258 11.41 87.14 20.08
N ALA A 259 10.16 87.13 19.63
CA ALA A 259 9.81 86.41 18.40
C ALA A 259 10.50 87.04 17.20
N GLU A 260 10.53 88.37 17.13
CA GLU A 260 11.12 89.07 16.01
C GLU A 260 12.60 89.38 16.21
N CYS A 261 13.16 89.06 17.36
CA CYS A 261 14.60 89.19 17.57
C CYS A 261 15.32 87.86 17.39
N LYS A 262 14.64 86.74 17.59
CA LYS A 262 15.21 85.43 17.35
C LYS A 262 15.07 84.96 15.91
N ARG A 263 14.11 85.51 15.16
CA ARG A 263 14.03 85.23 13.73
C ARG A 263 15.03 86.04 12.92
N LEU A 264 15.62 87.09 13.50
CA LEU A 264 16.65 87.87 12.85
C LEU A 264 18.04 87.31 13.09
N ILE A 265 18.19 86.38 14.03
CA ILE A 265 19.45 85.69 14.27
C ILE A 265 19.65 84.55 13.29
N VAL A 266 18.59 83.78 13.02
CA VAL A 266 18.68 82.69 12.06
C VAL A 266 18.94 83.18 10.65
N GLN A 267 18.40 84.33 10.25
CA GLN A 267 18.77 84.91 8.96
C GLN A 267 20.24 85.28 8.93
N LEU A 268 20.75 85.89 10.00
CA LEU A 268 22.17 86.19 10.08
C LEU A 268 22.99 84.91 10.04
N LEU A 269 22.58 83.89 10.79
CA LEU A 269 23.32 82.63 10.80
C LEU A 269 23.25 81.92 9.45
N ASN A 270 22.09 81.97 8.79
CA ASN A 270 21.96 81.34 7.48
C ASN A 270 22.84 82.04 6.45
N LYS A 271 22.84 83.38 6.44
CA LYS A 271 23.69 84.09 5.50
C LYS A 271 25.16 83.90 5.83
N ALA A 272 25.48 83.75 7.12
CA ALA A 272 26.86 83.47 7.51
C ALA A 272 27.29 82.09 7.03
N PHE A 273 26.40 81.11 7.10
CA PHE A 273 26.70 79.80 6.53
C PHE A 273 26.93 79.89 5.03
N GLU A 274 26.09 80.66 4.33
CA GLU A 274 26.28 80.85 2.90
C GLU A 274 27.63 81.50 2.61
N LEU A 275 28.00 82.51 3.40
CA LEU A 275 29.28 83.20 3.20
C LEU A 275 30.45 82.28 3.51
N ARG A 276 30.30 81.40 4.52
CA ARG A 276 31.35 80.44 4.80
C ARG A 276 31.51 79.45 3.65
N MET A 277 30.40 78.99 3.08
CA MET A 277 30.46 78.13 1.90
C MET A 277 31.15 78.83 0.74
N LYS A 278 30.84 80.12 0.54
CA LYS A 278 31.51 80.88 -0.50
C LYS A 278 33.00 81.01 -0.21
N ASP A 279 33.36 81.19 1.07
CA ASP A 279 34.77 81.27 1.45
C ASP A 279 35.46 79.92 1.27
N LYS A 280 34.75 78.83 1.56
CA LYS A 280 35.28 77.49 1.34
C LYS A 280 35.39 77.16 -0.15
N GLU A 281 34.89 78.03 -1.02
CA GLU A 281 35.02 77.88 -2.47
C GLU A 281 34.39 76.58 -2.96
N VAL A 282 33.24 76.24 -2.41
CA VAL A 282 32.46 75.12 -2.90
C VAL A 282 31.25 75.68 -3.67
N GLN A 283 30.94 75.02 -4.77
CA GLN A 283 29.91 75.49 -5.68
C GLN A 283 28.52 75.26 -5.09
N GLU A 284 27.48 75.61 -5.86
CA GLU A 284 26.12 75.54 -5.37
C GLU A 284 25.19 75.04 -6.45
N TYR A 285 24.16 74.30 -6.04
CA TYR A 285 23.05 73.90 -6.89
C TYR A 285 21.79 74.52 -6.30
N GLU A 286 21.08 75.31 -7.10
CA GLU A 286 19.89 75.99 -6.60
C GLU A 286 18.70 75.04 -6.67
N MET A 287 18.01 74.88 -5.55
CA MET A 287 16.84 74.02 -5.44
C MET A 287 15.57 74.85 -5.42
N SER A 288 14.44 74.19 -5.12
CA SER A 288 13.17 74.88 -5.06
C SER A 288 13.21 76.06 -4.09
N ASN A 289 13.63 75.80 -2.86
CA ASN A 289 13.70 76.83 -1.82
C ASN A 289 15.12 77.01 -1.31
N LYS A 290 15.83 75.93 -0.99
CA LYS A 290 17.13 76.01 -0.35
C LYS A 290 18.24 75.97 -1.40
N THR A 291 19.39 76.53 -1.04
CA THR A 291 20.59 76.44 -1.85
C THR A 291 21.54 75.44 -1.22
N ALA A 292 21.91 74.41 -1.99
CA ALA A 292 22.77 73.34 -1.51
C ALA A 292 24.12 73.41 -2.20
N TYR A 293 25.17 73.03 -1.47
CA TYR A 293 26.54 73.17 -1.93
C TYR A 293 27.18 71.80 -2.10
N TRP A 294 27.78 71.58 -3.26
CA TRP A 294 28.47 70.34 -3.57
C TRP A 294 29.90 70.66 -3.99
N LEU A 295 30.77 69.66 -3.90
CA LEU A 295 32.19 69.85 -4.15
C LEU A 295 32.55 69.34 -5.53
N GLU A 296 33.47 70.06 -6.18
CA GLU A 296 33.88 69.76 -7.55
C GLU A 296 34.58 68.41 -7.65
N LYS A 297 34.91 68.04 -8.89
CA LYS A 297 35.68 66.84 -9.17
C LYS A 297 37.16 67.22 -9.28
N GLY A 298 37.90 67.04 -8.19
CA GLY A 298 39.31 67.34 -8.15
C GLY A 298 39.75 68.29 -7.06
N LYS A 299 38.81 69.00 -6.42
CA LYS A 299 39.18 69.90 -5.33
C LYS A 299 39.77 69.13 -4.17
N LEU A 300 39.21 67.96 -3.86
CA LEU A 300 39.77 67.07 -2.86
C LEU A 300 40.82 66.16 -3.48
N GLU A 301 41.79 65.75 -2.68
CA GLU A 301 42.81 64.81 -3.12
C GLU A 301 42.15 63.47 -3.45
N LYS A 302 42.19 63.09 -4.72
CA LYS A 302 41.55 61.89 -5.25
C LYS A 302 40.03 61.91 -5.07
N ASP A 303 39.44 63.10 -4.98
CA ASP A 303 37.98 63.27 -4.83
C ASP A 303 37.43 62.53 -3.62
N LYS A 304 38.13 62.59 -2.48
CA LYS A 304 37.65 61.95 -1.26
C LYS A 304 38.28 62.65 -0.06
N PHE A 305 37.49 62.85 0.99
CA PHE A 305 38.01 63.37 2.23
C PHE A 305 38.15 62.23 3.25
N GLU A 306 39.26 62.27 4.00
CA GLU A 306 39.63 61.18 4.92
C GLU A 306 39.71 59.90 4.09
N LYS A 307 39.07 58.81 4.52
CA LYS A 307 39.05 57.56 3.77
C LYS A 307 37.72 57.40 3.03
N THR A 308 36.91 58.44 3.00
CA THR A 308 35.52 58.35 2.53
C THR A 308 35.37 59.18 1.26
N MET A 309 34.78 58.56 0.24
CA MET A 309 34.63 59.24 -1.04
C MET A 309 33.37 60.12 -1.06
N LEU A 310 33.52 61.33 -1.59
CA LEU A 310 32.43 62.29 -1.68
C LEU A 310 32.02 62.58 -3.11
N VAL A 311 32.93 62.42 -4.07
CA VAL A 311 32.63 62.57 -5.49
C VAL A 311 32.95 61.26 -6.18
N GLY A 312 32.00 60.74 -6.94
CA GLY A 312 32.17 59.46 -7.61
C GLY A 312 31.60 59.50 -9.00
N LYS A 313 31.64 58.35 -9.66
CA LYS A 313 31.20 58.21 -11.04
C LYS A 313 30.07 57.21 -11.14
N GLN A 314 29.06 57.55 -11.94
CA GLN A 314 27.98 56.63 -12.28
C GLN A 314 27.77 56.75 -13.78
N LYS A 315 28.37 55.85 -14.54
CA LYS A 315 28.36 55.88 -16.01
C LYS A 315 28.96 57.22 -16.43
N ASP A 316 28.28 58.04 -17.21
CA ASP A 316 28.79 59.36 -17.59
C ASP A 316 28.38 60.45 -16.62
N LYS A 317 27.65 60.13 -15.55
CA LYS A 317 27.13 61.11 -14.61
C LYS A 317 27.98 61.06 -13.34
N ASN A 318 28.64 62.17 -13.04
CA ASN A 318 29.43 62.27 -11.83
C ASN A 318 28.57 62.77 -10.67
N TRP A 319 28.19 61.86 -9.77
CA TRP A 319 27.37 62.23 -8.64
C TRP A 319 28.21 62.97 -7.60
N HIS A 320 27.60 63.99 -6.99
CA HIS A 320 28.28 64.82 -6.00
C HIS A 320 27.44 64.89 -4.74
N PHE A 321 28.05 64.54 -3.61
CA PHE A 321 27.38 64.71 -2.32
C PHE A 321 27.24 66.20 -2.01
N ALA A 322 26.08 66.59 -1.50
CA ALA A 322 25.78 67.98 -1.20
C ALA A 322 25.11 68.07 0.16
N ILE A 323 25.26 69.25 0.79
CA ILE A 323 24.65 69.53 2.07
C ILE A 323 23.94 70.88 2.00
N SER A 324 23.02 71.10 2.94
CA SER A 324 22.36 72.37 3.12
C SER A 324 22.23 72.65 4.60
N GLY A 325 22.48 73.90 5.00
CA GLY A 325 22.51 74.26 6.40
C GLY A 325 21.49 75.33 6.73
N ALA A 326 20.75 75.08 7.81
CA ALA A 326 19.74 76.01 8.28
C ALA A 326 19.73 76.04 9.80
N SER A 327 19.63 77.24 10.37
CA SER A 327 19.72 77.43 11.81
C SER A 327 18.32 77.53 12.42
N LYS A 328 18.10 76.78 13.50
CA LYS A 328 16.86 76.84 14.25
C LYS A 328 17.18 77.05 15.71
N LEU A 329 16.52 78.02 16.34
CA LEU A 329 16.76 78.34 17.73
C LEU A 329 15.67 77.82 18.66
N TYR A 330 14.67 77.11 18.14
CA TYR A 330 13.57 76.70 19.00
C TYR A 330 14.02 75.64 20.00
N PRO A 331 14.40 74.42 19.57
CA PRO A 331 14.78 73.42 20.59
C PRO A 331 16.04 73.81 21.35
N PHE A 332 17.15 73.97 20.61
CA PHE A 332 18.51 74.27 21.03
C PHE A 332 19.09 75.23 20.00
N PRO A 333 20.20 75.92 20.28
CA PRO A 333 20.90 76.62 19.20
C PRO A 333 21.59 75.63 18.29
N VAL A 334 21.02 75.42 17.10
CA VAL A 334 21.41 74.31 16.23
C VAL A 334 21.47 74.79 14.78
N LEU A 335 22.49 74.32 14.07
CA LEU A 335 22.63 74.51 12.63
C LEU A 335 22.37 73.17 11.96
N MET A 336 21.12 72.93 11.59
CA MET A 336 20.74 71.67 10.98
C MET A 336 21.36 71.52 9.60
N ILE A 337 21.73 70.29 9.24
CA ILE A 337 22.32 69.98 7.94
C ILE A 337 21.49 68.89 7.29
N SER A 338 21.27 69.03 5.98
CA SER A 338 20.52 68.04 5.21
C SER A 338 21.43 67.38 4.18
N SER A 339 21.03 66.21 3.71
CA SER A 339 21.78 65.45 2.73
C SER A 339 21.12 65.54 1.37
N HIS A 340 21.92 65.84 0.34
CA HIS A 340 21.42 65.94 -1.02
C HIS A 340 22.45 65.36 -1.98
N ILE A 341 21.96 64.80 -3.07
CA ILE A 341 22.80 64.22 -4.11
C ILE A 341 22.48 64.90 -5.43
N PHE A 342 23.52 65.40 -6.10
CA PHE A 342 23.39 66.05 -7.40
C PHE A 342 24.38 65.46 -8.38
N PHE A 343 24.05 65.59 -9.67
CA PHE A 343 24.81 64.96 -10.74
C PHE A 343 25.31 66.00 -11.72
N THR A 344 26.48 65.73 -12.30
CA THR A 344 27.07 66.55 -13.34
C THR A 344 27.53 65.66 -14.49
N ALA A 345 27.50 66.22 -15.70
CA ALA A 345 27.90 65.48 -16.89
C ALA A 345 29.40 65.56 -17.15
N ASP A 346 30.05 66.66 -16.75
CA ASP A 346 31.48 66.83 -16.97
C ASP A 346 32.27 67.01 -15.68
N GLY A 347 31.61 66.94 -14.53
CA GLY A 347 32.28 67.13 -13.26
C GLY A 347 32.37 68.57 -12.80
N LYS A 348 31.99 69.53 -13.64
CA LYS A 348 32.01 70.94 -13.28
C LYS A 348 30.70 71.64 -13.54
N LYS A 349 29.97 71.26 -14.58
CA LYS A 349 28.73 71.93 -14.96
C LYS A 349 27.54 71.02 -14.64
N LEU A 350 26.53 71.60 -13.99
CA LEU A 350 25.37 70.85 -13.56
C LEU A 350 24.42 70.59 -14.73
N ILE A 351 23.71 69.46 -14.66
CA ILE A 351 22.68 69.16 -15.64
C ILE A 351 21.41 69.91 -15.27
N ASP A 352 20.89 70.70 -16.21
CA ASP A 352 19.75 71.57 -15.91
C ASP A 352 18.41 70.84 -15.95
N SER A 353 18.36 69.63 -16.51
CA SER A 353 17.10 68.90 -16.60
C SER A 353 16.78 68.28 -15.24
N SER A 354 15.65 68.69 -14.65
CA SER A 354 15.30 68.22 -13.31
C SER A 354 14.92 66.74 -13.32
N SER A 355 14.30 66.27 -14.40
CA SER A 355 13.82 64.89 -14.44
C SER A 355 14.98 63.91 -14.36
N VAL A 356 16.01 64.11 -15.19
CA VAL A 356 17.15 63.19 -15.19
C VAL A 356 17.91 63.30 -13.87
N GLN A 357 17.98 64.50 -13.30
CA GLN A 357 18.62 64.66 -12.01
C GLN A 357 17.91 63.86 -10.93
N HIS A 358 16.57 63.94 -10.89
CA HIS A 358 15.82 63.19 -9.90
C HIS A 358 15.95 61.69 -10.12
N SER A 359 15.88 61.25 -11.38
CA SER A 359 16.03 59.83 -11.67
C SER A 359 17.39 59.31 -11.25
N SER A 360 18.45 60.07 -11.56
CA SER A 360 19.80 59.66 -11.17
C SER A 360 19.95 59.65 -9.66
N ARG A 361 19.38 60.64 -8.98
CA ARG A 361 19.46 60.70 -7.53
C ARG A 361 18.80 59.47 -6.91
N ARG A 362 17.61 59.12 -7.41
CA ARG A 362 16.93 57.93 -6.90
C ARG A 362 17.73 56.67 -7.19
N ARG A 363 18.27 56.55 -8.40
CA ARG A 363 19.02 55.35 -8.78
C ARG A 363 20.26 55.20 -7.91
N GLN A 364 20.94 56.30 -7.62
CA GLN A 364 22.17 56.22 -6.83
C GLN A 364 21.86 56.00 -5.35
N GLY A 365 20.80 56.62 -4.85
CA GLY A 365 20.42 56.42 -3.46
C GLY A 365 19.68 55.12 -3.21
N LYS A 366 19.40 54.36 -4.27
CA LYS A 366 18.82 53.03 -4.16
C LYS A 366 19.58 52.16 -3.17
N ASN A 367 20.91 52.20 -3.20
CA ASN A 367 21.73 51.30 -2.41
C ASN A 367 22.49 51.98 -1.29
N TRP A 368 22.16 53.22 -0.95
CA TRP A 368 22.83 53.93 0.13
C TRP A 368 22.00 53.85 1.41
N TRP A 369 22.48 53.05 2.38
CA TRP A 369 21.83 52.88 3.67
C TRP A 369 22.40 53.83 4.72
N ASN A 370 22.10 53.54 5.99
CA ASN A 370 22.45 54.43 7.10
C ASN A 370 23.93 54.81 7.08
N ASN A 371 24.82 53.83 6.98
CA ASN A 371 26.26 54.06 7.10
C ASN A 371 26.82 54.86 5.93
N THR A 372 26.20 54.77 4.77
CA THR A 372 26.62 55.57 3.62
C THR A 372 26.09 56.99 3.65
N TRP A 373 25.13 57.29 4.51
CA TRP A 373 24.68 58.66 4.71
C TRP A 373 25.42 59.35 5.85
N ARG A 374 25.50 58.69 7.01
CA ARG A 374 26.18 59.27 8.15
C ARG A 374 27.64 59.55 7.84
N THR A 375 28.31 58.60 7.21
CA THR A 375 29.74 58.72 6.96
C THR A 375 30.03 59.91 6.05
N LYS A 376 29.30 60.02 4.93
CA LYS A 376 29.54 61.12 4.01
C LYS A 376 29.15 62.46 4.64
N LEU A 377 28.05 62.50 5.40
CA LEU A 377 27.67 63.76 6.02
C LEU A 377 28.73 64.23 7.01
N LEU A 378 29.19 63.34 7.89
CA LEU A 378 30.23 63.71 8.84
C LEU A 378 31.55 64.02 8.15
N ALA A 379 31.85 63.36 7.03
CA ALA A 379 33.05 63.65 6.27
C ALA A 379 33.02 65.05 5.70
N PHE A 380 31.87 65.45 5.14
CA PHE A 380 31.72 66.80 4.62
C PHE A 380 31.84 67.81 5.75
N ILE A 381 31.20 67.51 6.89
CA ILE A 381 31.28 68.42 8.03
C ILE A 381 32.72 68.55 8.51
N LYS A 382 33.44 67.43 8.60
CA LYS A 382 34.84 67.49 9.05
C LYS A 382 35.71 68.24 8.05
N TYR A 383 35.42 68.09 6.75
CA TYR A 383 36.11 68.89 5.75
C TYR A 383 35.81 70.37 5.91
N LEU A 384 34.63 70.70 6.46
CA LEU A 384 34.30 72.09 6.71
C LEU A 384 34.87 72.61 8.04
N SER A 385 35.57 71.77 8.81
CA SER A 385 36.07 72.17 10.10
C SER A 385 37.20 73.18 9.98
N ASP A 386 37.26 74.11 10.93
CA ASP A 386 38.39 75.02 11.05
C ASP A 386 39.44 74.48 12.02
N ASP A 387 39.05 73.65 12.97
CA ASP A 387 39.97 73.07 13.93
C ASP A 387 39.63 71.59 14.06
N ASP A 388 40.23 70.92 15.05
CA ASP A 388 39.97 69.51 15.28
C ASP A 388 38.61 69.25 15.92
N THR A 389 38.07 70.22 16.65
CA THR A 389 36.84 70.01 17.41
C THR A 389 35.68 70.90 17.00
N SER A 390 35.92 71.98 16.25
CA SER A 390 34.84 72.90 15.91
C SER A 390 35.27 73.75 14.72
N PHE A 391 34.28 74.40 14.12
CA PHE A 391 34.50 75.39 13.08
C PHE A 391 33.67 76.63 13.38
N TYR A 392 34.14 77.77 12.91
CA TYR A 392 33.52 79.04 13.20
C TYR A 392 32.94 79.66 11.94
N LEU A 393 31.83 80.36 12.10
CA LEU A 393 31.23 81.14 11.03
C LEU A 393 31.41 82.62 11.34
N GLU A 394 31.90 83.38 10.36
CA GLU A 394 32.36 84.74 10.59
C GLU A 394 31.19 85.71 10.54
N MET A 395 30.98 86.44 11.64
CA MET A 395 29.97 87.46 11.75
C MET A 395 30.54 88.85 12.01
N GLY A 396 31.86 89.00 12.00
CA GLY A 396 32.48 90.30 12.17
C GLY A 396 33.98 90.16 12.09
N SER A 397 34.66 91.31 12.17
CA SER A 397 36.11 91.31 12.22
C SER A 397 36.61 90.74 13.55
N GLU A 398 35.81 90.85 14.60
CA GLU A 398 36.16 90.30 15.91
C GLU A 398 35.13 89.33 16.45
N GLU A 399 33.94 89.24 15.85
CA GLU A 399 32.86 88.42 16.36
C GLU A 399 32.71 87.16 15.53
N LYS A 400 32.66 86.02 16.22
CA LYS A 400 32.52 84.72 15.57
C LYS A 400 31.57 83.84 16.35
N VAL A 401 30.98 82.88 15.65
CA VAL A 401 30.14 81.85 16.27
C VAL A 401 30.78 80.50 16.01
N PHE A 402 31.06 79.76 17.08
CA PHE A 402 31.72 78.46 16.99
C PHE A 402 30.64 77.38 16.90
N VAL A 403 30.64 76.65 15.79
CA VAL A 403 29.72 75.55 15.57
C VAL A 403 30.51 74.25 15.57
N SER A 404 30.06 73.29 16.37
CA SER A 404 30.78 72.03 16.48
C SER A 404 30.70 71.25 15.17
N ASN A 405 31.81 70.60 14.83
CA ASN A 405 31.88 69.71 13.69
C ASN A 405 31.46 68.29 14.05
N GLU A 406 31.06 68.05 15.29
CA GLU A 406 30.57 66.80 15.80
C GLU A 406 29.07 66.87 16.03
N PRO A 407 28.27 66.09 15.31
CA PRO A 407 26.82 66.22 15.40
C PRO A 407 26.30 65.83 16.77
N VAL A 408 25.14 66.41 17.11
CA VAL A 408 24.56 66.16 18.43
C VAL A 408 24.24 64.68 18.59
N LYS A 409 24.90 64.05 19.55
CA LYS A 409 24.70 62.65 19.84
C LYS A 409 23.58 62.47 20.87
N PHE A 410 22.65 61.60 20.55
CA PHE A 410 21.52 61.29 21.42
C PHE A 410 21.77 59.94 22.08
N LYS A 411 20.87 59.42 22.90
CA LYS A 411 21.07 58.13 23.54
C LYS A 411 19.77 57.35 23.64
N GLY A 412 19.77 56.11 23.17
CA GLY A 412 18.61 55.24 23.27
C GLY A 412 18.90 54.04 24.15
N ASN A 413 17.90 53.64 24.93
CA ASN A 413 18.02 52.48 25.81
C ASN A 413 17.51 51.21 25.16
N VAL A 414 17.07 51.26 23.90
CA VAL A 414 16.59 50.09 23.17
C VAL A 414 17.27 50.05 21.82
N SER A 415 17.55 48.83 21.36
CA SER A 415 18.16 48.60 20.05
C SER A 415 17.94 47.13 19.69
N TYR A 416 18.69 46.66 18.71
CA TYR A 416 18.49 45.32 18.16
C TYR A 416 19.78 44.85 17.52
N ASN A 417 19.70 43.74 16.79
CA ASN A 417 20.82 43.20 16.03
C ASN A 417 20.37 42.80 14.64
N ILE A 418 21.31 42.76 13.71
CA ILE A 418 21.02 42.34 12.34
C ILE A 418 20.55 40.89 12.32
N MET B 1 24.92 63.13 26.85
CA MET B 1 24.01 62.49 25.91
C MET B 1 22.56 62.86 26.20
N LYS B 2 21.70 62.68 25.21
CA LYS B 2 20.29 63.03 25.31
C LYS B 2 19.43 61.80 25.12
N GLU B 3 18.54 61.56 26.08
CA GLU B 3 17.80 60.31 26.17
C GLU B 3 16.69 60.25 25.14
N LEU B 4 16.52 59.07 24.55
CA LEU B 4 15.37 58.77 23.68
C LEU B 4 14.63 57.58 24.24
N ILE B 5 13.34 57.75 24.48
CA ILE B 5 12.52 56.72 25.11
C ILE B 5 11.69 56.03 24.03
N TYR B 6 11.63 54.72 24.11
CA TYR B 6 10.99 53.88 23.11
C TYR B 6 9.59 53.50 23.57
N ILE B 7 8.62 53.63 22.65
CA ILE B 7 7.23 53.26 22.93
C ILE B 7 6.97 51.85 22.43
N GLU B 8 6.38 51.03 23.29
CA GLU B 8 6.08 49.64 22.94
C GLU B 8 5.20 49.59 21.70
N GLU B 9 5.48 48.65 20.81
CA GLU B 9 4.73 48.50 19.58
C GLU B 9 3.28 48.13 19.90
N PRO B 10 2.30 48.85 19.36
CA PRO B 10 0.90 48.55 19.68
C PRO B 10 0.46 47.21 19.11
N LYS B 11 -0.51 46.60 19.78
CA LYS B 11 -1.09 45.34 19.34
C LYS B 11 -2.49 45.55 18.80
N ILE B 12 -2.79 44.88 17.69
CA ILE B 12 -4.10 44.95 17.05
C ILE B 12 -4.81 43.63 17.25
N LEU B 13 -6.07 43.72 17.64
CA LEU B 13 -6.86 42.54 18.02
C LEU B 13 -7.43 41.86 16.79
N PHE B 14 -7.48 40.53 16.84
CA PHE B 14 -8.02 39.72 15.77
C PHE B 14 -9.12 38.80 16.30
N ALA B 15 -9.56 37.84 15.49
CA ALA B 15 -10.64 36.95 15.91
C ALA B 15 -10.22 36.14 17.12
N HIS B 16 -11.21 35.75 17.92
CA HIS B 16 -11.04 34.99 19.16
C HIS B 16 -10.23 35.72 20.22
N GLY B 17 -10.26 37.05 20.21
CA GLY B 17 -9.56 37.81 21.22
C GLY B 17 -8.05 37.72 21.17
N GLN B 18 -7.48 37.35 20.03
CA GLN B 18 -6.04 37.20 19.91
C GLN B 18 -5.39 38.51 19.50
N LYS B 19 -4.20 38.75 20.03
CA LYS B 19 -3.45 39.97 19.78
C LYS B 19 -2.16 39.65 19.04
N CYS B 20 -1.76 40.56 18.15
CA CYS B 20 -0.51 40.42 17.43
C CYS B 20 -0.10 41.79 16.91
N THR B 21 1.19 42.09 16.99
CA THR B 21 1.69 43.37 16.48
C THR B 21 1.50 43.46 14.98
N ASP B 22 1.79 42.38 14.26
CA ASP B 22 1.67 42.37 12.81
C ASP B 22 0.25 42.07 12.38
N ALA B 23 -0.24 42.83 11.40
CA ALA B 23 -1.53 42.58 10.81
C ALA B 23 -1.55 41.36 9.91
N ARG B 24 -0.54 41.19 9.06
CA ARG B 24 -0.52 40.06 8.14
C ARG B 24 -0.41 38.73 8.88
N ASP B 25 0.53 38.65 9.82
CA ASP B 25 0.75 37.41 10.57
C ASP B 25 -0.45 37.07 11.45
N GLY B 26 -1.00 38.06 12.15
CA GLY B 26 -2.16 37.81 12.99
C GLY B 26 -3.38 37.42 12.17
N LEU B 27 -3.56 38.05 11.02
CA LEU B 27 -4.74 37.78 10.21
C LEU B 27 -4.63 36.41 9.53
N ALA B 28 -3.42 36.02 9.13
CA ALA B 28 -3.26 34.75 8.42
C ALA B 28 -3.46 33.56 9.34
N LEU B 29 -3.32 33.77 10.65
CA LEU B 29 -3.38 32.68 11.62
C LEU B 29 -4.72 32.65 12.36
N PHE B 30 -5.30 33.82 12.64
CA PHE B 30 -6.48 33.85 13.49
C PHE B 30 -7.75 34.24 12.74
N GLY B 31 -7.63 34.86 11.57
CA GLY B 31 -8.78 35.23 10.79
C GLY B 31 -9.33 36.59 11.18
N PRO B 32 -10.23 37.13 10.36
CA PRO B 32 -10.79 38.46 10.63
C PRO B 32 -11.88 38.43 11.69
N LEU B 33 -12.31 39.64 12.06
CA LEU B 33 -13.20 39.80 13.19
C LEU B 33 -14.61 39.28 12.91
N ASN B 34 -15.14 39.53 11.71
CA ASN B 34 -16.51 39.17 11.39
C ASN B 34 -16.54 38.15 10.27
N ASN B 35 -17.70 37.52 10.11
CA ASN B 35 -17.90 36.46 9.14
C ASN B 35 -18.62 37.03 7.91
N LEU B 36 -17.87 37.22 6.83
CA LEU B 36 -18.46 37.48 5.53
C LEU B 36 -18.63 36.17 4.78
N TYR B 37 -19.88 35.85 4.48
CA TYR B 37 -20.22 34.60 3.82
C TYR B 37 -19.54 34.51 2.46
N GLY B 38 -19.52 35.62 1.72
CA GLY B 38 -18.86 35.64 0.44
C GLY B 38 -18.84 37.02 -0.19
N ILE B 39 -17.97 37.23 -1.16
CA ILE B 39 -17.87 38.49 -1.87
C ILE B 39 -18.43 38.29 -3.27
N LYS B 40 -19.68 38.71 -3.46
CA LYS B 40 -20.28 38.80 -4.78
C LYS B 40 -19.70 40.03 -5.46
N SER B 41 -18.68 39.85 -6.27
CA SER B 41 -17.97 40.97 -6.86
C SER B 41 -18.57 41.31 -8.22
N GLY B 42 -18.67 42.61 -8.49
CA GLY B 42 -19.06 43.10 -9.81
C GLY B 42 -17.81 43.57 -10.54
N VAL B 43 -17.74 43.25 -11.83
CA VAL B 43 -16.59 43.58 -12.66
C VAL B 43 -17.06 44.43 -13.82
N ILE B 44 -16.38 45.55 -14.04
CA ILE B 44 -16.63 46.41 -15.19
C ILE B 44 -15.31 46.67 -15.89
N GLY B 45 -15.31 46.59 -17.22
CA GLY B 45 -14.11 46.84 -17.97
C GLY B 45 -14.19 46.17 -19.32
N THR B 46 -13.07 46.21 -20.03
CA THR B 46 -12.97 45.59 -21.34
C THR B 46 -13.13 44.07 -21.21
N LYS B 47 -13.76 43.46 -22.21
CA LYS B 47 -13.86 42.01 -22.27
C LYS B 47 -12.49 41.35 -22.26
N GLN B 48 -11.52 41.94 -22.95
CA GLN B 48 -10.14 41.48 -22.86
C GLN B 48 -9.62 41.63 -21.44
N GLY B 49 -9.98 42.71 -20.77
CA GLY B 49 -9.53 42.98 -19.41
C GLY B 49 -10.19 42.14 -18.34
N LEU B 50 -11.34 41.53 -18.62
CA LEU B 50 -11.96 40.60 -17.69
C LEU B 50 -11.13 39.33 -17.51
N LYS B 51 -10.47 38.86 -18.57
CA LYS B 51 -9.63 37.67 -18.47
C LYS B 51 -8.53 37.86 -17.44
N ILE B 52 -7.91 39.04 -17.42
CA ILE B 52 -6.83 39.30 -16.47
C ILE B 52 -7.36 39.25 -15.03
N PHE B 53 -8.53 39.85 -14.80
CA PHE B 53 -9.10 39.82 -13.45
C PHE B 53 -9.45 38.40 -13.04
N ARG B 54 -10.03 37.61 -13.94
CA ARG B 54 -10.37 36.23 -13.62
C ARG B 54 -9.11 35.45 -13.28
N ASP B 55 -8.05 35.65 -14.07
CA ASP B 55 -6.79 34.96 -13.82
C ASP B 55 -6.20 35.34 -12.46
N TYR B 56 -6.23 36.64 -12.13
CA TYR B 56 -5.69 37.06 -10.85
C TYR B 56 -6.50 36.53 -9.68
N LEU B 57 -7.82 36.50 -9.82
CA LEU B 57 -8.65 36.01 -8.74
C LEU B 57 -8.44 34.51 -8.53
N ASP B 58 -8.36 33.75 -9.62
CA ASP B 58 -8.02 32.33 -9.50
C ASP B 58 -6.63 32.16 -8.91
N HIS B 59 -5.72 33.09 -9.21
CA HIS B 59 -4.38 33.03 -8.66
C HIS B 59 -4.40 33.18 -7.15
N ILE B 60 -5.07 34.23 -6.65
CA ILE B 60 -5.08 34.48 -5.21
C ILE B 60 -5.96 33.48 -4.47
N GLN B 61 -6.80 32.72 -5.19
CA GLN B 61 -7.43 31.57 -4.54
C GLN B 61 -6.39 30.59 -4.04
N LYS B 62 -5.27 30.48 -4.73
CA LYS B 62 -4.18 29.58 -4.37
C LYS B 62 -3.12 30.33 -3.58
N PRO B 63 -2.32 29.63 -2.78
CA PRO B 63 -1.27 30.30 -2.02
C PRO B 63 -0.24 30.96 -2.91
N ILE B 64 0.25 32.11 -2.46
CA ILE B 64 1.23 32.89 -3.20
C ILE B 64 2.47 33.06 -2.35
N TYR B 65 3.62 32.77 -2.95
CA TYR B 65 4.90 32.74 -2.25
C TYR B 65 5.70 33.98 -2.66
N ASN B 66 6.18 34.72 -1.68
CA ASN B 66 7.06 35.84 -1.97
C ASN B 66 8.52 35.42 -1.78
N SER B 67 9.42 36.33 -2.17
CA SER B 67 10.84 35.98 -2.24
C SER B 67 11.39 35.60 -0.87
N ASN B 68 11.19 36.44 0.12
CA ASN B 68 11.69 36.20 1.48
C ASN B 68 10.52 36.29 2.44
N SER B 69 10.04 35.13 2.90
CA SER B 69 8.91 35.07 3.82
C SER B 69 9.21 35.75 5.15
N ILE B 70 10.47 35.78 5.57
CA ILE B 70 10.82 36.45 6.82
C ILE B 70 10.58 37.96 6.70
N THR B 71 11.01 38.56 5.59
CA THR B 71 10.76 39.97 5.38
C THR B 71 9.27 40.25 5.23
N ARG B 72 8.58 39.48 4.40
CA ARG B 72 7.16 39.67 4.18
C ARG B 72 6.44 38.34 4.17
N PRO B 73 5.44 38.16 5.04
CA PRO B 73 4.76 36.86 5.15
C PRO B 73 4.11 36.41 3.85
N MET B 74 4.07 35.10 3.62
CA MET B 74 3.44 34.55 2.42
C MET B 74 1.92 34.65 2.52
N PHE B 75 1.27 34.55 1.37
CA PHE B 75 -0.19 34.61 1.32
C PHE B 75 -0.75 33.20 1.17
N PRO B 76 -1.49 32.70 2.16
CA PRO B 76 -2.00 31.33 2.09
C PRO B 76 -3.30 31.16 1.32
N GLY B 77 -3.76 32.16 0.58
CA GLY B 77 -5.02 32.04 -0.15
C GLY B 77 -6.14 32.81 0.50
N PHE B 78 -7.06 33.33 -0.31
CA PHE B 78 -8.09 34.23 0.22
C PHE B 78 -8.97 33.53 1.25
N GLU B 79 -9.45 32.33 0.92
CA GLU B 79 -10.32 31.61 1.84
C GLU B 79 -9.59 31.20 3.11
N ALA B 80 -8.31 30.84 3.00
CA ALA B 80 -7.54 30.48 4.19
C ALA B 80 -7.41 31.67 5.13
N VAL B 81 -7.15 32.86 4.59
CA VAL B 81 -6.95 34.04 5.42
C VAL B 81 -8.27 34.53 6.00
N PHE B 82 -9.32 34.62 5.18
CA PHE B 82 -10.46 35.47 5.48
C PHE B 82 -11.71 34.70 5.86
N ASP B 83 -11.75 33.39 5.63
CA ASP B 83 -12.95 32.59 5.88
C ASP B 83 -14.13 33.17 5.11
N CYS B 84 -13.83 33.81 3.98
CA CYS B 84 -14.82 34.44 3.12
C CYS B 84 -14.61 33.95 1.71
N LYS B 85 -15.71 33.64 1.03
CA LYS B 85 -15.63 32.90 -0.23
C LYS B 85 -15.61 33.89 -1.39
N TRP B 86 -14.59 33.78 -2.24
CA TRP B 86 -14.39 34.71 -3.35
C TRP B 86 -13.83 33.97 -4.57
N GLU B 87 -14.71 33.47 -5.44
CA GLU B 87 -14.29 32.90 -6.71
C GLU B 87 -14.47 33.91 -7.84
N SER B 88 -13.93 33.55 -9.00
CA SER B 88 -14.26 34.25 -10.24
C SER B 88 -15.62 33.84 -10.79
N THR B 89 -16.25 32.83 -10.20
CA THR B 89 -17.61 32.43 -10.58
C THR B 89 -18.58 33.30 -9.80
N GLY B 90 -19.61 33.78 -10.49
CA GLY B 90 -20.59 34.65 -9.90
C GLY B 90 -20.28 36.13 -9.99
N ILE B 91 -19.35 36.53 -10.84
CA ILE B 91 -19.07 37.95 -11.04
C ILE B 91 -19.99 38.49 -12.12
N THR B 92 -20.63 39.62 -11.84
CA THR B 92 -21.41 40.31 -12.86
C THR B 92 -20.49 41.18 -13.69
N PHE B 93 -20.37 40.87 -14.98
CA PHE B 93 -19.45 41.56 -15.87
C PHE B 93 -20.22 42.51 -16.79
N LYS B 94 -19.85 43.78 -16.76
CA LYS B 94 -20.40 44.79 -17.65
C LYS B 94 -19.34 45.14 -18.68
N GLU B 95 -19.64 44.90 -19.95
CA GLU B 95 -18.65 45.06 -21.00
C GLU B 95 -18.54 46.51 -21.44
N VAL B 96 -17.30 46.97 -21.56
CA VAL B 96 -16.99 48.28 -22.12
C VAL B 96 -16.15 48.01 -23.36
N THR B 97 -16.70 48.33 -24.53
CA THR B 97 -15.99 48.04 -25.77
C THR B 97 -14.80 48.98 -25.94
N ASN B 98 -13.78 48.46 -26.63
CA ASN B 98 -12.59 49.28 -26.89
C ASN B 98 -12.94 50.48 -27.75
N GLU B 99 -13.96 50.35 -28.61
CA GLU B 99 -14.40 51.48 -29.41
C GLU B 99 -14.94 52.61 -28.53
N ASP B 100 -15.66 52.25 -27.47
CA ASP B 100 -16.20 53.27 -26.57
C ASP B 100 -15.09 54.06 -25.88
N ILE B 101 -14.09 53.37 -25.35
CA ILE B 101 -12.99 54.08 -24.69
C ILE B 101 -12.10 54.82 -25.68
N GLY B 102 -12.03 54.37 -26.92
CA GLY B 102 -11.29 55.10 -27.92
C GLY B 102 -12.04 56.32 -28.40
N LYS B 103 -13.37 56.30 -28.25
CA LYS B 103 -14.19 57.43 -28.69
C LYS B 103 -13.88 58.69 -27.87
N PHE B 104 -13.72 58.52 -26.56
CA PHE B 104 -13.59 59.67 -25.67
C PHE B 104 -12.14 60.03 -25.36
N LEU B 105 -11.29 59.00 -25.21
CA LEU B 105 -9.91 59.20 -24.79
C LEU B 105 -9.11 60.05 -25.76
N TYR B 106 -9.28 59.83 -27.06
CA TYR B 106 -8.50 60.54 -28.05
C TYR B 106 -9.08 61.93 -28.31
N ASN B 107 -9.09 62.79 -27.30
CA ASN B 107 -9.61 64.15 -27.42
C ASN B 107 -8.55 65.16 -27.02
N SER B 108 -8.63 66.35 -27.63
CA SER B 108 -7.67 67.40 -27.33
C SER B 108 -7.81 67.92 -25.91
N SER B 109 -9.03 68.05 -25.41
CA SER B 109 -9.29 68.62 -24.09
C SER B 109 -9.12 67.54 -23.04
N THR B 110 -8.26 67.79 -22.05
CA THR B 110 -8.03 66.80 -21.00
C THR B 110 -9.22 66.68 -20.05
N HIS B 111 -9.78 67.81 -19.62
CA HIS B 111 -10.91 67.76 -18.70
C HIS B 111 -12.13 67.09 -19.35
N LYS B 112 -12.38 67.42 -20.62
CA LYS B 112 -13.51 66.82 -21.33
C LYS B 112 -13.30 65.31 -21.50
N ARG B 113 -12.09 64.89 -21.86
CA ARG B 113 -11.85 63.46 -22.02
C ARG B 113 -11.98 62.73 -20.69
N THR B 114 -11.48 63.32 -19.60
CA THR B 114 -11.59 62.68 -18.29
C THR B 114 -13.05 62.58 -17.85
N TYR B 115 -13.83 63.65 -18.06
CA TYR B 115 -15.24 63.61 -17.70
C TYR B 115 -15.98 62.54 -18.49
N ASP B 116 -15.73 62.45 -19.80
CA ASP B 116 -16.39 61.43 -20.60
C ASP B 116 -15.99 60.03 -20.18
N LEU B 117 -14.69 59.82 -19.90
CA LEU B 117 -14.23 58.49 -19.51
C LEU B 117 -14.82 58.07 -18.17
N VAL B 118 -14.92 59.00 -17.22
CA VAL B 118 -15.57 58.68 -15.96
C VAL B 118 -17.05 58.38 -16.17
N SER B 119 -17.72 59.19 -16.99
CA SER B 119 -19.15 58.98 -17.24
C SER B 119 -19.39 57.62 -17.87
N LEU B 120 -18.50 57.19 -18.76
CA LEU B 120 -18.68 55.92 -19.45
C LEU B 120 -18.77 54.76 -18.46
N PHE B 121 -17.88 54.73 -17.46
CA PHE B 121 -17.91 53.66 -16.47
C PHE B 121 -19.05 53.85 -15.48
N ILE B 122 -19.27 55.08 -15.02
CA ILE B 122 -20.25 55.29 -13.96
C ILE B 122 -21.66 55.03 -14.46
N ASP B 123 -21.94 55.31 -15.73
CA ASP B 123 -23.27 55.05 -16.25
C ASP B 123 -23.57 53.56 -16.26
N LYS B 124 -22.61 52.73 -16.67
CA LYS B 124 -22.83 51.29 -16.67
C LYS B 124 -22.91 50.76 -15.25
N ILE B 125 -22.10 51.29 -14.33
CA ILE B 125 -22.19 50.83 -12.94
C ILE B 125 -23.54 51.18 -12.36
N ILE B 126 -24.04 52.39 -12.62
CA ILE B 126 -25.33 52.80 -12.09
C ILE B 126 -26.46 51.97 -12.71
N SER B 127 -26.38 51.72 -14.02
CA SER B 127 -27.40 50.92 -14.68
C SER B 127 -27.42 49.50 -14.13
N ALA B 128 -26.25 48.91 -13.88
CA ALA B 128 -26.19 47.59 -13.28
C ALA B 128 -26.72 47.60 -11.86
N ASN B 129 -26.42 48.65 -11.09
CA ASN B 129 -26.90 48.74 -9.72
C ASN B 129 -28.41 48.86 -9.66
N LYS B 130 -29.00 49.64 -10.56
CA LYS B 130 -30.42 49.95 -10.52
C LYS B 130 -31.30 48.94 -11.23
N ASN B 131 -30.87 48.44 -12.39
CA ASN B 131 -31.73 47.66 -13.27
C ASN B 131 -31.24 46.25 -13.49
N GLU B 132 -30.40 45.71 -12.61
CA GLU B 132 -29.98 44.32 -12.73
C GLU B 132 -30.29 43.59 -11.44
N ASP B 133 -30.80 42.37 -11.57
CA ASP B 133 -31.25 41.61 -10.42
C ASP B 133 -30.08 41.08 -9.61
N GLU B 134 -28.95 40.83 -10.27
CA GLU B 134 -27.78 40.30 -9.59
C GLU B 134 -27.23 41.31 -8.60
N ASN B 135 -26.95 40.85 -7.39
CA ASN B 135 -26.43 41.69 -6.31
C ASN B 135 -24.93 41.55 -6.23
N VAL B 136 -24.22 42.68 -6.23
CA VAL B 136 -22.76 42.70 -6.22
C VAL B 136 -22.32 43.51 -5.00
N ASP B 137 -21.38 42.97 -4.24
CA ASP B 137 -20.90 43.62 -3.03
C ASP B 137 -19.99 44.79 -3.32
N VAL B 138 -19.08 44.64 -4.28
CA VAL B 138 -18.09 45.66 -4.61
C VAL B 138 -17.79 45.58 -6.09
N TRP B 139 -17.58 46.75 -6.71
CA TRP B 139 -17.45 46.88 -8.15
C TRP B 139 -15.98 47.11 -8.49
N PHE B 140 -15.31 46.10 -9.03
CA PHE B 140 -13.91 46.26 -9.41
C PHE B 140 -13.82 46.84 -10.81
N VAL B 141 -13.34 48.09 -10.89
CA VAL B 141 -13.28 48.81 -12.16
C VAL B 141 -11.92 48.63 -12.79
N ILE B 142 -11.83 47.73 -13.77
CA ILE B 142 -10.58 47.51 -14.50
C ILE B 142 -10.43 48.64 -15.51
N VAL B 143 -9.32 49.35 -15.45
CA VAL B 143 -9.04 50.39 -16.43
C VAL B 143 -7.77 50.01 -17.19
N PRO B 144 -7.71 50.23 -18.51
CA PRO B 144 -6.46 50.00 -19.24
C PRO B 144 -5.38 51.00 -18.85
N ASP B 145 -4.21 50.90 -19.46
CA ASP B 145 -3.12 51.83 -19.14
C ASP B 145 -3.05 53.04 -20.06
N GLU B 146 -3.51 52.93 -21.31
CA GLU B 146 -3.62 54.13 -22.15
C GLU B 146 -4.55 55.16 -21.51
N ILE B 147 -5.72 54.71 -21.06
CA ILE B 147 -6.61 55.62 -20.34
C ILE B 147 -5.93 56.12 -19.08
N TYR B 148 -5.27 55.24 -18.33
CA TYR B 148 -4.60 55.66 -17.12
C TYR B 148 -3.54 56.71 -17.41
N LYS B 149 -2.66 56.46 -18.37
CA LYS B 149 -1.52 57.35 -18.58
C LYS B 149 -1.93 58.61 -19.33
N TYR B 150 -3.14 58.64 -19.92
CA TYR B 150 -3.69 59.91 -20.41
C TYR B 150 -5.11 60.20 -19.91
N CYS B 151 -5.35 60.15 -18.59
CA CYS B 151 -6.59 60.66 -18.02
C CYS B 151 -6.34 61.34 -16.66
N ARG B 152 -5.12 61.82 -16.43
CA ARG B 152 -4.80 62.61 -15.24
C ARG B 152 -4.23 63.94 -15.68
N PRO B 153 -4.28 64.97 -14.82
CA PRO B 153 -3.74 66.28 -15.20
C PRO B 153 -2.32 66.22 -15.75
N ASN B 154 -1.97 67.24 -16.54
CA ASN B 154 -0.62 67.40 -17.11
C ASN B 154 -0.29 66.31 -18.12
N SER B 155 -1.29 65.60 -18.63
CA SER B 155 -1.08 64.56 -19.63
C SER B 155 -1.32 65.16 -21.02
N VAL B 156 -0.25 65.32 -21.79
CA VAL B 156 -0.31 65.91 -23.12
C VAL B 156 -0.49 64.78 -24.14
N LEU B 157 -1.64 64.78 -24.80
CA LEU B 157 -1.91 63.78 -25.83
C LEU B 157 -1.07 64.09 -27.06
N PRO B 158 -0.26 63.14 -27.55
CA PRO B 158 0.52 63.41 -28.77
C PRO B 158 -0.38 63.73 -29.95
N LYS B 159 0.10 64.64 -30.81
CA LYS B 159 -0.68 65.16 -31.93
C LYS B 159 -1.10 64.04 -32.89
N GLU B 160 -0.20 63.09 -33.13
CA GLU B 160 -0.48 61.99 -34.05
C GLU B 160 -1.60 61.09 -33.55
N MET B 161 -1.87 61.06 -32.25
CA MET B 161 -2.88 60.18 -31.68
C MET B 161 -4.10 60.94 -31.13
N VAL B 162 -4.17 62.25 -31.35
CA VAL B 162 -5.39 63.02 -31.07
C VAL B 162 -6.34 62.78 -32.22
N GLN B 163 -7.59 62.43 -31.92
CA GLN B 163 -8.59 62.22 -32.95
C GLN B 163 -9.61 63.34 -33.04
N THR B 164 -9.96 63.96 -31.91
CA THR B 164 -10.94 65.05 -31.91
C THR B 164 -10.35 66.34 -31.35
N THR B 199 -17.63 69.45 -17.69
CA THR B 199 -16.32 68.92 -17.99
C THR B 199 -15.22 69.75 -17.32
N TYR B 200 -15.25 71.06 -17.55
CA TYR B 200 -14.27 71.97 -16.98
C TYR B 200 -14.57 72.33 -15.53
N ASN B 201 -15.75 72.00 -15.03
CA ASN B 201 -16.09 72.22 -13.63
C ASN B 201 -15.56 71.12 -12.72
N TYR B 202 -15.13 70.00 -13.28
CA TYR B 202 -14.73 68.82 -12.52
C TYR B 202 -13.21 68.74 -12.47
N ASP B 203 -12.72 67.79 -11.67
CA ASP B 203 -11.30 67.54 -11.55
C ASP B 203 -10.84 66.55 -12.62
N ALA B 204 -9.71 66.86 -13.23
CA ALA B 204 -9.20 66.09 -14.35
C ALA B 204 -8.58 64.75 -13.93
N GLN B 205 -8.72 64.36 -12.68
CA GLN B 205 -8.15 63.10 -12.21
C GLN B 205 -9.22 62.02 -12.26
N PHE B 206 -8.89 60.89 -12.90
CA PHE B 206 -9.87 59.83 -13.11
C PHE B 206 -10.37 59.25 -11.79
N HIS B 207 -9.45 58.98 -10.86
CA HIS B 207 -9.82 58.31 -9.61
C HIS B 207 -10.66 59.23 -8.74
N ASP B 208 -10.23 60.47 -8.57
CA ASP B 208 -10.95 61.39 -7.69
C ASP B 208 -12.36 61.66 -8.20
N GLN B 209 -12.49 62.03 -9.47
CA GLN B 209 -13.80 62.27 -10.05
C GLN B 209 -14.65 61.00 -10.02
N PHE B 210 -14.03 59.86 -10.31
CA PHE B 210 -14.73 58.58 -10.34
C PHE B 210 -15.38 58.29 -8.99
N LYS B 211 -14.61 58.37 -7.91
CA LYS B 211 -15.18 58.06 -6.60
C LYS B 211 -16.04 59.19 -6.07
N ALA B 212 -15.87 60.41 -6.59
CA ALA B 212 -16.71 61.52 -6.15
C ALA B 212 -18.11 61.43 -6.73
N ARG B 213 -18.23 61.10 -8.01
CA ARG B 213 -19.54 61.07 -8.65
C ARG B 213 -20.40 59.89 -8.25
N LEU B 214 -19.81 58.83 -7.70
CA LEU B 214 -20.56 57.69 -7.21
C LEU B 214 -20.99 57.84 -5.75
N LEU B 215 -20.68 58.97 -5.12
CA LEU B 215 -20.96 59.11 -3.70
C LEU B 215 -22.45 59.11 -3.43
N LYS B 216 -23.24 59.72 -4.31
CA LYS B 216 -24.68 59.78 -4.10
C LYS B 216 -25.32 58.41 -4.13
N HIS B 217 -24.79 57.48 -4.92
CA HIS B 217 -25.35 56.14 -5.07
C HIS B 217 -24.84 55.16 -4.01
N THR B 218 -23.78 55.52 -3.29
CA THR B 218 -23.18 54.68 -2.24
C THR B 218 -22.86 53.28 -2.79
N ILE B 219 -21.97 53.25 -3.77
CA ILE B 219 -21.54 52.01 -4.40
C ILE B 219 -20.06 51.79 -4.07
N PRO B 220 -19.71 50.77 -3.30
CA PRO B 220 -18.29 50.50 -3.00
C PRO B 220 -17.58 50.01 -4.25
N THR B 221 -16.49 50.68 -4.61
CA THR B 221 -15.78 50.37 -5.84
C THR B 221 -14.28 50.25 -5.55
N GLN B 222 -13.60 49.52 -6.43
CA GLN B 222 -12.15 49.33 -6.35
C GLN B 222 -11.57 49.43 -7.76
N ILE B 223 -10.79 50.47 -7.99
CA ILE B 223 -10.20 50.69 -9.32
C ILE B 223 -8.92 49.87 -9.44
N PHE B 224 -8.76 49.22 -10.59
CA PHE B 224 -7.57 48.41 -10.88
C PHE B 224 -7.01 48.79 -12.23
N ARG B 225 -5.69 48.97 -12.30
CA ARG B 225 -5.04 49.06 -13.59
C ARG B 225 -4.71 47.67 -14.11
N GLU B 226 -4.62 47.55 -15.43
CA GLU B 226 -4.23 46.28 -16.03
C GLU B 226 -2.82 45.89 -15.65
N SER B 227 -1.97 46.88 -15.33
CA SER B 227 -0.61 46.61 -14.90
C SER B 227 -0.56 46.15 -13.45
N THR B 228 -1.44 46.69 -12.60
CA THR B 228 -1.53 46.26 -11.21
C THR B 228 -1.97 44.79 -11.16
N LEU B 229 -2.83 44.43 -12.10
CA LEU B 229 -3.22 43.04 -12.34
C LEU B 229 -2.08 42.37 -13.12
N ALA B 230 -2.37 41.31 -13.88
CA ALA B 230 -1.30 40.42 -14.30
C ALA B 230 -0.33 41.15 -15.20
N TRP B 231 0.66 41.77 -14.55
CA TRP B 231 1.64 42.65 -15.18
C TRP B 231 2.56 41.92 -16.14
N ARG B 232 2.75 40.61 -15.96
CA ARG B 232 3.78 39.89 -16.70
C ARG B 232 3.59 40.02 -18.20
N ASP B 233 2.35 40.21 -18.66
CA ASP B 233 2.11 40.43 -20.08
C ASP B 233 2.69 41.77 -20.53
N PHE B 234 2.54 42.80 -19.72
CA PHE B 234 3.01 44.14 -20.07
C PHE B 234 4.52 44.22 -19.83
N LYS B 235 5.28 44.50 -20.88
CA LYS B 235 6.73 44.48 -20.84
C LYS B 235 7.29 45.77 -21.43
N ASN B 236 8.49 46.14 -20.98
CA ASN B 236 9.12 47.37 -21.43
C ASN B 236 9.89 47.12 -22.73
N ALA B 237 10.70 48.10 -23.12
CA ALA B 237 11.52 47.96 -24.31
C ALA B 237 12.52 46.82 -24.16
N PHE B 238 13.13 46.70 -22.99
CA PHE B 238 14.09 45.62 -22.77
C PHE B 238 13.42 44.25 -22.76
N GLY B 239 12.10 44.23 -22.62
CA GLY B 239 11.34 43.00 -22.53
C GLY B 239 10.96 42.60 -21.12
N LEU B 240 11.58 43.19 -20.11
CA LEU B 240 11.22 42.90 -18.73
C LEU B 240 9.92 43.61 -18.38
N PRO B 241 9.20 43.13 -17.36
CA PRO B 241 8.00 43.86 -16.92
C PRO B 241 8.37 45.25 -16.44
N ILE B 242 7.50 46.22 -16.76
CA ILE B 242 7.72 47.57 -16.26
C ILE B 242 7.56 47.63 -14.75
N ARG B 243 6.44 47.09 -14.26
CA ARG B 243 6.15 47.02 -12.82
C ARG B 243 6.44 45.63 -12.28
N ASP B 244 7.72 45.27 -12.18
CA ASP B 244 8.09 43.94 -11.72
C ASP B 244 7.67 43.76 -10.26
N PHE B 245 6.69 42.89 -10.04
CA PHE B 245 6.19 42.53 -8.72
C PHE B 245 6.50 41.07 -8.41
N SER B 246 7.60 40.57 -9.00
CA SER B 246 7.94 39.16 -8.84
C SER B 246 8.24 38.82 -7.38
N LYS B 247 9.01 39.68 -6.70
CA LYS B 247 9.38 39.40 -5.32
C LYS B 247 8.33 39.90 -4.34
N ILE B 248 7.38 40.71 -4.80
CA ILE B 248 6.46 41.38 -3.90
C ILE B 248 5.04 40.89 -4.22
N GLU B 249 4.95 39.73 -4.85
CA GLU B 249 3.65 39.20 -5.25
C GLU B 249 2.78 38.89 -4.03
N GLY B 250 3.36 38.27 -3.00
CA GLY B 250 2.60 37.95 -1.82
C GLY B 250 2.03 39.19 -1.15
N HIS B 251 2.84 40.24 -1.05
CA HIS B 251 2.35 41.48 -0.46
C HIS B 251 1.28 42.13 -1.32
N LEU B 252 1.42 42.04 -2.65
CA LEU B 252 0.39 42.57 -3.53
C LEU B 252 -0.94 41.87 -3.29
N ALA B 253 -0.91 40.54 -3.18
CA ALA B 253 -2.12 39.82 -2.85
C ALA B 253 -2.65 40.21 -1.47
N TRP B 254 -1.76 40.39 -0.50
CA TRP B 254 -2.17 40.77 0.84
C TRP B 254 -2.91 42.10 0.86
N THR B 255 -2.38 43.09 0.14
CA THR B 255 -2.98 44.42 0.14
C THR B 255 -4.15 44.56 -0.81
N ILE B 256 -4.33 43.63 -1.74
CA ILE B 256 -5.54 43.65 -2.56
C ILE B 256 -6.68 42.93 -1.85
N SER B 257 -6.39 41.77 -1.26
CA SER B 257 -7.43 40.99 -0.59
C SER B 257 -7.99 41.73 0.61
N THR B 258 -7.13 42.41 1.38
CA THR B 258 -7.60 43.14 2.55
C THR B 258 -8.51 44.29 2.14
N ALA B 259 -8.15 45.02 1.09
CA ALA B 259 -9.00 46.10 0.61
C ALA B 259 -10.35 45.55 0.12
N ALA B 260 -10.32 44.44 -0.62
CA ALA B 260 -11.56 43.83 -1.09
C ALA B 260 -12.43 43.39 0.08
N PHE B 261 -11.81 42.80 1.10
CA PHE B 261 -12.56 42.37 2.28
C PHE B 261 -13.16 43.56 3.02
N TYR B 262 -12.41 44.65 3.13
CA TYR B 262 -12.92 45.84 3.80
C TYR B 262 -14.09 46.43 3.04
N LYS B 263 -13.97 46.56 1.72
CA LYS B 263 -15.05 47.15 0.95
C LYS B 263 -16.31 46.31 0.95
N ALA B 264 -16.19 45.00 1.17
CA ALA B 264 -17.35 44.13 1.19
C ALA B 264 -18.06 44.12 2.54
N GLY B 265 -17.53 44.82 3.54
CA GLY B 265 -18.19 44.91 4.82
C GLY B 265 -17.56 44.06 5.90
N GLY B 266 -16.29 43.74 5.74
CA GLY B 266 -15.57 42.91 6.69
C GLY B 266 -14.63 43.73 7.56
N LYS B 267 -14.39 43.24 8.77
CA LYS B 267 -13.46 43.87 9.70
C LYS B 267 -12.16 43.09 9.68
N PRO B 268 -11.10 43.59 9.07
CA PRO B 268 -9.83 42.85 9.05
C PRO B 268 -9.21 42.77 10.44
N TRP B 269 -9.10 43.90 11.12
CA TRP B 269 -8.57 43.95 12.48
C TRP B 269 -9.08 45.21 13.19
N LYS B 270 -8.74 45.31 14.47
CA LYS B 270 -9.14 46.45 15.29
C LYS B 270 -8.01 46.77 16.25
N LEU B 271 -8.07 47.99 16.80
CA LEU B 271 -7.11 48.40 17.83
C LEU B 271 -7.58 47.91 19.20
N SER B 272 -6.61 47.73 20.09
CA SER B 272 -6.88 47.13 21.40
C SER B 272 -6.51 48.02 22.58
N ASP B 273 -5.55 48.93 22.42
CA ASP B 273 -5.04 49.72 23.53
C ASP B 273 -5.71 51.08 23.67
N VAL B 274 -6.72 51.38 22.85
CA VAL B 274 -7.38 52.68 22.93
C VAL B 274 -8.33 52.68 24.13
N ARG B 275 -8.29 53.76 24.91
CA ARG B 275 -9.09 53.85 26.11
C ARG B 275 -10.53 54.22 25.78
N ASN B 276 -11.40 54.09 26.78
CA ASN B 276 -12.78 54.49 26.63
C ASN B 276 -12.92 56.01 26.70
N GLY B 277 -13.93 56.53 26.02
CA GLY B 277 -14.24 57.94 26.10
C GLY B 277 -13.32 58.85 25.30
N VAL B 278 -12.53 58.31 24.38
CA VAL B 278 -11.54 59.10 23.65
C VAL B 278 -11.93 59.09 22.18
N CYS B 279 -12.46 60.21 21.70
CA CYS B 279 -12.65 60.46 20.29
C CYS B 279 -11.43 61.22 19.77
N TYR B 280 -11.08 61.02 18.50
CA TYR B 280 -9.81 61.60 18.07
C TYR B 280 -9.99 62.72 17.05
N LEU B 281 -10.58 62.43 15.89
CA LEU B 281 -10.83 63.44 14.86
C LEU B 281 -9.54 63.97 14.25
N GLY B 282 -9.49 64.06 12.92
CA GLY B 282 -8.31 64.59 12.26
C GLY B 282 -8.64 65.54 11.13
N LEU B 283 -8.17 66.78 11.23
CA LEU B 283 -8.54 67.81 10.26
C LEU B 283 -7.44 67.98 9.21
N VAL B 284 -7.83 67.98 7.94
CA VAL B 284 -6.94 68.26 6.83
C VAL B 284 -7.64 69.22 5.88
N TYR B 285 -6.91 70.24 5.41
CA TYR B 285 -7.45 71.25 4.51
C TYR B 285 -6.93 70.97 3.10
N LYS B 286 -7.84 70.95 2.14
CA LYS B 286 -7.50 70.73 0.74
C LYS B 286 -7.92 71.91 -0.11
N LYS B 287 -7.19 72.13 -1.19
CA LYS B 287 -7.46 73.23 -2.11
C LYS B 287 -8.52 72.82 -3.13
N VAL B 288 -9.46 73.73 -3.39
CA VAL B 288 -10.54 73.49 -4.33
C VAL B 288 -10.40 74.50 -5.47
N GLU B 289 -10.07 74.00 -6.66
CA GLU B 289 -9.73 74.86 -7.78
C GLU B 289 -10.90 75.11 -8.73
N LYS B 290 -11.97 74.31 -8.64
CA LYS B 290 -13.09 74.48 -9.56
C LYS B 290 -13.76 75.84 -9.38
N SER B 291 -13.93 76.27 -8.13
CA SER B 291 -14.48 77.59 -7.88
C SER B 291 -13.38 78.63 -7.86
N LYS B 292 -13.74 79.88 -8.18
CA LYS B 292 -12.78 80.97 -8.08
C LYS B 292 -12.36 81.14 -6.62
N ASN B 293 -11.05 81.32 -6.41
CA ASN B 293 -10.37 81.29 -5.12
C ASN B 293 -10.31 79.85 -4.64
N PRO B 294 -9.20 79.41 -4.03
CA PRO B 294 -9.10 78.00 -3.65
C PRO B 294 -10.15 77.55 -2.65
N ARG B 295 -10.59 78.43 -1.76
CA ARG B 295 -11.74 78.20 -0.89
C ARG B 295 -11.49 77.11 0.14
N ASN B 296 -10.35 76.43 0.04
CA ASN B 296 -9.74 75.67 1.14
C ASN B 296 -10.71 74.81 1.94
N ALA B 297 -11.30 73.80 1.31
CA ALA B 297 -12.24 72.92 1.99
C ALA B 297 -11.55 72.18 3.13
N CYS B 298 -12.27 71.99 4.23
CA CYS B 298 -11.78 71.26 5.40
C CYS B 298 -12.53 69.94 5.52
N CYS B 299 -11.80 68.87 5.80
CA CYS B 299 -12.38 67.54 5.93
C CYS B 299 -11.79 66.85 7.16
N ALA B 300 -12.55 65.93 7.73
CA ALA B 300 -12.16 65.28 8.97
C ALA B 300 -12.46 63.79 8.92
N ALA B 301 -11.70 63.02 9.70
CA ALA B 301 -11.92 61.60 9.92
C ALA B 301 -11.96 61.35 11.42
N GLN B 302 -12.89 60.50 11.84
CA GLN B 302 -13.17 60.30 13.26
C GLN B 302 -12.95 58.85 13.68
N MET B 303 -12.39 58.67 14.87
CA MET B 303 -12.16 57.35 15.44
C MET B 303 -12.52 57.37 16.92
N PHE B 304 -13.16 56.32 17.40
CA PHE B 304 -13.48 56.17 18.81
C PHE B 304 -13.84 54.71 19.10
N LEU B 305 -14.38 54.46 20.29
CA LEU B 305 -14.80 53.14 20.70
C LEU B 305 -16.32 53.10 20.91
N ASP B 306 -16.83 51.89 21.17
CA ASP B 306 -18.25 51.64 21.27
C ASP B 306 -18.59 51.06 22.63
N ASN B 307 -19.89 51.06 22.93
CA ASN B 307 -20.39 50.29 24.06
C ASN B 307 -20.13 48.82 23.80
N GLY B 308 -19.18 48.25 24.55
CA GLY B 308 -18.64 46.96 24.24
C GLY B 308 -17.15 47.04 23.97
N ASP B 309 -16.76 46.57 22.79
CA ASP B 309 -15.36 46.59 22.39
C ASP B 309 -15.16 46.96 20.93
N GLY B 310 -16.22 47.24 20.18
CA GLY B 310 -16.07 47.51 18.77
C GLY B 310 -15.48 48.89 18.50
N THR B 311 -14.61 48.96 17.51
CA THR B 311 -14.04 50.24 17.10
C THR B 311 -14.84 50.84 15.95
N VAL B 312 -14.88 52.16 15.89
CA VAL B 312 -15.56 52.89 14.83
C VAL B 312 -14.54 53.84 14.20
N PHE B 313 -14.17 53.54 12.96
CA PHE B 313 -13.30 54.40 12.16
C PHE B 313 -14.13 54.85 10.96
N LYS B 314 -14.86 55.94 11.14
CA LYS B 314 -15.66 56.52 10.07
C LYS B 314 -15.27 57.98 9.88
N GLY B 315 -15.34 58.42 8.63
CA GLY B 315 -15.11 59.82 8.35
C GLY B 315 -16.20 60.69 8.95
N GLU B 316 -15.82 61.92 9.28
CA GLU B 316 -16.75 62.92 9.80
C GLU B 316 -16.55 64.18 8.97
N VAL B 317 -17.23 64.23 7.82
CA VAL B 317 -16.97 65.25 6.82
C VAL B 317 -18.28 65.93 6.44
N GLY B 318 -18.28 67.26 6.53
CA GLY B 318 -19.39 68.09 6.13
C GLY B 318 -18.88 69.25 5.31
N PRO B 319 -17.96 68.99 4.38
CA PRO B 319 -16.81 69.88 4.16
C PRO B 319 -17.10 71.36 4.34
N TRP B 320 -16.38 71.97 5.28
CA TRP B 320 -16.58 73.36 5.65
C TRP B 320 -15.57 74.23 4.92
N TYR B 321 -16.02 74.92 3.88
CA TYR B 321 -15.12 75.65 3.00
C TYR B 321 -14.61 76.91 3.69
N ASN B 322 -13.36 77.27 3.41
CA ASN B 322 -12.73 78.43 4.01
C ASN B 322 -12.18 79.36 2.92
N PRO B 323 -12.77 80.53 2.72
CA PRO B 323 -12.25 81.45 1.71
C PRO B 323 -10.86 81.96 2.08
N LYS B 324 -10.33 82.82 1.20
CA LYS B 324 -8.99 83.40 1.30
C LYS B 324 -7.96 82.36 0.86
N ASN B 325 -6.91 82.81 0.16
CA ASN B 325 -6.09 81.89 -0.63
C ASN B 325 -5.36 80.87 0.24
N GLY B 326 -4.76 81.31 1.33
CA GLY B 326 -3.90 80.43 2.10
C GLY B 326 -4.19 80.43 3.59
N GLN B 327 -5.46 80.59 3.96
CA GLN B 327 -5.81 80.65 5.37
C GLN B 327 -5.46 79.36 6.08
N TYR B 328 -6.06 78.25 5.66
CA TYR B 328 -5.93 76.96 6.32
C TYR B 328 -6.40 77.01 7.77
N HIS B 329 -7.02 78.11 8.18
CA HIS B 329 -7.55 78.29 9.52
C HIS B 329 -9.06 78.48 9.45
N LEU B 330 -9.81 77.63 10.13
CA LEU B 330 -11.24 77.59 9.96
C LEU B 330 -11.93 78.59 10.89
N GLU B 331 -12.71 79.49 10.30
CA GLU B 331 -13.36 80.56 11.03
C GLU B 331 -14.46 80.00 11.93
N PRO B 332 -14.86 80.76 12.99
CA PRO B 332 -15.57 80.14 14.12
C PRO B 332 -16.87 79.42 13.80
N LYS B 333 -17.69 79.93 12.86
CA LYS B 333 -18.96 79.27 12.58
C LYS B 333 -18.76 77.84 12.10
N GLU B 334 -17.90 77.65 11.10
CA GLU B 334 -17.71 76.32 10.55
C GLU B 334 -16.87 75.44 11.48
N ALA B 335 -16.01 76.04 12.30
CA ALA B 335 -15.32 75.27 13.33
C ALA B 335 -16.32 74.70 14.32
N LYS B 336 -17.27 75.54 14.74
CA LYS B 336 -18.35 75.06 15.61
C LYS B 336 -19.14 73.96 14.94
N ALA B 337 -19.47 74.14 13.66
CA ALA B 337 -20.21 73.10 12.94
C ALA B 337 -19.45 71.78 12.94
N LEU B 338 -18.16 71.82 12.61
CA LEU B 338 -17.34 70.62 12.56
C LEU B 338 -17.29 69.91 13.90
N LEU B 339 -16.96 70.64 14.97
CA LEU B 339 -16.79 69.98 16.25
C LEU B 339 -18.13 69.55 16.85
N SER B 340 -19.20 70.30 16.60
CA SER B 340 -20.52 69.88 17.06
C SER B 340 -20.95 68.59 16.36
N GLN B 341 -20.72 68.50 15.04
CA GLN B 341 -20.98 67.25 14.34
C GLN B 341 -20.15 66.11 14.90
N SER B 342 -18.87 66.34 15.20
CA SER B 342 -18.02 65.30 15.78
C SER B 342 -18.51 64.83 17.13
N LEU B 343 -18.97 65.75 17.99
CA LEU B 343 -19.42 65.36 19.32
C LEU B 343 -20.78 64.68 19.27
N GLN B 344 -21.68 65.16 18.42
CA GLN B 344 -22.99 64.53 18.29
C GLN B 344 -22.91 63.12 17.72
N SER B 345 -22.02 62.87 16.75
CA SER B 345 -21.81 61.54 16.20
C SER B 345 -21.26 60.57 17.23
N TYR B 346 -20.63 61.06 18.29
CA TYR B 346 -20.20 60.24 19.40
C TYR B 346 -21.30 60.01 20.42
N LYS B 347 -22.03 61.06 20.79
CA LYS B 347 -23.14 60.90 21.73
C LYS B 347 -24.21 59.96 21.17
N GLU B 348 -24.50 60.08 19.88
CA GLU B 348 -25.55 59.28 19.27
C GLU B 348 -25.25 57.79 19.34
N GLN B 349 -23.98 57.40 19.47
CA GLN B 349 -23.60 56.00 19.47
C GLN B 349 -23.16 55.48 20.83
N ILE B 350 -22.67 56.33 21.72
CA ILE B 350 -22.25 55.90 23.05
C ILE B 350 -23.16 56.40 24.16
N GLY B 351 -23.77 57.57 24.01
CA GLY B 351 -24.72 58.05 24.99
C GLY B 351 -24.29 59.33 25.68
N GLU B 352 -23.01 59.42 26.02
CA GLU B 352 -22.45 60.61 26.64
C GLU B 352 -21.18 61.01 25.89
N TYR B 353 -20.81 62.24 26.04
CA TYR B 353 -19.77 62.98 25.34
C TYR B 353 -18.40 62.36 25.59
N PRO B 354 -17.49 62.49 24.63
CA PRO B 354 -16.12 61.99 24.84
C PRO B 354 -15.46 62.69 26.03
N LYS B 355 -14.68 61.94 26.79
CA LYS B 355 -14.03 62.49 27.96
C LYS B 355 -12.68 63.12 27.65
N GLU B 356 -12.14 62.87 26.46
CA GLU B 356 -10.94 63.56 26.01
C GLU B 356 -10.80 63.48 24.50
N VAL B 357 -11.06 64.58 23.81
CA VAL B 357 -10.97 64.63 22.35
C VAL B 357 -9.57 65.09 21.94
N PHE B 358 -8.94 64.34 21.06
CA PHE B 358 -7.56 64.60 20.64
C PHE B 358 -7.57 65.04 19.19
N ILE B 359 -7.86 66.30 18.93
CA ILE B 359 -8.02 66.81 17.58
C ILE B 359 -6.63 66.87 16.95
N HIS B 360 -6.30 65.85 16.16
CA HIS B 360 -5.05 65.85 15.42
C HIS B 360 -5.21 66.66 14.14
N ALA B 361 -4.11 67.25 13.69
CA ALA B 361 -4.12 68.07 12.49
C ALA B 361 -2.70 68.25 11.94
N LYS B 362 -2.60 68.52 10.64
CA LYS B 362 -1.31 68.71 10.01
C LYS B 362 -0.90 70.17 9.94
N THR B 363 -1.75 71.09 10.40
CA THR B 363 -1.46 72.52 10.41
C THR B 363 -1.54 73.04 11.83
N ARG B 364 -0.82 74.12 12.11
CA ARG B 364 -0.87 74.73 13.43
C ARG B 364 -2.18 75.47 13.65
N PHE B 365 -2.57 75.58 14.91
CA PHE B 365 -3.80 76.23 15.30
C PHE B 365 -3.49 77.65 15.75
N ASN B 366 -4.19 78.63 15.17
CA ASN B 366 -4.28 79.93 15.83
C ASN B 366 -5.53 79.98 16.70
N HIS B 367 -5.58 80.96 17.60
CA HIS B 367 -6.52 80.91 18.71
C HIS B 367 -7.98 80.95 18.25
N GLN B 368 -8.23 81.36 17.01
CA GLN B 368 -9.59 81.61 16.55
C GLN B 368 -10.43 80.33 16.54
N GLU B 369 -9.87 79.22 16.06
CA GLU B 369 -10.61 77.96 16.12
C GLU B 369 -10.83 77.52 17.55
N TRP B 370 -9.81 77.67 18.40
CA TRP B 370 -9.86 77.03 19.70
C TRP B 370 -10.87 77.74 20.60
N ASP B 371 -10.97 79.07 20.47
CA ASP B 371 -11.99 79.79 21.22
C ASP B 371 -13.38 79.29 20.88
N ALA B 372 -13.67 79.12 19.58
CA ALA B 372 -14.95 78.60 19.15
C ALA B 372 -15.17 77.17 19.61
N PHE B 373 -14.11 76.35 19.51
CA PHE B 373 -14.17 74.93 19.87
C PHE B 373 -14.49 74.76 21.35
N LEU B 374 -13.91 75.62 22.19
CA LEU B 374 -14.13 75.51 23.63
C LEU B 374 -15.60 75.72 23.97
N GLU B 375 -16.26 76.64 23.26
CA GLU B 375 -17.63 77.01 23.55
C GLU B 375 -18.59 75.84 23.36
N VAL B 376 -18.46 75.10 22.26
CA VAL B 376 -19.38 74.00 22.00
C VAL B 376 -19.08 72.82 22.92
N THR B 377 -17.81 72.64 23.29
CA THR B 377 -17.45 71.55 24.18
C THR B 377 -18.06 71.78 25.56
N PRO B 378 -18.45 70.73 26.27
CA PRO B 378 -18.98 70.87 27.63
C PRO B 378 -17.83 71.02 28.64
N LYS B 379 -18.22 71.06 29.91
CA LYS B 379 -17.24 71.24 30.97
C LYS B 379 -16.34 70.00 31.13
N GLU B 380 -16.95 68.81 31.06
CA GLU B 380 -16.21 67.60 31.40
C GLU B 380 -15.18 67.24 30.32
N THR B 381 -15.51 67.48 29.06
CA THR B 381 -14.62 67.10 27.96
C THR B 381 -13.33 67.92 28.00
N ASN B 382 -12.20 67.22 27.91
CA ASN B 382 -10.89 67.86 27.85
C ASN B 382 -10.43 67.87 26.40
N LEU B 383 -10.66 68.99 25.73
CA LEU B 383 -10.33 69.11 24.32
C LEU B 383 -8.84 69.36 24.15
N VAL B 384 -8.22 68.62 23.23
CA VAL B 384 -6.78 68.73 22.97
C VAL B 384 -6.56 68.85 21.47
N GLY B 385 -5.73 69.81 21.07
CA GLY B 385 -5.36 69.97 19.69
C GLY B 385 -3.89 69.66 19.48
N VAL B 386 -3.61 68.61 18.70
CA VAL B 386 -2.26 68.11 18.48
C VAL B 386 -1.91 68.31 17.02
N THR B 387 -0.72 68.85 16.77
CA THR B 387 -0.23 69.07 15.42
C THR B 387 0.89 68.08 15.10
N ILE B 388 0.84 67.51 13.90
CA ILE B 388 1.79 66.50 13.47
C ILE B 388 2.41 66.96 12.15
N SER B 389 3.73 66.91 12.06
CA SER B 389 4.42 67.48 10.91
C SER B 389 5.65 66.65 10.58
N LYS B 390 5.97 66.56 9.29
CA LYS B 390 7.18 65.90 8.80
C LYS B 390 8.24 66.89 8.33
N THR B 391 7.98 68.20 8.44
CA THR B 391 8.88 69.18 7.83
C THR B 391 10.21 69.26 8.56
N LYS B 392 10.21 69.07 9.88
CA LYS B 392 11.40 69.29 10.69
C LYS B 392 12.54 68.37 10.25
N PRO B 393 13.70 68.93 9.88
CA PRO B 393 14.80 68.11 9.33
C PRO B 393 15.75 67.51 10.38
N LEU B 394 15.20 66.60 11.17
CA LEU B 394 15.99 65.81 12.10
C LEU B 394 16.10 64.38 11.55
N LYS B 395 17.30 63.81 11.63
CA LYS B 395 17.53 62.46 11.12
C LYS B 395 18.58 61.80 12.02
N LEU B 396 18.25 60.63 12.57
CA LEU B 396 19.21 59.89 13.38
C LEU B 396 19.96 58.89 12.52
N TYR B 397 21.28 58.97 12.56
CA TYR B 397 22.16 58.05 11.87
C TYR B 397 22.89 57.22 12.91
N LYS B 398 22.65 55.91 12.93
CA LYS B 398 23.30 55.10 13.94
C LYS B 398 24.79 54.94 13.63
N THR B 399 25.57 54.69 14.68
CA THR B 399 27.02 54.77 14.57
C THR B 399 27.58 53.76 13.58
N GLU B 400 27.18 52.49 13.70
CA GLU B 400 27.72 51.46 12.83
C GLU B 400 26.59 50.55 12.38
N GLY B 401 26.66 50.12 11.11
CA GLY B 401 25.69 49.19 10.58
C GLY B 401 24.87 49.77 9.44
N ASP B 402 24.52 48.92 8.47
CA ASP B 402 23.70 49.35 7.34
C ASP B 402 22.22 49.16 7.63
N TYR B 403 21.75 49.73 8.74
CA TYR B 403 20.36 49.65 9.13
C TYR B 403 19.98 50.92 9.88
N THR B 404 18.70 51.28 9.80
CA THR B 404 18.21 52.54 10.33
C THR B 404 17.70 52.37 11.75
N ILE B 405 17.24 53.48 12.34
CA ILE B 405 16.82 53.53 13.73
C ILE B 405 15.61 52.64 13.96
N LEU B 406 15.53 52.05 15.15
CA LEU B 406 14.38 51.26 15.56
C LEU B 406 13.13 52.12 15.62
N ARG B 407 12.01 51.56 15.17
CA ARG B 407 10.74 52.28 15.12
C ARG B 407 10.09 52.30 16.49
N GLY B 408 9.83 53.49 17.02
CA GLY B 408 9.23 53.62 18.33
C GLY B 408 10.00 54.56 19.23
N ASN B 409 11.15 55.01 18.77
CA ASN B 409 11.98 55.92 19.55
C ASN B 409 11.42 57.33 19.48
N ALA B 410 11.32 57.99 20.64
CA ALA B 410 10.74 59.32 20.74
C ALA B 410 11.71 60.25 21.46
N TYR B 411 12.22 61.24 20.75
CA TYR B 411 13.08 62.27 21.32
C TYR B 411 12.20 63.39 21.87
N VAL B 412 11.88 63.31 23.16
CA VAL B 412 10.97 64.24 23.79
C VAL B 412 11.71 65.54 24.06
N VAL B 413 11.40 66.58 23.29
CA VAL B 413 12.03 67.88 23.49
C VAL B 413 11.60 68.48 24.82
N ASN B 414 10.30 68.49 25.10
CA ASN B 414 9.77 68.98 26.35
C ASN B 414 8.37 68.43 26.53
N GLU B 415 7.64 69.00 27.51
CA GLU B 415 6.33 68.46 27.84
C GLU B 415 5.31 68.67 26.72
N ARG B 416 5.48 69.70 25.90
CA ARG B 416 4.49 70.02 24.87
C ARG B 416 4.86 69.54 23.48
N SER B 417 6.14 69.28 23.19
CA SER B 417 6.55 68.89 21.86
C SER B 417 7.50 67.70 21.94
N ALA B 418 7.57 66.94 20.85
CA ALA B 418 8.41 65.75 20.81
C ALA B 418 8.64 65.35 19.37
N PHE B 419 9.66 64.51 19.17
CA PHE B 419 9.95 63.89 17.88
C PHE B 419 9.68 62.40 18.02
N LEU B 420 8.93 61.84 17.08
CA LEU B 420 8.59 60.42 17.11
C LEU B 420 8.93 59.80 15.76
N TRP B 421 9.58 58.64 15.80
CA TRP B 421 9.98 57.93 14.59
C TRP B 421 8.94 56.84 14.29
N THR B 422 7.87 57.23 13.61
CA THR B 422 6.87 56.26 13.17
C THR B 422 7.35 55.46 11.97
N VAL B 423 8.34 55.94 11.25
CA VAL B 423 8.94 55.24 10.13
C VAL B 423 10.34 54.81 10.56
N GLY B 424 10.67 53.55 10.36
CA GLY B 424 11.99 53.08 10.73
C GLY B 424 12.05 51.57 10.72
N TYR B 425 13.05 51.05 11.42
CA TYR B 425 13.25 49.62 11.53
C TYR B 425 12.37 49.02 12.61
N VAL B 426 11.74 47.89 12.29
CA VAL B 426 11.11 47.02 13.27
C VAL B 426 11.62 45.61 13.02
N PRO B 427 12.11 44.89 14.04
CA PRO B 427 12.84 43.64 13.75
C PRO B 427 12.03 42.57 13.08
N LYS B 428 10.72 42.50 13.33
CA LYS B 428 9.92 41.39 12.81
C LYS B 428 9.90 41.39 11.28
N ILE B 429 9.74 42.57 10.68
CA ILE B 429 9.62 42.63 9.23
C ILE B 429 11.00 42.53 8.56
N GLN B 430 12.06 42.49 9.36
CA GLN B 430 13.46 42.25 8.96
C GLN B 430 14.07 43.46 8.24
N THR B 431 13.27 44.46 7.89
CA THR B 431 13.79 45.59 7.13
C THR B 431 13.22 46.86 7.74
N ALA B 432 13.75 48.00 7.30
CA ALA B 432 13.15 49.27 7.63
C ALA B 432 11.89 49.48 6.81
N LEU B 433 11.01 50.32 7.33
CA LEU B 433 9.82 50.72 6.58
C LEU B 433 10.15 51.68 5.44
N SER B 434 11.32 52.31 5.48
CA SER B 434 11.71 53.32 4.50
C SER B 434 12.89 52.78 3.68
N MET B 435 13.48 53.56 2.77
CA MET B 435 14.66 53.12 2.04
C MET B 435 15.91 53.78 2.62
N GLU B 436 15.91 55.10 2.71
CA GLU B 436 17.01 55.82 3.32
C GLU B 436 16.74 55.95 4.81
N VAL B 437 17.51 56.80 5.49
CA VAL B 437 17.25 57.06 6.91
C VAL B 437 15.91 57.79 7.03
N PRO B 438 14.96 57.27 7.80
CA PRO B 438 13.61 57.83 7.81
C PRO B 438 13.57 59.15 8.57
N ASN B 439 12.50 59.91 8.33
CA ASN B 439 12.26 61.16 9.02
C ASN B 439 11.21 60.98 10.10
N PRO B 440 11.44 61.51 11.29
CA PRO B 440 10.48 61.37 12.38
C PRO B 440 9.28 62.28 12.17
N LEU B 441 8.27 62.08 13.02
CA LEU B 441 7.08 62.90 13.03
C LEU B 441 7.25 63.95 14.12
N PHE B 442 7.01 65.21 13.79
CA PHE B 442 7.05 66.27 14.79
C PHE B 442 5.68 66.42 15.43
N ILE B 443 5.54 65.92 16.65
CA ILE B 443 4.28 66.00 17.39
C ILE B 443 4.39 67.11 18.42
N GLU B 444 3.49 68.09 18.30
CA GLU B 444 3.43 69.20 19.25
C GLU B 444 2.01 69.30 19.79
N ILE B 445 1.89 69.39 21.10
CA ILE B 445 0.59 69.62 21.72
C ILE B 445 0.33 71.11 21.65
N ASN B 446 -0.26 71.56 20.55
CA ASN B 446 -0.40 73.00 20.31
C ASN B 446 -1.36 73.64 21.31
N LYS B 447 -2.46 72.97 21.62
CA LYS B 447 -3.46 73.51 22.52
C LYS B 447 -3.99 72.42 23.43
N GLY B 448 -4.77 72.80 24.43
CA GLY B 448 -5.13 71.89 25.50
C GLY B 448 -3.91 71.69 26.39
N GLU B 449 -3.89 70.65 27.22
CA GLU B 449 -2.67 70.40 27.96
C GLU B 449 -2.00 69.10 27.52
N ALA B 450 -2.68 67.97 27.73
CA ALA B 450 -2.23 66.63 27.35
C ALA B 450 -0.82 66.26 27.83
N ASP B 451 -0.66 65.05 28.36
CA ASP B 451 0.67 64.55 28.61
C ASP B 451 1.28 63.96 27.35
N ILE B 452 2.57 64.25 27.12
CA ILE B 452 3.17 63.98 25.82
C ILE B 452 3.30 62.48 25.59
N LYS B 453 3.48 61.70 26.66
CA LYS B 453 3.64 60.27 26.50
C LYS B 453 2.41 59.62 25.91
N GLN B 454 1.22 59.99 26.38
CA GLN B 454 0.01 59.40 25.84
C GLN B 454 -0.23 59.86 24.41
N VAL B 455 0.13 61.11 24.11
CA VAL B 455 -0.02 61.60 22.73
C VAL B 455 0.87 60.81 21.79
N LEU B 456 2.11 60.52 22.21
CA LEU B 456 3.01 59.71 21.42
C LEU B 456 2.62 58.23 21.40
N LYS B 457 1.83 57.77 22.36
CA LYS B 457 1.44 56.37 22.43
C LYS B 457 0.16 56.07 21.68
N ASP B 458 -0.60 57.08 21.27
CA ASP B 458 -1.80 56.89 20.47
C ASP B 458 -1.55 57.08 18.98
N ILE B 459 -0.69 58.03 18.60
CA ILE B 459 -0.36 58.22 17.20
C ILE B 459 0.33 56.97 16.65
N LEU B 460 1.24 56.39 17.42
CA LEU B 460 1.85 55.13 17.02
C LEU B 460 0.80 54.04 16.85
N SER B 461 -0.18 54.00 17.76
CA SER B 461 -1.28 53.06 17.62
C SER B 461 -2.11 53.37 16.38
N LEU B 462 -2.38 54.65 16.12
CA LEU B 462 -3.14 55.03 14.94
C LEU B 462 -2.46 54.62 13.65
N THR B 463 -1.13 54.56 13.64
CA THR B 463 -0.41 54.19 12.42
C THR B 463 -0.61 52.75 12.00
N LYS B 464 -1.49 52.00 12.66
CA LYS B 464 -1.71 50.60 12.32
C LYS B 464 -3.04 50.33 11.63
N LEU B 465 -4.01 51.24 11.73
CA LEU B 465 -5.34 51.02 11.16
C LEU B 465 -5.47 51.55 9.75
N ASN B 466 -4.58 51.20 8.84
CA ASN B 466 -4.69 51.59 7.44
C ASN B 466 -5.33 50.46 6.67
N TYR B 467 -6.67 50.48 6.59
CA TYR B 467 -7.40 49.40 5.93
C TYR B 467 -7.23 49.40 4.42
N ASN B 468 -6.63 50.44 3.84
CA ASN B 468 -6.37 50.45 2.41
C ASN B 468 -5.16 49.59 2.04
N ALA B 469 -4.31 49.26 3.01
CA ALA B 469 -3.09 48.51 2.74
C ALA B 469 -2.83 47.51 3.87
N CYS B 470 -2.35 46.34 3.51
CA CYS B 470 -2.01 45.31 4.49
C CYS B 470 -0.50 45.36 4.73
N ILE B 471 -0.09 46.37 5.51
CA ILE B 471 1.31 46.57 5.87
C ILE B 471 1.45 46.45 7.38
N PHE B 472 2.69 46.40 7.84
CA PHE B 472 2.95 46.32 9.28
C PHE B 472 2.44 47.56 9.99
N ALA B 473 2.80 48.74 9.47
CA ALA B 473 2.41 49.99 10.10
C ALA B 473 2.53 51.10 9.07
N ASP B 474 1.87 52.22 9.37
CA ASP B 474 1.85 53.38 8.50
C ASP B 474 2.85 54.41 8.99
N GLY B 475 3.27 55.30 8.09
CA GLY B 475 4.17 56.36 8.47
C GLY B 475 3.51 57.53 9.17
N GLU B 476 2.23 57.75 8.91
CA GLU B 476 1.47 58.82 9.55
C GLU B 476 0.19 58.25 10.12
N PRO B 477 -0.36 58.86 11.17
CA PRO B 477 -1.59 58.33 11.76
C PRO B 477 -2.74 58.31 10.75
N VAL B 478 -3.59 57.30 10.83
CA VAL B 478 -4.62 57.11 9.81
C VAL B 478 -5.72 58.17 9.85
N THR B 479 -5.80 58.96 10.92
CA THR B 479 -6.72 60.08 10.90
C THR B 479 -6.32 61.10 9.85
N LEU B 480 -5.05 61.51 9.86
CA LEU B 480 -4.54 62.46 8.88
C LEU B 480 -4.39 61.85 7.49
N ARG B 481 -4.41 60.53 7.36
CA ARG B 481 -4.33 59.89 6.06
C ARG B 481 -5.69 59.67 5.43
N PHE B 482 -6.62 59.05 6.15
CA PHE B 482 -7.96 58.88 5.61
C PHE B 482 -8.67 60.21 5.48
N ALA B 483 -8.35 61.17 6.35
CA ALA B 483 -8.86 62.52 6.17
C ALA B 483 -8.34 63.14 4.88
N ASP B 484 -7.07 62.94 4.57
CA ASP B 484 -6.52 63.45 3.32
C ASP B 484 -7.19 62.80 2.12
N LYS B 485 -7.40 61.48 2.18
CA LYS B 485 -8.06 60.81 1.06
C LYS B 485 -9.50 61.30 0.88
N ILE B 486 -10.24 61.40 1.99
CA ILE B 486 -11.65 61.78 1.90
C ILE B 486 -11.78 63.23 1.45
N GLY B 487 -10.78 64.06 1.79
CA GLY B 487 -10.74 65.40 1.23
C GLY B 487 -10.40 65.43 -0.24
N GLU B 488 -9.44 64.63 -0.68
CA GLU B 488 -9.06 64.57 -2.08
C GLU B 488 -10.18 64.03 -2.96
N ILE B 489 -11.09 63.22 -2.40
CA ILE B 489 -12.23 62.72 -3.13
C ILE B 489 -13.41 63.71 -3.13
N LEU B 490 -13.63 64.42 -2.03
CA LEU B 490 -14.79 65.30 -1.90
C LEU B 490 -14.59 66.68 -2.49
N THR B 491 -13.38 67.01 -2.97
CA THR B 491 -13.12 68.29 -3.61
C THR B 491 -12.98 68.17 -5.11
N ALA B 492 -13.40 67.05 -5.69
CA ALA B 492 -13.41 66.87 -7.13
C ALA B 492 -14.76 67.14 -7.76
N SER B 493 -15.85 67.03 -7.01
CA SER B 493 -17.19 67.25 -7.51
C SER B 493 -17.91 68.25 -6.61
N THR B 494 -18.50 69.28 -7.23
CA THR B 494 -19.18 70.33 -6.49
C THR B 494 -20.65 70.04 -6.22
N ASP B 495 -21.22 69.00 -6.83
CA ASP B 495 -22.64 68.70 -6.71
C ASP B 495 -22.94 67.75 -5.57
N ILE B 496 -21.93 67.41 -4.76
CA ILE B 496 -22.12 66.47 -3.66
C ILE B 496 -22.86 67.15 -2.51
N LYS B 497 -23.70 66.39 -1.84
CA LYS B 497 -24.52 66.89 -0.74
C LYS B 497 -24.72 65.77 0.27
N THR B 498 -24.34 66.03 1.51
CA THR B 498 -24.38 65.05 2.60
C THR B 498 -23.64 63.79 2.15
N PRO B 499 -22.32 63.83 2.06
CA PRO B 499 -21.57 62.69 1.52
C PRO B 499 -21.58 61.53 2.49
N PRO B 500 -21.41 60.31 2.00
CA PRO B 500 -21.31 59.15 2.89
C PRO B 500 -20.10 59.25 3.80
N LEU B 501 -20.23 58.72 5.01
CA LEU B 501 -19.16 58.78 6.01
C LEU B 501 -18.44 57.45 6.17
N ALA B 502 -18.79 56.43 5.39
CA ALA B 502 -18.10 55.16 5.45
C ALA B 502 -16.94 55.16 4.47
N PHE B 503 -15.83 54.54 4.88
CA PHE B 503 -14.63 54.57 4.06
C PHE B 503 -14.69 53.58 2.92
N LYS B 504 -15.73 52.75 2.86
CA LYS B 504 -15.91 51.83 1.75
C LYS B 504 -15.98 52.60 0.44
N TYR B 505 -16.55 53.80 0.49
CA TYR B 505 -16.81 54.60 -0.69
C TYR B 505 -15.69 55.56 -1.01
N TYR B 506 -14.58 55.49 -0.29
CA TYR B 506 -13.50 56.46 -0.41
C TYR B 506 -12.15 55.84 -0.68
N ILE B 507 -11.86 54.69 -0.08
CA ILE B 507 -10.55 54.07 -0.26
C ILE B 507 -10.66 52.85 -1.16
N MET E 1 -24.06 -8.24 6.46
CA MET E 1 -25.05 -8.24 5.39
C MET E 1 -24.73 -7.17 4.34
N ARG E 2 -25.10 -7.45 3.09
CA ARG E 2 -24.89 -6.50 2.01
C ARG E 2 -26.09 -5.56 1.92
N ASN E 3 -25.93 -4.33 2.37
CA ASN E 3 -27.00 -3.34 2.32
C ASN E 3 -26.45 -1.98 1.89
N LYS E 4 -25.56 -1.99 0.89
CA LYS E 4 -25.00 -0.76 0.36
C LYS E 4 -25.29 -0.68 -1.13
N ILE E 5 -25.35 0.56 -1.62
CA ILE E 5 -25.63 0.83 -3.03
C ILE E 5 -24.41 1.56 -3.57
N PHE E 6 -23.47 0.81 -4.15
CA PHE E 6 -22.29 1.42 -4.73
C PHE E 6 -22.67 2.26 -5.95
N ILE E 7 -22.02 3.42 -6.08
CA ILE E 7 -22.27 4.30 -7.21
C ILE E 7 -20.96 4.59 -7.92
N SER E 8 -20.61 3.77 -8.90
CA SER E 8 -19.45 4.09 -9.74
C SER E 8 -19.81 5.23 -10.67
N HIS E 9 -18.84 6.11 -10.91
CA HIS E 9 -19.10 7.29 -11.73
C HIS E 9 -17.79 7.95 -12.08
N ALA E 10 -17.88 8.95 -12.96
CA ALA E 10 -16.77 9.85 -13.16
C ALA E 10 -16.65 10.80 -11.97
N THR E 11 -15.68 10.55 -11.11
CA THR E 11 -15.58 11.33 -9.87
C THR E 11 -15.15 12.78 -10.08
N PRO E 12 -14.31 13.14 -11.08
CA PRO E 12 -14.02 14.58 -11.25
C PRO E 12 -15.07 15.31 -12.08
N ASP E 13 -15.75 14.60 -12.98
CA ASP E 13 -16.66 15.24 -13.91
C ASP E 13 -18.13 15.03 -13.54
N ASP E 14 -18.50 13.79 -13.28
CA ASP E 14 -19.89 13.45 -12.96
C ASP E 14 -20.16 13.64 -11.47
N ASN E 15 -19.35 14.47 -10.83
CA ASN E 15 -19.37 14.59 -9.38
C ASN E 15 -20.71 15.13 -8.88
N ASP E 16 -21.26 16.13 -9.57
CA ASP E 16 -22.43 16.83 -9.05
C ASP E 16 -23.68 15.95 -9.05
N PHE E 17 -23.95 15.27 -10.18
CA PHE E 17 -25.11 14.39 -10.24
C PHE E 17 -24.97 13.25 -9.26
N THR E 18 -23.76 12.69 -9.14
CA THR E 18 -23.54 11.59 -8.22
C THR E 18 -23.78 12.04 -6.78
N ARG E 19 -23.31 13.24 -6.44
CA ARG E 19 -23.55 13.77 -5.10
C ARG E 19 -25.04 13.93 -4.84
N TRP E 20 -25.77 14.50 -5.80
CA TRP E 20 -27.20 14.71 -5.61
C TRP E 20 -27.93 13.38 -5.46
N LEU E 21 -27.59 12.41 -6.30
CA LEU E 21 -28.25 11.11 -6.26
C LEU E 21 -27.97 10.40 -4.95
N ALA E 22 -26.71 10.43 -4.50
CA ALA E 22 -26.35 9.79 -3.25
C ALA E 22 -27.08 10.45 -2.08
N LEU E 23 -27.14 11.77 -2.08
CA LEU E 23 -27.85 12.46 -1.00
C LEU E 23 -29.33 12.11 -0.99
N LYS E 24 -29.96 12.04 -2.17
CA LYS E 24 -31.37 11.69 -2.24
C LYS E 24 -31.60 10.26 -1.77
N LEU E 25 -30.72 9.34 -2.16
CA LEU E 25 -30.88 7.96 -1.73
C LEU E 25 -30.68 7.82 -0.22
N ILE E 26 -29.74 8.57 0.35
CA ILE E 26 -29.55 8.56 1.79
C ILE E 26 -30.78 9.13 2.49
N GLY E 27 -31.36 10.19 1.93
CA GLY E 27 -32.55 10.76 2.52
C GLY E 27 -33.74 9.83 2.48
N LEU E 28 -33.68 8.82 1.61
CA LEU E 28 -34.73 7.82 1.49
C LEU E 28 -34.47 6.59 2.35
N GLY E 29 -33.42 6.61 3.17
CA GLY E 29 -33.09 5.48 4.01
C GLY E 29 -32.21 4.43 3.36
N TYR E 30 -31.79 4.63 2.12
CA TYR E 30 -30.94 3.68 1.42
C TYR E 30 -29.49 3.95 1.78
N GLU E 31 -28.83 2.98 2.42
CA GLU E 31 -27.41 3.11 2.67
C GLU E 31 -26.64 3.14 1.36
N VAL E 32 -25.70 4.08 1.25
CA VAL E 32 -25.01 4.35 -0.01
C VAL E 32 -23.53 4.53 0.27
N TRP E 33 -22.72 3.98 -0.63
CA TRP E 33 -21.27 4.19 -0.61
C TRP E 33 -20.86 4.90 -1.90
N CYS E 34 -20.00 5.90 -1.75
CA CYS E 34 -19.48 6.65 -2.88
C CYS E 34 -18.19 7.33 -2.47
N ASP E 35 -17.23 7.39 -3.40
CA ASP E 35 -15.90 7.90 -3.05
C ASP E 35 -15.94 9.37 -2.66
N ILE E 36 -16.77 10.16 -3.34
CA ILE E 36 -16.75 11.62 -3.15
C ILE E 36 -17.15 12.01 -1.74
N LEU E 37 -18.01 11.22 -1.08
CA LEU E 37 -18.48 11.62 0.23
C LEU E 37 -18.38 10.52 1.28
N PHE E 38 -18.11 9.27 0.89
CA PHE E 38 -17.98 8.20 1.86
C PHE E 38 -16.59 7.59 1.95
N LEU E 39 -15.72 7.84 0.97
CA LEU E 39 -14.37 7.31 1.04
C LEU E 39 -13.55 8.05 2.08
N ASP E 40 -12.85 7.29 2.92
CA ASP E 40 -12.07 7.87 4.00
C ASP E 40 -10.73 8.38 3.49
N LYS E 41 -10.25 9.45 4.09
CA LYS E 41 -8.95 10.00 3.72
C LYS E 41 -7.83 9.18 4.32
N GLY E 42 -6.70 9.12 3.61
CA GLY E 42 -5.54 8.40 4.11
C GLY E 42 -5.73 6.90 4.20
N VAL E 43 -6.36 6.30 3.19
CA VAL E 43 -6.57 4.85 3.16
C VAL E 43 -6.22 4.36 1.77
N ASP E 44 -5.92 3.07 1.67
CA ASP E 44 -5.75 2.44 0.37
C ASP E 44 -7.11 2.34 -0.29
N PHE E 45 -7.42 3.27 -1.19
CA PHE E 45 -8.78 3.41 -1.69
C PHE E 45 -9.20 2.19 -2.51
N TRP E 46 -8.29 1.61 -3.29
CA TRP E 46 -8.67 0.46 -4.10
C TRP E 46 -9.03 -0.74 -3.24
N SER E 47 -8.29 -0.97 -2.16
CA SER E 47 -8.63 -2.08 -1.28
C SER E 47 -9.98 -1.86 -0.61
N ASN E 48 -10.26 -0.63 -0.19
CA ASN E 48 -11.55 -0.33 0.43
C ASN E 48 -12.69 -0.52 -0.55
N ILE E 49 -12.51 -0.07 -1.79
CA ILE E 49 -13.55 -0.24 -2.81
C ILE E 49 -13.74 -1.72 -3.14
N GLU E 50 -12.63 -2.46 -3.21
CA GLU E 50 -12.70 -3.91 -3.38
C GLU E 50 -13.55 -4.56 -2.30
N LYS E 51 -13.28 -4.21 -1.04
CA LYS E 51 -14.05 -4.78 0.06
C LYS E 51 -15.52 -4.40 -0.05
N VAL E 52 -15.80 -3.14 -0.38
CA VAL E 52 -17.19 -2.68 -0.46
C VAL E 52 -17.94 -3.41 -1.56
N ILE E 53 -17.33 -3.54 -2.74
CA ILE E 53 -18.02 -4.19 -3.85
C ILE E 53 -18.20 -5.67 -3.57
N ARG E 54 -17.16 -6.33 -3.04
CA ARG E 54 -17.25 -7.78 -2.86
C ARG E 54 -18.18 -8.16 -1.72
N GLU E 55 -18.17 -7.40 -0.63
CA GLU E 55 -18.80 -7.84 0.61
C GLU E 55 -20.06 -7.06 0.96
N ASP E 56 -20.04 -5.74 0.87
CA ASP E 56 -21.13 -4.92 1.39
C ASP E 56 -22.06 -4.38 0.32
N THR E 57 -21.71 -4.48 -0.96
CA THR E 57 -22.52 -3.88 -2.02
C THR E 57 -23.76 -4.75 -2.25
N CYS E 58 -24.91 -4.24 -1.83
CA CYS E 58 -26.17 -4.90 -2.16
C CYS E 58 -26.50 -4.74 -3.64
N LYS E 59 -26.36 -3.52 -4.16
CA LYS E 59 -26.66 -3.24 -5.55
C LYS E 59 -25.64 -2.26 -6.10
N PHE E 60 -25.37 -2.37 -7.39
CA PHE E 60 -24.36 -1.58 -8.08
C PHE E 60 -25.03 -0.63 -9.05
N LEU E 61 -24.73 0.66 -8.93
CA LEU E 61 -25.26 1.69 -9.81
C LEU E 61 -24.12 2.30 -10.59
N LEU E 62 -24.13 2.11 -11.91
CA LEU E 62 -23.07 2.61 -12.78
C LEU E 62 -23.56 3.86 -13.50
N VAL E 63 -23.02 5.02 -13.11
CA VAL E 63 -23.37 6.28 -13.76
C VAL E 63 -22.67 6.30 -15.11
N SER E 64 -23.44 6.19 -16.18
CA SER E 64 -22.91 6.09 -17.54
C SER E 64 -23.03 7.44 -18.23
N SER E 65 -21.92 7.96 -18.73
CA SER E 65 -21.88 9.21 -19.47
C SER E 65 -20.82 9.09 -20.55
N SER E 66 -20.60 10.19 -21.27
CA SER E 66 -19.58 10.20 -22.30
C SER E 66 -18.19 9.92 -21.75
N TYR E 67 -17.88 10.45 -20.56
CA TYR E 67 -16.58 10.18 -19.94
C TYR E 67 -16.53 8.77 -19.36
N SER E 68 -17.67 8.30 -18.84
CA SER E 68 -17.67 7.09 -18.02
C SER E 68 -17.51 5.82 -18.83
N ASN E 69 -17.60 5.88 -20.16
CA ASN E 69 -17.55 4.65 -20.95
C ASN E 69 -16.15 4.03 -20.96
N GLN E 70 -15.12 4.83 -21.20
CA GLN E 70 -13.84 4.28 -21.59
C GLN E 70 -12.67 4.64 -20.67
N ARG E 71 -12.93 5.19 -19.49
CA ARG E 71 -11.83 5.51 -18.60
C ARG E 71 -11.62 4.39 -17.58
N GLU E 72 -10.37 4.22 -17.15
CA GLU E 72 -9.92 2.96 -16.57
C GLU E 72 -10.65 2.61 -15.28
N GLY E 73 -10.77 3.56 -14.35
CA GLY E 73 -11.29 3.23 -13.03
C GLY E 73 -12.73 2.75 -13.06
N VAL E 74 -13.56 3.41 -13.88
CA VAL E 74 -14.96 3.00 -14.01
C VAL E 74 -15.04 1.58 -14.54
N LEU E 75 -14.24 1.26 -15.56
CA LEU E 75 -14.24 -0.08 -16.12
C LEU E 75 -13.77 -1.11 -15.10
N LYS E 76 -12.77 -0.76 -14.30
CA LYS E 76 -12.26 -1.68 -13.28
C LYS E 76 -13.35 -1.99 -12.25
N GLU E 77 -14.03 -0.95 -11.75
CA GLU E 77 -15.10 -1.17 -10.80
C GLU E 77 -16.23 -1.96 -11.42
N LEU E 78 -16.54 -1.71 -12.69
CA LEU E 78 -17.59 -2.47 -13.37
C LEU E 78 -17.21 -3.94 -13.51
N ALA E 79 -15.94 -4.22 -13.81
CA ALA E 79 -15.49 -5.60 -13.92
C ALA E 79 -15.59 -6.32 -12.59
N VAL E 80 -15.19 -5.64 -11.50
CA VAL E 80 -15.33 -6.24 -10.18
C VAL E 80 -16.80 -6.50 -9.87
N ALA E 81 -17.68 -5.54 -10.22
CA ALA E 81 -19.10 -5.72 -10.00
C ALA E 81 -19.66 -6.88 -10.81
N ALA E 82 -19.15 -7.09 -12.03
CA ALA E 82 -19.59 -8.22 -12.83
C ALA E 82 -19.16 -9.53 -12.19
N LYS E 83 -17.95 -9.58 -11.64
CA LYS E 83 -17.50 -10.77 -10.93
C LYS E 83 -18.41 -11.06 -9.73
N VAL E 84 -18.76 -10.01 -8.98
CA VAL E 84 -19.68 -10.20 -7.85
C VAL E 84 -21.06 -10.62 -8.33
N LYS E 85 -21.49 -10.12 -9.49
CA LYS E 85 -22.76 -10.54 -10.06
C LYS E 85 -22.76 -12.03 -10.38
N LYS E 86 -21.66 -12.52 -10.96
CA LYS E 86 -21.53 -13.96 -11.19
C LYS E 86 -21.56 -14.72 -9.87
N GLN E 87 -20.88 -14.20 -8.85
CA GLN E 87 -20.76 -14.93 -7.59
C GLN E 87 -22.10 -15.01 -6.86
N LEU E 88 -22.88 -13.93 -6.86
CA LEU E 88 -24.12 -13.90 -6.09
C LEU E 88 -25.28 -14.53 -6.84
N LYS E 89 -25.13 -14.77 -8.15
CA LYS E 89 -26.20 -15.24 -9.01
C LYS E 89 -27.40 -14.28 -8.95
N ASP E 90 -27.12 -13.04 -9.35
CA ASP E 90 -28.13 -11.98 -9.32
C ASP E 90 -28.02 -11.19 -10.63
N ASP E 91 -28.92 -11.48 -11.57
CA ASP E 91 -28.85 -10.85 -12.89
C ASP E 91 -29.08 -9.34 -12.84
N LYS E 92 -29.61 -8.82 -11.73
CA LYS E 92 -29.97 -7.41 -11.60
C LYS E 92 -28.96 -6.64 -10.77
N PHE E 93 -27.73 -7.14 -10.63
CA PHE E 93 -26.73 -6.51 -9.78
C PHE E 93 -26.34 -5.13 -10.30
N ILE E 94 -25.98 -5.05 -11.58
CA ILE E 94 -25.48 -3.82 -12.16
C ILE E 94 -26.66 -3.11 -12.82
N ILE E 95 -26.93 -1.89 -12.38
CA ILE E 95 -28.01 -1.09 -12.94
C ILE E 95 -27.40 0.19 -13.51
N PRO E 96 -27.00 0.19 -14.78
CA PRO E 96 -26.38 1.40 -15.35
C PRO E 96 -27.37 2.56 -15.41
N LEU E 97 -26.84 3.76 -15.24
CA LEU E 97 -27.64 4.98 -15.28
C LEU E 97 -27.10 5.90 -16.36
N ALA E 98 -27.96 6.32 -17.26
CA ALA E 98 -27.56 7.15 -18.40
C ALA E 98 -28.00 8.58 -18.16
N ILE E 99 -27.03 9.49 -18.02
CA ILE E 99 -27.32 10.90 -17.79
C ILE E 99 -26.89 11.76 -18.96
N ASP E 100 -26.37 11.16 -20.03
CA ASP E 100 -25.83 11.90 -21.16
C ASP E 100 -26.73 11.69 -22.37
N GLU E 101 -27.41 12.75 -22.80
CA GLU E 101 -28.21 12.68 -24.01
C GLU E 101 -27.34 12.41 -25.24
N GLN E 102 -26.14 13.00 -25.28
CA GLN E 102 -25.21 12.76 -26.36
C GLN E 102 -24.74 11.31 -26.43
N LEU E 103 -24.78 10.59 -25.31
CA LEU E 103 -24.34 9.20 -25.26
C LEU E 103 -25.35 8.35 -26.02
N SER E 104 -25.06 8.08 -27.29
CA SER E 104 -25.92 7.23 -28.10
C SER E 104 -25.88 5.80 -27.58
N TYR E 105 -27.02 5.11 -27.70
CA TYR E 105 -27.10 3.73 -27.22
C TYR E 105 -26.21 2.80 -28.04
N ASP E 106 -25.76 3.24 -29.21
CA ASP E 106 -24.93 2.38 -30.04
C ASP E 106 -23.49 2.32 -29.52
N ASP E 107 -22.99 3.42 -28.98
CA ASP E 107 -21.59 3.52 -28.58
C ASP E 107 -21.37 3.24 -27.09
N ILE E 108 -22.41 2.86 -26.35
CA ILE E 108 -22.25 2.52 -24.95
C ILE E 108 -21.40 1.26 -24.82
N ASN E 109 -20.70 1.14 -23.69
CA ASN E 109 -19.91 -0.07 -23.41
C ASN E 109 -20.79 -1.30 -23.43
N ILE E 110 -20.32 -2.34 -24.12
CA ILE E 110 -21.14 -3.52 -24.41
C ILE E 110 -21.61 -4.18 -23.12
N ASP E 111 -20.74 -4.24 -22.11
CA ASP E 111 -21.06 -4.93 -20.86
C ASP E 111 -22.31 -4.35 -20.22
N ILE E 112 -22.57 -3.07 -20.46
CA ILE E 112 -23.80 -2.45 -19.96
C ILE E 112 -24.80 -2.16 -21.06
N VAL E 113 -24.42 -2.31 -22.34
CA VAL E 113 -25.42 -2.35 -23.41
C VAL E 113 -26.32 -3.55 -23.22
N ARG E 114 -25.74 -4.70 -22.89
CA ARG E 114 -26.54 -5.89 -22.64
C ARG E 114 -27.54 -5.66 -21.50
N LEU E 115 -27.14 -4.91 -20.48
CA LEU E 115 -28.02 -4.62 -19.37
C LEU E 115 -29.00 -3.52 -19.73
N ASN E 116 -30.13 -3.47 -19.02
CA ASN E 116 -31.09 -2.40 -19.19
C ASN E 116 -30.76 -1.23 -18.28
N ALA E 117 -30.97 -0.02 -18.79
CA ALA E 117 -30.59 1.20 -18.10
C ALA E 117 -31.82 1.98 -17.67
N ILE E 118 -31.62 2.87 -16.71
CA ILE E 118 -32.68 3.71 -16.18
C ILE E 118 -32.50 5.12 -16.73
N ASP E 119 -33.58 5.70 -17.24
CA ASP E 119 -33.50 6.91 -18.04
C ASP E 119 -33.35 8.15 -17.16
N PHE E 120 -32.20 8.80 -17.26
CA PHE E 120 -31.95 10.06 -16.56
C PHE E 120 -31.67 11.21 -17.52
N LYS E 121 -31.65 10.94 -18.83
CA LYS E 121 -31.20 11.96 -19.78
C LYS E 121 -32.15 13.15 -19.83
N MET E 122 -33.45 12.90 -19.80
CA MET E 122 -34.42 13.99 -19.95
C MET E 122 -34.74 14.66 -18.62
N SER E 123 -34.96 13.87 -17.57
CA SER E 123 -35.18 14.42 -16.24
C SER E 123 -34.49 13.55 -15.21
N TRP E 124 -34.00 14.20 -14.16
CA TRP E 124 -33.36 13.49 -13.05
C TRP E 124 -34.37 13.06 -11.99
N ALA E 125 -35.63 13.41 -12.14
CA ALA E 125 -36.67 13.02 -11.20
C ALA E 125 -37.43 11.77 -11.64
N ARG E 126 -37.76 11.67 -12.93
CA ARG E 126 -38.33 10.42 -13.43
C ARG E 126 -37.32 9.28 -13.29
N GLY E 127 -36.04 9.57 -13.50
CA GLY E 127 -35.03 8.55 -13.25
C GLY E 127 -34.99 8.10 -11.81
N LEU E 128 -35.09 9.05 -10.88
CA LEU E 128 -35.12 8.70 -9.47
C LEU E 128 -36.36 7.87 -9.13
N LYS E 129 -37.51 8.24 -9.70
CA LYS E 129 -38.71 7.44 -9.54
C LYS E 129 -38.50 6.02 -10.04
N ASP E 130 -37.89 5.87 -11.22
CA ASP E 130 -37.64 4.55 -11.78
C ASP E 130 -36.71 3.75 -10.89
N ILE E 131 -35.65 4.39 -10.39
CA ILE E 131 -34.72 3.70 -9.50
C ILE E 131 -35.43 3.23 -8.25
N LEU E 132 -36.26 4.08 -7.65
CA LEU E 132 -36.98 3.70 -6.44
C LEU E 132 -37.95 2.56 -6.69
N GLU E 133 -38.66 2.60 -7.82
CA GLU E 133 -39.59 1.53 -8.14
C GLU E 133 -38.85 0.22 -8.37
N ALA E 134 -37.72 0.26 -9.07
CA ALA E 134 -36.94 -0.94 -9.28
C ALA E 134 -36.40 -1.50 -7.96
N PHE E 135 -35.93 -0.62 -7.08
CA PHE E 135 -35.43 -1.04 -5.79
C PHE E 135 -36.51 -1.63 -4.90
N GLU E 136 -37.73 -1.08 -4.92
CA GLU E 136 -38.83 -1.66 -4.19
C GLU E 136 -39.23 -3.02 -4.78
N LYS E 137 -39.26 -3.12 -6.10
CA LYS E 137 -39.59 -4.39 -6.73
C LYS E 137 -38.51 -5.43 -6.48
N GLN E 138 -37.24 -5.04 -6.57
CA GLN E 138 -36.12 -5.97 -6.39
C GLN E 138 -35.78 -6.19 -4.93
N LYS E 139 -36.48 -5.53 -4.01
CA LYS E 139 -36.33 -5.76 -2.57
C LYS E 139 -34.91 -5.47 -2.09
N VAL E 140 -34.46 -4.25 -2.36
CA VAL E 140 -33.22 -3.77 -1.74
C VAL E 140 -33.52 -3.32 -0.31
N PRO E 141 -32.82 -3.84 0.69
CA PRO E 141 -33.12 -3.43 2.07
C PRO E 141 -32.90 -1.95 2.27
N LYS E 142 -33.81 -1.34 3.04
CA LYS E 142 -33.70 0.07 3.41
C LYS E 142 -33.99 0.17 4.90
N GLU E 143 -33.13 0.87 5.63
CA GLU E 143 -33.38 1.14 7.04
C GLU E 143 -34.26 2.39 7.12
N VAL E 144 -35.40 2.27 7.80
CA VAL E 144 -36.46 3.28 7.69
C VAL E 144 -36.00 4.62 8.24
N ALA E 145 -35.19 4.59 9.30
CA ALA E 145 -34.65 5.80 9.91
C ALA E 145 -35.76 6.78 10.30
N ASP E 146 -35.76 7.95 9.66
CA ASP E 146 -36.65 9.06 9.98
C ASP E 146 -38.11 8.65 10.00
N ALA E 147 -38.55 7.96 8.94
CA ALA E 147 -39.90 7.38 8.82
C ALA E 147 -40.97 8.45 8.63
N SER E 148 -40.59 9.72 8.76
CA SER E 148 -41.51 10.80 8.39
C SER E 148 -40.91 11.62 7.26
N LYS E 149 -39.68 12.11 7.47
CA LYS E 149 -38.95 12.77 6.39
C LYS E 149 -38.80 11.86 5.19
N SER E 150 -38.43 10.60 5.41
CA SER E 150 -38.26 9.66 4.29
C SER E 150 -39.58 9.40 3.58
N ASN E 151 -40.66 9.19 4.33
CA ASN E 151 -41.95 8.90 3.72
C ASN E 151 -42.45 10.10 2.92
N LEU E 152 -42.31 11.30 3.46
CA LEU E 152 -42.80 12.48 2.74
C LEU E 152 -41.91 12.79 1.55
N LEU E 153 -40.61 12.49 1.63
CA LEU E 153 -39.76 12.59 0.45
C LEU E 153 -40.18 11.60 -0.62
N TYR E 154 -40.54 10.38 -0.22
CA TYR E 154 -41.02 9.39 -1.18
C TYR E 154 -42.31 9.87 -1.85
N GLN E 155 -43.20 10.47 -1.07
CA GLN E 155 -44.40 11.07 -1.66
C GLN E 155 -44.03 12.20 -2.62
N GLN E 156 -43.06 13.03 -2.24
CA GLN E 156 -42.69 14.17 -3.06
C GLN E 156 -42.05 13.74 -4.37
N ILE E 157 -41.32 12.62 -4.37
CA ILE E 157 -40.74 12.14 -5.64
C ILE E 157 -41.76 11.31 -6.40
N PHE E 158 -42.52 10.48 -5.70
CA PHE E 158 -43.49 9.60 -6.34
C PHE E 158 -44.91 10.11 -6.16
N LEU E 159 -45.86 14.11 -7.17
CA LEU E 159 -45.12 14.65 -8.31
C LEU E 159 -45.38 13.85 -9.58
N HIS E 160 -45.50 12.52 -9.43
CA HIS E 160 -45.72 11.67 -10.59
C HIS E 160 -47.08 11.00 -10.55
N ASP E 161 -47.62 10.75 -9.34
CA ASP E 161 -48.89 10.05 -9.19
C ASP E 161 -50.06 10.90 -9.69
N LYS E 162 -49.85 12.19 -9.86
CA LYS E 162 -50.91 13.16 -10.17
C LYS E 162 -50.50 13.88 -11.45
N SER E 163 -51.14 13.53 -12.55
CA SER E 163 -50.98 14.23 -13.82
C SER E 163 -52.30 14.17 -14.58
N VAL E 164 -52.39 15.00 -15.62
CA VAL E 164 -53.60 15.05 -16.43
C VAL E 164 -53.75 13.75 -17.21
N ILE E 165 -54.96 13.21 -17.23
CA ILE E 165 -55.27 12.00 -17.98
C ILE E 165 -56.24 12.36 -19.10
N GLU E 166 -56.12 11.68 -20.23
CA GLU E 166 -56.96 11.97 -21.39
C GLU E 166 -58.30 11.27 -21.26
N LYS E 167 -59.37 12.03 -21.06
CA LYS E 167 -60.69 11.47 -20.81
C LYS E 167 -61.71 12.57 -21.00
N GLU E 168 -62.73 12.31 -21.82
CA GLU E 168 -63.76 13.31 -22.09
C GLU E 168 -64.62 13.56 -20.86
N GLU E 169 -64.88 14.83 -20.57
CA GLU E 169 -65.63 15.23 -19.39
C GLU E 169 -66.66 16.27 -19.78
N ILE E 170 -67.82 16.25 -19.12
CA ILE E 170 -68.88 17.21 -19.38
C ILE E 170 -68.91 18.24 -18.26
N TYR E 171 -69.00 19.51 -18.63
CA TYR E 171 -69.06 20.61 -17.67
C TYR E 171 -70.33 21.41 -17.90
N ASP E 172 -70.87 21.96 -16.82
CA ASP E 172 -72.07 22.78 -16.87
C ASP E 172 -71.69 24.22 -16.56
N SER E 173 -72.08 25.13 -17.44
CA SER E 173 -71.79 26.55 -17.26
C SER E 173 -72.98 27.23 -16.59
N ASN E 174 -72.95 28.56 -16.56
CA ASN E 174 -74.08 29.36 -16.11
C ASN E 174 -74.65 30.22 -17.23
N TRP E 175 -74.36 29.88 -18.49
CA TRP E 175 -74.86 30.60 -19.66
C TRP E 175 -76.18 29.96 -20.07
N LEU E 176 -77.29 30.66 -19.83
CA LEU E 176 -78.60 30.19 -20.26
C LEU E 176 -78.80 30.62 -21.71
N SER E 177 -78.89 29.63 -22.59
CA SER E 177 -79.01 29.89 -24.02
C SER E 177 -80.31 30.60 -24.35
N ILE E 178 -80.23 31.60 -25.22
CA ILE E 178 -81.42 32.28 -25.72
C ILE E 178 -81.90 31.53 -26.95
N LEU E 179 -83.03 30.83 -26.79
CA LEU E 179 -83.50 29.93 -27.84
C LEU E 179 -84.12 30.63 -29.02
N SER E 180 -84.83 31.74 -28.81
CA SER E 180 -85.53 32.39 -29.90
C SER E 180 -85.64 33.88 -29.64
N PHE E 181 -85.78 34.64 -30.72
CA PHE E 181 -85.99 36.07 -30.69
C PHE E 181 -87.25 36.43 -31.47
N PRO E 182 -87.86 37.58 -31.16
CA PRO E 182 -88.96 38.07 -32.00
C PRO E 182 -88.46 38.41 -33.40
N GLU E 183 -89.39 38.35 -34.36
CA GLU E 183 -89.02 38.49 -35.77
C GLU E 183 -88.47 39.87 -36.11
N GLU E 184 -89.10 40.93 -35.60
CA GLU E 184 -88.74 42.28 -36.01
C GLU E 184 -88.53 43.17 -34.80
N LEU E 185 -87.46 43.97 -34.85
CA LEU E 185 -87.23 45.04 -33.89
C LEU E 185 -87.85 46.32 -34.43
N ARG E 186 -88.84 46.85 -33.73
CA ARG E 186 -89.65 47.95 -34.22
C ARG E 186 -89.26 49.25 -33.54
N PHE E 187 -89.14 50.30 -34.34
CA PHE E 187 -88.85 51.66 -33.85
C PHE E 187 -90.04 52.55 -34.22
N HIS E 188 -91.01 52.63 -33.32
CA HIS E 188 -92.22 53.38 -33.59
C HIS E 188 -91.99 54.86 -33.28
N GLU E 189 -92.19 55.71 -34.27
CA GLU E 189 -92.02 57.16 -34.10
C GLU E 189 -93.29 57.77 -33.49
N TYR E 190 -93.43 57.57 -32.17
CA TYR E 190 -94.54 58.16 -31.45
C TYR E 190 -94.47 59.69 -31.47
N ASN E 191 -93.25 60.23 -31.40
CA ASN E 191 -93.01 61.67 -31.47
C ASN E 191 -93.78 62.41 -30.40
N TRP E 192 -94.62 63.36 -30.82
CA TRP E 192 -95.43 64.13 -29.87
C TRP E 192 -96.38 63.24 -29.09
N MET E 193 -96.77 62.09 -29.63
CA MET E 193 -97.64 61.17 -28.92
C MET E 193 -96.95 60.59 -27.69
N LEU E 194 -95.63 60.54 -27.69
CA LEU E 194 -94.87 60.11 -26.53
C LEU E 194 -94.44 61.32 -25.71
N PRO E 195 -94.85 61.46 -24.45
CA PRO E 195 -94.38 62.57 -23.63
C PRO E 195 -92.86 62.53 -23.49
N LYS E 196 -92.22 63.65 -23.79
CA LYS E 196 -90.76 63.73 -23.68
C LYS E 196 -90.30 63.53 -22.25
N ARG E 197 -91.04 64.12 -21.29
CA ARG E 197 -90.72 63.98 -19.87
C ARG E 197 -91.52 62.82 -19.29
N PHE E 198 -91.16 61.61 -19.74
CA PHE E 198 -91.79 60.39 -19.28
C PHE E 198 -90.73 59.32 -19.07
N ASP E 199 -91.02 58.39 -18.16
CA ASP E 199 -90.11 57.29 -17.84
C ASP E 199 -90.49 56.07 -18.66
N VAL E 200 -89.67 55.77 -19.67
CA VAL E 200 -89.91 54.60 -20.51
C VAL E 200 -89.73 53.30 -19.74
N ARG E 201 -89.03 53.32 -18.61
CA ARG E 201 -88.84 52.13 -17.81
C ARG E 201 -90.13 51.64 -17.16
N GLU E 202 -91.13 52.49 -17.03
CA GLU E 202 -92.40 52.10 -16.43
C GLU E 202 -93.33 51.41 -17.42
N LEU E 203 -93.00 51.42 -18.70
CA LEU E 203 -93.82 50.74 -19.69
C LEU E 203 -93.86 49.25 -19.41
N THR E 204 -95.03 48.64 -19.61
CA THR E 204 -95.24 47.22 -19.31
C THR E 204 -94.25 46.36 -20.07
N PHE E 205 -94.31 46.38 -21.40
CA PHE E 205 -93.31 45.71 -22.20
C PHE E 205 -92.10 46.64 -22.37
N PRO E 206 -90.90 46.08 -22.55
CA PRO E 206 -89.70 46.93 -22.50
C PRO E 206 -89.54 47.76 -23.76
N ALA E 207 -89.24 49.04 -23.56
CA ALA E 207 -89.11 49.97 -24.67
C ALA E 207 -88.07 51.04 -24.38
N VAL E 208 -87.17 51.27 -25.34
CA VAL E 208 -86.09 52.23 -25.19
C VAL E 208 -86.40 53.42 -26.09
N ARG E 209 -86.18 54.63 -25.56
CA ARG E 209 -86.41 55.83 -26.36
C ARG E 209 -85.14 56.18 -27.14
N TYR E 210 -85.22 56.09 -28.46
CA TYR E 210 -84.09 56.34 -29.35
C TYR E 210 -84.49 57.42 -30.35
N LYS E 211 -83.76 58.54 -30.34
CA LYS E 211 -84.13 59.71 -31.11
C LYS E 211 -85.58 60.09 -30.80
N ASN E 212 -86.46 59.97 -31.80
CA ASN E 212 -87.90 60.08 -31.59
C ASN E 212 -88.62 58.77 -31.84
N TYR E 213 -87.89 57.67 -31.96
CA TYR E 213 -88.44 56.35 -32.20
C TYR E 213 -88.42 55.57 -30.90
N LEU E 214 -89.40 54.70 -30.70
CA LEU E 214 -89.41 53.85 -29.51
C LEU E 214 -88.83 52.48 -29.85
N CYS E 215 -87.70 52.15 -29.22
CA CYS E 215 -87.05 50.86 -29.42
C CYS E 215 -87.77 49.78 -28.64
N THR E 216 -88.46 48.89 -29.34
CA THR E 216 -89.14 47.78 -28.68
C THR E 216 -89.42 46.68 -29.69
N PHE E 217 -89.48 45.45 -29.20
CA PHE E 217 -89.89 44.31 -30.00
C PHE E 217 -91.40 44.11 -29.98
N ALA E 218 -92.12 44.90 -29.20
CA ALA E 218 -93.54 44.70 -29.00
C ALA E 218 -94.34 45.35 -30.13
N TRP E 219 -95.66 45.17 -30.07
CA TRP E 219 -96.54 45.72 -31.09
C TRP E 219 -96.73 47.22 -30.89
N ALA E 220 -97.15 47.88 -31.96
CA ALA E 220 -97.19 49.35 -31.96
C ALA E 220 -98.16 49.88 -30.91
N TYR E 221 -99.37 49.31 -30.84
CA TYR E 221 -100.39 49.79 -29.93
C TYR E 221 -100.39 49.03 -28.61
N ASP E 222 -99.27 48.42 -28.25
CA ASP E 222 -99.20 47.60 -27.04
C ASP E 222 -99.02 48.44 -25.79
N PHE E 223 -98.75 49.74 -25.93
CA PHE E 223 -98.49 50.63 -24.80
C PHE E 223 -99.61 51.64 -24.61
N THR E 224 -100.80 51.34 -25.12
CA THR E 224 -101.89 52.32 -25.12
C THR E 224 -102.33 52.68 -23.70
N TYR E 225 -102.24 51.73 -22.77
CA TYR E 225 -102.67 51.99 -21.40
C TYR E 225 -101.83 53.11 -20.77
N HIS E 226 -100.51 53.08 -21.00
CA HIS E 226 -99.66 54.11 -20.43
C HIS E 226 -99.57 55.33 -21.34
N LEU E 227 -99.81 55.14 -22.64
CA LEU E 227 -99.75 56.21 -23.62
C LEU E 227 -101.09 56.27 -24.35
N PRO E 228 -102.01 57.13 -23.93
CA PRO E 228 -103.29 57.21 -24.62
C PRO E 228 -103.21 57.99 -25.93
N LYS E 229 -102.14 58.73 -26.16
CA LYS E 229 -101.99 59.53 -27.37
C LYS E 229 -101.57 58.66 -28.54
N THR E 230 -101.09 57.46 -28.26
CA THR E 230 -100.60 56.54 -29.28
C THR E 230 -101.69 55.68 -29.90
N GLU E 231 -102.94 55.86 -29.47
CA GLU E 231 -104.05 55.08 -30.02
C GLU E 231 -104.25 55.35 -31.51
N THR E 232 -103.84 56.51 -31.99
CA THR E 232 -104.03 56.89 -33.39
C THR E 232 -102.72 56.79 -34.17
N TYR E 233 -101.82 55.93 -33.72
CA TYR E 233 -100.55 55.73 -34.41
C TYR E 233 -100.79 54.99 -35.73
N HIS E 234 -99.90 55.24 -36.68
CA HIS E 234 -99.98 54.64 -38.01
C HIS E 234 -98.86 53.63 -38.16
N LYS E 235 -99.23 52.37 -38.41
CA LYS E 235 -98.27 51.27 -38.46
C LYS E 235 -97.29 51.39 -39.62
N SER E 236 -97.59 52.19 -40.64
CA SER E 236 -96.69 52.40 -41.76
C SER E 236 -95.47 53.25 -41.38
N LYS E 237 -95.46 53.82 -40.19
CA LYS E 237 -94.37 54.66 -39.73
C LYS E 237 -93.27 53.88 -39.02
N THR E 238 -93.37 52.55 -38.97
CA THR E 238 -92.35 51.73 -38.33
C THR E 238 -91.22 51.44 -39.30
N ILE E 239 -90.04 51.20 -38.74
CA ILE E 239 -88.84 50.94 -39.52
C ILE E 239 -88.29 49.56 -39.13
N ARG E 240 -89.21 48.65 -38.83
CA ARG E 240 -88.88 47.30 -38.36
C ARG E 240 -87.69 46.71 -39.09
N ILE E 241 -86.80 46.07 -38.33
CA ILE E 241 -85.55 45.54 -38.86
C ILE E 241 -85.55 44.02 -38.75
N PRO E 242 -84.95 43.30 -39.70
CA PRO E 242 -84.87 41.83 -39.60
C PRO E 242 -83.87 41.37 -38.54
N THR E 243 -84.35 41.21 -37.30
CA THR E 243 -83.56 40.89 -36.12
C THR E 243 -82.37 39.97 -36.40
N GLU E 244 -82.59 38.92 -37.19
CA GLU E 244 -81.49 38.02 -37.53
C GLU E 244 -80.36 38.76 -38.21
N GLU E 245 -80.67 39.76 -39.04
CA GLU E 245 -79.62 40.55 -39.66
C GLU E 245 -78.86 41.38 -38.63
N ILE E 246 -79.56 41.85 -37.59
CA ILE E 246 -78.89 42.56 -36.50
C ILE E 246 -77.93 41.63 -35.78
N LEU E 247 -78.37 40.40 -35.50
CA LEU E 247 -77.49 39.45 -34.81
C LEU E 247 -76.30 39.09 -35.69
N SER E 248 -76.51 38.90 -36.99
CA SER E 248 -75.40 38.71 -37.90
C SER E 248 -74.52 39.95 -37.98
N GLY E 249 -75.15 41.12 -38.01
CA GLY E 249 -74.41 42.37 -38.13
C GLY E 249 -74.45 42.93 -39.54
N SER E 250 -75.20 42.27 -40.43
CA SER E 250 -75.26 42.69 -41.82
C SER E 250 -75.91 44.07 -41.97
N TYR E 251 -77.00 44.31 -41.24
CA TYR E 251 -77.69 45.58 -41.33
C TYR E 251 -76.85 46.70 -40.74
N ASP E 252 -76.59 47.73 -41.54
CA ASP E 252 -75.86 48.90 -41.07
C ASP E 252 -76.11 50.05 -42.03
N SER E 253 -76.43 51.22 -41.47
CA SER E 253 -76.71 52.39 -42.28
C SER E 253 -76.61 53.66 -41.44
N ASN E 254 -77.04 54.79 -42.00
CA ASN E 254 -76.99 56.05 -41.26
C ASN E 254 -77.98 56.07 -40.11
N PHE E 255 -79.10 55.35 -40.25
CA PHE E 255 -80.14 55.42 -39.22
C PHE E 255 -79.68 54.78 -37.91
N ILE E 256 -79.13 53.57 -37.99
CA ILE E 256 -78.58 52.90 -36.81
C ILE E 256 -77.31 52.17 -37.24
N ARG E 257 -76.36 52.07 -36.32
CA ARG E 257 -75.13 51.31 -36.52
C ARG E 257 -75.28 49.94 -35.87
N ASN E 258 -74.43 49.00 -36.32
CA ASN E 258 -74.48 47.65 -35.76
C ASN E 258 -74.21 47.64 -34.27
N ALA E 259 -73.20 48.40 -33.81
CA ALA E 259 -72.87 48.42 -32.39
C ALA E 259 -74.02 48.98 -31.57
N GLU E 260 -74.68 50.02 -32.07
CA GLU E 260 -75.73 50.71 -31.33
C GLU E 260 -77.10 50.07 -31.53
N CYS E 261 -77.23 49.08 -32.41
CA CYS E 261 -78.47 48.33 -32.55
C CYS E 261 -78.50 47.10 -31.66
N LYS E 262 -77.37 46.41 -31.51
CA LYS E 262 -77.25 45.29 -30.60
C LYS E 262 -77.16 45.72 -29.14
N ARG E 263 -76.62 46.91 -28.87
CA ARG E 263 -76.65 47.47 -27.53
C ARG E 263 -78.06 47.74 -27.05
N LEU E 264 -78.98 48.12 -27.95
CA LEU E 264 -80.38 48.32 -27.61
C LEU E 264 -81.12 47.01 -27.40
N ILE E 265 -80.66 45.91 -27.98
CA ILE E 265 -81.22 44.59 -27.75
C ILE E 265 -80.87 44.08 -26.36
N VAL E 266 -79.63 44.27 -25.92
CA VAL E 266 -79.21 43.86 -24.59
C VAL E 266 -79.99 44.56 -23.49
N GLN E 267 -80.19 45.88 -23.58
CA GLN E 267 -80.98 46.58 -22.58
C GLN E 267 -82.43 46.11 -22.60
N LEU E 268 -82.98 45.87 -23.79
CA LEU E 268 -84.33 45.32 -23.88
C LEU E 268 -84.41 43.95 -23.22
N LEU E 269 -83.42 43.08 -23.48
CA LEU E 269 -83.42 41.76 -22.88
C LEU E 269 -83.27 41.84 -21.37
N ASN E 270 -82.38 42.70 -20.88
CA ASN E 270 -82.20 42.84 -19.44
C ASN E 270 -83.46 43.37 -18.77
N LYS E 271 -84.12 44.36 -19.39
CA LYS E 271 -85.34 44.89 -18.81
C LYS E 271 -86.46 43.87 -18.83
N ALA E 272 -86.54 43.06 -19.90
CA ALA E 272 -87.51 41.99 -19.95
C ALA E 272 -87.26 40.97 -18.84
N PHE E 273 -85.99 40.65 -18.60
CA PHE E 273 -85.64 39.74 -17.51
C PHE E 273 -86.08 40.32 -16.17
N GLU E 274 -85.82 41.61 -15.96
CA GLU E 274 -86.22 42.26 -14.72
C GLU E 274 -87.74 42.24 -14.55
N LEU E 275 -88.47 42.51 -15.63
CA LEU E 275 -89.93 42.49 -15.56
C LEU E 275 -90.46 41.08 -15.28
N ARG E 276 -89.82 40.07 -15.88
CA ARG E 276 -90.20 38.70 -15.59
C ARG E 276 -89.98 38.36 -14.12
N MET E 277 -88.84 38.79 -13.57
CA MET E 277 -88.57 38.55 -12.15
C MET E 277 -89.59 39.28 -11.27
N LYS E 278 -90.04 40.46 -11.72
CA LYS E 278 -91.16 41.11 -11.04
C LYS E 278 -92.41 40.26 -11.13
N ASP E 279 -92.64 39.62 -12.28
CA ASP E 279 -93.81 38.77 -12.45
C ASP E 279 -93.76 37.54 -11.55
N LYS E 280 -92.56 36.98 -11.35
CA LYS E 280 -92.41 35.73 -10.62
C LYS E 280 -92.48 35.90 -9.11
N GLU E 281 -92.64 37.13 -8.61
CA GLU E 281 -92.70 37.41 -7.18
C GLU E 281 -91.49 36.85 -6.44
N VAL E 282 -90.30 37.33 -6.81
CA VAL E 282 -89.09 37.05 -6.08
C VAL E 282 -88.50 38.37 -5.59
N GLN E 283 -88.14 38.40 -4.30
CA GLN E 283 -87.61 39.61 -3.70
C GLN E 283 -86.21 39.89 -4.21
N GLU E 284 -85.83 41.16 -4.18
CA GLU E 284 -84.60 41.62 -4.81
C GLU E 284 -83.73 42.35 -3.79
N TYR E 285 -82.43 42.09 -3.85
CA TYR E 285 -81.44 42.74 -3.00
C TYR E 285 -80.63 43.67 -3.89
N GLU E 286 -80.72 44.98 -3.63
CA GLU E 286 -80.04 45.97 -4.46
C GLU E 286 -78.55 45.95 -4.17
N MET E 287 -77.76 45.58 -5.17
CA MET E 287 -76.31 45.54 -5.03
C MET E 287 -75.69 46.82 -5.60
N SER E 288 -74.36 46.84 -5.67
CA SER E 288 -73.65 48.04 -6.10
C SER E 288 -73.91 48.34 -7.57
N ASN E 289 -73.73 47.34 -8.44
CA ASN E 289 -73.88 47.53 -9.87
C ASN E 289 -75.08 46.78 -10.42
N LYS E 290 -75.20 45.49 -10.15
CA LYS E 290 -76.35 44.72 -10.57
C LYS E 290 -77.38 44.64 -9.45
N THR E 291 -78.51 43.99 -9.76
CA THR E 291 -79.49 43.61 -8.76
C THR E 291 -79.70 42.11 -8.83
N ALA E 292 -79.85 41.49 -7.66
CA ALA E 292 -80.01 40.05 -7.57
C ALA E 292 -81.34 39.73 -6.91
N TYR E 293 -81.94 38.61 -7.32
CA TYR E 293 -83.26 38.21 -6.89
C TYR E 293 -83.16 37.01 -5.96
N TRP E 294 -83.66 37.17 -4.74
CA TRP E 294 -83.63 36.13 -3.73
C TRP E 294 -85.05 35.75 -3.36
N LEU E 295 -85.22 34.49 -2.97
CA LEU E 295 -86.53 33.90 -2.77
C LEU E 295 -86.90 33.91 -1.29
N GLU E 296 -88.16 34.26 -1.02
CA GLU E 296 -88.65 34.42 0.34
C GLU E 296 -88.73 33.09 1.07
N LYS E 297 -88.97 33.18 2.37
CA LYS E 297 -89.20 32.00 3.20
C LYS E 297 -90.69 31.71 3.26
N GLY E 298 -91.09 30.52 2.82
CA GLY E 298 -92.47 30.12 2.81
C GLY E 298 -93.14 30.20 1.45
N LYS E 299 -92.55 30.92 0.50
CA LYS E 299 -93.12 30.98 -0.85
C LYS E 299 -93.13 29.60 -1.50
N LEU E 300 -92.05 28.85 -1.36
CA LEU E 300 -91.95 27.51 -1.90
C LEU E 300 -91.98 26.48 -0.78
N GLU E 301 -92.38 25.26 -1.12
CA GLU E 301 -92.56 24.22 -0.11
C GLU E 301 -91.22 23.86 0.53
N LYS E 302 -91.18 23.91 1.87
CA LYS E 302 -90.04 23.49 2.67
C LYS E 302 -88.77 24.30 2.35
N ASP E 303 -88.92 25.39 1.60
CA ASP E 303 -87.78 26.18 1.12
C ASP E 303 -86.77 25.31 0.38
N LYS E 304 -87.27 24.38 -0.42
CA LYS E 304 -86.42 23.40 -1.09
C LYS E 304 -87.10 22.99 -2.39
N PHE E 305 -86.69 23.61 -3.49
CA PHE E 305 -87.21 23.23 -4.80
C PHE E 305 -86.46 22.01 -5.32
N GLU E 306 -87.21 21.12 -5.97
CA GLU E 306 -86.70 19.81 -6.44
C GLU E 306 -86.08 19.11 -5.23
N LYS E 307 -84.84 18.63 -5.31
CA LYS E 307 -84.16 18.02 -4.19
C LYS E 307 -83.07 18.90 -3.61
N THR E 308 -83.11 20.21 -3.88
CA THR E 308 -82.05 21.14 -3.51
C THR E 308 -82.64 22.27 -2.67
N MET E 309 -82.13 22.44 -1.46
CA MET E 309 -82.58 23.55 -0.62
C MET E 309 -81.98 24.86 -1.11
N LEU E 310 -82.79 25.91 -1.09
CA LEU E 310 -82.36 27.24 -1.51
C LEU E 310 -82.27 28.24 -0.37
N VAL E 311 -83.00 28.02 0.72
CA VAL E 311 -82.92 28.85 1.92
C VAL E 311 -82.66 27.95 3.12
N GLY E 312 -81.67 28.30 3.93
CA GLY E 312 -81.32 27.50 5.09
C GLY E 312 -81.18 28.37 6.33
N LYS E 313 -80.82 27.73 7.44
CA LYS E 313 -80.80 28.37 8.75
C LYS E 313 -79.37 28.35 9.30
N GLN E 314 -78.91 29.50 9.78
CA GLN E 314 -77.53 29.65 10.23
C GLN E 314 -77.52 30.65 11.38
N LYS E 315 -77.35 30.15 12.60
CA LYS E 315 -77.35 30.98 13.82
C LYS E 315 -78.73 31.63 13.90
N ASP E 316 -78.84 32.95 14.03
CA ASP E 316 -80.11 33.63 13.87
C ASP E 316 -80.29 34.21 12.47
N LYS E 317 -79.37 33.92 11.55
CA LYS E 317 -79.37 34.51 10.21
C LYS E 317 -79.82 33.46 9.19
N ASN E 318 -80.93 33.75 8.51
CA ASN E 318 -81.36 32.90 7.41
C ASN E 318 -80.62 33.29 6.14
N TRP E 319 -79.93 32.33 5.52
CA TRP E 319 -79.25 32.58 4.26
C TRP E 319 -80.15 32.22 3.09
N HIS E 320 -80.09 33.04 2.04
CA HIS E 320 -80.90 32.84 0.86
C HIS E 320 -80.00 32.80 -0.37
N PHE E 321 -80.26 31.85 -1.26
CA PHE E 321 -79.57 31.81 -2.54
C PHE E 321 -80.24 32.76 -3.53
N ALA E 322 -79.43 33.60 -4.17
CA ALA E 322 -79.93 34.57 -5.12
C ALA E 322 -79.07 34.57 -6.37
N ILE E 323 -79.66 34.96 -7.49
CA ILE E 323 -78.95 35.03 -8.75
C ILE E 323 -79.18 36.40 -9.37
N SER E 324 -78.24 36.81 -10.22
CA SER E 324 -78.34 38.02 -11.00
C SER E 324 -77.91 37.72 -12.43
N GLY E 325 -78.67 38.24 -13.39
CA GLY E 325 -78.46 37.91 -14.78
C GLY E 325 -78.20 39.14 -15.62
N ALA E 326 -77.58 38.88 -16.77
CA ALA E 326 -77.28 39.93 -17.74
C ALA E 326 -77.08 39.33 -19.12
N SER E 327 -77.70 39.92 -20.13
CA SER E 327 -77.63 39.42 -21.50
C SER E 327 -76.40 39.98 -22.20
N LYS E 328 -75.74 39.14 -22.99
CA LYS E 328 -74.60 39.56 -23.79
C LYS E 328 -74.69 38.90 -25.16
N LEU E 329 -74.41 39.66 -26.21
CA LEU E 329 -74.52 39.15 -27.57
C LEU E 329 -73.18 39.05 -28.28
N TYR E 330 -72.06 39.28 -27.58
CA TYR E 330 -70.80 39.23 -28.31
C TYR E 330 -70.43 37.80 -28.68
N PRO E 331 -70.17 36.89 -27.72
CA PRO E 331 -69.84 35.53 -28.13
C PRO E 331 -71.01 34.81 -28.78
N PHE E 332 -72.10 34.68 -28.04
CA PHE E 332 -73.36 34.03 -28.40
C PHE E 332 -74.50 34.94 -27.97
N PRO E 333 -75.73 34.64 -28.34
CA PRO E 333 -76.86 35.17 -27.55
C PRO E 333 -77.06 34.36 -26.29
N VAL E 334 -76.68 34.92 -25.14
CA VAL E 334 -76.69 34.20 -23.87
C VAL E 334 -77.28 35.08 -22.77
N LEU E 335 -77.60 34.45 -21.65
CA LEU E 335 -78.06 35.12 -20.44
C LEU E 335 -77.20 34.65 -19.27
N MET E 336 -76.09 35.35 -19.06
CA MET E 336 -75.15 34.96 -18.01
C MET E 336 -75.81 35.12 -16.64
N ILE E 337 -75.61 34.12 -15.78
CA ILE E 337 -76.19 34.10 -14.44
C ILE E 337 -75.06 33.95 -13.44
N SER E 338 -75.08 34.78 -12.39
CA SER E 338 -74.10 34.75 -11.34
C SER E 338 -74.76 34.50 -9.99
N SER E 339 -74.11 33.67 -9.16
CA SER E 339 -74.67 33.25 -7.89
C SER E 339 -74.26 34.21 -6.77
N HIS E 340 -75.14 34.37 -5.80
CA HIS E 340 -74.89 35.19 -4.63
C HIS E 340 -75.64 34.62 -3.44
N ILE E 341 -75.22 35.02 -2.24
CA ILE E 341 -75.91 34.66 -1.01
C ILE E 341 -76.23 35.93 -0.24
N PHE E 342 -77.49 36.06 0.18
CA PHE E 342 -77.93 37.18 1.00
C PHE E 342 -78.63 36.65 2.24
N PHE E 343 -78.58 37.44 3.31
CA PHE E 343 -78.99 36.99 4.63
C PHE E 343 -80.10 37.86 5.17
N THR E 344 -81.10 37.21 5.77
CA THR E 344 -82.21 37.90 6.42
C THR E 344 -82.32 37.42 7.87
N ALA E 345 -82.56 38.37 8.77
CA ALA E 345 -82.70 38.05 10.18
C ALA E 345 -84.06 37.46 10.54
N ASP E 346 -85.11 37.82 9.79
CA ASP E 346 -86.46 37.34 10.06
C ASP E 346 -87.03 36.49 8.95
N GLY E 347 -86.31 36.33 7.83
CA GLY E 347 -86.84 35.65 6.67
C GLY E 347 -87.61 36.53 5.71
N LYS E 348 -87.85 37.79 6.07
CA LYS E 348 -88.54 38.74 5.21
C LYS E 348 -87.78 40.03 5.01
N LYS E 349 -87.06 40.50 6.04
CA LYS E 349 -86.33 41.75 5.96
C LYS E 349 -84.83 41.47 5.85
N LEU E 350 -84.20 42.10 4.86
CA LEU E 350 -82.76 41.93 4.65
C LEU E 350 -81.99 42.72 5.70
N ILE E 351 -80.79 42.25 6.02
CA ILE E 351 -79.92 42.95 6.94
C ILE E 351 -79.37 44.21 6.27
N ASP E 352 -79.47 45.34 6.97
CA ASP E 352 -79.09 46.62 6.37
C ASP E 352 -77.59 46.85 6.35
N SER E 353 -76.81 46.06 7.09
CA SER E 353 -75.37 46.27 7.19
C SER E 353 -74.67 45.50 6.08
N SER E 354 -73.96 46.23 5.21
CA SER E 354 -73.24 45.58 4.12
C SER E 354 -72.10 44.72 4.66
N SER E 355 -71.41 45.20 5.70
CA SER E 355 -70.32 44.43 6.28
C SER E 355 -70.83 43.11 6.87
N VAL E 356 -71.99 43.16 7.53
CA VAL E 356 -72.58 41.95 8.09
C VAL E 356 -72.91 40.95 6.98
N GLN E 357 -73.50 41.44 5.89
CA GLN E 357 -73.82 40.56 4.77
C GLN E 357 -72.56 39.96 4.17
N HIS E 358 -71.50 40.76 4.01
CA HIS E 358 -70.25 40.23 3.46
C HIS E 358 -69.67 39.14 4.36
N SER E 359 -69.62 39.41 5.67
CA SER E 359 -69.06 38.43 6.59
C SER E 359 -69.89 37.14 6.59
N SER E 360 -71.21 37.26 6.64
CA SER E 360 -72.07 36.08 6.65
C SER E 360 -71.92 35.30 5.35
N ARG E 361 -71.81 36.00 4.22
CA ARG E 361 -71.65 35.32 2.95
C ARG E 361 -70.34 34.54 2.91
N ARG E 362 -69.26 35.14 3.43
CA ARG E 362 -68.00 34.42 3.48
C ARG E 362 -68.11 33.20 4.39
N ARG E 363 -68.79 33.35 5.53
CA ARG E 363 -68.96 32.24 6.46
C ARG E 363 -69.71 31.09 5.80
N GLN E 364 -70.75 31.40 5.03
CA GLN E 364 -71.55 30.34 4.42
C GLN E 364 -70.84 29.75 3.20
N GLY E 365 -70.07 30.56 2.48
CA GLY E 365 -69.40 30.08 1.28
C GLY E 365 -68.05 29.47 1.52
N LYS E 366 -67.57 29.46 2.77
CA LYS E 366 -66.29 28.83 3.07
C LYS E 366 -66.29 27.35 2.69
N ASN E 367 -67.46 26.70 2.70
CA ASN E 367 -67.54 25.27 2.48
C ASN E 367 -68.44 24.88 1.30
N TRP E 368 -68.88 25.83 0.49
CA TRP E 368 -69.70 25.52 -0.68
C TRP E 368 -68.80 25.23 -1.86
N TRP E 369 -68.69 23.94 -2.21
CA TRP E 369 -67.84 23.52 -3.31
C TRP E 369 -68.61 23.43 -4.62
N ASN E 370 -68.00 22.80 -5.63
CA ASN E 370 -68.50 22.89 -7.00
C ASN E 370 -69.97 22.48 -7.11
N ASN E 371 -70.32 21.29 -6.60
CA ASN E 371 -71.68 20.80 -6.67
C ASN E 371 -72.57 21.42 -5.59
N THR E 372 -71.99 22.17 -4.66
CA THR E 372 -72.76 22.93 -3.70
C THR E 372 -73.18 24.29 -4.23
N TRP E 373 -72.61 24.74 -5.35
CA TRP E 373 -73.11 25.89 -6.09
C TRP E 373 -73.90 25.50 -7.33
N ARG E 374 -73.41 24.50 -8.08
CA ARG E 374 -74.05 24.14 -9.34
C ARG E 374 -75.47 23.63 -9.11
N THR E 375 -75.65 22.80 -8.10
CA THR E 375 -76.97 22.23 -7.86
C THR E 375 -77.97 23.30 -7.46
N LYS E 376 -77.55 24.24 -6.60
CA LYS E 376 -78.43 25.36 -6.25
C LYS E 376 -78.76 26.22 -7.46
N LEU E 377 -77.76 26.48 -8.31
CA LEU E 377 -77.99 27.28 -9.51
C LEU E 377 -79.03 26.63 -10.42
N LEU E 378 -78.84 25.34 -10.72
CA LEU E 378 -79.77 24.64 -11.58
C LEU E 378 -81.14 24.47 -10.93
N ALA E 379 -81.21 24.43 -9.59
CA ALA E 379 -82.48 24.36 -8.91
C ALA E 379 -83.24 25.68 -9.04
N PHE E 380 -82.55 26.79 -8.83
CA PHE E 380 -83.19 28.10 -8.95
C PHE E 380 -83.66 28.35 -10.37
N ILE E 381 -82.81 28.02 -11.35
CA ILE E 381 -83.19 28.24 -12.75
C ILE E 381 -84.39 27.37 -13.12
N LYS E 382 -84.41 26.12 -12.67
CA LYS E 382 -85.56 25.26 -12.92
C LYS E 382 -86.80 25.80 -12.21
N TYR E 383 -86.62 26.44 -11.05
CA TYR E 383 -87.76 27.06 -10.38
C TYR E 383 -88.29 28.25 -11.16
N LEU E 384 -87.43 28.91 -11.92
CA LEU E 384 -87.89 30.00 -12.79
C LEU E 384 -88.54 29.50 -14.08
N SER E 385 -88.51 28.18 -14.33
CA SER E 385 -88.97 27.65 -15.60
C SER E 385 -90.49 27.75 -15.75
N ASP E 386 -90.95 27.90 -16.99
CA ASP E 386 -92.36 27.84 -17.31
C ASP E 386 -92.77 26.52 -17.96
N ASP E 387 -91.84 25.84 -18.62
CA ASP E 387 -92.10 24.55 -19.23
C ASP E 387 -90.92 23.64 -18.89
N ASP E 388 -90.84 22.49 -19.57
CA ASP E 388 -89.81 21.51 -19.25
C ASP E 388 -88.46 21.85 -19.87
N THR E 389 -88.40 22.77 -20.83
CA THR E 389 -87.15 23.06 -21.53
C THR E 389 -86.74 24.52 -21.51
N SER E 390 -87.62 25.45 -21.16
CA SER E 390 -87.29 26.87 -21.24
C SER E 390 -88.30 27.68 -20.47
N PHE E 391 -87.97 28.96 -20.26
CA PHE E 391 -88.91 29.95 -19.75
C PHE E 391 -88.82 31.18 -20.62
N TYR E 392 -89.94 31.87 -20.76
CA TYR E 392 -90.08 32.95 -21.73
C TYR E 392 -90.04 34.31 -21.03
N LEU E 393 -89.56 35.31 -21.75
CA LEU E 393 -89.54 36.68 -21.28
C LEU E 393 -90.64 37.47 -21.99
N GLU E 394 -91.50 38.12 -21.22
CA GLU E 394 -92.60 38.89 -21.81
C GLU E 394 -92.06 40.18 -22.39
N MET E 395 -91.81 40.19 -23.70
CA MET E 395 -91.31 41.37 -24.39
C MET E 395 -92.33 41.97 -25.34
N GLY E 396 -93.39 41.24 -25.66
CA GLY E 396 -94.49 41.80 -26.43
C GLY E 396 -95.74 40.98 -26.17
N SER E 397 -96.88 41.60 -26.47
CA SER E 397 -98.15 40.89 -26.29
C SER E 397 -98.22 39.67 -27.18
N GLU E 398 -97.52 39.69 -28.31
CA GLU E 398 -97.42 38.53 -29.18
C GLU E 398 -95.98 38.08 -29.42
N GLU E 399 -94.99 38.85 -28.98
CA GLU E 399 -93.59 38.51 -29.16
C GLU E 399 -92.99 38.13 -27.81
N LYS E 400 -92.32 36.98 -27.75
CA LYS E 400 -91.71 36.50 -26.52
C LYS E 400 -90.29 36.02 -26.80
N VAL E 401 -89.46 36.06 -25.77
CA VAL E 401 -88.09 35.57 -25.83
C VAL E 401 -87.97 34.36 -24.92
N PHE E 402 -87.72 33.19 -25.52
CA PHE E 402 -87.65 31.93 -24.79
C PHE E 402 -86.19 31.64 -24.47
N VAL E 403 -85.87 31.65 -23.18
CA VAL E 403 -84.53 31.33 -22.70
C VAL E 403 -84.57 29.98 -22.02
N SER E 404 -83.67 29.09 -22.42
CA SER E 404 -83.65 27.73 -21.89
C SER E 404 -83.23 27.72 -20.42
N ASN E 405 -83.74 26.74 -19.69
CA ASN E 405 -83.33 26.51 -18.32
C ASN E 405 -82.18 25.50 -18.22
N GLU E 406 -81.64 25.06 -19.36
CA GLU E 406 -80.48 24.20 -19.46
C GLU E 406 -79.26 25.00 -19.91
N PRO E 407 -78.28 25.19 -19.04
CA PRO E 407 -77.10 25.97 -19.41
C PRO E 407 -76.27 25.28 -20.48
N VAL E 408 -75.55 26.10 -21.24
CA VAL E 408 -74.71 25.58 -22.31
C VAL E 408 -73.66 24.66 -21.70
N LYS E 409 -73.63 23.42 -22.16
CA LYS E 409 -72.71 22.41 -21.67
C LYS E 409 -71.39 22.48 -22.44
N PHE E 410 -70.30 22.22 -21.75
CA PHE E 410 -68.96 22.29 -22.32
C PHE E 410 -68.33 20.90 -22.29
N LYS E 411 -67.31 20.60 -23.09
CA LYS E 411 -66.74 19.26 -23.15
C LYS E 411 -65.23 19.33 -23.33
N GLY E 412 -64.48 18.82 -22.35
CA GLY E 412 -63.04 18.77 -22.43
C GLY E 412 -62.54 17.35 -22.61
N ASN E 413 -61.46 17.20 -23.37
CA ASN E 413 -60.88 15.91 -23.68
C ASN E 413 -60.04 15.34 -22.54
N VAL E 414 -59.80 16.11 -21.48
CA VAL E 414 -58.95 15.70 -20.38
C VAL E 414 -59.71 15.84 -19.08
N SER E 415 -59.28 15.09 -18.07
CA SER E 415 -59.96 15.07 -16.78
C SER E 415 -58.97 14.58 -15.73
N TYR E 416 -59.49 14.21 -14.57
CA TYR E 416 -58.70 13.77 -13.42
C TYR E 416 -59.58 12.87 -12.57
N ASN E 417 -59.12 12.60 -11.34
CA ASN E 417 -59.85 11.76 -10.41
C ASN E 417 -59.45 12.09 -8.98
N ILE E 418 -60.26 11.62 -8.03
CA ILE E 418 -59.98 11.78 -6.61
C ILE E 418 -58.66 11.12 -6.25
N MET F 1 -73.30 21.61 -26.69
CA MET F 1 -72.03 21.07 -26.25
C MET F 1 -70.90 21.66 -27.07
N LYS F 2 -69.97 22.34 -26.41
CA LYS F 2 -68.94 23.11 -27.08
C LYS F 2 -67.55 22.64 -26.66
N GLU F 3 -66.61 22.75 -27.59
CA GLU F 3 -65.25 22.25 -27.39
C GLU F 3 -64.55 23.02 -26.28
N LEU F 4 -63.57 22.36 -25.65
CA LEU F 4 -62.83 22.94 -24.53
C LEU F 4 -61.44 22.32 -24.52
N ILE F 5 -60.45 23.08 -24.98
CA ILE F 5 -59.10 22.57 -25.19
C ILE F 5 -58.30 22.69 -23.91
N TYR F 6 -57.17 21.99 -23.87
CA TYR F 6 -56.27 22.01 -22.71
C TYR F 6 -54.86 22.33 -23.17
N ILE F 7 -54.19 23.22 -22.44
CA ILE F 7 -52.81 23.60 -22.73
C ILE F 7 -51.88 22.86 -21.79
N GLU F 8 -50.77 22.36 -22.34
CA GLU F 8 -49.77 21.66 -21.54
C GLU F 8 -49.22 22.58 -20.47
N GLU F 9 -49.00 22.03 -19.28
CA GLU F 9 -48.52 22.80 -18.14
C GLU F 9 -47.13 23.36 -18.43
N PRO F 10 -46.87 24.63 -18.14
CA PRO F 10 -45.53 25.18 -18.36
C PRO F 10 -44.57 24.71 -17.28
N LYS F 11 -43.34 24.44 -17.70
CA LYS F 11 -42.29 24.01 -16.79
C LYS F 11 -41.29 25.14 -16.58
N ILE F 12 -40.74 25.20 -15.37
CA ILE F 12 -39.77 26.20 -15.00
C ILE F 12 -38.44 25.53 -14.66
N LEU F 13 -37.36 26.13 -15.14
CA LEU F 13 -36.03 25.54 -15.07
C LEU F 13 -35.39 25.78 -13.72
N PHE F 14 -34.63 24.80 -13.25
CA PHE F 14 -33.92 24.90 -11.98
C PHE F 14 -32.45 24.57 -12.15
N ALA F 15 -31.74 24.37 -11.04
CA ALA F 15 -30.34 24.01 -11.08
C ALA F 15 -30.16 22.67 -11.80
N HIS F 16 -28.97 22.49 -12.39
CA HIS F 16 -28.58 21.31 -13.15
C HIS F 16 -29.37 21.15 -14.44
N GLY F 17 -30.02 22.21 -14.91
CA GLY F 17 -30.82 22.13 -16.12
C GLY F 17 -32.11 21.36 -15.97
N GLN F 18 -32.54 21.09 -14.75
CA GLN F 18 -33.72 20.29 -14.51
C GLN F 18 -34.98 21.15 -14.51
N LYS F 19 -36.08 20.55 -14.97
CA LYS F 19 -37.35 21.25 -15.12
C LYS F 19 -38.40 20.59 -14.23
N CYS F 20 -39.34 21.40 -13.76
CA CYS F 20 -40.45 20.90 -12.96
C CYS F 20 -41.57 21.92 -13.02
N THR F 21 -42.81 21.44 -13.13
CA THR F 21 -43.95 22.35 -13.20
C THR F 21 -44.11 23.13 -11.90
N ASP F 22 -43.91 22.47 -10.76
CA ASP F 22 -44.03 23.12 -9.47
C ASP F 22 -42.73 23.83 -9.10
N ALA F 23 -42.85 24.85 -8.26
CA ALA F 23 -41.70 25.59 -7.77
C ALA F 23 -41.20 25.09 -6.43
N ARG F 24 -42.11 24.79 -5.49
CA ARG F 24 -41.69 24.26 -4.20
C ARG F 24 -40.98 22.93 -4.36
N ASP F 25 -41.56 22.02 -5.14
CA ASP F 25 -40.91 20.73 -5.40
C ASP F 25 -39.61 20.93 -6.18
N GLY F 26 -39.61 21.85 -7.13
CA GLY F 26 -38.40 22.07 -7.92
C GLY F 26 -37.23 22.57 -7.08
N LEU F 27 -37.51 23.46 -6.14
CA LEU F 27 -36.45 23.94 -5.25
C LEU F 27 -36.06 22.88 -4.23
N ALA F 28 -37.05 22.12 -3.75
CA ALA F 28 -36.77 21.14 -2.70
C ALA F 28 -35.84 20.03 -3.19
N LEU F 29 -35.86 19.75 -4.50
CA LEU F 29 -35.08 18.67 -5.07
C LEU F 29 -33.82 19.20 -5.75
N PHE F 30 -33.90 20.30 -6.48
CA PHE F 30 -32.77 20.74 -7.29
C PHE F 30 -32.14 22.04 -6.79
N GLY F 31 -32.86 22.86 -6.02
CA GLY F 31 -32.32 24.09 -5.52
C GLY F 31 -32.41 25.23 -6.52
N PRO F 32 -31.87 26.39 -6.16
CA PRO F 32 -32.01 27.56 -7.03
C PRO F 32 -31.00 27.55 -8.17
N LEU F 33 -31.20 28.47 -9.10
CA LEU F 33 -30.37 28.50 -10.29
C LEU F 33 -28.98 29.05 -10.00
N ASN F 34 -28.86 30.09 -9.18
CA ASN F 34 -27.58 30.67 -8.85
C ASN F 34 -27.29 30.47 -7.36
N ASN F 35 -26.02 30.65 -6.99
CA ASN F 35 -25.55 30.38 -5.64
C ASN F 35 -25.26 31.70 -4.95
N LEU F 36 -25.99 31.99 -3.90
CA LEU F 36 -25.65 33.07 -2.98
C LEU F 36 -24.91 32.49 -1.78
N TYR F 37 -23.70 33.00 -1.55
CA TYR F 37 -22.88 32.50 -0.46
C TYR F 37 -23.58 32.70 0.88
N GLY F 38 -24.21 33.86 1.06
CA GLY F 38 -24.96 34.11 2.26
C GLY F 38 -25.76 35.40 2.19
N ILE F 39 -26.77 35.51 3.05
CA ILE F 39 -27.63 36.70 3.10
C ILE F 39 -27.32 37.44 4.38
N LYS F 40 -26.76 38.64 4.25
CA LYS F 40 -26.49 39.51 5.39
C LYS F 40 -27.73 40.37 5.62
N SER F 41 -28.55 39.97 6.57
CA SER F 41 -29.85 40.60 6.79
C SER F 41 -29.74 41.66 7.88
N GLY F 42 -30.13 42.89 7.54
CA GLY F 42 -30.20 43.99 8.49
C GLY F 42 -31.64 44.15 8.96
N VAL F 43 -31.81 44.35 10.26
CA VAL F 43 -33.12 44.39 10.89
C VAL F 43 -33.29 45.77 11.52
N ILE F 44 -34.42 46.40 11.25
CA ILE F 44 -34.77 47.68 11.85
C ILE F 44 -36.10 47.51 12.58
N GLY F 45 -36.13 47.86 13.85
CA GLY F 45 -37.32 47.68 14.65
C GLY F 45 -37.00 47.75 16.12
N THR F 46 -37.99 47.41 16.93
CA THR F 46 -37.87 47.46 18.38
C THR F 46 -36.96 46.32 18.87
N LYS F 47 -36.46 46.45 20.10
CA LYS F 47 -35.77 45.33 20.72
C LYS F 47 -36.69 44.13 20.90
N GLN F 48 -37.94 44.39 21.30
CA GLN F 48 -38.91 43.31 21.42
C GLN F 48 -39.15 42.65 20.07
N GLY F 49 -39.25 43.45 19.01
CA GLY F 49 -39.52 42.95 17.69
C GLY F 49 -38.40 42.19 17.02
N LEU F 50 -37.15 42.44 17.41
CA LEU F 50 -36.03 41.65 16.92
C LEU F 50 -36.04 40.22 17.46
N LYS F 51 -36.58 40.02 18.66
CA LYS F 51 -36.67 38.67 19.21
C LYS F 51 -37.52 37.76 18.34
N ILE F 52 -38.66 38.28 17.84
CA ILE F 52 -39.53 37.45 17.02
C ILE F 52 -38.87 37.12 15.69
N PHE F 53 -38.16 38.09 15.09
CA PHE F 53 -37.44 37.81 13.86
C PHE F 53 -36.36 36.77 14.07
N ARG F 54 -35.61 36.88 15.17
CA ARG F 54 -34.58 35.89 15.48
C ARG F 54 -35.20 34.52 15.66
N ASP F 55 -36.33 34.46 16.37
CA ASP F 55 -37.01 33.19 16.59
C ASP F 55 -37.48 32.57 15.27
N TYR F 56 -38.02 33.39 14.36
CA TYR F 56 -38.54 32.82 13.13
C TYR F 56 -37.42 32.38 12.20
N LEU F 57 -36.30 33.13 12.18
CA LEU F 57 -35.17 32.69 11.39
C LEU F 57 -34.61 31.38 11.93
N ASP F 58 -34.51 31.26 13.26
CA ASP F 58 -34.08 30.00 13.86
C ASP F 58 -35.07 28.88 13.53
N HIS F 59 -36.36 29.21 13.49
CA HIS F 59 -37.37 28.22 13.12
C HIS F 59 -37.16 27.70 11.71
N ILE F 60 -37.06 28.62 10.74
CA ILE F 60 -36.92 28.21 9.36
C ILE F 60 -35.56 27.62 9.06
N GLN F 61 -34.61 27.73 10.00
CA GLN F 61 -33.39 26.93 9.87
C GLN F 61 -33.70 25.43 9.92
N LYS F 62 -34.60 25.03 10.79
CA LYS F 62 -35.02 23.64 10.92
C LYS F 62 -36.14 23.35 9.93
N PRO F 63 -36.32 22.08 9.56
CA PRO F 63 -37.44 21.74 8.67
C PRO F 63 -38.79 22.08 9.30
N ILE F 64 -39.71 22.50 8.45
CA ILE F 64 -41.04 22.91 8.88
C ILE F 64 -42.06 21.96 8.27
N TYR F 65 -43.04 21.57 9.09
CA TYR F 65 -44.02 20.57 8.70
C TYR F 65 -45.43 21.12 8.79
N ASN F 66 -46.18 20.98 7.70
CA ASN F 66 -47.59 21.31 7.64
C ASN F 66 -48.44 20.04 7.70
N SER F 67 -49.73 20.22 7.94
CA SER F 67 -50.60 19.08 8.21
C SER F 67 -50.71 18.17 6.99
N ASN F 68 -51.03 18.73 5.84
CA ASN F 68 -51.25 17.95 4.62
C ASN F 68 -50.15 18.32 3.63
N SER F 69 -49.15 17.44 3.51
CA SER F 69 -47.98 17.74 2.71
C SER F 69 -48.21 17.61 1.21
N ILE F 70 -49.23 16.88 0.79
CA ILE F 70 -49.46 16.71 -0.64
C ILE F 70 -49.91 18.01 -1.29
N THR F 71 -50.79 18.77 -0.63
CA THR F 71 -51.16 20.08 -1.14
C THR F 71 -50.00 21.05 -1.07
N ARG F 72 -49.37 21.15 0.10
CA ARG F 72 -48.28 22.09 0.29
C ARG F 72 -47.04 21.30 0.74
N PRO F 73 -46.02 21.22 -0.11
CA PRO F 73 -44.81 20.47 0.27
C PRO F 73 -44.16 20.99 1.54
N MET F 74 -43.63 20.09 2.35
CA MET F 74 -42.95 20.48 3.58
C MET F 74 -41.70 21.30 3.28
N PHE F 75 -41.37 22.20 4.19
CA PHE F 75 -40.21 23.06 4.00
C PHE F 75 -38.97 22.40 4.58
N PRO F 76 -37.96 22.09 3.76
CA PRO F 76 -36.83 21.31 4.24
C PRO F 76 -35.72 22.12 4.91
N GLY F 77 -35.93 23.40 5.19
CA GLY F 77 -34.88 24.22 5.76
C GLY F 77 -34.24 25.11 4.73
N PHE F 78 -33.87 26.33 5.13
CA PHE F 78 -33.43 27.33 4.16
C PHE F 78 -32.13 26.89 3.47
N GLU F 79 -31.13 26.50 4.24
CA GLU F 79 -29.87 26.10 3.62
C GLU F 79 -30.01 24.81 2.84
N ALA F 80 -30.95 23.94 3.22
CA ALA F 80 -31.16 22.69 2.50
C ALA F 80 -31.63 22.94 1.08
N VAL F 81 -32.50 23.94 0.90
CA VAL F 81 -33.06 24.18 -0.43
C VAL F 81 -32.22 25.17 -1.23
N PHE F 82 -31.83 26.28 -0.61
CA PHE F 82 -31.17 27.35 -1.35
C PHE F 82 -29.65 27.23 -1.36
N ASP F 83 -29.09 26.29 -0.59
CA ASP F 83 -27.64 26.14 -0.48
C ASP F 83 -26.99 27.46 -0.12
N CYS F 84 -27.66 28.25 0.72
CA CYS F 84 -27.24 29.60 1.06
C CYS F 84 -27.34 29.80 2.56
N LYS F 85 -26.36 30.50 3.11
CA LYS F 85 -26.29 30.72 4.55
C LYS F 85 -27.15 31.91 4.93
N TRP F 86 -28.21 31.68 5.71
CA TRP F 86 -29.03 32.74 6.25
C TRP F 86 -29.17 32.49 7.75
N GLU F 87 -28.19 32.93 8.52
CA GLU F 87 -28.15 32.70 9.96
C GLU F 87 -28.59 33.95 10.70
N SER F 88 -29.07 33.75 11.93
CA SER F 88 -29.38 34.88 12.79
C SER F 88 -28.14 35.61 13.28
N THR F 89 -26.96 35.02 13.12
CA THR F 89 -25.71 35.67 13.48
C THR F 89 -25.33 36.65 12.38
N GLY F 90 -24.91 37.83 12.78
CA GLY F 90 -24.53 38.86 11.83
C GLY F 90 -25.66 39.73 11.34
N ILE F 91 -26.77 39.81 12.05
CA ILE F 91 -27.87 40.68 11.64
C ILE F 91 -27.65 42.07 12.23
N THR F 92 -27.39 43.04 11.34
CA THR F 92 -27.14 44.40 11.77
C THR F 92 -28.46 45.01 12.23
N PHE F 93 -28.57 45.32 13.51
CA PHE F 93 -29.81 45.75 14.13
C PHE F 93 -29.78 47.26 14.35
N LYS F 94 -30.89 47.91 14.02
CA LYS F 94 -31.06 49.34 14.25
C LYS F 94 -32.20 49.54 15.22
N GLU F 95 -31.98 50.38 16.23
CA GLU F 95 -32.94 50.55 17.31
C GLU F 95 -33.98 51.61 16.98
N VAL F 96 -35.23 51.17 16.92
CA VAL F 96 -36.38 52.07 16.77
C VAL F 96 -37.18 51.93 18.05
N THR F 97 -37.04 52.89 18.95
CA THR F 97 -37.64 52.80 20.27
C THR F 97 -39.16 52.89 20.18
N ASN F 98 -39.82 52.27 21.16
CA ASN F 98 -41.28 52.31 21.22
C ASN F 98 -41.77 53.73 21.44
N GLU F 99 -41.04 54.52 22.24
CA GLU F 99 -41.44 55.90 22.50
C GLU F 99 -41.43 56.71 21.21
N ASP F 100 -40.41 56.50 20.37
CA ASP F 100 -40.34 57.23 19.10
C ASP F 100 -41.54 56.91 18.22
N ILE F 101 -41.94 55.64 18.16
CA ILE F 101 -43.16 55.27 17.45
C ILE F 101 -44.40 55.91 18.04
N GLY F 102 -44.53 55.89 19.37
CA GLY F 102 -45.71 56.46 20.02
C GLY F 102 -45.82 57.96 19.87
N LYS F 103 -44.68 58.63 19.70
CA LYS F 103 -44.69 60.07 19.49
C LYS F 103 -45.42 60.42 18.19
N PHE F 104 -45.16 59.66 17.13
CA PHE F 104 -45.75 59.92 15.82
C PHE F 104 -47.09 59.24 15.66
N LEU F 105 -47.20 57.99 16.14
CA LEU F 105 -48.38 57.17 15.93
C LEU F 105 -49.64 57.80 16.53
N TYR F 106 -49.50 58.45 17.68
CA TYR F 106 -50.68 58.98 18.35
C TYR F 106 -51.04 60.35 17.80
N ASN F 107 -51.27 60.44 16.49
CA ASN F 107 -51.63 61.67 15.83
C ASN F 107 -52.98 61.52 15.13
N SER F 108 -53.76 62.61 15.12
CA SER F 108 -55.08 62.57 14.53
C SER F 108 -55.03 62.46 13.01
N SER F 109 -54.08 63.14 12.37
CA SER F 109 -54.00 63.18 10.92
C SER F 109 -53.34 61.90 10.42
N THR F 110 -54.02 61.19 9.52
CA THR F 110 -53.48 59.95 8.97
C THR F 110 -52.24 60.21 8.12
N HIS F 111 -52.27 61.25 7.29
CA HIS F 111 -51.18 61.48 6.35
C HIS F 111 -49.89 61.84 7.07
N LYS F 112 -49.95 62.79 8.01
CA LYS F 112 -48.75 63.16 8.73
C LYS F 112 -48.24 62.02 9.59
N ARG F 113 -49.15 61.23 10.17
CA ARG F 113 -48.73 60.05 10.92
C ARG F 113 -47.95 59.09 10.03
N THR F 114 -48.50 58.77 8.85
CA THR F 114 -47.80 57.86 7.94
C THR F 114 -46.45 58.42 7.54
N TYR F 115 -46.40 59.72 7.22
CA TYR F 115 -45.14 60.32 6.79
C TYR F 115 -44.10 60.27 7.89
N ASP F 116 -44.49 60.56 9.13
CA ASP F 116 -43.53 60.54 10.23
C ASP F 116 -43.06 59.12 10.53
N LEU F 117 -43.97 58.15 10.53
CA LEU F 117 -43.55 56.78 10.78
C LEU F 117 -42.60 56.28 9.70
N VAL F 118 -42.90 56.57 8.43
CA VAL F 118 -42.01 56.11 7.37
C VAL F 118 -40.66 56.84 7.43
N SER F 119 -40.68 58.13 7.79
CA SER F 119 -39.43 58.87 7.91
C SER F 119 -38.56 58.28 9.01
N LEU F 120 -39.17 57.88 10.12
CA LEU F 120 -38.41 57.31 11.23
C LEU F 120 -37.60 56.10 10.79
N PHE F 121 -38.20 55.20 10.02
CA PHE F 121 -37.47 54.02 9.55
C PHE F 121 -36.49 54.37 8.44
N ILE F 122 -36.91 55.18 7.47
CA ILE F 122 -36.08 55.39 6.30
C ILE F 122 -34.82 56.17 6.65
N ASP F 123 -34.91 57.11 7.60
CA ASP F 123 -33.73 57.87 7.98
C ASP F 123 -32.65 56.95 8.55
N LYS F 124 -33.04 56.05 9.45
CA LYS F 124 -32.06 55.12 10.02
C LYS F 124 -31.52 54.18 8.95
N ILE F 125 -32.37 53.71 8.04
CA ILE F 125 -31.88 52.81 7.00
C ILE F 125 -30.87 53.52 6.10
N ILE F 126 -31.16 54.76 5.71
CA ILE F 126 -30.24 55.50 4.86
C ILE F 126 -28.94 55.78 5.58
N SER F 127 -29.02 56.16 6.86
CA SER F 127 -27.81 56.42 7.64
C SER F 127 -26.97 55.17 7.77
N ALA F 128 -27.62 54.02 7.96
CA ALA F 128 -26.89 52.76 8.02
C ALA F 128 -26.24 52.43 6.68
N ASN F 129 -26.94 52.70 5.58
CA ASN F 129 -26.38 52.43 4.26
C ASN F 129 -25.17 53.31 3.98
N LYS F 130 -25.21 54.58 4.38
CA LYS F 130 -24.15 55.52 4.03
C LYS F 130 -22.99 55.52 5.01
N ASN F 131 -23.25 55.40 6.32
CA ASN F 131 -22.30 55.75 7.35
C ASN F 131 -21.82 54.56 8.16
N GLU F 132 -21.98 53.34 7.65
CA GLU F 132 -21.53 52.17 8.38
C GLU F 132 -20.77 51.23 7.47
N ASP F 133 -19.84 50.48 8.07
CA ASP F 133 -18.98 49.59 7.31
C ASP F 133 -19.72 48.33 6.88
N GLU F 134 -20.66 47.86 7.70
CA GLU F 134 -21.34 46.61 7.43
C GLU F 134 -22.10 46.68 6.11
N ASN F 135 -22.08 45.56 5.38
CA ASN F 135 -22.78 45.44 4.12
C ASN F 135 -24.03 44.59 4.32
N VAL F 136 -25.18 45.13 3.93
CA VAL F 136 -26.47 44.48 4.15
C VAL F 136 -27.10 44.25 2.77
N ASP F 137 -27.38 42.99 2.46
CA ASP F 137 -28.02 42.64 1.20
C ASP F 137 -29.50 43.04 1.19
N VAL F 138 -30.20 42.74 2.27
CA VAL F 138 -31.64 43.01 2.37
C VAL F 138 -31.95 43.54 3.76
N TRP F 139 -32.83 44.54 3.82
CA TRP F 139 -33.14 45.25 5.06
C TRP F 139 -34.54 44.86 5.51
N PHE F 140 -34.64 43.98 6.49
CA PHE F 140 -35.94 43.54 6.99
C PHE F 140 -36.51 44.57 7.96
N VAL F 141 -37.67 45.11 7.62
CA VAL F 141 -38.33 46.10 8.47
C VAL F 141 -39.43 45.43 9.29
N ILE F 142 -39.08 44.94 10.47
CA ILE F 142 -40.05 44.32 11.36
C ILE F 142 -40.91 45.44 11.95
N VAL F 143 -42.18 45.47 11.58
CA VAL F 143 -43.06 46.58 11.96
C VAL F 143 -44.15 46.03 12.87
N PRO F 144 -44.60 46.79 13.88
CA PRO F 144 -45.67 46.30 14.76
C PRO F 144 -47.01 46.20 14.04
N ASP F 145 -48.08 45.89 14.78
CA ASP F 145 -49.40 45.79 14.18
C ASP F 145 -50.30 47.00 14.42
N GLU F 146 -50.14 47.71 15.53
CA GLU F 146 -50.94 48.91 15.74
C GLU F 146 -50.62 49.96 14.68
N ILE F 147 -49.36 50.04 14.27
CA ILE F 147 -48.98 50.87 13.13
C ILE F 147 -49.71 50.42 11.87
N TYR F 148 -49.75 49.12 11.61
CA TYR F 148 -50.51 48.61 10.47
C TYR F 148 -51.99 48.94 10.61
N LYS F 149 -52.52 48.90 11.83
CA LYS F 149 -53.92 49.20 12.05
C LYS F 149 -54.23 50.67 11.77
N TYR F 150 -53.30 51.57 12.12
CA TYR F 150 -53.58 53.00 12.08
C TYR F 150 -52.56 53.78 11.25
N CYS F 151 -52.01 53.18 10.19
CA CYS F 151 -51.21 53.94 9.22
C CYS F 151 -51.54 53.55 7.80
N ARG F 152 -52.82 53.29 7.51
CA ARG F 152 -53.32 53.02 6.17
C ARG F 152 -54.60 53.81 6.01
N PRO F 153 -54.94 54.24 4.78
CA PRO F 153 -56.18 55.02 4.58
C PRO F 153 -57.42 54.40 5.22
N ASN F 154 -58.39 55.24 5.55
CA ASN F 154 -59.66 54.83 6.15
C ASN F 154 -59.47 54.15 7.51
N SER F 155 -58.38 54.44 8.20
CA SER F 155 -58.16 53.96 9.55
C SER F 155 -58.43 55.09 10.53
N VAL F 156 -59.35 54.87 11.46
CA VAL F 156 -59.75 55.89 12.42
C VAL F 156 -59.12 55.56 13.77
N LEU F 157 -58.23 56.41 14.22
CA LEU F 157 -57.67 56.27 15.56
C LEU F 157 -58.76 56.56 16.58
N PRO F 158 -58.99 55.68 17.55
CA PRO F 158 -60.03 55.95 18.55
C PRO F 158 -59.77 57.25 19.29
N LYS F 159 -60.86 57.96 19.62
CA LYS F 159 -60.78 59.28 20.24
C LYS F 159 -60.07 59.20 21.58
N GLU F 160 -60.26 58.10 22.32
CA GLU F 160 -59.57 57.91 23.59
C GLU F 160 -58.07 57.72 23.42
N MET F 161 -57.59 57.47 22.20
CA MET F 161 -56.18 57.25 21.94
C MET F 161 -55.49 58.47 21.33
N VAL F 162 -56.23 59.56 21.08
CA VAL F 162 -55.67 60.71 20.39
C VAL F 162 -54.85 61.53 21.38
N GLN F 163 -53.56 61.69 21.10
CA GLN F 163 -52.68 62.51 21.92
C GLN F 163 -52.41 63.88 21.32
N THR F 164 -52.18 63.96 20.01
CA THR F 164 -51.86 65.22 19.34
C THR F 164 -52.93 65.60 18.33
N THR F 199 -46.44 67.06 2.93
CA THR F 199 -46.75 65.82 3.63
C THR F 199 -47.93 65.12 2.98
N TYR F 200 -48.94 65.90 2.59
CA TYR F 200 -50.09 65.35 1.86
C TYR F 200 -49.76 65.02 0.42
N ASN F 201 -48.57 65.39 -0.06
CA ASN F 201 -48.11 65.00 -1.39
C ASN F 201 -47.60 63.56 -1.44
N TYR F 202 -47.94 62.74 -0.44
CA TYR F 202 -47.55 61.35 -0.39
C TYR F 202 -48.79 60.51 -0.11
N ASP F 203 -48.65 59.20 -0.30
CA ASP F 203 -49.74 58.27 -0.03
C ASP F 203 -49.90 58.06 1.47
N ALA F 204 -51.13 57.80 1.89
CA ALA F 204 -51.42 57.53 3.29
C ALA F 204 -51.11 56.10 3.69
N GLN F 205 -50.59 55.29 2.78
CA GLN F 205 -50.29 53.89 3.04
C GLN F 205 -48.82 53.75 3.41
N PHE F 206 -48.54 53.01 4.48
CA PHE F 206 -47.16 52.88 4.96
C PHE F 206 -46.28 52.16 3.96
N HIS F 207 -46.72 51.00 3.48
CA HIS F 207 -45.86 50.15 2.65
C HIS F 207 -45.50 50.83 1.34
N ASP F 208 -46.51 51.40 0.66
CA ASP F 208 -46.28 52.03 -0.63
C ASP F 208 -45.33 53.22 -0.50
N GLN F 209 -45.58 54.10 0.47
CA GLN F 209 -44.72 55.26 0.67
C GLN F 209 -43.31 54.83 1.07
N PHE F 210 -43.21 53.80 1.91
CA PHE F 210 -41.90 53.30 2.34
C PHE F 210 -41.07 52.84 1.16
N LYS F 211 -41.66 51.98 0.31
CA LYS F 211 -40.89 51.51 -0.83
C LYS F 211 -40.71 52.60 -1.87
N ALA F 212 -41.55 53.65 -1.83
CA ALA F 212 -41.40 54.74 -2.77
C ALA F 212 -40.22 55.64 -2.42
N ARG F 213 -40.09 56.00 -1.14
CA ARG F 213 -39.06 56.97 -0.75
C ARG F 213 -37.65 56.40 -0.72
N LEU F 214 -37.49 55.08 -0.64
CA LEU F 214 -36.18 54.46 -0.66
C LEU F 214 -35.66 54.19 -2.06
N LEU F 215 -36.40 54.59 -3.10
CA LEU F 215 -36.03 54.21 -4.45
C LEU F 215 -34.73 54.86 -4.89
N LYS F 216 -34.49 56.10 -4.47
CA LYS F 216 -33.27 56.79 -4.90
C LYS F 216 -32.02 56.22 -4.24
N HIS F 217 -32.17 55.36 -3.24
CA HIS F 217 -31.04 54.75 -2.56
C HIS F 217 -30.77 53.31 -3.00
N THR F 218 -31.74 52.67 -3.67
CA THR F 218 -31.61 51.30 -4.16
C THR F 218 -31.24 50.35 -3.02
N ILE F 219 -32.16 50.23 -2.07
CA ILE F 219 -31.99 49.38 -0.90
C ILE F 219 -33.07 48.30 -0.93
N PRO F 220 -32.74 47.04 -1.16
CA PRO F 220 -33.75 45.98 -1.12
C PRO F 220 -34.28 45.81 0.30
N THR F 221 -35.60 45.79 0.42
CA THR F 221 -36.25 45.75 1.72
C THR F 221 -37.37 44.72 1.71
N GLN F 222 -37.75 44.28 2.91
CA GLN F 222 -38.85 43.35 3.12
C GLN F 222 -39.59 43.78 4.38
N ILE F 223 -40.78 44.36 4.22
CA ILE F 223 -41.57 44.78 5.37
C ILE F 223 -42.28 43.57 5.95
N PHE F 224 -42.08 43.33 7.25
CA PHE F 224 -42.70 42.23 7.97
C PHE F 224 -43.57 42.78 9.08
N ARG F 225 -44.82 42.34 9.14
CA ARG F 225 -45.59 42.55 10.35
C ARG F 225 -45.05 41.66 11.45
N GLU F 226 -45.34 42.02 12.70
CA GLU F 226 -45.00 41.15 13.81
C GLU F 226 -45.93 39.95 13.88
N SER F 227 -47.17 40.11 13.42
CA SER F 227 -48.13 39.01 13.39
C SER F 227 -47.76 37.97 12.33
N THR F 228 -47.29 38.42 11.17
CA THR F 228 -46.88 37.52 10.10
C THR F 228 -45.72 36.65 10.54
N LEU F 229 -44.88 37.20 11.40
CA LEU F 229 -43.82 36.47 12.08
C LEU F 229 -44.47 35.65 13.18
N ALA F 230 -43.73 35.29 14.24
CA ALA F 230 -44.21 34.26 15.14
C ALA F 230 -45.52 34.72 15.77
N TRP F 231 -46.61 34.24 15.17
CA TRP F 231 -47.96 34.74 15.40
C TRP F 231 -48.54 34.28 16.73
N ARG F 232 -48.08 33.14 17.25
CA ARG F 232 -48.82 32.44 18.31
C ARG F 232 -48.99 33.31 19.54
N ASP F 233 -48.11 34.29 19.75
CA ASP F 233 -48.24 35.14 20.92
C ASP F 233 -49.31 36.21 20.73
N PHE F 234 -49.82 36.36 19.51
CA PHE F 234 -50.95 37.25 19.26
C PHE F 234 -52.24 36.51 19.59
N LYS F 235 -53.04 37.10 20.47
CA LYS F 235 -54.12 36.41 21.16
C LYS F 235 -55.43 37.17 20.97
N ASN F 236 -56.52 36.44 20.77
CA ASN F 236 -57.83 37.07 20.71
C ASN F 236 -58.63 36.75 21.98
N ALA F 237 -59.88 37.21 22.00
CA ALA F 237 -60.74 36.96 23.15
C ALA F 237 -61.09 35.48 23.29
N PHE F 238 -61.40 34.81 22.18
CA PHE F 238 -61.83 33.43 22.25
C PHE F 238 -60.68 32.49 22.58
N GLY F 239 -59.44 32.94 22.36
CA GLY F 239 -58.27 32.16 22.68
C GLY F 239 -57.51 31.60 21.50
N LEU F 240 -58.16 31.48 20.34
CA LEU F 240 -57.46 30.98 19.17
C LEU F 240 -56.57 32.07 18.58
N PRO F 241 -55.45 31.70 17.97
CA PRO F 241 -54.62 32.71 17.30
C PRO F 241 -55.39 33.37 16.16
N ILE F 242 -55.13 34.67 15.98
CA ILE F 242 -55.85 35.41 14.94
C ILE F 242 -55.41 34.96 13.57
N ARG F 243 -54.11 35.03 13.30
CA ARG F 243 -53.54 34.62 12.01
C ARG F 243 -53.05 33.19 12.06
N ASP F 244 -53.97 32.24 12.26
CA ASP F 244 -53.58 30.85 12.44
C ASP F 244 -52.88 30.32 11.20
N PHE F 245 -51.58 30.07 11.31
CA PHE F 245 -50.77 29.52 10.25
C PHE F 245 -50.16 28.19 10.67
N SER F 246 -50.74 27.58 11.70
CA SER F 246 -50.21 26.32 12.21
C SER F 246 -50.25 25.23 11.16
N LYS F 247 -51.36 25.14 10.42
CA LYS F 247 -51.46 24.17 9.34
C LYS F 247 -50.65 24.60 8.12
N ILE F 248 -50.30 25.88 8.02
CA ILE F 248 -49.72 26.43 6.80
C ILE F 248 -48.33 26.97 7.16
N GLU F 249 -47.68 26.35 8.15
CA GLU F 249 -46.34 26.78 8.52
C GLU F 249 -45.35 26.58 7.37
N GLY F 250 -45.41 25.42 6.71
CA GLY F 250 -44.48 25.13 5.64
C GLY F 250 -44.61 26.10 4.49
N HIS F 251 -45.84 26.43 4.09
CA HIS F 251 -46.03 27.36 2.99
C HIS F 251 -45.61 28.77 3.38
N LEU F 252 -45.84 29.16 4.64
CA LEU F 252 -45.38 30.46 5.10
C LEU F 252 -43.86 30.56 5.01
N ALA F 253 -43.16 29.51 5.46
CA ALA F 253 -41.71 29.48 5.32
C ALA F 253 -41.29 29.50 3.85
N TRP F 254 -42.01 28.78 2.99
CA TRP F 254 -41.68 28.76 1.58
C TRP F 254 -41.80 30.15 0.97
N THR F 255 -42.88 30.86 1.27
CA THR F 255 -43.08 32.20 0.72
C THR F 255 -42.13 33.23 1.30
N ILE F 256 -41.74 33.11 2.56
CA ILE F 256 -40.77 34.05 3.12
C ILE F 256 -39.38 33.79 2.56
N SER F 257 -38.97 32.53 2.49
CA SER F 257 -37.62 32.19 2.06
C SER F 257 -37.38 32.57 0.61
N THR F 258 -38.35 32.29 -0.27
CA THR F 258 -38.17 32.61 -1.69
C THR F 258 -38.09 34.11 -1.90
N ALA F 259 -38.93 34.88 -1.21
CA ALA F 259 -38.88 36.33 -1.33
C ALA F 259 -37.55 36.88 -0.81
N ALA F 260 -37.08 36.37 0.33
CA ALA F 260 -35.80 36.82 0.86
C ALA F 260 -34.65 36.47 -0.08
N PHE F 261 -34.69 35.27 -0.67
CA PHE F 261 -33.65 34.87 -1.61
C PHE F 261 -33.67 35.74 -2.86
N TYR F 262 -34.86 36.06 -3.37
CA TYR F 262 -34.93 36.94 -4.53
C TYR F 262 -34.42 38.33 -4.21
N LYS F 263 -34.80 38.88 -3.05
CA LYS F 263 -34.38 40.23 -2.71
C LYS F 263 -32.89 40.34 -2.44
N ALA F 264 -32.24 39.23 -2.08
CA ALA F 264 -30.80 39.23 -1.88
C ALA F 264 -30.03 39.13 -3.18
N GLY F 265 -30.70 38.89 -4.30
CA GLY F 265 -30.02 38.81 -5.58
C GLY F 265 -29.97 37.40 -6.15
N GLY F 266 -30.75 36.49 -5.59
CA GLY F 266 -30.79 35.11 -6.05
C GLY F 266 -31.86 34.90 -7.10
N LYS F 267 -31.61 33.94 -7.99
CA LYS F 267 -32.55 33.59 -9.04
C LYS F 267 -33.16 32.24 -8.72
N PRO F 268 -34.34 32.19 -8.10
CA PRO F 268 -34.90 30.90 -7.68
C PRO F 268 -35.18 29.94 -8.82
N TRP F 269 -35.83 30.41 -9.88
CA TRP F 269 -36.13 29.58 -11.03
C TRP F 269 -36.17 30.43 -12.28
N LYS F 270 -36.40 29.76 -13.42
CA LYS F 270 -36.36 30.40 -14.73
C LYS F 270 -37.32 29.68 -15.65
N LEU F 271 -37.90 30.44 -16.59
CA LEU F 271 -38.78 29.86 -17.58
C LEU F 271 -37.99 29.11 -18.63
N SER F 272 -38.57 28.02 -19.14
CA SER F 272 -37.92 27.17 -20.11
C SER F 272 -38.61 27.13 -21.47
N ASP F 273 -39.88 27.53 -21.54
CA ASP F 273 -40.68 27.40 -22.75
C ASP F 273 -40.73 28.69 -23.57
N VAL F 274 -39.98 29.71 -23.18
CA VAL F 274 -40.05 30.99 -23.88
C VAL F 274 -39.22 30.93 -25.14
N ARG F 275 -39.83 31.28 -26.27
CA ARG F 275 -39.14 31.28 -27.55
C ARG F 275 -38.27 32.52 -27.70
N ASN F 276 -37.24 32.41 -28.52
CA ASN F 276 -36.30 33.51 -28.72
C ASN F 276 -36.95 34.64 -29.51
N GLY F 277 -36.56 35.87 -29.16
CA GLY F 277 -37.00 37.04 -29.90
C GLY F 277 -38.36 37.58 -29.52
N VAL F 278 -38.83 37.33 -28.31
CA VAL F 278 -40.15 37.77 -27.87
C VAL F 278 -40.00 38.67 -26.65
N CYS F 279 -40.50 39.90 -26.76
CA CYS F 279 -40.63 40.80 -25.62
C CYS F 279 -42.10 40.87 -25.24
N TYR F 280 -42.41 41.08 -23.96
CA TYR F 280 -43.80 40.93 -23.56
C TYR F 280 -44.47 42.23 -23.15
N LEU F 281 -43.95 42.90 -22.11
CA LEU F 281 -44.52 44.16 -21.62
C LEU F 281 -45.90 43.97 -21.00
N GLY F 282 -46.15 44.62 -19.87
CA GLY F 282 -47.48 44.64 -19.30
C GLY F 282 -47.87 46.03 -18.83
N LEU F 283 -48.93 46.59 -19.42
CA LEU F 283 -49.32 47.96 -19.09
C LEU F 283 -50.50 47.97 -18.13
N VAL F 284 -50.34 48.64 -17.01
CA VAL F 284 -51.40 48.83 -16.02
C VAL F 284 -51.46 50.31 -15.68
N TYR F 285 -52.67 50.87 -15.66
CA TYR F 285 -52.88 52.28 -15.42
C TYR F 285 -53.35 52.48 -13.98
N LYS F 286 -52.61 53.26 -13.21
CA LYS F 286 -52.93 53.56 -11.83
C LYS F 286 -53.23 55.04 -11.67
N LYS F 287 -54.23 55.34 -10.85
CA LYS F 287 -54.58 56.71 -10.55
C LYS F 287 -53.54 57.33 -9.63
N VAL F 288 -53.43 58.67 -9.69
CA VAL F 288 -52.56 59.43 -8.81
C VAL F 288 -53.39 60.52 -8.15
N GLU F 289 -53.53 60.44 -6.84
CA GLU F 289 -54.38 61.37 -6.11
C GLU F 289 -53.66 62.65 -5.70
N LYS F 290 -52.34 62.60 -5.47
CA LYS F 290 -51.61 63.76 -4.98
C LYS F 290 -51.66 64.91 -5.99
N SER F 291 -51.49 64.60 -7.27
CA SER F 291 -51.63 65.62 -8.29
C SER F 291 -53.11 65.79 -8.65
N LYS F 292 -53.51 67.04 -8.93
CA LYS F 292 -54.87 67.30 -9.33
C LYS F 292 -55.19 66.54 -10.61
N ASN F 293 -56.36 65.88 -10.62
CA ASN F 293 -56.80 64.91 -11.63
C ASN F 293 -56.01 63.63 -11.41
N PRO F 294 -56.62 62.46 -11.58
CA PRO F 294 -55.87 61.21 -11.29
C PRO F 294 -54.62 61.04 -12.13
N ARG F 295 -54.58 61.67 -13.30
CA ARG F 295 -53.35 61.79 -14.10
C ARG F 295 -52.89 60.44 -14.65
N ASN F 296 -53.58 59.37 -14.25
CA ASN F 296 -53.50 58.06 -14.88
C ASN F 296 -52.08 57.62 -15.24
N ALA F 297 -51.22 57.48 -14.24
CA ALA F 297 -49.86 57.03 -14.48
C ALA F 297 -49.86 55.63 -15.06
N CYS F 298 -49.01 55.41 -16.07
CA CYS F 298 -48.87 54.11 -16.72
C CYS F 298 -47.48 53.55 -16.46
N CYS F 299 -47.42 52.29 -16.03
CA CYS F 299 -46.15 51.63 -15.75
C CYS F 299 -46.17 50.26 -16.41
N ALA F 300 -44.99 49.77 -16.78
CA ALA F 300 -44.87 48.54 -17.53
C ALA F 300 -43.85 47.60 -16.91
N ALA F 301 -44.12 46.30 -17.03
CA ALA F 301 -43.20 45.26 -16.60
C ALA F 301 -42.80 44.44 -17.81
N GLN F 302 -41.49 44.26 -17.99
CA GLN F 302 -40.93 43.71 -19.21
C GLN F 302 -40.19 42.41 -18.94
N MET F 303 -40.41 41.41 -19.79
CA MET F 303 -39.57 40.22 -19.81
C MET F 303 -39.28 39.83 -21.25
N PHE F 304 -38.03 39.47 -21.52
CA PHE F 304 -37.60 38.87 -22.76
C PHE F 304 -36.50 37.87 -22.45
N LEU F 305 -35.81 37.40 -23.49
CA LEU F 305 -34.72 36.46 -23.32
C LEU F 305 -33.38 37.14 -23.56
N ASP F 306 -32.34 36.53 -23.01
CA ASP F 306 -30.98 37.03 -23.10
C ASP F 306 -30.19 36.14 -24.04
N ASN F 307 -29.08 36.67 -24.55
CA ASN F 307 -28.17 35.86 -25.33
C ASN F 307 -27.66 34.70 -24.49
N GLY F 308 -28.11 33.49 -24.83
CA GLY F 308 -27.92 32.34 -23.97
C GLY F 308 -29.24 31.67 -23.65
N ASP F 309 -29.50 31.54 -22.35
CA ASP F 309 -30.77 30.97 -21.88
C ASP F 309 -31.36 31.73 -20.70
N GLY F 310 -30.67 32.74 -20.18
CA GLY F 310 -31.17 33.45 -19.02
C GLY F 310 -32.34 34.35 -19.36
N THR F 311 -33.26 34.48 -18.40
CA THR F 311 -34.40 35.36 -18.59
C THR F 311 -34.12 36.74 -18.00
N VAL F 312 -34.62 37.77 -18.66
CA VAL F 312 -34.43 39.14 -18.23
C VAL F 312 -35.81 39.67 -17.87
N PHE F 313 -36.13 39.66 -16.58
CA PHE F 313 -37.44 40.08 -16.07
C PHE F 313 -37.23 41.32 -15.21
N LYS F 314 -37.25 42.48 -15.85
CA LYS F 314 -37.13 43.76 -15.17
C LYS F 314 -38.29 44.66 -15.57
N GLY F 315 -38.68 45.53 -14.65
CA GLY F 315 -39.67 46.53 -14.99
C GLY F 315 -39.16 47.52 -16.01
N GLU F 316 -40.08 48.01 -16.83
CA GLU F 316 -39.79 49.05 -17.82
C GLU F 316 -40.73 50.22 -17.54
N VAL F 317 -40.33 51.09 -16.63
CA VAL F 317 -41.20 52.13 -16.11
C VAL F 317 -40.51 53.48 -16.25
N GLY F 318 -41.17 54.39 -16.95
CA GLY F 318 -40.73 55.74 -17.14
C GLY F 318 -41.87 56.69 -16.87
N PRO F 319 -42.62 56.46 -15.77
CA PRO F 319 -44.08 56.62 -15.80
C PRO F 319 -44.60 57.76 -16.65
N TRP F 320 -45.41 57.42 -17.64
CA TRP F 320 -45.90 58.37 -18.62
C TRP F 320 -47.30 58.80 -18.24
N TYR F 321 -47.40 59.96 -17.60
CA TYR F 321 -48.66 60.40 -17.02
C TYR F 321 -49.65 60.79 -18.09
N ASN F 322 -50.93 60.53 -17.83
CA ASN F 322 -52.01 60.70 -18.80
C ASN F 322 -53.10 61.57 -18.20
N PRO F 323 -53.30 62.80 -18.67
CA PRO F 323 -54.39 63.62 -18.16
C PRO F 323 -55.75 63.00 -18.48
N LYS F 324 -56.80 63.68 -17.99
CA LYS F 324 -58.20 63.27 -18.07
C LYS F 324 -58.49 62.23 -17.00
N ASN F 325 -59.72 62.24 -16.47
CA ASN F 325 -60.02 61.45 -15.28
C ASN F 325 -59.99 59.95 -15.58
N GLY F 326 -60.66 59.51 -16.64
CA GLY F 326 -60.77 58.09 -16.91
C GLY F 326 -60.34 57.70 -18.30
N GLN F 327 -59.31 58.37 -18.82
CA GLN F 327 -58.84 58.05 -20.17
C GLN F 327 -58.27 56.64 -20.24
N TYR F 328 -57.33 56.32 -19.34
CA TYR F 328 -56.59 55.06 -19.36
C TYR F 328 -55.96 54.76 -20.71
N HIS F 329 -55.77 55.78 -21.54
CA HIS F 329 -55.22 55.62 -22.88
C HIS F 329 -54.09 56.63 -23.08
N LEU F 330 -53.03 56.19 -23.76
CA LEU F 330 -51.82 56.97 -23.88
C LEU F 330 -51.84 57.88 -25.10
N GLU F 331 -51.41 59.12 -24.91
CA GLU F 331 -51.25 60.05 -26.03
C GLU F 331 -50.10 59.57 -26.91
N PRO F 332 -50.10 59.97 -28.20
CA PRO F 332 -49.09 59.44 -29.13
C PRO F 332 -47.66 59.68 -28.71
N LYS F 333 -47.37 60.84 -28.11
CA LYS F 333 -46.01 61.12 -27.66
C LYS F 333 -45.60 60.17 -26.54
N GLU F 334 -46.46 59.98 -25.54
CA GLU F 334 -46.14 59.10 -24.42
C GLU F 334 -46.09 57.64 -24.86
N ALA F 335 -46.98 57.22 -25.75
CA ALA F 335 -46.96 55.87 -26.28
C ALA F 335 -45.67 55.64 -27.05
N LYS F 336 -45.26 56.63 -27.84
CA LYS F 336 -44.00 56.56 -28.54
C LYS F 336 -42.83 56.44 -27.59
N ALA F 337 -42.83 57.22 -26.51
CA ALA F 337 -41.75 57.13 -25.51
C ALA F 337 -41.71 55.75 -24.87
N LEU F 338 -42.88 55.22 -24.49
CA LEU F 338 -42.94 53.91 -23.87
C LEU F 338 -42.39 52.83 -24.79
N LEU F 339 -42.89 52.76 -26.03
CA LEU F 339 -42.46 51.71 -26.93
C LEU F 339 -41.00 51.86 -27.33
N SER F 340 -40.55 53.10 -27.53
CA SER F 340 -39.12 53.32 -27.79
C SER F 340 -38.29 52.77 -26.64
N GLN F 341 -38.51 53.28 -25.42
CA GLN F 341 -37.74 52.83 -24.26
C GLN F 341 -37.78 51.33 -24.11
N SER F 342 -38.90 50.67 -24.40
CA SER F 342 -38.96 49.22 -24.38
C SER F 342 -38.08 48.58 -25.44
N LEU F 343 -38.05 49.14 -26.65
CA LEU F 343 -37.25 48.52 -27.71
C LEU F 343 -35.76 48.75 -27.50
N GLN F 344 -35.38 49.92 -26.98
CA GLN F 344 -33.97 50.14 -26.64
C GLN F 344 -33.49 49.24 -25.50
N SER F 345 -34.31 49.01 -24.49
CA SER F 345 -33.97 48.10 -23.41
C SER F 345 -33.80 46.67 -23.89
N TYR F 346 -34.33 46.35 -25.08
CA TYR F 346 -34.11 45.06 -25.72
C TYR F 346 -32.86 45.05 -26.59
N LYS F 347 -32.69 46.07 -27.43
CA LYS F 347 -31.55 46.07 -28.36
C LYS F 347 -30.23 46.23 -27.61
N GLU F 348 -30.20 47.03 -26.55
CA GLU F 348 -28.96 47.23 -25.82
C GLU F 348 -28.59 46.01 -24.99
N GLN F 349 -29.48 45.03 -24.87
CA GLN F 349 -29.22 43.83 -24.11
C GLN F 349 -29.03 42.58 -24.98
N ILE F 350 -29.62 42.55 -26.18
CA ILE F 350 -29.40 41.46 -27.11
C ILE F 350 -28.58 41.86 -28.33
N GLY F 351 -28.85 43.02 -28.92
CA GLY F 351 -28.10 43.45 -30.09
C GLY F 351 -28.99 43.82 -31.26
N GLU F 352 -30.14 43.17 -31.38
CA GLU F 352 -31.11 43.45 -32.43
C GLU F 352 -32.49 43.65 -31.83
N TYR F 353 -33.45 44.02 -32.67
CA TYR F 353 -34.82 44.31 -32.29
C TYR F 353 -35.59 43.02 -32.05
N PRO F 354 -36.64 43.07 -31.25
CA PRO F 354 -37.49 41.88 -31.07
C PRO F 354 -38.21 41.54 -32.37
N LYS F 355 -38.47 40.25 -32.57
CA LYS F 355 -39.21 39.80 -33.74
C LYS F 355 -40.73 39.85 -33.53
N GLU F 356 -41.19 39.76 -32.28
CA GLU F 356 -42.62 39.82 -32.00
C GLU F 356 -42.91 40.22 -30.55
N VAL F 357 -43.46 41.43 -30.38
CA VAL F 357 -43.81 41.93 -29.06
C VAL F 357 -45.27 41.61 -28.76
N PHE F 358 -45.54 41.12 -27.56
CA PHE F 358 -46.88 40.72 -27.16
C PHE F 358 -47.31 41.57 -25.97
N ILE F 359 -47.80 42.77 -26.24
CA ILE F 359 -48.15 43.73 -25.19
C ILE F 359 -49.43 43.26 -24.52
N HIS F 360 -49.33 42.95 -23.23
CA HIS F 360 -50.48 42.60 -22.42
C HIS F 360 -50.98 43.82 -21.67
N ALA F 361 -52.29 43.87 -21.43
CA ALA F 361 -52.89 44.98 -20.71
C ALA F 361 -54.25 44.62 -20.15
N LYS F 362 -54.61 45.22 -19.02
CA LYS F 362 -55.94 45.04 -18.46
C LYS F 362 -56.97 45.92 -19.16
N THR F 363 -56.54 46.85 -20.00
CA THR F 363 -57.43 47.79 -20.67
C THR F 363 -57.38 47.57 -22.17
N ARG F 364 -58.45 47.98 -22.85
CA ARG F 364 -58.54 47.78 -24.28
C ARG F 364 -57.99 48.99 -25.03
N PHE F 365 -57.05 48.72 -25.93
CA PHE F 365 -56.40 49.75 -26.73
C PHE F 365 -57.39 50.27 -27.77
N ASN F 366 -57.40 51.58 -28.00
CA ASN F 366 -58.00 52.08 -29.22
C ASN F 366 -56.91 52.37 -30.25
N HIS F 367 -57.35 52.80 -31.44
CA HIS F 367 -56.41 52.90 -32.56
C HIS F 367 -55.35 53.95 -32.32
N GLN F 368 -55.59 54.89 -31.40
CA GLN F 368 -54.67 56.00 -31.22
C GLN F 368 -53.28 55.54 -30.78
N GLU F 369 -53.22 54.62 -29.80
CA GLU F 369 -51.93 54.13 -29.37
C GLU F 369 -51.30 53.22 -30.40
N TRP F 370 -52.12 52.42 -31.09
CA TRP F 370 -51.55 51.47 -32.06
C TRP F 370 -50.89 52.21 -33.21
N ASP F 371 -51.56 53.25 -33.74
CA ASP F 371 -50.96 54.02 -34.82
C ASP F 371 -49.64 54.63 -34.39
N ALA F 372 -49.58 55.20 -33.18
CA ALA F 372 -48.36 55.80 -32.66
C ALA F 372 -47.26 54.74 -32.48
N PHE F 373 -47.66 53.55 -32.03
CA PHE F 373 -46.74 52.44 -31.85
C PHE F 373 -46.09 52.03 -33.17
N LEU F 374 -46.89 51.95 -34.22
CA LEU F 374 -46.41 51.39 -35.49
C LEU F 374 -45.27 52.18 -36.12
N GLU F 375 -45.20 53.49 -35.93
CA GLU F 375 -44.04 54.21 -36.45
C GLU F 375 -42.79 53.75 -35.71
N VAL F 376 -42.90 53.57 -34.40
CA VAL F 376 -41.75 53.22 -33.59
C VAL F 376 -41.23 51.83 -33.97
N THR F 377 -42.13 50.86 -34.11
CA THR F 377 -41.72 49.53 -34.52
C THR F 377 -41.22 49.56 -35.97
N PRO F 378 -40.09 48.93 -36.26
CA PRO F 378 -39.63 48.80 -37.65
C PRO F 378 -40.45 47.74 -38.38
N LYS F 379 -40.11 47.55 -39.65
CA LYS F 379 -40.91 46.67 -40.52
C LYS F 379 -40.80 45.21 -40.08
N GLU F 380 -39.63 44.78 -39.61
CA GLU F 380 -39.43 43.39 -39.25
C GLU F 380 -40.29 43.00 -38.04
N THR F 381 -40.42 43.89 -37.07
CA THR F 381 -41.09 43.56 -35.82
C THR F 381 -42.59 43.37 -36.04
N ASN F 382 -43.14 42.34 -35.38
CA ASN F 382 -44.58 42.09 -35.39
C ASN F 382 -45.14 42.49 -34.03
N LEU F 383 -45.92 43.56 -33.99
CA LEU F 383 -46.44 44.07 -32.74
C LEU F 383 -47.85 43.54 -32.50
N VAL F 384 -48.07 43.00 -31.30
CA VAL F 384 -49.33 42.37 -30.94
C VAL F 384 -49.81 42.93 -29.61
N GLY F 385 -51.08 43.32 -29.56
CA GLY F 385 -51.69 43.79 -28.34
C GLY F 385 -52.72 42.81 -27.82
N VAL F 386 -52.64 42.49 -26.54
CA VAL F 386 -53.51 41.51 -25.90
C VAL F 386 -54.18 42.16 -24.70
N THR F 387 -55.48 41.95 -24.56
CA THR F 387 -56.25 42.46 -23.44
C THR F 387 -56.73 41.31 -22.57
N ILE F 388 -56.43 41.38 -21.28
CA ILE F 388 -56.74 40.32 -20.32
C ILE F 388 -57.66 40.87 -19.25
N SER F 389 -58.72 40.12 -18.94
CA SER F 389 -59.73 40.62 -18.03
C SER F 389 -60.26 39.48 -17.16
N LYS F 390 -60.69 39.83 -15.95
CA LYS F 390 -61.39 38.94 -15.05
C LYS F 390 -62.89 39.19 -15.03
N THR F 391 -63.39 40.14 -15.82
CA THR F 391 -64.74 40.64 -15.63
C THR F 391 -65.79 39.66 -16.15
N LYS F 392 -65.45 38.86 -17.15
CA LYS F 392 -66.45 38.02 -17.80
C LYS F 392 -66.99 36.98 -16.83
N PRO F 393 -68.30 36.93 -16.60
CA PRO F 393 -68.90 35.99 -15.63
C PRO F 393 -69.22 34.61 -16.22
N LEU F 394 -68.16 33.88 -16.57
CA LEU F 394 -68.28 32.50 -17.02
C LEU F 394 -67.77 31.57 -15.92
N LYS F 395 -68.58 30.59 -15.56
CA LYS F 395 -68.25 29.68 -14.46
C LYS F 395 -68.58 28.26 -14.90
N LEU F 396 -67.55 27.46 -15.14
CA LEU F 396 -67.74 26.07 -15.57
C LEU F 396 -67.78 25.17 -14.34
N TYR F 397 -68.96 24.63 -14.03
CA TYR F 397 -69.12 23.63 -13.00
C TYR F 397 -69.15 22.25 -13.65
N LYS F 398 -68.39 21.31 -13.07
CA LYS F 398 -68.44 19.96 -13.58
C LYS F 398 -69.68 19.23 -13.04
N THR F 399 -70.06 18.16 -13.73
CA THR F 399 -71.35 17.51 -13.45
C THR F 399 -71.40 16.96 -12.04
N GLU F 400 -70.41 16.16 -11.65
CA GLU F 400 -70.45 15.51 -10.35
C GLU F 400 -69.06 15.54 -9.72
N GLY F 401 -69.03 15.61 -8.40
CA GLY F 401 -67.77 15.65 -7.67
C GLY F 401 -67.47 17.03 -7.15
N ASP F 402 -67.15 17.14 -5.86
CA ASP F 402 -66.93 18.46 -5.27
C ASP F 402 -65.53 18.98 -5.56
N TYR F 403 -65.15 18.94 -6.83
CA TYR F 403 -63.91 19.55 -7.31
C TYR F 403 -64.25 20.39 -8.53
N THR F 404 -63.40 21.37 -8.80
CA THR F 404 -63.66 22.34 -9.86
C THR F 404 -62.95 21.90 -11.14
N ILE F 405 -63.06 22.72 -12.18
CA ILE F 405 -62.48 22.43 -13.49
C ILE F 405 -60.97 22.34 -13.38
N LEU F 406 -60.35 21.53 -14.23
CA LEU F 406 -58.91 21.43 -14.28
C LEU F 406 -58.30 22.73 -14.76
N ARG F 407 -57.18 23.11 -14.14
CA ARG F 407 -56.45 24.30 -14.56
C ARG F 407 -55.70 23.99 -15.84
N GLY F 408 -55.92 24.79 -16.87
CA GLY F 408 -55.30 24.56 -18.15
C GLY F 408 -56.33 24.44 -19.26
N ASN F 409 -57.59 24.24 -18.88
CA ASN F 409 -58.67 24.20 -19.85
C ASN F 409 -58.89 25.59 -20.43
N ALA F 410 -59.25 25.65 -21.71
CA ALA F 410 -59.45 26.90 -22.40
C ALA F 410 -60.58 26.75 -23.40
N TYR F 411 -61.39 27.79 -23.55
CA TYR F 411 -62.44 27.83 -24.56
C TYR F 411 -62.04 28.89 -25.58
N VAL F 412 -61.73 28.46 -26.81
CA VAL F 412 -61.36 29.37 -27.87
C VAL F 412 -62.64 29.80 -28.58
N VAL F 413 -63.12 31.01 -28.26
CA VAL F 413 -64.36 31.50 -28.86
C VAL F 413 -64.20 31.66 -30.37
N ASN F 414 -63.09 32.25 -30.80
CA ASN F 414 -62.78 32.37 -32.22
C ASN F 414 -61.28 32.57 -32.37
N GLU F 415 -60.86 32.88 -33.59
CA GLU F 415 -59.44 33.03 -33.87
C GLU F 415 -58.85 34.24 -33.17
N ARG F 416 -59.68 35.11 -32.62
CA ARG F 416 -59.20 36.36 -32.03
C ARG F 416 -59.44 36.46 -30.53
N SER F 417 -60.38 35.69 -29.98
CA SER F 417 -60.72 35.76 -28.56
C SER F 417 -60.78 34.35 -27.97
N ALA F 418 -60.56 34.26 -26.66
CA ALA F 418 -60.56 32.99 -25.97
C ALA F 418 -60.75 33.19 -24.48
N PHE F 419 -61.03 32.09 -23.78
CA PHE F 419 -61.09 32.04 -22.33
C PHE F 419 -59.99 31.09 -21.87
N LEU F 420 -59.43 31.33 -20.69
CA LEU F 420 -58.41 30.46 -20.13
C LEU F 420 -58.63 30.34 -18.62
N TRP F 421 -58.78 29.10 -18.14
CA TRP F 421 -58.98 28.83 -16.72
C TRP F 421 -57.61 28.68 -16.07
N THR F 422 -56.94 29.80 -15.85
CA THR F 422 -55.64 29.78 -15.19
C THR F 422 -55.75 29.41 -13.71
N VAL F 423 -56.91 29.64 -13.10
CA VAL F 423 -57.16 29.28 -11.71
C VAL F 423 -58.11 28.10 -11.70
N GLY F 424 -57.70 27.02 -11.04
CA GLY F 424 -58.57 25.86 -10.96
C GLY F 424 -57.85 24.68 -10.35
N TYR F 425 -58.47 23.52 -10.47
CA TYR F 425 -57.92 22.29 -9.93
C TYR F 425 -56.73 21.84 -10.75
N VAL F 426 -55.63 21.48 -10.08
CA VAL F 426 -54.50 20.81 -10.70
C VAL F 426 -54.11 19.64 -9.80
N PRO F 427 -53.97 18.42 -10.34
CA PRO F 427 -53.82 17.25 -9.47
C PRO F 427 -52.61 17.27 -8.57
N LYS F 428 -51.49 17.86 -9.00
CA LYS F 428 -50.29 17.82 -8.17
C LYS F 428 -50.51 18.47 -6.82
N ILE F 429 -51.14 19.65 -6.80
CA ILE F 429 -51.42 20.32 -5.53
C ILE F 429 -52.66 19.74 -4.87
N GLN F 430 -53.34 18.80 -5.52
CA GLN F 430 -54.43 17.98 -5.00
C GLN F 430 -55.71 18.78 -4.77
N THR F 431 -55.71 20.09 -5.00
CA THR F 431 -56.90 20.90 -4.76
C THR F 431 -56.92 22.04 -5.76
N ALA F 432 -58.04 22.77 -5.77
CA ALA F 432 -58.14 23.92 -6.64
C ALA F 432 -57.36 25.10 -6.07
N LEU F 433 -56.70 25.83 -6.96
CA LEU F 433 -56.02 27.06 -6.56
C LEU F 433 -56.98 28.13 -6.10
N SER F 434 -58.25 28.04 -6.47
CA SER F 434 -59.28 28.97 -6.03
C SER F 434 -59.91 28.42 -4.76
N MET F 435 -60.91 29.08 -4.16
CA MET F 435 -61.60 28.53 -3.00
C MET F 435 -63.01 28.15 -3.41
N GLU F 436 -63.74 29.09 -3.98
CA GLU F 436 -65.04 28.83 -4.60
C GLU F 436 -64.80 28.54 -6.07
N VAL F 437 -65.86 28.49 -6.87
CA VAL F 437 -65.68 28.31 -8.31
C VAL F 437 -65.03 29.56 -8.90
N PRO F 438 -63.92 29.44 -9.61
CA PRO F 438 -63.20 30.62 -10.10
C PRO F 438 -63.82 31.14 -11.40
N ASN F 439 -63.16 32.14 -11.97
CA ASN F 439 -63.50 32.64 -13.28
C ASN F 439 -62.27 32.67 -14.17
N PRO F 440 -62.42 32.42 -15.46
CA PRO F 440 -61.28 32.37 -16.36
C PRO F 440 -60.83 33.77 -16.75
N LEU F 441 -59.73 33.81 -17.51
CA LEU F 441 -59.15 35.04 -18.02
C LEU F 441 -59.64 35.28 -19.43
N PHE F 442 -60.35 36.38 -19.65
CA PHE F 442 -60.81 36.74 -20.98
C PHE F 442 -59.65 37.31 -21.78
N ILE F 443 -58.92 36.45 -22.47
CA ILE F 443 -57.78 36.85 -23.29
C ILE F 443 -58.29 37.19 -24.68
N GLU F 444 -58.17 38.45 -25.06
CA GLU F 444 -58.63 38.90 -26.36
C GLU F 444 -57.48 39.64 -27.05
N ILE F 445 -57.19 39.24 -28.28
CA ILE F 445 -56.10 39.86 -29.02
C ILE F 445 -56.63 41.12 -29.68
N ASN F 446 -56.60 42.22 -28.94
CA ASN F 446 -57.23 43.45 -29.41
C ASN F 446 -56.59 43.95 -30.69
N LYS F 447 -55.26 43.90 -30.77
CA LYS F 447 -54.55 44.44 -31.92
C LYS F 447 -53.51 43.43 -32.37
N GLY F 448 -53.06 43.57 -33.62
CA GLY F 448 -52.15 42.60 -34.21
C GLY F 448 -52.89 41.37 -34.66
N GLU F 449 -52.16 40.31 -35.02
CA GLU F 449 -52.84 39.12 -35.51
C GLU F 449 -52.73 37.98 -34.51
N ALA F 450 -51.51 37.51 -34.23
CA ALA F 450 -51.20 36.49 -33.24
C ALA F 450 -51.98 35.18 -33.38
N ASP F 451 -51.33 34.06 -33.06
CA ASP F 451 -52.06 32.82 -32.91
C ASP F 451 -52.62 32.72 -31.49
N ILE F 452 -53.93 32.49 -31.39
CA ILE F 452 -54.59 32.52 -30.09
C ILE F 452 -54.07 31.40 -29.20
N LYS F 453 -53.83 30.21 -29.78
CA LYS F 453 -53.27 29.12 -29.01
C LYS F 453 -51.88 29.46 -28.49
N GLN F 454 -51.05 30.10 -29.32
CA GLN F 454 -49.73 30.49 -28.87
C GLN F 454 -49.81 31.60 -27.82
N VAL F 455 -50.78 32.51 -27.96
CA VAL F 455 -50.96 33.55 -26.96
C VAL F 455 -51.33 32.94 -25.61
N LEU F 456 -52.23 31.96 -25.62
CA LEU F 456 -52.57 31.24 -24.40
C LEU F 456 -51.44 30.35 -23.90
N LYS F 457 -50.51 29.97 -24.78
CA LYS F 457 -49.34 29.20 -24.40
C LYS F 457 -48.33 30.02 -23.62
N ASP F 458 -48.35 31.34 -23.76
CA ASP F 458 -47.39 32.21 -23.10
C ASP F 458 -47.91 32.79 -21.79
N ILE F 459 -49.19 33.15 -21.73
CA ILE F 459 -49.76 33.68 -20.49
C ILE F 459 -49.72 32.64 -19.38
N LEU F 460 -50.04 31.39 -19.70
CA LEU F 460 -49.92 30.32 -18.71
C LEU F 460 -48.48 30.19 -18.24
N SER F 461 -47.52 30.36 -19.15
CA SER F 461 -46.12 30.39 -18.75
C SER F 461 -45.79 31.64 -17.95
N LEU F 462 -46.43 32.76 -18.28
CA LEU F 462 -46.23 33.99 -17.52
C LEU F 462 -46.66 33.85 -16.07
N THR F 463 -47.71 33.07 -15.80
CA THR F 463 -48.24 32.98 -14.45
C THR F 463 -47.35 32.22 -13.49
N LYS F 464 -46.19 31.73 -13.94
CA LYS F 464 -45.31 30.95 -13.09
C LYS F 464 -44.15 31.74 -12.51
N LEU F 465 -43.87 32.94 -13.01
CA LEU F 465 -42.73 33.72 -12.52
C LEU F 465 -43.10 34.70 -11.42
N ASN F 466 -43.76 34.27 -10.36
CA ASN F 466 -44.06 35.13 -9.23
C ASN F 466 -42.99 34.93 -8.18
N TYR F 467 -42.03 35.84 -8.12
CA TYR F 467 -40.96 35.74 -7.14
C TYR F 467 -41.34 36.30 -5.78
N ASN F 468 -42.49 36.97 -5.67
CA ASN F 468 -42.94 37.46 -4.39
C ASN F 468 -43.67 36.39 -3.58
N ALA F 469 -43.92 35.23 -4.17
CA ALA F 469 -44.64 34.16 -3.49
C ALA F 469 -44.25 32.81 -4.11
N CYS F 470 -44.06 31.82 -3.25
CA CYS F 470 -43.75 30.46 -3.69
C CYS F 470 -45.03 29.62 -3.66
N ILE F 471 -45.82 29.76 -4.72
CA ILE F 471 -47.03 28.99 -4.92
C ILE F 471 -46.87 28.17 -6.19
N PHE F 472 -47.86 27.31 -6.45
CA PHE F 472 -47.83 26.52 -7.68
C PHE F 472 -47.91 27.43 -8.90
N ALA F 473 -48.91 28.32 -8.93
CA ALA F 473 -49.06 29.25 -10.03
C ALA F 473 -49.93 30.41 -9.56
N ASP F 474 -49.86 31.51 -10.30
CA ASP F 474 -50.64 32.71 -10.01
C ASP F 474 -51.80 32.79 -10.99
N GLY F 475 -52.89 33.44 -10.56
CA GLY F 475 -54.06 33.52 -11.40
C GLY F 475 -54.02 34.60 -12.45
N GLU F 476 -53.00 35.44 -12.43
CA GLU F 476 -52.87 36.52 -13.38
C GLU F 476 -51.45 36.52 -13.93
N PRO F 477 -51.25 36.82 -15.21
CA PRO F 477 -49.88 36.83 -15.76
C PRO F 477 -48.99 37.80 -15.01
N VAL F 478 -47.74 37.42 -14.81
CA VAL F 478 -46.85 38.18 -13.93
C VAL F 478 -46.57 39.59 -14.45
N THR F 479 -46.62 39.82 -15.76
CA THR F 479 -46.38 41.15 -16.28
C THR F 479 -47.41 42.15 -15.74
N LEU F 480 -48.69 41.78 -15.79
CA LEU F 480 -49.74 42.65 -15.26
C LEU F 480 -49.76 42.72 -13.75
N ARG F 481 -49.15 41.75 -13.06
CA ARG F 481 -49.08 41.79 -11.61
C ARG F 481 -47.90 42.60 -11.10
N PHE F 482 -46.70 42.34 -11.60
CA PHE F 482 -45.55 43.11 -11.18
C PHE F 482 -45.61 44.53 -11.73
N ALA F 483 -46.24 44.72 -12.89
CA ALA F 483 -46.53 46.07 -13.35
C ALA F 483 -47.47 46.79 -12.40
N ASP F 484 -48.48 46.08 -11.89
CA ASP F 484 -49.38 46.67 -10.90
C ASP F 484 -48.63 47.09 -9.65
N LYS F 485 -47.73 46.23 -9.17
CA LYS F 485 -46.95 46.58 -7.98
C LYS F 485 -46.02 47.76 -8.24
N ILE F 486 -45.31 47.73 -9.37
CA ILE F 486 -44.35 48.78 -9.68
C ILE F 486 -45.06 50.11 -9.91
N GLY F 487 -46.34 50.05 -10.30
CA GLY F 487 -47.14 51.26 -10.39
C GLY F 487 -47.67 51.74 -9.05
N GLU F 488 -48.16 50.82 -8.22
CA GLU F 488 -48.64 51.17 -6.89
C GLU F 488 -47.52 51.74 -6.01
N ILE F 489 -46.26 51.43 -6.32
CA ILE F 489 -45.14 52.02 -5.61
C ILE F 489 -44.77 53.40 -6.16
N LEU F 490 -44.82 53.60 -7.47
CA LEU F 490 -44.39 54.84 -8.09
C LEU F 490 -45.48 55.90 -8.17
N THR F 491 -46.70 55.60 -7.73
CA THR F 491 -47.75 56.60 -7.63
C THR F 491 -47.98 57.06 -6.20
N ALA F 492 -47.03 56.77 -5.31
CA ALA F 492 -47.09 57.22 -3.92
C ALA F 492 -46.13 58.35 -3.60
N SER F 493 -45.08 58.53 -4.40
CA SER F 493 -44.07 59.55 -4.17
C SER F 493 -44.17 60.64 -5.24
N THR F 494 -44.06 61.89 -4.82
CA THR F 494 -44.14 63.02 -5.72
C THR F 494 -42.83 63.32 -6.43
N ASP F 495 -41.69 63.07 -5.78
CA ASP F 495 -40.39 63.53 -6.26
C ASP F 495 -39.53 62.39 -6.81
N ILE F 496 -40.15 61.35 -7.35
CA ILE F 496 -39.37 60.24 -7.90
C ILE F 496 -38.89 60.58 -9.31
N LYS F 497 -37.62 60.28 -9.56
CA LYS F 497 -36.99 60.62 -10.83
C LYS F 497 -36.13 59.45 -11.28
N THR F 498 -36.42 58.93 -12.48
CA THR F 498 -35.71 57.81 -13.09
C THR F 498 -35.65 56.64 -12.10
N PRO F 499 -36.77 55.95 -11.86
CA PRO F 499 -36.79 54.91 -10.84
C PRO F 499 -35.98 53.70 -11.27
N PRO F 500 -35.49 52.92 -10.30
CA PRO F 500 -34.79 51.68 -10.66
C PRO F 500 -35.73 50.69 -11.32
N LEU F 501 -35.17 49.86 -12.20
CA LEU F 501 -35.96 48.91 -12.99
C LEU F 501 -35.91 47.50 -12.44
N ALA F 502 -35.26 47.28 -11.30
CA ALA F 502 -35.17 45.96 -10.72
C ALA F 502 -36.34 45.72 -9.77
N PHE F 503 -36.85 44.48 -9.78
CA PHE F 503 -37.99 44.16 -8.93
C PHE F 503 -37.58 43.98 -7.47
N LYS F 504 -36.29 43.96 -7.19
CA LYS F 504 -35.80 43.81 -5.82
C LYS F 504 -36.32 44.94 -4.94
N TYR F 505 -36.43 46.14 -5.53
CA TYR F 505 -36.77 47.34 -4.78
C TYR F 505 -38.27 47.56 -4.70
N TYR F 506 -39.07 46.69 -5.27
CA TYR F 506 -40.50 46.93 -5.42
C TYR F 506 -41.37 45.89 -4.73
N ILE F 507 -41.06 44.62 -4.86
CA ILE F 507 -41.91 43.57 -4.30
C ILE F 507 -41.46 43.22 -2.89
N MET I 1 43.33 4.71 0.63
CA MET I 1 42.30 3.92 -0.04
C MET I 1 41.45 3.16 0.98
N ARG I 2 40.15 3.10 0.72
CA ARG I 2 39.21 2.44 1.63
C ARG I 2 39.15 0.95 1.31
N ASN I 3 39.68 0.11 2.20
CA ASN I 3 39.67 -1.32 2.01
C ASN I 3 39.38 -2.10 3.29
N LYS I 4 38.69 -1.49 4.25
CA LYS I 4 38.44 -2.11 5.53
C LYS I 4 36.94 -2.27 5.76
N ILE I 5 36.56 -3.32 6.49
CA ILE I 5 35.17 -3.59 6.79
C ILE I 5 34.95 -3.41 8.28
N PHE I 6 34.00 -2.54 8.63
CA PHE I 6 33.72 -2.20 10.02
C PHE I 6 32.53 -3.00 10.50
N ILE I 7 32.67 -3.64 11.66
CA ILE I 7 31.60 -4.42 12.25
C ILE I 7 31.21 -3.78 13.57
N SER I 8 30.13 -3.02 13.57
CA SER I 8 29.60 -2.43 14.79
C SER I 8 28.63 -3.41 15.46
N HIS I 9 28.61 -3.37 16.78
CA HIS I 9 27.81 -4.33 17.54
C HIS I 9 27.79 -3.89 19.01
N ALA I 10 27.10 -4.69 19.82
CA ALA I 10 27.14 -4.55 21.26
C ALA I 10 28.28 -5.42 21.79
N THR I 11 29.29 -4.79 22.36
CA THR I 11 30.51 -5.52 22.73
C THR I 11 30.29 -6.64 23.75
N PRO I 12 29.55 -6.46 24.85
CA PRO I 12 29.47 -7.54 25.84
C PRO I 12 28.32 -8.50 25.63
N ASP I 13 27.54 -8.31 24.55
CA ASP I 13 26.35 -9.12 24.36
C ASP I 13 26.39 -9.92 23.07
N ASP I 14 26.81 -9.27 21.97
CA ASP I 14 26.88 -9.92 20.67
C ASP I 14 28.30 -10.32 20.29
N ASN I 15 29.11 -10.74 21.27
CA ASN I 15 30.53 -10.93 21.02
C ASN I 15 30.81 -12.22 20.27
N ASP I 16 30.03 -13.27 20.53
CA ASP I 16 30.29 -14.57 19.90
C ASP I 16 30.10 -14.50 18.39
N PHE I 17 28.96 -13.96 17.95
CA PHE I 17 28.69 -13.88 16.52
C PHE I 17 29.69 -12.97 15.82
N THR I 18 30.02 -11.83 16.41
CA THR I 18 31.00 -10.94 15.79
C THR I 18 32.36 -11.60 15.71
N ARG I 19 32.76 -12.31 16.76
CA ARG I 19 34.01 -13.07 16.70
C ARG I 19 34.00 -14.05 15.54
N TRP I 20 32.94 -14.85 15.42
CA TRP I 20 32.88 -15.84 14.36
C TRP I 20 32.92 -15.18 12.99
N LEU I 21 32.13 -14.13 12.80
CA LEU I 21 32.03 -13.49 11.50
C LEU I 21 33.35 -12.82 11.12
N ALA I 22 33.98 -12.13 12.06
CA ALA I 22 35.25 -11.48 11.78
C ALA I 22 36.34 -12.50 11.47
N LEU I 23 36.44 -13.56 12.28
CA LEU I 23 37.46 -14.56 12.02
C LEU I 23 37.21 -15.32 10.72
N LYS I 24 35.97 -15.42 10.27
CA LYS I 24 35.70 -16.00 8.97
C LYS I 24 36.05 -15.05 7.82
N LEU I 25 35.71 -13.78 7.96
CA LEU I 25 35.97 -12.82 6.89
C LEU I 25 37.46 -12.60 6.70
N ILE I 26 38.21 -12.47 7.80
CA ILE I 26 39.66 -12.34 7.68
C ILE I 26 40.27 -13.62 7.14
N GLY I 27 39.71 -14.76 7.52
CA GLY I 27 40.17 -16.02 6.95
C GLY I 27 39.95 -16.07 5.44
N LEU I 28 38.89 -15.42 4.97
CA LEU I 28 38.59 -15.39 3.54
C LEU I 28 39.35 -14.32 2.78
N GLY I 29 40.17 -13.51 3.46
CA GLY I 29 40.94 -12.48 2.80
C GLY I 29 40.40 -11.07 2.89
N TYR I 30 39.45 -10.82 3.79
CA TYR I 30 38.83 -9.51 3.94
C TYR I 30 39.42 -8.81 5.15
N GLU I 31 39.85 -7.56 4.99
CA GLU I 31 40.35 -6.79 6.11
C GLU I 31 39.18 -6.35 6.98
N VAL I 32 39.25 -6.67 8.27
CA VAL I 32 38.14 -6.44 9.19
C VAL I 32 38.64 -5.62 10.37
N TRP I 33 37.86 -4.59 10.72
CA TRP I 33 38.10 -3.78 11.90
C TRP I 33 36.95 -3.97 12.87
N CYS I 34 37.26 -4.31 14.11
CA CYS I 34 36.25 -4.43 15.16
C CYS I 34 36.90 -4.13 16.49
N ASP I 35 36.08 -3.65 17.43
CA ASP I 35 36.61 -3.27 18.74
C ASP I 35 37.15 -4.47 19.50
N ILE I 36 36.44 -5.61 19.45
CA ILE I 36 36.89 -6.80 20.15
C ILE I 36 38.11 -7.41 19.48
N LEU I 37 38.34 -7.11 18.20
CA LEU I 37 39.49 -7.63 17.47
C LEU I 37 40.79 -7.13 18.10
N PHE I 38 40.84 -5.85 18.44
CA PHE I 38 42.05 -5.26 18.99
C PHE I 38 42.11 -5.43 20.50
N LEU I 39 43.26 -5.86 21.00
CA LEU I 39 43.44 -6.08 22.42
C LEU I 39 44.18 -4.92 23.05
N ASP I 40 43.65 -4.44 24.19
CA ASP I 40 43.94 -3.25 24.99
C ASP I 40 42.98 -2.13 24.61
N LYS I 41 42.71 -1.21 25.53
CA LYS I 41 41.86 -0.07 25.27
C LYS I 41 42.46 1.17 25.91
N GLY I 42 42.33 2.29 25.22
CA GLY I 42 42.82 3.57 25.69
C GLY I 42 41.94 4.67 25.15
N VAL I 43 42.05 5.85 25.76
CA VAL I 43 41.15 6.97 25.45
C VAL I 43 41.15 7.34 23.98
N ASP I 44 42.19 6.95 23.23
CA ASP I 44 42.25 7.27 21.82
C ASP I 44 41.24 6.46 21.01
N PHE I 45 40.63 5.43 21.61
CA PHE I 45 39.80 4.50 20.86
C PHE I 45 38.60 5.21 20.25
N TRP I 46 37.97 6.12 21.00
CA TRP I 46 36.75 6.74 20.53
C TRP I 46 37.01 7.60 19.30
N SER I 47 38.08 8.42 19.33
CA SER I 47 38.43 9.21 18.16
C SER I 47 38.87 8.31 17.00
N ASN I 48 39.59 7.23 17.31
CA ASN I 48 40.04 6.33 16.26
C ASN I 48 38.86 5.69 15.54
N ILE I 49 37.76 5.46 16.27
CA ILE I 49 36.58 4.86 15.66
C ILE I 49 36.05 5.75 14.54
N GLU I 50 35.82 7.04 14.85
CA GLU I 50 35.33 7.94 13.80
C GLU I 50 36.37 8.12 12.71
N LYS I 51 37.65 8.18 13.08
CA LYS I 51 38.68 8.35 12.05
C LYS I 51 38.66 7.20 11.06
N VAL I 52 38.60 5.96 11.55
CA VAL I 52 38.64 4.81 10.65
C VAL I 52 37.34 4.72 9.85
N ILE I 53 36.20 5.04 10.48
CA ILE I 53 34.95 5.01 9.74
C ILE I 53 34.96 6.02 8.60
N ARG I 54 35.48 7.22 8.84
CA ARG I 54 35.47 8.27 7.82
C ARG I 54 36.62 8.19 6.85
N GLU I 55 37.67 7.41 7.12
CA GLU I 55 38.84 7.42 6.28
C GLU I 55 39.20 6.07 5.66
N ASP I 56 38.76 4.95 6.20
CA ASP I 56 39.22 3.65 5.74
C ASP I 56 38.12 2.64 5.46
N THR I 57 36.96 2.75 6.09
CA THR I 57 35.92 1.74 5.92
C THR I 57 35.30 1.82 4.53
N CYS I 58 35.25 0.68 3.84
CA CYS I 58 34.59 0.59 2.55
C CYS I 58 33.17 0.03 2.63
N LYS I 59 32.92 -0.91 3.54
CA LYS I 59 31.58 -1.38 3.83
C LYS I 59 31.39 -1.40 5.34
N PHE I 60 30.21 -0.96 5.77
CA PHE I 60 29.89 -0.88 7.19
C PHE I 60 28.83 -1.94 7.51
N LEU I 61 29.21 -2.92 8.31
CA LEU I 61 28.30 -3.98 8.73
C LEU I 61 27.84 -3.70 10.15
N LEU I 62 26.53 -3.63 10.33
CA LEU I 62 25.95 -3.36 11.65
C LEU I 62 25.22 -4.62 12.11
N VAL I 63 25.76 -5.25 13.14
CA VAL I 63 25.12 -6.42 13.73
C VAL I 63 23.83 -5.97 14.40
N SER I 64 22.70 -6.43 13.88
CA SER I 64 21.39 -6.02 14.35
C SER I 64 20.86 -7.08 15.31
N SER I 65 20.57 -6.65 16.54
CA SER I 65 20.02 -7.54 17.57
C SER I 65 19.24 -6.69 18.55
N SER I 66 18.45 -7.36 19.40
CA SER I 66 17.66 -6.63 20.39
C SER I 66 18.54 -5.88 21.36
N TYR I 67 19.82 -6.25 21.46
CA TYR I 67 20.77 -5.47 22.22
C TYR I 67 21.27 -4.28 21.41
N SER I 68 21.90 -4.56 20.27
CA SER I 68 22.52 -3.51 19.47
C SER I 68 21.51 -2.65 18.72
N ASN I 69 20.22 -2.86 18.93
CA ASN I 69 19.20 -2.09 18.23
C ASN I 69 19.29 -0.60 18.60
N GLN I 70 19.37 -0.29 19.89
CA GLN I 70 19.26 1.08 20.39
C GLN I 70 20.37 1.34 21.41
N ARG I 71 21.60 0.99 21.05
CA ARG I 71 22.75 1.18 21.92
C ARG I 71 23.52 2.42 21.49
N GLU I 72 23.88 3.25 22.47
CA GLU I 72 24.39 4.59 22.17
C GLU I 72 25.67 4.54 21.34
N GLY I 73 26.59 3.63 21.67
CA GLY I 73 27.76 3.47 20.83
C GLY I 73 27.40 3.04 19.43
N VAL I 74 26.46 2.09 19.31
CA VAL I 74 25.99 1.64 18.01
C VAL I 74 25.31 2.78 17.26
N LEU I 75 24.50 3.57 17.97
CA LEU I 75 23.85 4.71 17.34
C LEU I 75 24.86 5.72 16.80
N LYS I 76 25.90 6.02 17.59
CA LYS I 76 26.87 7.01 17.14
C LYS I 76 27.68 6.49 15.96
N GLU I 77 28.07 5.21 16.01
CA GLU I 77 28.76 4.61 14.88
C GLU I 77 27.88 4.61 13.64
N LEU I 78 26.59 4.31 13.80
CA LEU I 78 25.67 4.30 12.68
C LEU I 78 25.47 5.70 12.11
N ALA I 79 25.43 6.71 12.97
CA ALA I 79 25.27 8.08 12.49
C ALA I 79 26.48 8.55 11.70
N VAL I 80 27.69 8.30 12.22
CA VAL I 80 28.87 8.69 11.45
C VAL I 80 28.97 7.87 10.16
N ALA I 81 28.54 6.60 10.21
CA ALA I 81 28.51 5.78 9.00
C ALA I 81 27.54 6.36 7.97
N ALA I 82 26.37 6.83 8.43
CA ALA I 82 25.42 7.43 7.51
C ALA I 82 25.99 8.69 6.88
N LYS I 83 26.68 9.51 7.67
CA LYS I 83 27.30 10.71 7.13
C LYS I 83 28.36 10.35 6.08
N VAL I 84 29.16 9.33 6.36
CA VAL I 84 30.15 8.88 5.38
C VAL I 84 29.45 8.34 4.13
N LYS I 85 28.31 7.68 4.30
CA LYS I 85 27.54 7.19 3.15
C LYS I 85 27.09 8.36 2.27
N LYS I 86 26.57 9.42 2.89
CA LYS I 86 26.15 10.58 2.10
C LYS I 86 27.35 11.22 1.41
N GLN I 87 28.48 11.31 2.10
CA GLN I 87 29.66 11.94 1.50
C GLN I 87 30.21 11.12 0.34
N LEU I 88 30.21 9.80 0.45
CA LEU I 88 30.79 8.94 -0.57
C LEU I 88 29.84 8.66 -1.72
N LYS I 89 28.56 9.04 -1.60
CA LYS I 89 27.56 8.81 -2.65
C LYS I 89 27.45 7.33 -2.99
N ASP I 90 27.50 6.48 -1.97
CA ASP I 90 27.37 5.04 -2.12
C ASP I 90 26.19 4.56 -1.30
N ASP I 91 25.10 4.21 -1.98
CA ASP I 91 23.91 3.75 -1.28
C ASP I 91 24.17 2.45 -0.53
N LYS I 92 24.90 1.51 -1.13
CA LYS I 92 25.18 0.22 -0.53
C LYS I 92 26.41 0.32 0.38
N PHE I 93 26.23 1.03 1.48
CA PHE I 93 27.33 1.21 2.42
C PHE I 93 27.02 0.54 3.76
N ILE I 94 25.89 0.87 4.36
CA ILE I 94 25.48 0.20 5.59
C ILE I 94 24.75 -1.08 5.23
N ILE I 95 25.30 -2.21 5.66
CA ILE I 95 24.73 -3.52 5.35
C ILE I 95 24.32 -4.18 6.66
N PRO I 96 23.05 -4.07 7.05
CA PRO I 96 22.62 -4.67 8.32
C PRO I 96 22.73 -6.18 8.30
N LEU I 97 22.98 -6.76 9.47
CA LEU I 97 23.04 -8.21 9.66
C LEU I 97 22.10 -8.59 10.78
N ALA I 98 20.89 -9.03 10.43
CA ALA I 98 19.86 -9.33 11.42
C ALA I 98 20.09 -10.73 11.97
N ILE I 99 20.40 -10.82 13.26
CA ILE I 99 20.78 -12.08 13.89
C ILE I 99 19.84 -12.47 15.01
N ASP I 100 18.85 -11.64 15.32
CA ASP I 100 17.96 -11.90 16.44
C ASP I 100 16.55 -12.23 15.94
N GLU I 101 16.04 -13.38 16.40
CA GLU I 101 14.72 -13.83 16.00
C GLU I 101 13.60 -13.06 16.70
N GLN I 102 13.89 -12.45 17.84
CA GLN I 102 12.92 -11.60 18.53
C GLN I 102 12.95 -10.16 18.03
N LEU I 103 13.89 -9.83 17.16
CA LEU I 103 13.94 -8.51 16.53
C LEU I 103 13.30 -8.62 15.15
N SER I 104 11.98 -8.47 15.09
CA SER I 104 11.30 -8.47 13.81
C SER I 104 11.71 -7.25 13.00
N TYR I 105 11.54 -7.35 11.68
CA TYR I 105 11.96 -6.27 10.81
C TYR I 105 11.13 -5.01 10.98
N ASP I 106 10.01 -5.09 11.70
CA ASP I 106 9.14 -3.95 11.92
C ASP I 106 9.47 -3.17 13.18
N ASP I 107 10.55 -3.53 13.89
CA ASP I 107 10.95 -2.84 15.11
C ASP I 107 12.41 -2.43 15.05
N ILE I 108 12.96 -2.30 13.85
CA ILE I 108 14.38 -1.97 13.68
C ILE I 108 14.54 -0.47 13.89
N ASN I 109 15.77 -0.03 14.14
CA ASN I 109 16.09 1.39 14.27
C ASN I 109 15.76 2.15 12.99
N ILE I 110 15.52 3.45 13.15
CA ILE I 110 15.04 4.27 12.03
C ILE I 110 16.07 4.30 10.91
N ASP I 111 17.35 4.31 11.25
CA ASP I 111 18.39 4.41 10.22
C ASP I 111 18.49 3.12 9.42
N ILE I 112 17.91 2.03 9.93
CA ILE I 112 18.14 0.72 9.34
C ILE I 112 16.88 0.17 8.68
N VAL I 113 15.72 0.73 9.00
CA VAL I 113 14.43 0.21 8.52
C VAL I 113 14.41 0.11 7.00
N ARG I 114 14.88 1.16 6.32
CA ARG I 114 14.80 1.24 4.87
C ARG I 114 15.96 0.53 4.17
N LEU I 115 16.63 -0.40 4.83
CA LEU I 115 17.80 -1.05 4.26
C LEU I 115 17.60 -2.56 4.20
N ASN I 116 18.07 -3.17 3.12
CA ASN I 116 17.98 -4.61 2.97
C ASN I 116 19.01 -5.30 3.86
N ALA I 117 18.54 -6.17 4.75
CA ALA I 117 19.37 -6.77 5.78
C ALA I 117 19.61 -8.23 5.46
N ILE I 118 20.88 -8.65 5.55
CA ILE I 118 21.21 -10.05 5.35
C ILE I 118 20.71 -10.85 6.55
N ASP I 119 19.94 -11.90 6.27
CA ASP I 119 19.23 -12.64 7.32
C ASP I 119 20.17 -13.70 7.89
N PHE I 120 20.53 -13.54 9.16
CA PHE I 120 21.33 -14.51 9.88
C PHE I 120 20.51 -15.30 10.89
N LYS I 121 19.19 -15.05 10.96
CA LYS I 121 18.38 -15.64 12.01
C LYS I 121 18.33 -17.16 11.90
N MET I 122 18.18 -17.69 10.68
CA MET I 122 18.00 -19.12 10.49
C MET I 122 19.31 -19.88 10.39
N SER I 123 20.22 -19.45 9.53
CA SER I 123 21.49 -20.12 9.33
C SER I 123 22.59 -19.07 9.20
N TRP I 124 23.61 -19.17 10.06
CA TRP I 124 24.72 -18.22 9.99
C TRP I 124 25.48 -18.37 8.68
N ALA I 125 25.62 -19.59 8.17
CA ALA I 125 26.37 -19.79 6.94
C ALA I 125 25.64 -19.21 5.74
N ARG I 126 24.31 -19.28 5.74
CA ARG I 126 23.56 -18.66 4.66
C ARG I 126 23.76 -17.15 4.67
N GLY I 127 23.76 -16.55 5.86
CA GLY I 127 24.09 -15.15 5.96
C GLY I 127 25.50 -14.86 5.46
N LEU I 128 26.44 -15.74 5.78
CA LEU I 128 27.82 -15.52 5.38
C LEU I 128 27.97 -15.59 3.87
N LYS I 129 27.31 -16.55 3.22
CA LYS I 129 27.40 -16.62 1.77
C LYS I 129 26.70 -15.44 1.12
N ASP I 130 25.59 -14.97 1.71
CA ASP I 130 24.95 -13.76 1.19
C ASP I 130 25.89 -12.56 1.31
N ILE I 131 26.58 -12.44 2.45
CA ILE I 131 27.57 -11.38 2.62
C ILE I 131 28.62 -11.48 1.53
N LEU I 132 29.09 -12.70 1.25
CA LEU I 132 30.06 -12.86 0.19
C LEU I 132 29.50 -12.35 -1.14
N GLU I 133 28.36 -12.89 -1.57
CA GLU I 133 27.80 -12.50 -2.86
C GLU I 133 27.66 -10.99 -2.97
N ALA I 134 27.21 -10.35 -1.89
CA ALA I 134 27.18 -8.90 -1.86
C ALA I 134 28.57 -8.31 -2.08
N PHE I 135 29.60 -8.94 -1.49
CA PHE I 135 30.93 -8.35 -1.58
C PHE I 135 31.52 -8.46 -2.99
N GLU I 136 31.46 -9.63 -3.62
CA GLU I 136 32.03 -9.68 -4.97
C GLU I 136 31.12 -9.00 -5.99
N LYS I 137 29.82 -8.88 -5.70
CA LYS I 137 28.97 -8.10 -6.60
C LYS I 137 29.32 -6.62 -6.51
N GLN I 138 29.59 -6.12 -5.30
CA GLN I 138 29.91 -4.71 -5.12
C GLN I 138 31.41 -4.45 -5.21
N LYS I 139 32.18 -5.47 -5.58
CA LYS I 139 33.62 -5.34 -5.78
C LYS I 139 34.34 -4.80 -4.55
N VAL I 140 34.01 -5.31 -3.37
CA VAL I 140 34.69 -4.92 -2.14
C VAL I 140 36.15 -5.35 -2.25
N PRO I 141 37.10 -4.49 -1.88
CA PRO I 141 38.52 -4.88 -1.96
C PRO I 141 38.78 -6.13 -1.14
N LYS I 142 39.58 -7.03 -1.70
CA LYS I 142 39.79 -8.36 -1.14
C LYS I 142 41.18 -8.84 -1.48
N GLU I 143 41.78 -9.55 -0.52
CA GLU I 143 43.07 -10.20 -0.72
C GLU I 143 42.83 -11.70 -0.85
N VAL I 144 43.83 -12.41 -1.39
CA VAL I 144 43.69 -13.84 -1.61
C VAL I 144 43.39 -14.54 -0.29
N ALA I 145 42.59 -15.59 -0.36
CA ALA I 145 42.14 -16.29 0.85
C ALA I 145 43.32 -16.90 1.59
N ASP I 146 43.32 -16.73 2.91
CA ASP I 146 44.40 -17.24 3.76
C ASP I 146 43.84 -17.44 5.17
N ALA I 147 43.61 -18.70 5.55
CA ALA I 147 43.09 -18.98 6.88
C ALA I 147 44.15 -18.80 7.94
N SER I 148 45.43 -18.82 7.57
CA SER I 148 46.49 -18.65 8.55
C SER I 148 46.45 -17.27 9.19
N LYS I 149 46.00 -16.26 8.45
CA LYS I 149 45.84 -14.94 9.04
C LYS I 149 44.83 -14.96 10.17
N SER I 150 43.69 -15.60 9.94
CA SER I 150 42.68 -15.74 10.99
C SER I 150 43.20 -16.55 12.16
N ASN I 151 43.95 -17.62 11.88
CA ASN I 151 44.54 -18.43 12.94
C ASN I 151 45.46 -17.59 13.81
N LEU I 152 46.39 -16.86 13.18
CA LEU I 152 47.32 -16.04 13.94
C LEU I 152 46.59 -14.98 14.74
N LEU I 153 45.59 -14.33 14.14
CA LEU I 153 44.83 -13.32 14.86
C LEU I 153 44.14 -13.93 16.07
N TYR I 154 43.59 -15.13 15.92
CA TYR I 154 42.96 -15.83 17.02
C TYR I 154 43.97 -16.11 18.12
N GLN I 155 45.20 -16.47 17.75
CA GLN I 155 46.21 -16.77 18.76
C GLN I 155 46.67 -15.51 19.50
N GLN I 156 46.93 -14.42 18.78
CA GLN I 156 47.44 -13.23 19.48
C GLN I 156 46.34 -12.55 20.28
N ILE I 157 45.08 -12.66 19.85
CA ILE I 157 44.01 -11.95 20.54
C ILE I 157 43.15 -12.86 21.41
N PHE I 158 42.52 -13.88 20.84
CA PHE I 158 41.59 -14.69 21.61
C PHE I 158 42.26 -15.95 22.14
N LEU I 159 42.58 -18.02 24.43
CA LEU I 159 43.73 -18.83 24.05
C LEU I 159 45.01 -18.00 24.18
N HIS I 160 44.85 -16.70 24.38
CA HIS I 160 45.99 -15.81 24.59
C HIS I 160 46.04 -15.32 26.03
N ASP I 161 44.88 -15.04 26.61
CA ASP I 161 44.79 -14.71 28.03
C ASP I 161 44.84 -15.97 28.87
N LYS I 162 44.81 -17.15 28.24
CA LYS I 162 44.84 -18.44 28.92
C LYS I 162 45.95 -19.25 28.25
N SER I 163 47.16 -19.13 28.76
CA SER I 163 48.31 -19.80 28.19
C SER I 163 49.24 -20.30 29.28
N VAL I 164 50.08 -21.27 28.92
CA VAL I 164 51.08 -21.80 29.83
C VAL I 164 52.13 -20.73 30.11
N ILE I 165 52.42 -20.54 31.40
CA ILE I 165 53.44 -19.59 31.85
C ILE I 165 54.50 -20.34 32.63
N GLU I 166 55.76 -19.97 32.42
CA GLU I 166 56.87 -20.63 33.11
C GLU I 166 57.06 -20.06 34.50
N LYS I 167 56.60 -20.78 35.52
CA LYS I 167 56.72 -20.34 36.90
C LYS I 167 56.71 -21.57 37.80
N GLU I 168 57.67 -21.66 38.70
CA GLU I 168 57.81 -22.83 39.56
C GLU I 168 56.71 -22.87 40.62
N GLU I 169 56.18 -24.07 40.86
CA GLU I 169 55.15 -24.28 41.86
C GLU I 169 55.42 -25.58 42.62
N ILE I 170 54.93 -25.64 43.85
CA ILE I 170 55.07 -26.84 44.67
C ILE I 170 53.71 -27.53 44.78
N TYR I 171 53.74 -28.84 44.96
CA TYR I 171 52.54 -29.66 45.02
C TYR I 171 52.60 -30.54 46.26
N ASP I 172 51.45 -30.73 46.90
CA ASP I 172 51.34 -31.58 48.08
C ASP I 172 50.55 -32.84 47.71
N SER I 173 51.25 -33.94 47.55
CA SER I 173 50.63 -35.18 47.10
C SER I 173 50.03 -35.92 48.29
N ASN I 174 49.61 -37.16 48.07
CA ASN I 174 49.14 -38.03 49.15
C ASN I 174 50.14 -39.13 49.47
N TRP I 175 51.41 -38.94 49.14
CA TRP I 175 52.48 -39.89 49.44
C TRP I 175 53.15 -39.43 50.73
N LEU I 176 53.30 -40.34 51.68
CA LEU I 176 54.00 -40.05 52.93
C LEU I 176 55.33 -40.79 52.91
N SER I 177 56.42 -40.03 53.01
CA SER I 177 57.74 -40.64 53.08
C SER I 177 57.89 -41.44 54.37
N ILE I 178 58.48 -42.62 54.26
CA ILE I 178 58.76 -43.44 55.43
C ILE I 178 60.20 -43.17 55.87
N LEU I 179 60.34 -42.67 57.09
CA LEU I 179 61.64 -42.16 57.55
C LEU I 179 62.68 -43.27 57.75
N SER I 180 62.31 -44.36 58.44
CA SER I 180 63.29 -45.38 58.74
C SER I 180 62.58 -46.69 59.04
N PHE I 181 63.35 -47.78 58.96
CA PHE I 181 62.90 -49.12 59.29
C PHE I 181 63.78 -49.70 60.39
N PRO I 182 63.28 -50.69 61.13
CA PRO I 182 64.17 -51.44 62.04
C PRO I 182 65.31 -52.09 61.27
N GLU I 183 66.45 -52.22 61.95
CA GLU I 183 67.68 -52.65 61.27
C GLU I 183 67.56 -54.03 60.65
N GLU I 184 66.84 -54.94 61.30
CA GLU I 184 66.86 -56.35 60.91
C GLU I 184 65.46 -56.86 60.65
N LEU I 185 65.32 -57.70 59.62
CA LEU I 185 64.08 -58.43 59.38
C LEU I 185 64.26 -59.86 59.87
N ARG I 186 63.59 -60.17 60.98
CA ARG I 186 63.81 -61.42 61.70
C ARG I 186 62.93 -62.52 61.13
N PHE I 187 63.29 -63.77 61.42
CA PHE I 187 62.58 -64.96 60.95
C PHE I 187 62.74 -66.05 62.01
N HIS I 188 61.72 -66.18 62.86
CA HIS I 188 61.83 -67.06 64.03
C HIS I 188 61.12 -68.38 63.77
N GLU I 189 61.79 -69.49 64.14
CA GLU I 189 61.29 -70.84 63.89
C GLU I 189 60.41 -71.32 65.06
N TYR I 190 59.22 -70.73 65.15
CA TYR I 190 58.27 -71.21 66.16
C TYR I 190 57.83 -72.63 65.84
N ASN I 191 57.57 -72.93 64.57
CA ASN I 191 57.27 -74.28 64.10
C ASN I 191 56.12 -74.90 64.88
N TRP I 192 56.37 -76.07 65.49
CA TRP I 192 55.37 -76.70 66.36
C TRP I 192 55.05 -75.84 67.57
N MET I 193 56.02 -75.04 68.03
CA MET I 193 55.84 -74.24 69.22
C MET I 193 54.85 -73.09 68.96
N LEU I 194 54.49 -72.89 67.69
CA LEU I 194 53.29 -72.14 67.33
C LEU I 194 52.20 -73.10 66.88
N PRO I 195 51.01 -73.06 67.49
CA PRO I 195 49.91 -73.88 66.97
C PRO I 195 49.50 -73.44 65.57
N LYS I 196 49.30 -74.43 64.69
CA LYS I 196 48.99 -74.12 63.30
C LYS I 196 47.61 -73.47 63.16
N ARG I 197 46.62 -73.99 63.88
CA ARG I 197 45.25 -73.52 63.78
C ARG I 197 45.08 -72.25 64.61
N PHE I 198 45.87 -71.23 64.26
CA PHE I 198 45.82 -69.94 64.92
C PHE I 198 45.90 -68.84 63.86
N ASP I 199 45.18 -67.75 64.11
CA ASP I 199 45.14 -66.62 63.20
C ASP I 199 46.10 -65.54 63.67
N VAL I 200 47.02 -65.14 62.79
CA VAL I 200 48.02 -64.15 63.16
C VAL I 200 47.48 -62.73 63.17
N ARG I 201 46.20 -62.53 62.83
CA ARG I 201 45.62 -61.20 62.85
C ARG I 201 45.36 -60.68 64.26
N GLU I 202 45.16 -61.56 65.24
CA GLU I 202 44.91 -61.14 66.61
C GLU I 202 46.18 -60.85 67.39
N LEU I 203 47.35 -61.13 66.82
CA LEU I 203 48.60 -60.81 67.47
C LEU I 203 48.75 -59.30 67.66
N THR I 204 49.30 -58.91 68.80
CA THR I 204 49.47 -57.49 69.13
C THR I 204 50.37 -56.78 68.13
N PHE I 205 51.49 -57.42 67.77
CA PHE I 205 52.42 -56.81 66.84
C PHE I 205 52.35 -57.51 65.47
N PRO I 206 52.80 -56.84 64.41
CA PRO I 206 52.70 -57.44 63.08
C PRO I 206 53.54 -58.70 62.96
N ALA I 207 52.92 -59.75 62.44
CA ALA I 207 53.60 -61.02 62.21
C ALA I 207 52.83 -61.85 61.20
N VAL I 208 53.43 -62.10 60.04
CA VAL I 208 52.82 -62.91 58.99
C VAL I 208 53.62 -64.20 58.89
N ARG I 209 52.91 -65.33 58.92
CA ARG I 209 53.57 -66.63 58.93
C ARG I 209 54.15 -66.93 57.54
N TYR I 210 55.41 -67.34 57.51
CA TYR I 210 56.10 -67.71 56.28
C TYR I 210 56.76 -69.05 56.52
N LYS I 211 56.35 -70.07 55.76
CA LYS I 211 56.79 -71.44 55.99
C LYS I 211 56.51 -71.81 57.44
N ASN I 212 57.57 -72.06 58.20
CA ASN I 212 57.49 -72.10 59.66
C ASN I 212 58.33 -70.99 60.29
N TYR I 213 58.60 -69.92 59.55
CA TYR I 213 59.39 -68.79 60.02
C TYR I 213 58.46 -67.59 60.15
N LEU I 214 58.20 -67.15 61.37
CA LEU I 214 57.28 -66.05 61.58
C LEU I 214 57.96 -64.73 61.22
N CYS I 215 57.53 -64.14 60.11
CA CYS I 215 58.11 -62.90 59.60
C CYS I 215 57.61 -61.74 60.45
N THR I 216 58.54 -61.01 61.07
CA THR I 216 58.17 -59.87 61.89
C THR I 216 59.40 -59.00 62.13
N PHE I 217 59.13 -57.73 62.48
CA PHE I 217 60.16 -56.82 62.94
C PHE I 217 60.26 -56.81 64.46
N ALA I 218 59.46 -57.61 65.14
CA ALA I 218 59.50 -57.72 66.59
C ALA I 218 60.50 -58.81 67.00
N TRP I 219 61.01 -58.69 68.23
CA TRP I 219 62.01 -59.64 68.70
C TRP I 219 61.33 -60.87 69.31
N ALA I 220 62.17 -61.81 69.75
CA ALA I 220 61.73 -63.20 69.91
C ALA I 220 60.58 -63.34 70.90
N TYR I 221 60.67 -62.70 72.06
CA TYR I 221 59.69 -62.89 73.13
C TYR I 221 58.69 -61.76 73.23
N ASP I 222 58.37 -61.11 72.12
CA ASP I 222 57.32 -60.10 72.14
C ASP I 222 55.93 -60.71 72.13
N PHE I 223 55.82 -62.02 71.94
CA PHE I 223 54.53 -62.68 71.79
C PHE I 223 54.32 -63.78 72.83
N THR I 224 54.77 -63.55 74.06
CA THR I 224 54.59 -64.54 75.11
C THR I 224 53.16 -64.54 75.64
N TYR I 225 52.43 -63.45 75.42
CA TYR I 225 51.06 -63.36 75.95
C TYR I 225 50.11 -64.24 75.16
N HIS I 226 49.95 -63.95 73.86
CA HIS I 226 49.03 -64.75 73.04
C HIS I 226 49.59 -66.15 72.81
N LEU I 227 50.90 -66.33 72.97
CA LEU I 227 51.57 -67.59 72.69
C LEU I 227 52.40 -67.98 73.91
N PRO I 228 51.77 -68.54 74.95
CA PRO I 228 52.53 -68.91 76.15
C PRO I 228 53.62 -69.94 75.88
N LYS I 229 53.45 -70.77 74.86
CA LYS I 229 54.41 -71.84 74.58
C LYS I 229 55.74 -71.27 74.08
N THR I 230 55.74 -70.03 73.61
CA THR I 230 56.92 -69.42 72.99
C THR I 230 57.94 -68.92 74.00
N GLU I 231 57.89 -69.38 75.25
CA GLU I 231 58.77 -68.86 76.28
C GLU I 231 60.15 -69.51 76.26
N THR I 232 60.32 -70.62 75.55
CA THR I 232 61.55 -71.41 75.58
C THR I 232 62.27 -71.38 74.24
N TYR I 233 62.26 -70.23 73.58
CA TYR I 233 62.87 -70.12 72.26
C TYR I 233 64.35 -69.74 72.38
N HIS I 234 65.11 -70.05 71.33
CA HIS I 234 66.54 -69.80 71.31
C HIS I 234 66.83 -68.76 70.23
N LYS I 235 67.53 -67.70 70.61
CA LYS I 235 67.72 -66.53 69.74
C LYS I 235 68.61 -66.80 68.53
N SER I 236 69.53 -67.75 68.61
CA SER I 236 70.45 -68.01 67.51
C SER I 236 69.78 -68.61 66.29
N LYS I 237 68.51 -69.02 66.41
CA LYS I 237 67.74 -69.52 65.29
C LYS I 237 67.22 -68.40 64.40
N THR I 238 67.40 -67.14 64.80
CA THR I 238 66.93 -66.01 64.02
C THR I 238 67.62 -65.98 62.65
N ILE I 239 66.84 -65.61 61.63
CA ILE I 239 67.32 -65.51 60.26
C ILE I 239 67.27 -64.05 59.85
N ARG I 240 67.59 -63.17 60.82
CA ARG I 240 67.57 -61.73 60.61
C ARG I 240 68.14 -61.32 59.26
N ILE I 241 67.50 -60.32 58.66
CA ILE I 241 67.89 -59.84 57.33
C ILE I 241 68.18 -58.35 57.39
N PRO I 242 69.25 -57.88 56.75
CA PRO I 242 69.54 -56.44 56.74
C PRO I 242 68.62 -55.66 55.83
N THR I 243 67.48 -55.22 56.36
CA THR I 243 66.40 -54.55 55.64
C THR I 243 66.89 -53.61 54.54
N GLU I 244 67.93 -52.82 54.82
CA GLU I 244 68.43 -51.89 53.82
C GLU I 244 68.90 -52.63 52.58
N GLU I 245 69.42 -53.86 52.73
CA GLU I 245 69.75 -54.66 51.55
C GLU I 245 68.51 -55.10 50.81
N ILE I 246 67.41 -55.35 51.52
CA ILE I 246 66.15 -55.67 50.85
C ILE I 246 65.70 -54.48 50.01
N LEU I 247 65.79 -53.27 50.57
CA LEU I 247 65.44 -52.09 49.80
C LEU I 247 66.36 -51.92 48.59
N SER I 248 67.66 -52.14 48.78
CA SER I 248 68.57 -52.10 47.64
C SER I 248 68.31 -53.26 46.69
N GLY I 249 67.90 -54.41 47.23
CA GLY I 249 67.70 -55.59 46.42
C GLY I 249 68.89 -56.54 46.49
N SER I 250 69.82 -56.23 47.39
CA SER I 250 71.02 -57.06 47.51
C SER I 250 70.70 -58.47 47.94
N TYR I 251 69.79 -58.63 48.91
CA TYR I 251 69.50 -59.95 49.45
C TYR I 251 68.55 -60.71 48.53
N ASP I 252 69.03 -61.82 47.99
CA ASP I 252 68.19 -62.75 47.24
C ASP I 252 68.86 -64.11 47.24
N SER I 253 68.11 -65.13 47.67
CA SER I 253 68.67 -66.47 47.80
C SER I 253 67.56 -67.52 47.76
N ASN I 254 67.94 -68.79 47.97
CA ASN I 254 66.96 -69.86 47.96
C ASN I 254 65.98 -69.72 49.12
N PHE I 255 66.45 -69.20 50.25
CA PHE I 255 65.56 -69.02 51.41
C PHE I 255 64.43 -68.05 51.09
N ILE I 256 64.75 -66.88 50.55
CA ILE I 256 63.76 -65.87 50.22
C ILE I 256 64.13 -65.24 48.88
N ARG I 257 63.12 -65.04 48.04
CA ARG I 257 63.27 -64.26 46.83
C ARG I 257 63.03 -62.79 47.15
N ASN I 258 63.70 -61.92 46.39
CA ASN I 258 63.53 -60.49 46.59
C ASN I 258 62.08 -60.08 46.41
N ALA I 259 61.39 -60.67 45.43
CA ALA I 259 60.00 -60.31 45.17
C ALA I 259 59.11 -60.65 46.35
N GLU I 260 59.31 -61.83 46.95
CA GLU I 260 58.54 -62.22 48.13
C GLU I 260 59.10 -61.62 49.41
N CYS I 261 60.25 -60.94 49.34
CA CYS I 261 60.82 -60.28 50.50
C CYS I 261 60.40 -58.83 50.60
N LYS I 262 60.09 -58.19 49.47
CA LYS I 262 59.55 -56.84 49.49
C LYS I 262 58.03 -56.79 49.57
N ARG I 263 57.35 -57.89 49.29
CA ARG I 263 55.93 -57.97 49.61
C ARG I 263 55.68 -58.50 51.02
N LEU I 264 56.69 -59.09 51.65
CA LEU I 264 56.59 -59.50 53.04
C LEU I 264 56.85 -58.36 54.00
N ILE I 265 57.35 -57.23 53.50
CA ILE I 265 57.43 -56.00 54.28
C ILE I 265 56.14 -55.19 54.15
N VAL I 266 55.59 -55.10 52.93
CA VAL I 266 54.35 -54.39 52.71
C VAL I 266 53.21 -54.92 53.56
N GLN I 267 53.08 -56.25 53.70
CA GLN I 267 52.08 -56.81 54.61
C GLN I 267 52.29 -56.32 56.04
N LEU I 268 53.54 -56.33 56.51
CA LEU I 268 53.82 -55.91 57.88
C LEU I 268 53.46 -54.44 58.09
N LEU I 269 53.87 -53.58 57.15
CA LEU I 269 53.55 -52.16 57.28
C LEU I 269 52.04 -51.92 57.23
N ASN I 270 51.33 -52.63 56.35
CA ASN I 270 49.88 -52.45 56.27
C ASN I 270 49.20 -52.87 57.56
N LYS I 271 49.55 -54.04 58.10
CA LYS I 271 48.92 -54.50 59.33
C LYS I 271 49.27 -53.58 60.50
N ALA I 272 50.51 -53.06 60.53
CA ALA I 272 50.90 -52.14 61.58
C ALA I 272 50.14 -50.82 61.47
N PHE I 273 49.93 -50.34 60.26
CA PHE I 273 49.10 -49.15 60.06
C PHE I 273 47.69 -49.39 60.58
N GLU I 274 47.12 -50.56 60.28
CA GLU I 274 45.79 -50.88 60.77
C GLU I 274 45.75 -50.88 62.29
N LEU I 275 46.75 -51.50 62.92
CA LEU I 275 46.81 -51.55 64.37
C LEU I 275 46.99 -50.16 64.97
N ARG I 276 47.78 -49.32 64.31
CA ARG I 276 47.99 -47.96 64.80
C ARG I 276 46.70 -47.15 64.76
N MET I 277 45.96 -47.23 63.65
CA MET I 277 44.66 -46.56 63.61
C MET I 277 43.71 -47.16 64.64
N LYS I 278 43.86 -48.44 64.95
CA LYS I 278 43.10 -49.01 66.06
C LYS I 278 43.47 -48.35 67.38
N ASP I 279 44.76 -48.10 67.60
CA ASP I 279 45.20 -47.51 68.86
C ASP I 279 44.74 -46.07 68.99
N LYS I 280 44.63 -45.35 67.88
CA LYS I 280 44.17 -43.97 67.91
C LYS I 280 42.69 -43.84 68.23
N GLU I 281 41.99 -44.96 68.38
CA GLU I 281 40.55 -44.97 68.65
C GLU I 281 39.81 -44.18 67.60
N VAL I 282 39.74 -44.73 66.39
CA VAL I 282 38.94 -44.17 65.32
C VAL I 282 37.97 -45.24 64.84
N GLN I 283 36.87 -44.80 64.25
CA GLN I 283 35.89 -45.73 63.71
C GLN I 283 36.39 -46.27 62.37
N GLU I 284 35.70 -47.29 61.85
CA GLU I 284 36.11 -47.90 60.59
C GLU I 284 34.86 -48.31 59.80
N TYR I 285 34.94 -48.13 58.48
CA TYR I 285 33.90 -48.55 57.55
C TYR I 285 34.55 -49.47 56.52
N GLU I 286 34.20 -50.76 56.58
CA GLU I 286 34.82 -51.74 55.69
C GLU I 286 34.37 -51.50 54.26
N MET I 287 35.28 -50.99 53.44
CA MET I 287 35.06 -50.81 52.02
C MET I 287 35.18 -52.17 51.34
N SER I 288 34.77 -52.26 50.07
CA SER I 288 34.77 -53.54 49.36
C SER I 288 36.15 -54.19 49.38
N ASN I 289 37.20 -53.40 49.21
CA ASN I 289 38.56 -53.91 49.25
C ASN I 289 39.37 -53.30 50.38
N LYS I 290 39.31 -51.98 50.56
CA LYS I 290 40.10 -51.32 51.59
C LYS I 290 39.30 -51.19 52.88
N THR I 291 39.97 -50.69 53.91
CA THR I 291 39.32 -50.30 55.17
C THR I 291 39.55 -48.81 55.38
N ALA I 292 38.48 -48.07 55.60
CA ALA I 292 38.54 -46.62 55.75
C ALA I 292 38.15 -46.23 57.17
N TYR I 293 38.92 -45.29 57.72
CA TYR I 293 38.75 -44.84 59.10
C TYR I 293 38.20 -43.42 59.10
N TRP I 294 37.13 -43.21 59.87
CA TRP I 294 36.47 -41.91 59.94
C TRP I 294 36.38 -41.48 61.41
N LEU I 295 35.90 -40.26 61.61
CA LEU I 295 35.90 -39.64 62.93
C LEU I 295 34.50 -39.45 63.45
N GLU I 296 34.32 -39.71 64.74
CA GLU I 296 33.04 -39.58 65.41
C GLU I 296 32.66 -38.11 65.59
N LYS I 297 31.39 -37.89 65.86
CA LYS I 297 30.90 -36.55 66.17
C LYS I 297 31.08 -36.29 67.66
N GLY I 298 31.96 -35.36 68.01
CA GLY I 298 32.26 -35.04 69.38
C GLY I 298 33.65 -35.48 69.83
N LYS I 299 34.33 -36.33 69.06
CA LYS I 299 35.69 -36.72 69.41
C LYS I 299 36.62 -35.51 69.37
N LEU I 300 36.41 -34.62 68.41
CA LEU I 300 37.24 -33.44 68.24
C LEU I 300 36.51 -32.20 68.76
N GLU I 301 37.29 -31.22 69.22
CA GLU I 301 36.71 -29.95 69.64
C GLU I 301 36.05 -29.27 68.45
N LYS I 302 34.77 -28.95 68.60
CA LYS I 302 33.92 -28.40 67.54
C LYS I 302 33.90 -29.27 66.30
N ASP I 303 34.23 -30.55 66.43
CA ASP I 303 34.37 -31.47 65.29
C ASP I 303 35.30 -30.91 64.22
N LYS I 304 36.43 -30.32 64.62
CA LYS I 304 37.38 -29.75 63.68
C LYS I 304 38.75 -29.73 64.33
N PHE I 305 39.72 -30.38 63.69
CA PHE I 305 41.10 -30.25 64.12
C PHE I 305 41.73 -29.08 63.38
N GLU I 306 42.74 -28.47 64.00
CA GLU I 306 43.41 -27.29 63.47
C GLU I 306 42.33 -26.22 63.28
N LYS I 307 42.14 -25.69 62.07
CA LYS I 307 41.11 -24.69 61.82
C LYS I 307 40.04 -25.17 60.85
N THR I 308 40.14 -26.41 60.37
CA THR I 308 39.29 -26.91 59.30
C THR I 308 38.44 -28.07 59.80
N MET I 309 37.17 -28.08 59.42
CA MET I 309 36.23 -29.12 59.84
C MET I 309 36.58 -30.46 59.20
N LEU I 310 36.39 -31.54 59.97
CA LEU I 310 36.50 -32.89 59.43
C LEU I 310 35.22 -33.69 59.56
N VAL I 311 34.31 -33.29 60.45
CA VAL I 311 33.01 -33.93 60.60
C VAL I 311 31.95 -32.84 60.52
N GLY I 312 31.04 -32.95 59.55
CA GLY I 312 30.08 -31.90 59.32
C GLY I 312 28.67 -32.44 59.18
N LYS I 313 27.76 -31.54 58.84
CA LYS I 313 26.34 -31.85 58.72
C LYS I 313 25.85 -31.60 57.30
N GLN I 314 25.01 -32.51 56.81
CA GLN I 314 24.34 -32.33 55.52
C GLN I 314 22.93 -32.88 55.67
N LYS I 315 21.97 -31.97 55.85
CA LYS I 315 20.55 -32.31 56.07
C LYS I 315 20.50 -33.20 57.31
N ASP I 316 19.93 -34.40 57.23
CA ASP I 316 19.90 -35.30 58.38
C ASP I 316 21.11 -36.23 58.43
N LYS I 317 22.04 -36.10 57.50
CA LYS I 317 23.20 -36.99 57.41
C LYS I 317 24.45 -36.24 57.84
N ASN I 318 25.14 -36.76 58.85
CA ASN I 318 26.41 -36.18 59.26
C ASN I 318 27.54 -36.76 58.43
N TRP I 319 28.22 -35.92 57.66
CA TRP I 319 29.29 -36.36 56.79
C TRP I 319 30.63 -36.34 57.53
N HIS I 320 31.52 -37.25 57.17
CA HIS I 320 32.83 -37.37 57.80
C HIS I 320 33.90 -37.50 56.72
N PHE I 321 35.03 -36.84 56.92
CA PHE I 321 36.19 -37.06 56.07
C PHE I 321 36.98 -38.26 56.56
N ALA I 322 37.27 -39.18 55.65
CA ALA I 322 37.92 -40.44 55.99
C ALA I 322 39.07 -40.70 55.03
N ILE I 323 40.00 -41.55 55.46
CA ILE I 323 41.13 -41.96 54.64
C ILE I 323 41.20 -43.47 54.59
N SER I 324 42.04 -43.98 53.68
CA SER I 324 42.40 -45.38 53.64
C SER I 324 43.91 -45.47 53.47
N GLY I 325 44.52 -46.50 54.08
CA GLY I 325 45.96 -46.61 54.12
C GLY I 325 46.44 -47.76 53.26
N ALA I 326 47.63 -47.54 52.67
CA ALA I 326 48.27 -48.54 51.83
C ALA I 326 49.76 -48.24 51.70
N SER I 327 50.61 -49.17 52.12
CA SER I 327 52.05 -49.00 52.06
C SER I 327 52.59 -49.63 50.79
N LYS I 328 53.43 -48.88 50.08
CA LYS I 328 54.01 -49.33 48.83
C LYS I 328 55.50 -49.02 48.86
N LEU I 329 56.29 -49.85 48.16
CA LEU I 329 57.74 -49.73 48.19
C LEU I 329 58.36 -49.59 46.80
N TYR I 330 57.54 -49.47 45.75
CA TYR I 330 58.12 -49.44 44.41
C TYR I 330 58.83 -48.11 44.13
N PRO I 331 58.15 -46.96 44.12
CA PRO I 331 58.89 -45.72 43.79
C PRO I 331 59.88 -45.33 44.87
N PHE I 332 59.41 -45.25 46.11
CA PHE I 332 60.19 -45.06 47.32
C PHE I 332 59.48 -45.89 48.38
N PRO I 333 60.03 -46.06 49.57
CA PRO I 333 59.22 -46.58 50.66
C PRO I 333 58.23 -45.51 51.09
N VAL I 334 56.97 -45.67 50.70
CA VAL I 334 55.96 -44.64 50.88
C VAL I 334 54.69 -45.28 51.42
N LEU I 335 53.83 -44.44 51.99
CA LEU I 335 52.56 -44.89 52.56
C LEU I 335 51.46 -44.02 51.95
N MET I 336 50.71 -44.60 51.01
CA MET I 336 49.74 -43.82 50.25
C MET I 336 48.46 -43.64 51.04
N ILE I 337 47.83 -42.47 50.89
CA ILE I 337 46.61 -42.12 51.60
C ILE I 337 45.56 -41.72 50.56
N SER I 338 44.34 -42.22 50.73
CA SER I 338 43.22 -41.87 49.87
C SER I 338 42.20 -41.07 50.65
N SER I 339 41.25 -40.48 49.94
CA SER I 339 40.22 -39.66 50.55
C SER I 339 38.83 -40.25 50.28
N HIS I 340 38.02 -40.35 51.32
CA HIS I 340 36.65 -40.83 51.21
C HIS I 340 35.74 -39.98 52.09
N ILE I 341 34.45 -40.02 51.79
CA ILE I 341 33.44 -39.33 52.56
C ILE I 341 32.33 -40.30 52.91
N PHE I 342 32.03 -40.43 54.20
CA PHE I 342 30.98 -41.31 54.69
C PHE I 342 30.00 -40.52 55.56
N PHE I 343 28.76 -40.98 55.58
CA PHE I 343 27.67 -40.23 56.17
C PHE I 343 26.96 -41.07 57.23
N THR I 344 26.55 -40.41 58.30
CA THR I 344 25.88 -41.06 59.43
C THR I 344 24.62 -40.30 59.78
N ALA I 345 23.61 -41.03 60.26
CA ALA I 345 22.35 -40.43 60.63
C ALA I 345 22.35 -39.87 62.06
N ASP I 346 23.19 -40.43 62.93
CA ASP I 346 23.28 -39.96 64.32
C ASP I 346 24.68 -39.55 64.73
N GLY I 347 25.67 -39.63 63.83
CA GLY I 347 27.04 -39.33 64.17
C GLY I 347 27.82 -40.51 64.71
N LYS I 348 27.19 -41.65 64.93
CA LYS I 348 27.87 -42.83 65.45
C LYS I 348 27.66 -44.07 64.59
N LYS I 349 26.49 -44.22 63.99
CA LYS I 349 26.20 -45.39 63.17
C LYS I 349 26.21 -45.01 61.70
N LEU I 350 26.97 -45.75 60.91
CA LEU I 350 27.07 -45.49 59.48
C LEU I 350 25.78 -45.89 58.77
N ILE I 351 25.52 -45.25 57.63
CA ILE I 351 24.37 -45.61 56.83
C ILE I 351 24.65 -46.93 56.11
N ASP I 352 23.77 -47.90 56.32
CA ASP I 352 23.96 -49.22 55.73
C ASP I 352 23.65 -49.27 54.24
N SER I 353 23.01 -48.24 53.70
CA SER I 353 22.64 -48.20 52.30
C SER I 353 23.84 -47.72 51.47
N SER I 354 24.38 -48.61 50.66
CA SER I 354 25.53 -48.26 49.82
C SER I 354 25.15 -47.21 48.78
N SER I 355 23.95 -47.37 48.19
CA SER I 355 23.51 -46.41 47.17
C SER I 355 23.33 -45.02 47.76
N VAL I 356 22.73 -44.94 48.95
CA VAL I 356 22.54 -43.64 49.59
C VAL I 356 23.88 -43.02 49.96
N GLN I 357 24.80 -43.84 50.45
CA GLN I 357 26.14 -43.35 50.77
C GLN I 357 26.83 -42.80 49.53
N HIS I 358 26.73 -43.51 48.41
CA HIS I 358 27.36 -43.06 47.17
C HIS I 358 26.74 -41.75 46.67
N SER I 359 25.40 -41.66 46.70
CA SER I 359 24.73 -40.46 46.25
C SER I 359 25.09 -39.27 47.13
N SER I 360 25.11 -39.47 48.45
CA SER I 360 25.50 -38.40 49.37
C SER I 360 26.96 -38.01 49.16
N ARG I 361 27.81 -38.99 48.87
CA ARG I 361 29.22 -38.70 48.60
C ARG I 361 29.36 -37.82 47.37
N ARG I 362 28.58 -38.12 46.33
CA ARG I 362 28.57 -37.27 45.15
C ARG I 362 28.08 -35.86 45.48
N ARG I 363 27.02 -35.77 46.28
CA ARG I 363 26.48 -34.47 46.66
C ARG I 363 27.50 -33.64 47.44
N GLN I 364 28.27 -34.30 48.31
CA GLN I 364 29.29 -33.61 49.08
C GLN I 364 30.47 -33.20 48.21
N GLY I 365 30.91 -34.10 47.33
CA GLY I 365 32.04 -33.78 46.47
C GLY I 365 31.69 -32.83 45.34
N LYS I 366 30.41 -32.52 45.17
CA LYS I 366 29.97 -31.55 44.18
C LYS I 366 30.68 -30.22 44.34
N ASN I 367 30.99 -29.82 45.58
CA ASN I 367 31.56 -28.50 45.84
C ASN I 367 32.94 -28.54 46.48
N TRP I 368 33.60 -29.70 46.51
CA TRP I 368 34.90 -29.82 47.15
C TRP I 368 35.99 -29.75 46.09
N TRP I 369 36.65 -28.60 46.00
CA TRP I 369 37.73 -28.39 45.05
C TRP I 369 39.08 -28.70 45.68
N ASN I 370 40.16 -28.25 45.02
CA ASN I 370 41.51 -28.66 45.40
C ASN I 370 41.84 -28.34 46.85
N ASN I 371 41.65 -27.09 47.27
CA ASN I 371 42.01 -26.65 48.61
C ASN I 371 40.98 -27.06 49.65
N THR I 372 39.85 -27.62 49.22
CA THR I 372 38.90 -28.23 50.14
C THR I 372 39.24 -29.67 50.47
N TRP I 373 39.89 -30.39 49.56
CA TRP I 373 40.39 -31.74 49.80
C TRP I 373 41.75 -31.74 50.49
N ARG I 374 42.69 -30.94 49.99
CA ARG I 374 44.04 -30.98 50.52
C ARG I 374 44.09 -30.56 51.98
N THR I 375 43.35 -29.51 52.33
CA THR I 375 43.38 -29.02 53.71
C THR I 375 42.85 -30.07 54.67
N LYS I 376 41.73 -30.70 54.34
CA LYS I 376 41.17 -31.72 55.23
C LYS I 376 42.09 -32.93 55.32
N LEU I 377 42.66 -33.36 54.20
CA LEU I 377 43.56 -34.51 54.24
C LEU I 377 44.79 -34.21 55.08
N LEU I 378 45.37 -33.02 54.93
CA LEU I 378 46.54 -32.64 55.71
C LEU I 378 46.20 -32.48 57.19
N ALA I 379 45.00 -32.01 57.51
CA ALA I 379 44.54 -31.97 58.89
C ALA I 379 44.45 -33.38 59.44
N PHE I 380 43.99 -34.32 58.62
CA PHE I 380 43.88 -35.71 59.02
C PHE I 380 45.26 -36.25 59.37
N ILE I 381 46.21 -36.01 58.48
CA ILE I 381 47.59 -36.47 58.69
C ILE I 381 48.14 -35.88 59.97
N LYS I 382 47.85 -34.60 60.24
CA LYS I 382 48.34 -33.97 61.45
C LYS I 382 47.67 -34.55 62.69
N TYR I 383 46.38 -34.88 62.59
CA TYR I 383 45.70 -35.53 63.70
C TYR I 383 46.31 -36.88 64.01
N LEU I 384 46.83 -37.57 63.00
CA LEU I 384 47.52 -38.82 63.26
C LEU I 384 48.94 -38.65 63.74
N SER I 385 49.46 -37.41 63.78
CA SER I 385 50.85 -37.17 64.14
C SER I 385 51.10 -37.47 65.61
N ASP I 386 52.29 -37.98 65.91
CA ASP I 386 52.72 -38.19 67.28
C ASP I 386 53.63 -37.08 67.79
N ASP I 387 54.27 -36.34 66.89
CA ASP I 387 55.16 -35.26 67.27
C ASP I 387 54.95 -34.12 66.28
N ASP I 388 55.87 -33.17 66.26
CA ASP I 388 55.76 -32.03 65.36
C ASP I 388 56.22 -32.34 63.93
N THR I 389 56.79 -33.52 63.70
CA THR I 389 57.32 -33.86 62.39
C THR I 389 56.86 -35.19 61.82
N SER I 390 56.42 -36.14 62.63
CA SER I 390 56.11 -37.47 62.11
C SER I 390 55.21 -38.20 63.10
N PHE I 391 54.78 -39.39 62.70
CA PHE I 391 54.05 -40.31 63.56
C PHE I 391 54.64 -41.70 63.38
N TYR I 392 54.49 -42.54 64.41
CA TYR I 392 55.10 -43.85 64.41
C TYR I 392 54.04 -44.93 64.42
N LEU I 393 54.32 -45.99 63.66
CA LEU I 393 53.55 -47.23 63.70
C LEU I 393 54.40 -48.29 64.40
N GLU I 394 53.81 -48.99 65.35
CA GLU I 394 54.58 -49.89 66.20
C GLU I 394 54.77 -51.24 65.53
N MET I 395 56.02 -51.69 65.43
CA MET I 395 56.33 -53.02 64.94
C MET I 395 56.75 -53.99 66.03
N GLY I 396 57.03 -53.49 67.23
CA GLY I 396 57.48 -54.35 68.30
C GLY I 396 57.75 -53.51 69.53
N SER I 397 58.24 -54.20 70.57
CA SER I 397 58.49 -53.55 71.85
C SER I 397 59.55 -52.47 71.74
N GLU I 398 60.54 -52.66 70.88
CA GLU I 398 61.64 -51.73 70.74
C GLU I 398 61.85 -51.22 69.32
N GLU I 399 61.14 -51.75 68.34
CA GLU I 399 61.29 -51.36 66.95
C GLU I 399 60.06 -50.56 66.51
N LYS I 400 60.29 -49.46 65.80
CA LYS I 400 59.23 -48.62 65.27
C LYS I 400 59.57 -48.23 63.84
N VAL I 401 58.54 -47.88 63.07
CA VAL I 401 58.70 -47.34 61.73
C VAL I 401 58.13 -45.94 61.71
N PHE I 402 58.97 -44.98 61.33
CA PHE I 402 58.61 -43.56 61.34
C PHE I 402 58.16 -43.17 59.94
N VAL I 403 56.93 -42.69 59.84
CA VAL I 403 56.39 -42.18 58.58
C VAL I 403 56.24 -40.68 58.70
N SER I 404 56.78 -39.96 57.71
CA SER I 404 56.78 -38.50 57.74
C SER I 404 55.34 -37.98 57.74
N ASN I 405 55.12 -36.96 58.56
CA ASN I 405 53.80 -36.35 58.71
C ASN I 405 53.53 -35.27 57.68
N GLU I 406 54.52 -34.93 56.86
CA GLU I 406 54.24 -34.01 55.79
C GLU I 406 54.36 -34.73 54.45
N PRO I 407 53.37 -34.59 53.57
CA PRO I 407 53.36 -35.39 52.34
C PRO I 407 54.50 -35.01 51.41
N VAL I 408 54.87 -35.98 50.56
CA VAL I 408 55.95 -35.77 49.62
C VAL I 408 55.61 -34.60 48.72
N LYS I 409 56.52 -33.63 48.65
CA LYS I 409 56.33 -32.43 47.86
C LYS I 409 57.04 -32.58 46.52
N PHE I 410 56.37 -32.14 45.47
CA PHE I 410 56.87 -32.27 44.10
C PHE I 410 57.20 -30.87 43.57
N LYS I 411 57.65 -30.71 42.33
CA LYS I 411 58.02 -29.40 41.83
C LYS I 411 57.71 -29.29 40.35
N GLY I 412 56.84 -28.35 39.99
CA GLY I 412 56.50 -28.11 38.60
C GLY I 412 57.01 -26.75 38.15
N ASN I 413 57.59 -26.72 36.96
CA ASN I 413 58.10 -25.50 36.36
C ASN I 413 57.03 -24.72 35.61
N VAL I 414 55.80 -25.21 35.59
CA VAL I 414 54.73 -24.64 34.78
C VAL I 414 53.54 -24.34 35.66
N SER I 415 52.98 -23.15 35.48
CA SER I 415 51.92 -22.65 36.35
C SER I 415 50.85 -21.99 35.48
N TYR I 416 49.92 -21.30 36.14
CA TYR I 416 48.83 -20.57 35.51
C TYR I 416 48.15 -19.73 36.57
N ASN I 417 47.16 -18.95 36.16
CA ASN I 417 46.38 -18.13 37.07
C ASN I 417 44.90 -18.22 36.72
N ILE I 418 44.05 -17.99 37.71
CA ILE I 418 42.61 -18.02 37.50
C ILE I 418 42.17 -16.78 36.74
N MET J 1 61.57 -33.14 47.43
CA MET J 1 61.21 -32.38 46.25
C MET J 1 61.65 -33.11 44.98
N LYS J 2 60.68 -33.47 44.14
CA LYS J 2 60.94 -34.18 42.89
C LYS J 2 60.40 -33.36 41.72
N GLU J 3 61.16 -33.33 40.64
CA GLU J 3 60.82 -32.51 39.49
C GLU J 3 59.64 -33.10 38.73
N LEU J 4 58.80 -32.23 38.19
CA LEU J 4 57.74 -32.60 37.26
C LEU J 4 57.98 -31.90 35.93
N ILE J 5 58.03 -32.67 34.86
CA ILE J 5 58.20 -32.13 33.53
C ILE J 5 56.84 -32.07 32.84
N TYR J 6 56.63 -31.00 32.07
CA TYR J 6 55.35 -30.74 31.43
C TYR J 6 55.50 -30.97 29.93
N ILE J 7 54.59 -31.75 29.35
CA ILE J 7 54.60 -32.04 27.92
C ILE J 7 53.84 -30.96 27.18
N GLU J 8 54.44 -30.45 26.11
CA GLU J 8 53.77 -29.47 25.27
C GLU J 8 52.47 -30.05 24.74
N GLU J 9 51.41 -29.24 24.75
CA GLU J 9 50.10 -29.71 24.37
C GLU J 9 50.08 -30.05 22.87
N PRO J 10 49.75 -31.27 22.49
CA PRO J 10 49.75 -31.63 21.07
C PRO J 10 48.66 -30.90 20.32
N LYS J 11 48.94 -30.60 19.05
CA LYS J 11 48.01 -29.88 18.20
C LYS J 11 47.42 -30.81 17.15
N ILE J 12 46.11 -30.68 16.95
CA ILE J 12 45.39 -31.46 15.96
C ILE J 12 45.19 -30.60 14.72
N LEU J 13 45.06 -31.25 13.58
CA LEU J 13 45.04 -30.58 12.30
C LEU J 13 43.61 -30.47 11.80
N PHE J 14 43.31 -29.36 11.12
CA PHE J 14 41.99 -29.09 10.56
C PHE J 14 42.09 -28.76 9.07
N ALA J 15 41.01 -28.27 8.49
CA ALA J 15 41.01 -27.92 7.07
C ALA J 15 42.09 -26.90 6.77
N HIS J 16 42.54 -26.88 5.51
CA HIS J 16 43.60 -26.01 5.01
C HIS J 16 44.93 -26.25 5.70
N GLY J 17 45.08 -27.34 6.45
CA GLY J 17 46.31 -27.62 7.15
C GLY J 17 46.56 -26.75 8.37
N GLN J 18 45.54 -26.08 8.88
CA GLN J 18 45.69 -25.21 10.02
C GLN J 18 45.59 -25.99 11.33
N LYS J 19 46.45 -25.64 12.28
CA LYS J 19 46.54 -26.32 13.56
C LYS J 19 45.80 -25.53 14.62
N CYS J 20 45.19 -26.26 15.56
CA CYS J 20 44.49 -25.64 16.67
C CYS J 20 44.41 -26.64 17.81
N THR J 21 44.70 -26.16 19.02
CA THR J 21 44.71 -27.05 20.18
C THR J 21 43.32 -27.60 20.47
N ASP J 22 42.30 -26.76 20.41
CA ASP J 22 40.94 -27.18 20.72
C ASP J 22 40.24 -27.67 19.46
N ALA J 23 39.56 -28.81 19.58
CA ALA J 23 38.76 -29.35 18.50
C ALA J 23 37.50 -28.57 18.23
N ARG J 24 36.79 -28.15 19.28
CA ARG J 24 35.58 -27.35 19.11
C ARG J 24 35.87 -26.06 18.37
N ASP J 25 36.87 -25.31 18.82
CA ASP J 25 37.21 -24.06 18.17
C ASP J 25 37.82 -24.29 16.79
N GLY J 26 38.55 -25.39 16.64
CA GLY J 26 39.12 -25.70 15.33
C GLY J 26 38.06 -25.94 14.29
N LEU J 27 37.02 -26.71 14.63
CA LEU J 27 35.92 -26.92 13.70
C LEU J 27 35.09 -25.66 13.52
N ALA J 28 34.95 -24.87 14.59
CA ALA J 28 34.10 -23.67 14.51
C ALA J 28 34.64 -22.67 13.51
N LEU J 29 35.97 -22.57 13.39
CA LEU J 29 36.60 -21.56 12.56
C LEU J 29 37.13 -22.14 11.25
N PHE J 30 37.62 -23.38 11.27
CA PHE J 30 38.30 -23.90 10.09
C PHE J 30 37.50 -24.96 9.34
N GLY J 31 36.61 -25.67 10.02
CA GLY J 31 35.80 -26.69 9.38
C GLY J 31 36.52 -28.02 9.27
N PRO J 32 35.84 -29.03 8.73
CA PRO J 32 36.41 -30.37 8.69
C PRO J 32 37.35 -30.56 7.50
N LEU J 33 38.01 -31.72 7.50
CA LEU J 33 39.04 -31.98 6.50
C LEU J 33 38.48 -32.18 5.10
N ASN J 34 37.45 -33.00 4.95
CA ASN J 34 36.92 -33.33 3.64
C ASN J 34 35.49 -32.82 3.51
N ASN J 35 35.11 -32.52 2.27
CA ASN J 35 33.79 -31.96 1.96
C ASN J 35 32.78 -33.09 1.83
N LEU J 36 31.86 -33.16 2.80
CA LEU J 36 30.76 -34.11 2.75
C LEU J 36 29.51 -33.34 2.32
N TYR J 37 29.08 -33.59 1.08
CA TYR J 37 28.05 -32.80 0.43
C TYR J 37 26.78 -32.67 1.28
N GLY J 38 26.35 -33.77 1.89
CA GLY J 38 25.20 -33.70 2.75
C GLY J 38 24.96 -34.99 3.50
N ILE J 39 24.30 -34.91 4.66
CA ILE J 39 23.96 -36.08 5.45
C ILE J 39 22.51 -36.41 5.15
N LYS J 40 22.29 -37.45 4.36
CA LYS J 40 20.96 -37.92 4.03
C LYS J 40 20.57 -38.92 5.12
N SER J 41 19.86 -38.45 6.13
CA SER J 41 19.67 -39.17 7.37
C SER J 41 18.35 -39.93 7.36
N GLY J 42 18.37 -41.14 7.90
CA GLY J 42 17.17 -41.93 8.13
C GLY J 42 16.94 -42.08 9.62
N VAL J 43 15.69 -41.92 10.04
CA VAL J 43 15.31 -41.96 11.44
C VAL J 43 14.28 -43.06 11.64
N ILE J 44 14.47 -43.85 12.69
CA ILE J 44 13.54 -44.91 13.06
C ILE J 44 13.11 -44.69 14.51
N GLY J 45 11.82 -44.83 14.77
CA GLY J 45 11.31 -44.64 16.11
C GLY J 45 9.82 -44.34 16.06
N THR J 46 9.26 -44.12 17.24
CA THR J 46 7.85 -43.80 17.38
C THR J 46 7.55 -42.46 16.70
N LYS J 47 6.36 -42.34 16.13
CA LYS J 47 5.95 -41.10 15.48
C LYS J 47 5.98 -39.92 16.45
N GLN J 48 5.73 -40.17 17.73
CA GLN J 48 5.95 -39.14 18.73
C GLN J 48 7.43 -38.77 18.84
N GLY J 49 8.31 -39.77 18.76
CA GLY J 49 9.74 -39.55 18.79
C GLY J 49 10.33 -39.00 17.50
N LEU J 50 9.58 -39.03 16.40
CA LEU J 50 9.99 -38.35 15.18
C LEU J 50 9.85 -36.84 15.29
N LYS J 51 8.77 -36.36 15.89
CA LYS J 51 8.60 -34.92 16.09
C LYS J 51 9.74 -34.35 16.91
N ILE J 52 10.16 -35.08 17.95
CA ILE J 52 11.25 -34.62 18.79
C ILE J 52 12.55 -34.53 18.00
N PHE J 53 12.83 -35.53 17.18
CA PHE J 53 14.04 -35.50 16.36
C PHE J 53 14.00 -34.35 15.35
N ARG J 54 12.85 -34.14 14.72
CA ARG J 54 12.72 -33.04 13.78
C ARG J 54 12.95 -31.69 14.46
N ASP J 55 12.35 -31.52 15.64
CA ASP J 55 12.53 -30.27 16.37
C ASP J 55 13.98 -30.07 16.76
N TYR J 56 14.65 -31.12 17.23
CA TYR J 56 16.04 -30.98 17.65
C TYR J 56 16.94 -30.69 16.45
N LEU J 57 16.67 -31.33 15.32
CA LEU J 57 17.48 -31.08 14.13
C LEU J 57 17.33 -29.66 13.63
N ASP J 58 16.09 -29.16 13.58
CA ASP J 58 15.89 -27.76 13.23
C ASP J 58 16.53 -26.83 14.24
N HIS J 59 16.52 -27.24 15.52
CA HIS J 59 17.14 -26.42 16.56
C HIS J 59 18.63 -26.30 16.35
N ILE J 60 19.30 -27.41 16.05
CA ILE J 60 20.74 -27.38 15.82
C ILE J 60 21.09 -26.80 14.47
N GLN J 61 20.11 -26.64 13.58
CA GLN J 61 20.36 -25.84 12.38
C GLN J 61 20.74 -24.41 12.76
N LYS J 62 20.12 -23.88 13.80
CA LYS J 62 20.41 -22.55 14.32
C LYS J 62 21.52 -22.62 15.36
N PRO J 63 22.26 -21.54 15.55
CA PRO J 63 23.32 -21.53 16.55
C PRO J 63 22.79 -21.68 17.96
N ILE J 64 23.59 -22.32 18.81
CA ILE J 64 23.21 -22.62 20.18
C ILE J 64 24.31 -22.12 21.11
N TYR J 65 23.90 -21.54 22.24
CA TYR J 65 24.80 -20.86 23.16
C TYR J 65 24.86 -21.64 24.47
N ASN J 66 26.07 -21.80 25.00
CA ASN J 66 26.24 -22.28 26.37
C ASN J 66 26.15 -21.12 27.35
N SER J 67 26.17 -21.47 28.64
CA SER J 67 26.11 -20.44 29.68
C SER J 67 27.38 -19.59 29.69
N ASN J 68 28.54 -20.24 29.68
CA ASN J 68 29.83 -19.56 29.73
C ASN J 68 30.60 -19.91 28.46
N SER J 69 30.72 -18.96 27.54
CA SER J 69 31.35 -19.22 26.27
C SER J 69 32.86 -19.45 26.40
N ILE J 70 33.49 -18.99 27.47
CA ILE J 70 34.91 -19.24 27.65
C ILE J 70 35.17 -20.70 27.98
N THR J 71 34.39 -21.28 28.89
CA THR J 71 34.58 -22.68 29.24
C THR J 71 34.07 -23.60 28.14
N ARG J 72 33.00 -23.21 27.47
CA ARG J 72 32.41 -24.04 26.44
C ARG J 72 32.14 -23.22 25.18
N PRO J 73 32.90 -23.41 24.12
CA PRO J 73 32.63 -22.67 22.88
C PRO J 73 31.22 -22.91 22.36
N MET J 74 30.59 -21.86 21.85
CA MET J 74 29.22 -21.96 21.37
C MET J 74 29.18 -22.70 20.04
N PHE J 75 27.98 -23.15 19.68
CA PHE J 75 27.79 -23.92 18.46
C PHE J 75 27.29 -23.01 17.34
N PRO J 76 28.08 -22.78 16.29
CA PRO J 76 27.67 -21.85 15.23
C PRO J 76 26.71 -22.42 14.20
N GLY J 77 26.03 -23.53 14.49
CA GLY J 77 25.13 -24.12 13.51
C GLY J 77 25.79 -25.21 12.72
N PHE J 78 25.02 -26.24 12.34
CA PHE J 78 25.64 -27.43 11.75
C PHE J 78 26.33 -27.11 10.43
N GLU J 79 25.63 -26.48 9.50
CA GLU J 79 26.17 -26.37 8.15
C GLU J 79 27.28 -25.32 8.09
N ALA J 80 27.28 -24.39 9.04
CA ALA J 80 28.38 -23.42 9.14
C ALA J 80 29.64 -24.09 9.68
N VAL J 81 29.48 -24.95 10.68
CA VAL J 81 30.63 -25.64 11.24
C VAL J 81 31.21 -26.62 10.23
N PHE J 82 30.36 -27.45 9.63
CA PHE J 82 30.82 -28.65 8.94
C PHE J 82 30.74 -28.54 7.42
N ASP J 83 30.17 -27.45 6.90
CA ASP J 83 30.04 -27.25 5.46
C ASP J 83 29.28 -28.45 4.87
N CYS J 84 28.26 -28.90 5.60
CA CYS J 84 27.52 -30.10 5.26
C CYS J 84 26.03 -29.85 5.49
N LYS J 85 25.21 -30.37 4.59
CA LYS J 85 23.76 -30.22 4.70
C LYS J 85 23.18 -31.34 5.55
N TRP J 86 22.53 -30.98 6.65
CA TRP J 86 21.78 -31.92 7.47
C TRP J 86 20.48 -31.24 7.89
N GLU J 87 19.44 -31.40 7.08
CA GLU J 87 18.15 -30.77 7.34
C GLU J 87 17.15 -31.81 7.81
N SER J 88 16.04 -31.34 8.37
CA SER J 88 14.94 -32.24 8.69
C SER J 88 14.05 -32.52 7.50
N THR J 89 14.27 -31.84 6.37
CA THR J 89 13.62 -32.18 5.12
C THR J 89 14.48 -33.21 4.41
N GLY J 90 13.89 -34.36 4.10
CA GLY J 90 14.64 -35.46 3.56
C GLY J 90 15.11 -36.49 4.56
N ILE J 91 14.32 -36.78 5.58
CA ILE J 91 14.64 -37.87 6.50
C ILE J 91 13.70 -39.04 6.21
N THR J 92 14.29 -40.21 5.96
CA THR J 92 13.49 -41.41 5.75
C THR J 92 13.02 -41.95 7.09
N PHE J 93 11.70 -41.97 7.30
CA PHE J 93 11.14 -42.33 8.59
C PHE J 93 10.54 -43.73 8.50
N LYS J 94 10.97 -44.62 9.38
CA LYS J 94 10.39 -45.95 9.53
C LYS J 94 9.66 -46.00 10.86
N GLU J 95 8.33 -45.94 10.80
CA GLU J 95 7.52 -45.86 12.00
C GLU J 95 7.62 -47.14 12.82
N VAL J 96 7.72 -46.98 14.13
CA VAL J 96 7.67 -48.09 15.08
C VAL J 96 6.51 -47.79 16.02
N THR J 97 5.43 -48.56 15.89
CA THR J 97 4.24 -48.31 16.67
C THR J 97 4.48 -48.56 18.16
N ASN J 98 3.74 -47.82 18.99
CA ASN J 98 3.89 -47.97 20.43
C ASN J 98 3.32 -49.29 20.92
N GLU J 99 2.28 -49.79 20.26
CA GLU J 99 1.69 -51.07 20.66
C GLU J 99 2.68 -52.21 20.48
N ASP J 100 3.43 -52.20 19.37
CA ASP J 100 4.43 -53.22 19.14
C ASP J 100 5.57 -53.12 20.16
N ILE J 101 5.93 -51.89 20.56
CA ILE J 101 6.89 -51.71 21.63
C ILE J 101 6.41 -52.27 22.95
N GLY J 102 5.16 -52.00 23.32
CA GLY J 102 4.63 -52.49 24.58
C GLY J 102 4.40 -53.99 24.56
N LYS J 103 4.22 -54.56 23.38
CA LYS J 103 4.06 -56.01 23.26
C LYS J 103 5.33 -56.73 23.73
N PHE J 104 6.49 -56.19 23.35
CA PHE J 104 7.77 -56.79 23.75
C PHE J 104 8.18 -56.31 25.14
N LEU J 105 7.90 -55.04 25.46
CA LEU J 105 8.36 -54.43 26.69
C LEU J 105 7.86 -55.19 27.92
N TYR J 106 6.56 -55.48 27.96
CA TYR J 106 5.97 -56.08 29.15
C TYR J 106 6.20 -57.58 29.18
N ASN J 107 7.46 -57.99 29.29
CA ASN J 107 7.82 -59.39 29.43
C ASN J 107 8.75 -59.57 30.64
N SER J 108 8.59 -60.70 31.33
CA SER J 108 9.38 -60.95 32.52
C SER J 108 10.84 -61.20 32.19
N SER J 109 11.12 -61.91 31.10
CA SER J 109 12.48 -62.28 30.74
C SER J 109 13.19 -61.06 30.15
N THR J 110 14.16 -60.53 30.90
CA THR J 110 14.90 -59.37 30.42
C THR J 110 15.69 -59.70 29.16
N HIS J 111 16.29 -60.88 29.10
CA HIS J 111 17.04 -61.29 27.91
C HIS J 111 16.14 -61.31 26.68
N LYS J 112 14.99 -61.99 26.79
CA LYS J 112 14.07 -62.07 25.66
C LYS J 112 13.47 -60.70 25.34
N ARG J 113 13.18 -59.91 26.38
CA ARG J 113 12.62 -58.58 26.13
C ARG J 113 13.60 -57.71 25.34
N THR J 114 14.87 -57.71 25.75
CA THR J 114 15.88 -56.95 25.01
C THR J 114 16.04 -57.50 23.60
N TYR J 115 16.06 -58.83 23.45
CA TYR J 115 16.21 -59.42 22.13
C TYR J 115 15.07 -59.02 21.21
N ASP J 116 13.83 -59.06 21.71
CA ASP J 116 12.68 -58.71 20.87
C ASP J 116 12.64 -57.22 20.57
N LEU J 117 12.96 -56.38 21.55
CA LEU J 117 12.98 -54.94 21.29
C LEU J 117 14.03 -54.58 20.25
N VAL J 118 15.21 -55.21 20.34
CA VAL J 118 16.24 -54.96 19.34
C VAL J 118 15.83 -55.50 17.99
N SER J 119 15.20 -56.69 17.95
CA SER J 119 14.79 -57.28 16.69
C SER J 119 13.76 -56.42 15.98
N LEU J 120 12.84 -55.82 16.74
CA LEU J 120 11.83 -54.96 16.13
C LEU J 120 12.47 -53.80 15.37
N PHE J 121 13.49 -53.19 15.95
CA PHE J 121 14.17 -52.10 15.26
C PHE J 121 15.03 -52.60 14.11
N ILE J 122 15.81 -53.66 14.32
CA ILE J 122 16.78 -54.07 13.31
C ILE J 122 16.07 -54.61 12.08
N ASP J 123 14.95 -55.30 12.26
CA ASP J 123 14.23 -55.83 11.10
C ASP J 123 13.77 -54.70 10.19
N LYS J 124 13.21 -53.64 10.76
CA LYS J 124 12.77 -52.50 9.95
C LYS J 124 13.96 -51.78 9.34
N ILE J 125 15.05 -51.65 10.08
CA ILE J 125 16.24 -50.99 9.53
C ILE J 125 16.77 -51.77 8.33
N ILE J 126 16.86 -53.09 8.46
CA ILE J 126 17.38 -53.92 7.37
C ILE J 126 16.42 -53.93 6.19
N SER J 127 15.11 -53.94 6.46
CA SER J 127 14.14 -53.88 5.38
C SER J 127 14.26 -52.57 4.62
N ALA J 128 14.44 -51.46 5.33
CA ALA J 128 14.62 -50.18 4.65
C ALA J 128 15.94 -50.14 3.89
N ASN J 129 16.98 -50.78 4.43
CA ASN J 129 18.27 -50.80 3.75
C ASN J 129 18.22 -51.60 2.45
N LYS J 130 17.52 -52.73 2.46
CA LYS J 130 17.53 -53.66 1.34
C LYS J 130 16.44 -53.37 0.31
N ASN J 131 15.23 -52.99 0.74
CA ASN J 131 14.08 -52.92 -0.14
C ASN J 131 13.58 -51.50 -0.35
N GLU J 132 14.44 -50.50 -0.22
CA GLU J 132 14.02 -49.12 -0.43
C GLU J 132 14.98 -48.40 -1.35
N ASP J 133 14.44 -47.53 -2.18
CA ASP J 133 15.25 -46.73 -3.09
C ASP J 133 16.13 -45.74 -2.32
N GLU J 134 15.60 -45.18 -1.23
CA GLU J 134 16.30 -44.12 -0.52
C GLU J 134 17.63 -44.63 0.05
N ASN J 135 18.66 -43.80 -0.10
CA ASN J 135 19.98 -44.07 0.46
C ASN J 135 20.14 -43.27 1.75
N VAL J 136 20.50 -43.96 2.82
CA VAL J 136 20.63 -43.33 4.14
C VAL J 136 22.08 -43.47 4.58
N ASP J 137 22.73 -42.35 4.86
CA ASP J 137 24.11 -42.36 5.33
C ASP J 137 24.22 -42.95 6.72
N VAL J 138 23.26 -42.62 7.59
CA VAL J 138 23.30 -43.04 8.99
C VAL J 138 21.88 -43.11 9.51
N TRP J 139 21.63 -44.12 10.36
CA TRP J 139 20.29 -44.43 10.86
C TRP J 139 20.20 -43.96 12.31
N PHE J 140 19.44 -42.90 12.55
CA PHE J 140 19.29 -42.39 13.91
C PHE J 140 18.15 -43.13 14.61
N VAL J 141 18.48 -43.96 15.59
CA VAL J 141 17.50 -44.76 16.30
C VAL J 141 17.00 -43.99 17.51
N ILE J 142 15.76 -43.51 17.44
CA ILE J 142 15.20 -42.69 18.52
C ILE J 142 14.41 -43.61 19.43
N VAL J 143 15.00 -43.97 20.58
CA VAL J 143 14.37 -44.93 21.47
C VAL J 143 13.65 -44.20 22.59
N PRO J 144 12.49 -44.69 23.04
CA PRO J 144 11.85 -44.10 24.22
C PRO J 144 12.62 -44.40 25.49
N ASP J 145 12.23 -43.77 26.61
CA ASP J 145 12.95 -43.93 27.85
C ASP J 145 12.53 -45.13 28.69
N GLU J 146 11.27 -45.57 28.60
CA GLU J 146 10.89 -46.79 29.33
C GLU J 146 11.70 -47.98 28.82
N ILE J 147 12.05 -47.98 27.54
CA ILE J 147 12.98 -48.98 27.02
C ILE J 147 14.27 -48.95 27.82
N TYR J 148 14.97 -47.82 27.80
CA TYR J 148 16.23 -47.69 28.53
C TYR J 148 16.05 -48.02 30.00
N LYS J 149 14.86 -47.74 30.55
CA LYS J 149 14.59 -48.12 31.93
C LYS J 149 14.61 -49.63 32.11
N TYR J 150 14.00 -50.37 31.17
CA TYR J 150 13.82 -51.81 31.32
C TYR J 150 14.43 -52.61 30.17
N CYS J 151 15.61 -52.23 29.67
CA CYS J 151 16.25 -52.99 28.59
C CYS J 151 17.73 -53.22 28.85
N ARG J 152 18.18 -53.15 30.09
CA ARG J 152 19.57 -53.42 30.41
C ARG J 152 19.63 -54.36 31.60
N PRO J 153 20.74 -55.11 31.77
CA PRO J 153 20.88 -56.02 32.91
C PRO J 153 20.58 -55.35 34.24
N ASN J 154 20.15 -56.14 35.22
CA ASN J 154 19.88 -55.67 36.58
C ASN J 154 18.77 -54.64 36.63
N SER J 155 17.91 -54.60 35.61
CA SER J 155 16.75 -53.72 35.61
C SER J 155 15.51 -54.57 35.88
N VAL J 156 14.86 -54.29 37.00
CA VAL J 156 13.69 -55.06 37.43
C VAL J 156 12.45 -54.38 36.89
N LEU J 157 11.71 -55.07 36.04
CA LEU J 157 10.43 -54.56 35.58
C LEU J 157 9.41 -54.74 36.70
N PRO J 158 8.73 -53.69 37.15
CA PRO J 158 7.79 -53.83 38.26
C PRO J 158 6.68 -54.81 37.93
N LYS J 159 6.21 -55.52 38.95
CA LYS J 159 5.23 -56.60 38.80
C LYS J 159 3.95 -56.11 38.13
N GLU J 160 3.55 -54.86 38.42
CA GLU J 160 2.24 -54.37 38.03
C GLU J 160 2.00 -54.34 36.52
N MET J 161 3.05 -54.18 35.71
CA MET J 161 2.88 -54.13 34.26
C MET J 161 3.46 -55.32 33.53
N VAL J 162 4.05 -56.29 34.24
CA VAL J 162 4.56 -57.49 33.60
C VAL J 162 3.37 -58.28 33.06
N GLN J 163 3.20 -58.27 31.74
CA GLN J 163 2.05 -58.88 31.09
C GLN J 163 2.30 -60.29 30.60
N THR J 164 3.53 -60.77 30.65
CA THR J 164 3.85 -62.11 30.14
C THR J 164 4.92 -62.79 30.99
N THR J 199 17.48 -66.16 22.53
CA THR J 199 17.44 -64.93 23.31
C THR J 199 18.57 -64.89 24.33
N TYR J 200 18.75 -66.01 25.04
CA TYR J 200 19.79 -66.11 26.05
C TYR J 200 21.20 -66.13 25.48
N ASN J 201 21.33 -66.24 24.17
CA ASN J 201 22.64 -66.22 23.51
C ASN J 201 23.13 -64.82 23.21
N TYR J 202 22.35 -63.78 23.53
CA TYR J 202 22.68 -62.41 23.22
C TYR J 202 22.65 -61.58 24.50
N ASP J 203 23.58 -60.63 24.59
CA ASP J 203 23.72 -59.80 25.77
C ASP J 203 22.54 -58.85 25.90
N ALA J 204 22.17 -58.57 27.15
CA ALA J 204 20.97 -57.79 27.44
C ALA J 204 21.18 -56.29 27.34
N GLN J 205 22.34 -55.83 26.87
CA GLN J 205 22.56 -54.41 26.62
C GLN J 205 21.91 -54.04 25.30
N PHE J 206 20.99 -53.07 25.33
CA PHE J 206 20.31 -52.66 24.12
C PHE J 206 21.29 -52.12 23.09
N HIS J 207 22.14 -51.17 23.51
CA HIS J 207 23.09 -50.57 22.59
C HIS J 207 24.08 -51.59 22.07
N ASP J 208 24.70 -52.36 22.97
CA ASP J 208 25.75 -53.28 22.56
C ASP J 208 25.23 -54.35 21.61
N GLN J 209 24.14 -55.04 22.01
CA GLN J 209 23.62 -56.14 21.21
C GLN J 209 22.97 -55.62 19.94
N PHE J 210 22.32 -54.46 20.02
CA PHE J 210 21.78 -53.78 18.84
C PHE J 210 22.86 -53.56 17.80
N LYS J 211 23.93 -52.84 18.16
CA LYS J 211 24.98 -52.56 17.20
C LYS J 211 25.77 -53.81 16.84
N ALA J 212 25.65 -54.86 17.65
CA ALA J 212 26.30 -56.13 17.29
C ALA J 212 25.56 -56.85 16.18
N ARG J 213 24.23 -56.77 16.16
CA ARG J 213 23.48 -57.48 15.14
C ARG J 213 23.53 -56.83 13.76
N LEU J 214 24.00 -55.59 13.66
CA LEU J 214 24.09 -54.93 12.36
C LEU J 214 25.48 -55.04 11.74
N LEU J 215 26.37 -55.85 12.31
CA LEU J 215 27.72 -55.93 11.77
C LEU J 215 27.73 -56.60 10.41
N LYS J 216 26.83 -57.56 10.18
CA LYS J 216 26.77 -58.23 8.88
C LYS J 216 26.38 -57.28 7.76
N HIS J 217 25.68 -56.20 8.07
CA HIS J 217 25.14 -55.30 7.05
C HIS J 217 25.88 -53.98 6.94
N THR J 218 26.72 -53.65 7.92
CA THR J 218 27.53 -52.44 7.90
C THR J 218 26.67 -51.19 7.73
N ILE J 219 25.80 -50.97 8.72
CA ILE J 219 24.88 -49.85 8.73
C ILE J 219 25.29 -48.91 9.86
N PRO J 220 25.76 -47.70 9.58
CA PRO J 220 26.09 -46.76 10.66
C PRO J 220 24.82 -46.28 11.35
N THR J 221 24.81 -46.39 12.68
CA THR J 221 23.63 -46.01 13.46
C THR J 221 24.06 -45.14 14.63
N GLN J 222 23.13 -44.29 15.07
CA GLN J 222 23.33 -43.40 16.21
C GLN J 222 22.09 -43.47 17.08
N ILE J 223 22.21 -44.12 18.24
CA ILE J 223 21.08 -44.28 19.15
C ILE J 223 20.94 -43.01 19.99
N PHE J 224 19.74 -42.44 20.03
CA PHE J 224 19.42 -41.34 20.91
C PHE J 224 18.33 -41.76 21.88
N ARG J 225 18.53 -41.46 23.16
CA ARG J 225 17.44 -41.49 24.10
C ARG J 225 16.43 -40.40 23.73
N GLU J 226 15.16 -40.66 24.05
CA GLU J 226 14.14 -39.64 23.85
C GLU J 226 14.37 -38.45 24.78
N SER J 227 14.96 -38.69 25.95
CA SER J 227 15.28 -37.62 26.89
C SER J 227 16.53 -36.86 26.48
N THR J 228 17.51 -37.53 25.88
CA THR J 228 18.74 -36.89 25.42
C THR J 228 18.41 -35.85 24.36
N LEU J 229 17.31 -36.07 23.66
CA LEU J 229 16.71 -35.13 22.73
C LEU J 229 15.97 -34.08 23.55
N ALA J 230 14.93 -33.46 23.01
CA ALA J 230 14.39 -32.26 23.62
C ALA J 230 13.87 -32.59 25.02
N TRP J 231 14.83 -32.58 25.95
CA TRP J 231 14.64 -32.96 27.35
C TRP J 231 13.65 -32.09 28.09
N ARG J 232 13.37 -30.87 27.59
CA ARG J 232 12.50 -29.96 28.32
C ARG J 232 11.10 -30.54 28.49
N ASP J 233 10.74 -31.52 27.67
CA ASP J 233 9.45 -32.17 27.82
C ASP J 233 9.41 -33.04 29.08
N PHE J 234 10.46 -33.83 29.31
CA PHE J 234 10.48 -34.78 30.41
C PHE J 234 10.76 -34.04 31.72
N LYS J 235 9.90 -34.24 32.71
CA LYS J 235 9.95 -33.51 33.97
C LYS J 235 9.96 -34.50 35.12
N ASN J 236 10.47 -34.05 36.27
CA ASN J 236 10.36 -34.83 37.49
C ASN J 236 9.27 -34.23 38.39
N ALA J 237 9.17 -34.77 39.61
CA ALA J 237 8.14 -34.31 40.55
C ALA J 237 8.37 -32.85 40.94
N PHE J 238 9.61 -32.47 41.19
CA PHE J 238 9.89 -31.11 41.66
C PHE J 238 9.58 -30.08 40.59
N GLY J 239 9.77 -30.44 39.32
CA GLY J 239 9.51 -29.54 38.21
C GLY J 239 10.74 -29.12 37.43
N LEU J 240 11.92 -29.56 37.83
CA LEU J 240 13.12 -29.29 37.06
C LEU J 240 13.48 -30.54 36.25
N PRO J 241 13.84 -30.38 34.98
CA PRO J 241 14.06 -31.55 34.11
C PRO J 241 15.15 -32.45 34.66
N ILE J 242 14.97 -33.76 34.49
CA ILE J 242 15.91 -34.73 35.04
C ILE J 242 17.28 -34.57 34.39
N ARG J 243 17.32 -34.45 33.07
CA ARG J 243 18.57 -34.27 32.33
C ARG J 243 18.76 -32.81 31.92
N ASP J 244 19.01 -31.94 32.89
CA ASP J 244 19.09 -30.51 32.60
C ASP J 244 20.38 -30.18 31.85
N PHE J 245 20.24 -29.77 30.59
CA PHE J 245 21.35 -29.31 29.76
C PHE J 245 21.15 -27.85 29.40
N SER J 246 20.46 -27.10 30.26
CA SER J 246 20.16 -25.72 29.95
C SER J 246 21.44 -24.89 29.79
N LYS J 247 22.41 -25.10 30.67
CA LYS J 247 23.66 -24.35 30.57
C LYS J 247 24.60 -24.96 29.54
N ILE J 248 24.36 -26.20 29.13
CA ILE J 248 25.33 -26.94 28.33
C ILE J 248 24.68 -27.46 27.06
N GLU J 249 23.65 -26.75 26.59
CA GLU J 249 22.95 -27.19 25.38
C GLU J 249 23.87 -27.07 24.16
N GLY J 250 24.71 -26.04 24.11
CA GLY J 250 25.62 -25.88 22.99
C GLY J 250 26.62 -27.01 22.87
N HIS J 251 27.17 -27.47 24.00
CA HIS J 251 28.10 -28.59 23.95
C HIS J 251 27.37 -29.88 23.60
N LEU J 252 26.12 -30.02 24.02
CA LEU J 252 25.31 -31.16 23.58
C LEU J 252 25.20 -31.18 22.06
N ALA J 253 24.91 -30.03 21.47
CA ALA J 253 24.88 -29.95 20.02
C ALA J 253 26.24 -30.27 19.41
N TRP J 254 27.32 -29.77 20.01
CA TRP J 254 28.66 -30.03 19.50
C TRP J 254 28.96 -31.52 19.47
N THR J 255 28.64 -32.23 20.55
CA THR J 255 29.00 -33.64 20.66
C THR J 255 28.03 -34.56 19.92
N ILE J 256 26.81 -34.12 19.64
CA ILE J 256 25.92 -34.92 18.79
C ILE J 256 26.26 -34.70 17.33
N SER J 257 26.52 -33.46 16.94
CA SER J 257 26.84 -33.14 15.56
C SER J 257 28.12 -33.83 15.11
N THR J 258 29.13 -33.87 15.98
CA THR J 258 30.40 -34.49 15.60
C THR J 258 30.24 -35.99 15.37
N ALA J 259 29.47 -36.65 16.23
CA ALA J 259 29.21 -38.07 16.02
C ALA J 259 28.43 -38.30 14.73
N ALA J 260 27.43 -37.47 14.46
CA ALA J 260 26.67 -37.61 13.23
C ALA J 260 27.55 -37.40 12.01
N PHE J 261 28.43 -36.41 12.06
CA PHE J 261 29.33 -36.15 10.94
C PHE J 261 30.30 -37.29 10.72
N TYR J 262 30.86 -37.84 11.81
CA TYR J 262 31.80 -38.94 11.66
C TYR J 262 31.14 -40.18 11.11
N LYS J 263 29.94 -40.51 11.61
CA LYS J 263 29.26 -41.71 11.15
C LYS J 263 28.84 -41.62 9.69
N ALA J 264 28.78 -40.42 9.12
CA ALA J 264 28.41 -40.26 7.72
C ALA J 264 29.61 -40.31 6.78
N GLY J 265 30.82 -40.41 7.31
CA GLY J 265 31.99 -40.57 6.46
C GLY J 265 32.85 -39.33 6.38
N GLY J 266 32.83 -38.50 7.41
CA GLY J 266 33.62 -37.27 7.44
C GLY J 266 34.83 -37.41 8.34
N LYS J 267 35.85 -36.59 8.07
CA LYS J 267 37.03 -36.52 8.91
C LYS J 267 36.98 -35.20 9.67
N PRO J 268 36.53 -35.20 10.92
CA PRO J 268 36.41 -33.93 11.66
C PRO J 268 37.75 -33.25 11.87
N TRP J 269 38.75 -33.98 12.38
CA TRP J 269 40.09 -33.45 12.55
C TRP J 269 41.11 -34.56 12.40
N LYS J 270 42.38 -34.22 12.61
CA LYS J 270 43.48 -35.13 12.36
C LYS J 270 44.65 -34.73 13.25
N LEU J 271 45.49 -35.72 13.58
CA LEU J 271 46.73 -35.47 14.30
C LEU J 271 47.78 -34.91 13.36
N SER J 272 48.71 -34.14 13.93
CA SER J 272 49.79 -33.54 13.16
C SER J 272 51.18 -33.88 13.69
N ASP J 273 51.29 -34.35 14.92
CA ASP J 273 52.57 -34.66 15.53
C ASP J 273 52.94 -36.14 15.44
N VAL J 274 52.13 -36.94 14.75
CA VAL J 274 52.43 -38.37 14.63
C VAL J 274 53.66 -38.54 13.77
N ARG J 275 54.54 -39.47 14.17
CA ARG J 275 55.74 -39.73 13.41
C ARG J 275 55.45 -40.74 12.30
N ASN J 276 56.30 -40.71 11.28
CA ASN J 276 56.20 -41.69 10.20
C ASN J 276 56.59 -43.07 10.70
N GLY J 277 55.81 -44.07 10.29
CA GLY J 277 56.18 -45.45 10.53
C GLY J 277 55.91 -45.98 11.92
N VAL J 278 54.99 -45.38 12.67
CA VAL J 278 54.67 -45.85 14.02
C VAL J 278 53.23 -46.37 14.04
N CYS J 279 53.10 -47.69 14.14
CA CYS J 279 51.83 -48.33 14.41
C CYS J 279 51.64 -48.38 15.93
N TYR J 280 50.40 -48.28 16.40
CA TYR J 280 50.21 -48.21 17.84
C TYR J 280 49.49 -49.42 18.41
N LEU J 281 48.26 -49.69 17.95
CA LEU J 281 47.49 -50.83 18.42
C LEU J 281 47.10 -50.69 19.89
N GLY J 282 45.82 -50.87 20.19
CA GLY J 282 45.35 -50.81 21.56
C GLY J 282 44.62 -52.07 21.94
N LEU J 283 45.13 -52.79 22.94
CA LEU J 283 44.64 -54.12 23.24
C LEU J 283 43.90 -54.14 24.57
N VAL J 284 42.67 -54.62 24.55
CA VAL J 284 41.81 -54.66 25.74
C VAL J 284 41.13 -56.02 25.79
N TYR J 285 40.96 -56.54 27.01
CA TYR J 285 40.30 -57.83 27.24
C TYR J 285 38.90 -57.59 27.79
N LYS J 286 37.91 -58.24 27.18
CA LYS J 286 36.54 -58.22 27.67
C LYS J 286 36.04 -59.63 27.89
N LYS J 287 35.21 -59.79 28.92
CA LYS J 287 34.64 -61.10 29.21
C LYS J 287 33.45 -61.38 28.31
N VAL J 288 33.18 -62.68 28.12
CA VAL J 288 32.02 -63.15 27.38
C VAL J 288 31.21 -64.03 28.33
N GLU J 289 30.03 -63.54 28.74
CA GLU J 289 29.21 -64.24 29.70
C GLU J 289 28.38 -65.36 29.11
N LYS J 290 28.32 -65.46 27.78
CA LYS J 290 27.45 -66.46 27.16
C LYS J 290 28.10 -67.84 27.15
N SER J 291 29.30 -67.94 26.59
CA SER J 291 30.02 -69.20 26.62
C SER J 291 30.47 -69.51 28.04
N LYS J 292 30.38 -70.78 28.41
CA LYS J 292 30.85 -71.20 29.74
C LYS J 292 32.33 -70.88 29.87
N ASN J 293 32.70 -70.30 31.03
CA ASN J 293 33.99 -69.67 31.30
C ASN J 293 33.98 -68.36 30.52
N PRO J 294 34.29 -67.22 31.15
CA PRO J 294 34.16 -65.94 30.44
C PRO J 294 34.96 -65.86 29.16
N ARG J 295 36.02 -66.65 29.03
CA ARG J 295 36.72 -66.87 27.76
C ARG J 295 37.46 -65.61 27.32
N ASN J 296 37.33 -64.52 28.08
CA ASN J 296 38.19 -63.34 28.00
C ASN J 296 38.50 -62.90 26.57
N ALA J 297 37.47 -62.54 25.81
CA ALA J 297 37.66 -62.10 24.43
C ALA J 297 38.56 -60.87 24.39
N CYS J 298 39.49 -60.85 23.44
CA CYS J 298 40.41 -59.75 23.25
C CYS J 298 40.05 -59.00 21.97
N CYS J 299 40.23 -57.69 21.97
CA CYS J 299 39.96 -56.85 20.81
C CYS J 299 41.03 -55.76 20.72
N ALA J 300 41.30 -55.33 19.49
CA ALA J 300 42.39 -54.41 19.23
C ALA J 300 41.94 -53.28 18.31
N ALA J 301 42.47 -52.09 18.55
CA ALA J 301 42.22 -50.92 17.73
C ALA J 301 43.56 -50.32 17.32
N GLN J 302 43.70 -49.97 16.04
CA GLN J 302 44.98 -49.63 15.45
C GLN J 302 44.97 -48.21 14.90
N MET J 303 46.12 -47.55 14.98
CA MET J 303 46.32 -46.27 14.30
C MET J 303 47.74 -46.22 13.77
N PHE J 304 47.90 -45.69 12.56
CA PHE J 304 49.21 -45.37 12.00
C PHE J 304 49.05 -44.21 11.03
N LEU J 305 50.17 -43.77 10.48
CA LEU J 305 50.15 -42.78 9.42
C LEU J 305 50.09 -43.46 8.07
N ASP J 306 49.53 -42.76 7.09
CA ASP J 306 49.37 -43.29 5.75
C ASP J 306 50.26 -42.51 4.79
N ASN J 307 50.45 -43.07 3.61
CA ASN J 307 51.17 -42.37 2.56
C ASN J 307 50.50 -41.03 2.29
N GLY J 308 51.29 -39.97 2.25
CA GLY J 308 50.76 -38.63 2.22
C GLY J 308 50.83 -37.98 3.58
N ASP J 309 49.66 -37.61 4.10
CA ASP J 309 49.54 -37.07 5.45
C ASP J 309 48.33 -37.61 6.20
N GLY J 310 47.50 -38.43 5.57
CA GLY J 310 46.29 -38.90 6.21
C GLY J 310 46.57 -39.92 7.30
N THR J 311 45.81 -39.83 8.38
CA THR J 311 45.93 -40.80 9.46
C THR J 311 44.88 -41.90 9.30
N VAL J 312 45.32 -43.14 9.53
CA VAL J 312 44.45 -44.31 9.39
C VAL J 312 44.16 -44.80 10.80
N PHE J 313 42.93 -44.59 11.26
CA PHE J 313 42.48 -45.01 12.59
C PHE J 313 41.34 -45.99 12.41
N LYS J 314 41.68 -47.26 12.23
CA LYS J 314 40.70 -48.32 12.06
C LYS J 314 40.96 -49.43 13.08
N GLY J 315 39.90 -50.17 13.40
CA GLY J 315 40.05 -51.31 14.27
C GLY J 315 40.88 -52.40 13.62
N GLU J 316 41.54 -53.19 14.48
CA GLU J 316 42.27 -54.37 14.05
C GLU J 316 41.63 -55.56 14.77
N VAL J 317 40.58 -56.09 14.16
CA VAL J 317 39.61 -56.93 14.85
C VAL J 317 39.68 -58.33 14.27
N GLY J 318 40.32 -59.23 15.00
CA GLY J 318 40.35 -60.63 14.68
C GLY J 318 40.04 -61.47 15.90
N PRO J 319 39.02 -61.05 16.70
CA PRO J 319 39.02 -61.31 18.14
C PRO J 319 39.55 -62.67 18.56
N TRP J 320 40.60 -62.66 19.36
CA TRP J 320 41.34 -63.86 19.70
C TRP J 320 40.95 -64.30 21.09
N TYR J 321 40.05 -65.28 21.18
CA TYR J 321 39.53 -65.73 22.46
C TYR J 321 40.62 -66.45 23.24
N ASN J 322 40.64 -66.22 24.55
CA ASN J 322 41.62 -66.83 25.43
C ASN J 322 40.90 -67.58 26.54
N PRO J 323 41.04 -68.90 26.62
CA PRO J 323 40.40 -69.65 27.73
C PRO J 323 40.99 -69.25 29.08
N LYS J 324 40.43 -69.87 30.12
CA LYS J 324 40.75 -69.64 31.53
C LYS J 324 40.00 -68.41 32.03
N ASN J 325 39.69 -68.39 33.34
CA ASN J 325 38.78 -67.38 33.87
C ASN J 325 39.35 -65.98 33.75
N GLY J 326 40.57 -65.76 34.24
CA GLY J 326 41.11 -64.41 34.30
C GLY J 326 42.56 -64.31 33.91
N GLN J 327 43.00 -65.14 32.95
CA GLN J 327 44.39 -65.15 32.57
C GLN J 327 44.82 -63.82 31.96
N TYR J 328 44.03 -63.30 31.03
CA TYR J 328 44.29 -62.03 30.35
C TYR J 328 45.65 -62.00 29.66
N HIS J 329 46.24 -63.15 29.38
CA HIS J 329 47.47 -63.25 28.62
C HIS J 329 47.26 -64.23 27.47
N LEU J 330 47.44 -63.75 26.25
CA LEU J 330 47.08 -64.53 25.07
C LEU J 330 48.13 -65.60 24.79
N GLU J 331 47.67 -66.75 24.32
CA GLU J 331 48.54 -67.85 23.94
C GLU J 331 49.36 -67.44 22.72
N PRO J 332 50.50 -68.09 22.49
CA PRO J 332 51.38 -67.66 21.40
C PRO J 332 50.73 -67.65 20.02
N LYS J 333 49.84 -68.61 19.76
CA LYS J 333 49.18 -68.65 18.45
C LYS J 333 48.32 -67.41 18.23
N GLU J 334 47.46 -67.08 19.20
CA GLU J 334 46.60 -65.92 19.07
C GLU J 334 47.39 -64.62 18.99
N ALA J 335 48.44 -64.50 19.80
CA ALA J 335 49.27 -63.30 19.79
C ALA J 335 49.97 -63.15 18.44
N LYS J 336 50.50 -64.24 17.90
CA LYS J 336 51.13 -64.17 16.59
C LYS J 336 50.13 -63.79 15.51
N ALA J 337 48.92 -64.36 15.56
CA ALA J 337 47.91 -63.99 14.57
C ALA J 337 47.55 -62.52 14.68
N LEU J 338 47.39 -62.02 15.91
CA LEU J 338 47.08 -60.61 16.12
C LEU J 338 48.16 -59.70 15.54
N LEU J 339 49.42 -59.97 15.88
CA LEU J 339 50.49 -59.11 15.42
C LEU J 339 50.69 -59.24 13.91
N SER J 340 50.49 -60.41 13.34
CA SER J 340 50.61 -60.58 11.89
C SER J 340 49.52 -59.81 11.17
N GLN J 341 48.29 -59.84 11.71
CA GLN J 341 47.23 -59.02 11.13
C GLN J 341 47.55 -57.54 11.24
N SER J 342 48.11 -57.10 12.37
CA SER J 342 48.53 -55.72 12.51
C SER J 342 49.62 -55.31 11.51
N LEU J 343 50.59 -56.20 11.26
CA LEU J 343 51.68 -55.85 10.35
C LEU J 343 51.22 -55.88 8.90
N GLN J 344 50.38 -56.85 8.54
CA GLN J 344 49.84 -56.88 7.18
C GLN J 344 48.90 -55.73 6.89
N SER J 345 48.10 -55.32 7.88
CA SER J 345 47.24 -54.15 7.74
C SER J 345 48.03 -52.86 7.64
N TYR J 346 49.33 -52.90 7.90
CA TYR J 346 50.21 -51.77 7.63
C TYR J 346 50.91 -51.90 6.28
N LYS J 347 51.34 -53.11 5.92
CA LYS J 347 51.94 -53.31 4.61
C LYS J 347 50.98 -52.95 3.49
N GLU J 348 49.75 -53.46 3.55
CA GLU J 348 48.85 -53.27 2.40
C GLU J 348 48.44 -51.83 2.20
N GLN J 349 48.70 -50.95 3.18
CA GLN J 349 48.42 -49.52 3.03
C GLN J 349 49.67 -48.66 2.83
N ILE J 350 50.84 -49.10 3.28
CA ILE J 350 52.07 -48.34 3.10
C ILE J 350 53.07 -49.03 2.21
N GLY J 351 53.11 -50.37 2.19
CA GLY J 351 54.03 -51.08 1.32
C GLY J 351 55.09 -51.84 2.08
N GLU J 352 55.48 -51.34 3.24
CA GLU J 352 56.52 -51.95 4.06
C GLU J 352 56.18 -51.76 5.53
N TYR J 353 56.80 -52.59 6.39
CA TYR J 353 56.60 -52.81 7.81
C TYR J 353 56.81 -51.53 8.62
N PRO J 354 56.06 -51.38 9.70
CA PRO J 354 56.29 -50.24 10.60
C PRO J 354 57.67 -50.31 11.22
N LYS J 355 58.29 -49.16 11.41
CA LYS J 355 59.62 -49.08 12.00
C LYS J 355 59.57 -49.07 13.53
N GLU J 356 58.42 -48.72 14.12
CA GLU J 356 58.30 -48.68 15.56
C GLU J 356 56.86 -48.94 15.98
N VAL J 357 56.58 -50.11 16.56
CA VAL J 357 55.23 -50.43 16.98
C VAL J 357 55.12 -50.28 18.49
N PHE J 358 54.11 -49.54 18.93
CA PHE J 358 53.94 -49.19 20.34
C PHE J 358 52.63 -49.76 20.84
N ILE J 359 52.64 -51.03 21.23
CA ILE J 359 51.44 -51.71 21.71
C ILE J 359 51.09 -51.14 23.07
N HIS J 360 49.95 -50.47 23.17
CA HIS J 360 49.43 -50.09 24.48
C HIS J 360 48.52 -51.19 25.01
N ALA J 361 48.29 -51.16 26.32
CA ALA J 361 47.42 -52.13 26.97
C ALA J 361 47.11 -51.72 28.40
N LYS J 362 45.88 -51.96 28.86
CA LYS J 362 45.54 -51.70 30.25
C LYS J 362 46.24 -52.64 31.21
N THR J 363 46.80 -53.75 30.72
CA THR J 363 47.37 -54.79 31.55
C THR J 363 48.80 -55.07 31.11
N ARG J 364 49.66 -55.41 32.07
CA ARG J 364 51.01 -55.84 31.74
C ARG J 364 51.00 -57.27 31.21
N PHE J 365 51.89 -57.54 30.27
CA PHE J 365 51.92 -58.80 29.55
C PHE J 365 52.87 -59.76 30.25
N ASN J 366 52.71 -61.05 29.99
CA ASN J 366 53.70 -62.04 30.43
C ASN J 366 54.73 -62.27 29.33
N HIS J 367 55.81 -62.96 29.69
CA HIS J 367 56.94 -63.11 28.78
C HIS J 367 56.58 -63.93 27.55
N GLN J 368 55.67 -64.90 27.70
CA GLN J 368 55.28 -65.73 26.56
C GLN J 368 54.73 -64.89 25.42
N GLU J 369 54.00 -63.83 25.74
CA GLU J 369 53.39 -63.01 24.69
C GLU J 369 54.44 -62.30 23.86
N TRP J 370 55.47 -61.71 24.49
CA TRP J 370 56.54 -61.14 23.68
C TRP J 370 57.33 -62.22 22.96
N ASP J 371 57.47 -63.40 23.57
CA ASP J 371 58.12 -64.49 22.86
C ASP J 371 57.38 -64.84 21.59
N ALA J 372 56.04 -64.79 21.61
CA ALA J 372 55.25 -64.98 20.41
C ALA J 372 55.44 -63.83 19.44
N PHE J 373 55.35 -62.61 19.95
CA PHE J 373 55.40 -61.42 19.11
C PHE J 373 56.71 -61.32 18.34
N LEU J 374 57.83 -61.58 19.02
CA LEU J 374 59.14 -61.38 18.44
C LEU J 374 59.40 -62.34 17.29
N GLU J 375 58.78 -63.52 17.33
CA GLU J 375 58.94 -64.51 16.27
C GLU J 375 58.48 -63.94 14.93
N VAL J 376 57.25 -63.41 14.90
CA VAL J 376 56.74 -62.81 13.67
C VAL J 376 57.32 -61.41 13.50
N THR J 377 57.76 -60.80 14.59
CA THR J 377 58.36 -59.47 14.50
C THR J 377 59.67 -59.54 13.73
N PRO J 378 59.80 -58.76 12.67
CA PRO J 378 61.03 -58.75 11.87
C PRO J 378 62.15 -57.99 12.58
N LYS J 379 63.31 -57.95 11.94
CA LYS J 379 64.49 -57.34 12.57
C LYS J 379 64.36 -55.82 12.61
N GLU J 380 63.93 -55.21 11.51
CA GLU J 380 63.91 -53.75 11.42
C GLU J 380 62.88 -53.15 12.36
N THR J 381 61.73 -53.80 12.51
CA THR J 381 60.67 -53.26 13.37
C THR J 381 61.07 -53.35 14.84
N ASN J 382 60.81 -52.28 15.57
CA ASN J 382 61.07 -52.23 17.01
C ASN J 382 59.75 -52.36 17.75
N LEU J 383 59.60 -53.43 18.53
CA LEU J 383 58.36 -53.68 19.25
C LEU J 383 58.50 -53.23 20.70
N VAL J 384 57.57 -52.40 21.14
CA VAL J 384 57.53 -51.88 22.50
C VAL J 384 56.15 -52.12 23.08
N GLY J 385 56.10 -52.65 24.30
CA GLY J 385 54.87 -52.84 25.01
C GLY J 385 54.72 -51.78 26.09
N VAL J 386 53.57 -51.13 26.13
CA VAL J 386 53.29 -50.04 27.05
C VAL J 386 52.07 -50.42 27.89
N THR J 387 52.18 -50.23 29.20
CA THR J 387 51.10 -50.53 30.13
C THR J 387 50.61 -49.24 30.76
N ILE J 388 49.30 -49.01 30.70
CA ILE J 388 48.68 -47.80 31.23
C ILE J 388 47.62 -48.21 32.25
N SER J 389 47.65 -47.57 33.42
CA SER J 389 46.79 -47.98 34.52
C SER J 389 46.30 -46.77 35.29
N LYS J 390 45.05 -46.82 35.72
CA LYS J 390 44.45 -45.82 36.61
C LYS J 390 44.41 -46.28 38.06
N THR J 391 45.00 -47.43 38.38
CA THR J 391 44.82 -48.01 39.70
C THR J 391 45.57 -47.23 40.78
N LYS J 392 46.82 -46.86 40.51
CA LYS J 392 47.68 -46.28 41.53
C LYS J 392 47.13 -44.95 42.02
N PRO J 393 46.89 -44.79 43.32
CA PRO J 393 46.23 -43.60 43.87
C PRO J 393 47.18 -42.46 44.28
N LEU J 394 47.76 -41.82 43.26
CA LEU J 394 48.53 -40.60 43.44
C LEU J 394 47.67 -39.42 43.05
N LYS J 395 47.68 -38.38 43.89
CA LYS J 395 46.85 -37.20 43.64
C LYS J 395 47.64 -35.98 44.12
N LEU J 396 48.16 -35.21 43.18
CA LEU J 396 48.94 -34.02 43.50
C LEU J 396 48.00 -32.87 43.79
N TYR J 397 47.93 -32.46 45.06
CA TYR J 397 47.11 -31.34 45.49
C TYR J 397 47.96 -30.08 45.46
N LYS J 398 47.46 -29.03 44.83
CA LYS J 398 48.16 -27.76 44.89
C LYS J 398 47.91 -27.10 46.25
N THR J 399 48.94 -26.44 46.77
CA THR J 399 48.88 -25.94 48.14
C THR J 399 47.91 -24.77 48.27
N GLU J 400 47.80 -23.95 47.23
CA GLU J 400 46.96 -22.77 47.33
C GLU J 400 46.05 -22.67 46.12
N GLY J 401 44.77 -22.38 46.37
CA GLY J 401 43.79 -22.22 45.31
C GLY J 401 42.84 -23.41 45.19
N ASP J 402 41.61 -23.15 44.78
CA ASP J 402 40.66 -24.23 44.56
C ASP J 402 40.67 -24.68 43.10
N TYR J 403 41.86 -24.93 42.56
CA TYR J 403 42.02 -25.44 41.20
C TYR J 403 43.03 -26.57 41.21
N THR J 404 42.81 -27.53 40.33
CA THR J 404 43.59 -28.76 40.32
C THR J 404 44.87 -28.55 39.51
N ILE J 405 45.73 -29.58 39.49
CA ILE J 405 47.01 -29.54 38.80
C ILE J 405 46.78 -29.36 37.31
N LEU J 406 47.77 -28.80 36.62
CA LEU J 406 47.67 -28.58 35.19
C LEU J 406 47.75 -29.90 34.42
N ARG J 407 46.95 -30.01 33.37
CA ARG J 407 46.95 -31.19 32.52
C ARG J 407 48.24 -31.24 31.71
N GLY J 408 48.99 -32.33 31.86
CA GLY J 408 50.24 -32.49 31.12
C GLY J 408 51.43 -32.76 32.01
N ASN J 409 51.30 -32.47 33.31
CA ASN J 409 52.39 -32.70 34.24
C ASN J 409 52.72 -34.19 34.31
N ALA J 410 54.02 -34.50 34.29
CA ALA J 410 54.47 -35.88 34.26
C ALA J 410 55.63 -36.07 35.22
N TYR J 411 55.41 -36.86 36.26
CA TYR J 411 56.45 -37.25 37.20
C TYR J 411 57.10 -38.54 36.70
N VAL J 412 58.30 -38.42 36.14
CA VAL J 412 59.00 -39.56 35.57
C VAL J 412 59.75 -40.26 36.70
N VAL J 413 59.26 -41.43 37.10
CA VAL J 413 59.89 -42.18 38.19
C VAL J 413 61.27 -42.67 37.76
N ASN J 414 61.37 -43.26 36.57
CA ASN J 414 62.64 -43.76 36.07
C ASN J 414 62.56 -43.86 34.56
N GLU J 415 63.54 -44.52 33.97
CA GLU J 415 63.61 -44.59 32.51
C GLU J 415 62.45 -45.38 31.91
N ARG J 416 61.76 -46.20 32.71
CA ARG J 416 60.70 -47.05 32.20
C ARG J 416 59.31 -46.67 32.67
N SER J 417 59.17 -46.17 33.90
CA SER J 417 57.85 -45.91 34.48
C SER J 417 57.68 -44.41 34.68
N ALA J 418 56.42 -43.96 34.63
CA ALA J 418 56.12 -42.55 34.77
C ALA J 418 54.65 -42.37 35.15
N PHE J 419 54.32 -41.17 35.59
CA PHE J 419 52.96 -40.74 35.85
C PHE J 419 52.64 -39.63 34.85
N LEU J 420 51.41 -39.63 34.33
CA LEU J 420 50.98 -38.60 33.39
C LEU J 420 49.59 -38.12 33.77
N TRP J 421 49.43 -36.82 33.93
CA TRP J 421 48.15 -36.22 34.31
C TRP J 421 47.40 -35.83 33.04
N THR J 422 46.69 -36.80 32.45
CA THR J 422 45.86 -36.52 31.29
C THR J 422 44.56 -35.81 31.66
N VAL J 423 44.05 -36.04 32.86
CA VAL J 423 42.86 -35.35 33.35
C VAL J 423 43.32 -34.28 34.33
N GLY J 424 43.00 -33.03 34.03
CA GLY J 424 43.44 -31.95 34.88
C GLY J 424 43.05 -30.60 34.31
N TYR J 425 43.66 -29.57 34.87
CA TYR J 425 43.38 -28.20 34.45
C TYR J 425 44.14 -27.86 33.17
N VAL J 426 43.45 -27.20 32.25
CA VAL J 426 44.07 -26.62 31.06
C VAL J 426 43.48 -25.23 30.86
N PRO J 427 44.30 -24.19 30.68
CA PRO J 427 43.76 -22.82 30.71
C PRO J 427 42.75 -22.52 29.63
N LYS J 428 42.86 -23.13 28.44
CA LYS J 428 41.99 -22.75 27.33
C LYS J 428 40.52 -22.98 27.67
N ILE J 429 40.20 -24.10 28.32
CA ILE J 429 38.83 -24.35 28.72
C ILE J 429 38.49 -23.62 30.01
N GLN J 430 39.46 -22.93 30.61
CA GLN J 430 39.35 -22.10 31.81
C GLN J 430 39.11 -22.95 33.05
N THR J 431 38.95 -24.25 32.92
CA THR J 431 38.66 -25.11 34.06
C THR J 431 39.43 -26.41 33.90
N ALA J 432 39.20 -27.33 34.82
CA ALA J 432 39.76 -28.66 34.69
C ALA J 432 38.74 -29.61 34.07
N LEU J 433 39.25 -30.69 33.49
CA LEU J 433 38.38 -31.72 32.93
C LEU J 433 37.80 -32.65 33.99
N SER J 434 38.26 -32.56 35.23
CA SER J 434 37.78 -33.41 36.31
C SER J 434 36.91 -32.56 37.25
N MET J 435 36.25 -33.13 38.26
CA MET J 435 35.45 -32.34 39.18
C MET J 435 36.18 -32.21 40.51
N GLU J 436 36.56 -33.34 41.08
CA GLU J 436 37.42 -33.36 42.25
C GLU J 436 38.87 -33.33 41.79
N VAL J 437 39.79 -33.60 42.70
CA VAL J 437 41.21 -33.66 42.32
C VAL J 437 41.44 -34.93 41.49
N PRO J 438 41.94 -34.82 40.28
CA PRO J 438 42.01 -35.97 39.38
C PRO J 438 43.15 -36.91 39.76
N ASN J 439 43.21 -38.03 39.04
CA ASN J 439 44.30 -38.98 39.20
C ASN J 439 44.99 -39.17 37.86
N PRO J 440 46.31 -39.36 37.85
CA PRO J 440 47.05 -39.45 36.60
C PRO J 440 46.96 -40.84 35.99
N LEU J 441 47.67 -41.01 34.89
CA LEU J 441 47.77 -42.29 34.20
C LEU J 441 49.14 -42.89 34.49
N PHE J 442 49.17 -44.05 35.13
CA PHE J 442 50.43 -44.73 35.36
C PHE J 442 50.88 -45.41 34.08
N ILE J 443 51.96 -44.92 33.48
CA ILE J 443 52.50 -45.45 32.24
C ILE J 443 53.84 -46.09 32.53
N GLU J 444 54.06 -47.29 32.00
CA GLU J 444 55.33 -47.98 32.16
C GLU J 444 55.63 -48.78 30.90
N ILE J 445 56.91 -48.98 30.64
CA ILE J 445 57.36 -49.81 29.53
C ILE J 445 57.70 -51.19 30.06
N ASN J 446 56.83 -52.17 29.80
CA ASN J 446 57.09 -53.52 30.29
C ASN J 446 58.36 -54.09 29.68
N LYS J 447 58.36 -54.36 28.38
CA LYS J 447 59.56 -54.69 27.63
C LYS J 447 59.58 -53.88 26.34
N GLY J 448 60.71 -53.97 25.64
CA GLY J 448 61.04 -52.98 24.63
C GLY J 448 61.90 -51.91 25.27
N GLU J 449 62.33 -50.89 24.52
CA GLU J 449 63.19 -49.90 25.13
C GLU J 449 62.46 -48.58 25.36
N ALA J 450 61.95 -47.97 24.29
CA ALA J 450 61.15 -46.75 24.32
C ALA J 450 61.77 -45.57 25.06
N ASP J 451 61.74 -44.40 24.43
CA ASP J 451 62.04 -43.18 25.16
C ASP J 451 60.82 -42.74 25.94
N ILE J 452 60.95 -42.73 27.27
CA ILE J 452 59.77 -42.54 28.12
C ILE J 452 59.14 -41.17 27.85
N LYS J 453 59.97 -40.16 27.60
CA LYS J 453 59.42 -38.86 27.23
C LYS J 453 58.68 -38.94 25.91
N GLN J 454 59.21 -39.68 24.94
CA GLN J 454 58.50 -39.89 23.69
C GLN J 454 57.19 -40.64 23.92
N VAL J 455 57.20 -41.60 24.84
CA VAL J 455 55.98 -42.35 25.14
C VAL J 455 54.91 -41.41 25.71
N LEU J 456 55.29 -40.55 26.65
CA LEU J 456 54.35 -39.56 27.17
C LEU J 456 53.95 -38.52 26.13
N LYS J 457 54.79 -38.29 25.13
CA LYS J 457 54.49 -37.31 24.09
C LYS J 457 53.54 -37.84 23.04
N ASP J 458 53.34 -39.15 22.95
CA ASP J 458 52.42 -39.75 22.00
C ASP J 458 51.08 -40.13 22.62
N ILE J 459 51.08 -40.59 23.87
CA ILE J 459 49.82 -40.91 24.54
C ILE J 459 48.97 -39.65 24.69
N LEU J 460 49.60 -38.52 25.02
CA LEU J 460 48.86 -37.27 25.09
C LEU J 460 48.28 -36.90 23.72
N SER J 461 49.00 -37.22 22.65
CA SER J 461 48.43 -37.06 21.32
C SER J 461 47.26 -38.00 21.11
N LEU J 462 47.39 -39.24 21.58
CA LEU J 462 46.30 -40.21 21.46
C LEU J 462 45.07 -39.79 22.23
N THR J 463 45.21 -38.93 23.24
CA THR J 463 44.07 -38.51 24.04
C THR J 463 43.17 -37.51 23.32
N LYS J 464 43.54 -37.02 22.14
CA LYS J 464 42.75 -36.00 21.47
C LYS J 464 41.85 -36.54 20.37
N LEU J 465 42.10 -37.75 19.87
CA LEU J 465 41.32 -38.27 18.75
C LEU J 465 40.11 -39.08 19.18
N ASN J 466 39.28 -38.55 20.07
CA ASN J 466 38.02 -39.19 20.42
C ASN J 466 36.95 -38.62 19.50
N TYR J 467 36.60 -39.35 18.45
CA TYR J 467 35.61 -38.88 17.49
C TYR J 467 34.18 -39.08 17.97
N ASN J 468 33.97 -39.87 19.02
CA ASN J 468 32.62 -40.06 19.54
C ASN J 468 32.18 -38.89 20.40
N ALA J 469 33.10 -38.01 20.80
CA ALA J 469 32.79 -36.87 21.65
C ALA J 469 33.57 -35.66 21.19
N CYS J 470 32.92 -34.50 21.19
CA CYS J 470 33.57 -33.26 20.79
C CYS J 470 33.97 -32.50 22.06
N ILE J 471 35.03 -32.98 22.70
CA ILE J 471 35.55 -32.39 23.92
C ILE J 471 36.97 -31.91 23.64
N PHE J 472 37.56 -31.24 24.63
CA PHE J 472 38.91 -30.72 24.48
C PHE J 472 39.92 -31.86 24.34
N ALA J 473 39.84 -32.83 25.23
CA ALA J 473 40.73 -34.00 25.18
C ALA J 473 40.12 -35.09 26.05
N ASP J 474 40.63 -36.30 25.87
CA ASP J 474 40.16 -37.46 26.61
C ASP J 474 41.15 -37.82 27.70
N GLY J 475 40.65 -38.42 28.77
CA GLY J 475 41.51 -38.77 29.90
C GLY J 475 42.37 -39.99 29.65
N GLU J 476 42.00 -40.84 28.70
CA GLU J 476 42.76 -42.04 28.40
C GLU J 476 43.00 -42.08 26.89
N PRO J 477 44.07 -42.73 26.43
CA PRO J 477 44.35 -42.74 24.98
C PRO J 477 43.23 -43.39 24.21
N VAL J 478 42.97 -42.89 23.00
CA VAL J 478 41.84 -43.37 22.22
C VAL J 478 41.94 -44.83 21.83
N THR J 479 43.16 -45.38 21.73
CA THR J 479 43.30 -46.79 21.40
C THR J 479 42.65 -47.67 22.46
N LEU J 480 42.95 -47.42 23.72
CA LEU J 480 42.41 -48.22 24.82
C LEU J 480 40.94 -47.96 25.07
N ARG J 481 40.39 -46.87 24.55
CA ARG J 481 38.96 -46.59 24.72
C ARG J 481 38.13 -47.11 23.56
N PHE J 482 38.56 -46.87 22.31
CA PHE J 482 37.83 -47.42 21.18
C PHE J 482 37.99 -48.93 21.09
N ALA J 483 39.14 -49.45 21.50
CA ALA J 483 39.28 -50.89 21.61
C ALA J 483 38.30 -51.45 22.64
N ASP J 484 38.14 -50.77 23.77
CA ASP J 484 37.16 -51.19 24.76
C ASP J 484 35.74 -51.13 24.22
N LYS J 485 35.43 -50.09 23.45
CA LYS J 485 34.09 -49.98 22.86
C LYS J 485 33.82 -51.12 21.89
N ILE J 486 34.74 -51.39 20.98
CA ILE J 486 34.52 -52.45 20.00
C ILE J 486 34.48 -53.81 20.70
N GLY J 487 35.29 -53.99 21.74
CA GLY J 487 35.19 -55.20 22.54
C GLY J 487 33.87 -55.35 23.26
N GLU J 488 33.30 -54.26 23.74
CA GLU J 488 31.98 -54.29 24.36
C GLU J 488 30.88 -54.55 23.34
N ILE J 489 31.10 -54.19 22.08
CA ILE J 489 30.14 -54.48 21.02
C ILE J 489 30.27 -55.90 20.48
N LEU J 490 31.49 -56.40 20.29
CA LEU J 490 31.71 -57.73 19.73
C LEU J 490 31.39 -58.86 20.68
N THR J 491 31.32 -58.59 21.99
CA THR J 491 31.03 -59.62 22.99
C THR J 491 29.56 -59.62 23.38
N ALA J 492 28.71 -58.91 22.65
CA ALA J 492 27.27 -58.93 22.86
C ALA J 492 26.56 -60.00 22.03
N SER J 493 27.13 -60.39 20.90
CA SER J 493 26.57 -61.44 20.06
C SER J 493 27.62 -62.51 19.82
N THR J 494 27.20 -63.78 19.87
CA THR J 494 28.10 -64.90 19.71
C THR J 494 28.39 -65.24 18.25
N ASP J 495 27.52 -64.82 17.33
CA ASP J 495 27.60 -65.26 15.94
C ASP J 495 28.30 -64.25 15.03
N ILE J 496 29.32 -63.57 15.53
CA ILE J 496 30.06 -62.62 14.71
C ILE J 496 31.12 -63.35 13.90
N LYS J 497 31.31 -62.93 12.66
CA LYS J 497 32.30 -63.52 11.77
C LYS J 497 32.77 -62.45 10.79
N THR J 498 34.09 -62.22 10.78
CA THR J 498 34.74 -61.21 9.96
C THR J 498 34.02 -59.87 10.11
N PRO J 499 34.10 -59.24 11.28
CA PRO J 499 33.36 -58.00 11.50
C PRO J 499 34.06 -56.82 10.83
N PRO J 500 33.34 -55.72 10.61
CA PRO J 500 33.97 -54.54 10.00
C PRO J 500 35.04 -53.96 10.91
N LEU J 501 36.04 -53.33 10.30
CA LEU J 501 37.09 -52.66 11.05
C LEU J 501 36.82 -51.17 11.21
N ALA J 502 35.85 -50.63 10.48
CA ALA J 502 35.57 -49.20 10.53
C ALA J 502 34.84 -48.87 11.82
N PHE J 503 35.19 -47.72 12.40
CA PHE J 503 34.67 -47.38 13.72
C PHE J 503 33.28 -46.78 13.64
N LYS J 504 32.81 -46.43 12.44
CA LYS J 504 31.50 -45.81 12.31
C LYS J 504 30.39 -46.82 12.53
N TYR J 505 30.73 -48.12 12.46
CA TYR J 505 29.78 -49.18 12.72
C TYR J 505 29.79 -49.62 14.19
N TYR J 506 30.62 -49.00 15.01
CA TYR J 506 30.86 -49.42 16.38
C TYR J 506 30.52 -48.36 17.40
N ILE J 507 30.87 -47.10 17.15
CA ILE J 507 30.69 -46.05 18.14
C ILE J 507 29.33 -45.39 17.96
N MET K 1 17.79 2.78 -21.37
CA MET K 1 16.53 2.27 -21.86
C MET K 1 16.03 1.10 -21.02
N ARG K 2 14.74 0.79 -21.13
CA ARG K 2 14.12 -0.22 -20.30
C ARG K 2 14.19 -1.58 -20.98
N ASN K 3 14.91 -2.52 -20.36
CA ASN K 3 15.02 -3.88 -20.86
C ASN K 3 14.99 -4.88 -19.72
N LYS K 4 14.09 -4.67 -18.76
CA LYS K 4 14.00 -5.55 -17.59
C LYS K 4 12.58 -6.04 -17.43
N ILE K 5 12.44 -7.19 -16.80
CA ILE K 5 11.14 -7.83 -16.59
C ILE K 5 10.93 -8.04 -15.11
N PHE K 6 10.24 -7.10 -14.46
CA PHE K 6 10.03 -7.16 -13.02
C PHE K 6 9.06 -8.29 -12.69
N ILE K 7 9.59 -9.38 -12.15
CA ILE K 7 8.74 -10.50 -11.71
C ILE K 7 8.38 -10.22 -10.26
N SER K 8 7.31 -9.45 -10.08
CA SER K 8 6.81 -9.20 -8.74
C SER K 8 6.07 -10.42 -8.22
N HIS K 9 6.18 -10.67 -6.92
CA HIS K 9 5.62 -11.88 -6.33
C HIS K 9 5.58 -11.72 -4.83
N ALA K 10 4.94 -12.68 -4.17
CA ALA K 10 5.02 -12.78 -2.72
C ALA K 10 6.38 -13.33 -2.33
N THR K 11 7.15 -12.56 -1.57
CA THR K 11 8.55 -12.93 -1.32
C THR K 11 8.70 -14.24 -0.58
N PRO K 12 8.05 -14.49 0.56
CA PRO K 12 8.37 -15.73 1.28
C PRO K 12 7.76 -16.97 0.68
N ASP K 13 6.58 -16.86 0.07
CA ASP K 13 5.82 -18.05 -0.35
C ASP K 13 6.17 -18.50 -1.77
N ASP K 14 6.14 -17.57 -2.72
CA ASP K 14 6.28 -17.91 -4.13
C ASP K 14 7.72 -17.92 -4.60
N ASN K 15 8.66 -18.18 -3.68
CA ASN K 15 10.07 -18.19 -4.03
C ASN K 15 10.39 -19.21 -5.12
N ASP K 16 9.84 -20.42 -5.01
CA ASP K 16 10.21 -21.50 -5.91
C ASP K 16 9.83 -21.19 -7.37
N PHE K 17 8.56 -20.84 -7.60
CA PHE K 17 8.11 -20.56 -8.96
C PHE K 17 8.81 -19.34 -9.52
N THR K 18 8.97 -18.29 -8.71
CA THR K 18 9.62 -17.08 -9.18
C THR K 18 11.06 -17.34 -9.57
N ARG K 19 11.78 -18.10 -8.75
CA ARG K 19 13.16 -18.42 -9.09
C ARG K 19 13.24 -19.26 -10.35
N TRP K 20 12.35 -20.24 -10.49
CA TRP K 20 12.34 -21.06 -11.69
C TRP K 20 12.09 -20.22 -12.93
N LEU K 21 11.09 -19.33 -12.87
CA LEU K 21 10.76 -18.51 -14.02
C LEU K 21 11.88 -17.53 -14.35
N ALA K 22 12.49 -16.95 -13.33
CA ALA K 22 13.59 -16.02 -13.55
C ALA K 22 14.77 -16.73 -14.20
N LEU K 23 15.10 -17.92 -13.73
CA LEU K 23 16.19 -18.67 -14.33
C LEU K 23 15.88 -19.05 -15.77
N LYS K 24 14.64 -19.46 -16.04
CA LYS K 24 14.26 -19.82 -17.40
C LYS K 24 14.37 -18.61 -18.33
N LEU K 25 13.87 -17.46 -17.89
CA LEU K 25 13.93 -16.26 -18.72
C LEU K 25 15.36 -15.80 -18.93
N ILE K 26 16.20 -15.86 -17.89
CA ILE K 26 17.59 -15.49 -18.03
C ILE K 26 18.29 -16.42 -19.02
N GLY K 27 17.99 -17.71 -18.96
CA GLY K 27 18.58 -18.65 -19.90
C GLY K 27 18.22 -18.34 -21.35
N LEU K 28 17.03 -17.79 -21.57
CA LEU K 28 16.56 -17.45 -22.90
C LEU K 28 17.14 -16.13 -23.42
N GLY K 29 17.82 -15.37 -22.58
CA GLY K 29 18.37 -14.09 -22.98
C GLY K 29 17.57 -12.88 -22.54
N TYR K 30 16.54 -13.06 -21.73
CA TYR K 30 15.75 -11.95 -21.23
C TYR K 30 16.35 -11.45 -19.91
N GLU K 31 16.64 -10.15 -19.84
CA GLU K 31 17.09 -9.58 -18.59
C GLU K 31 15.93 -9.49 -17.61
N VAL K 32 16.15 -10.00 -16.39
CA VAL K 32 15.10 -10.14 -15.40
C VAL K 32 15.54 -9.49 -14.10
N TRP K 33 14.57 -8.89 -13.41
CA TRP K 33 14.81 -8.31 -12.09
C TRP K 33 13.81 -8.88 -11.11
N CYS K 34 14.31 -9.37 -9.98
CA CYS K 34 13.45 -9.86 -8.91
C CYS K 34 14.21 -9.72 -7.60
N ASP K 35 13.46 -9.60 -6.50
CA ASP K 35 14.08 -9.29 -5.21
C ASP K 35 14.97 -10.42 -4.72
N ILE K 36 14.52 -11.66 -4.87
CA ILE K 36 15.25 -12.79 -4.28
C ILE K 36 16.55 -13.05 -5.03
N LEU K 37 16.63 -12.66 -6.30
CA LEU K 37 17.88 -12.83 -7.04
C LEU K 37 18.65 -11.55 -7.28
N PHE K 38 17.98 -10.43 -7.53
CA PHE K 38 18.66 -9.24 -8.04
C PHE K 38 18.66 -8.07 -7.08
N LEU K 39 17.89 -8.12 -6.01
CA LEU K 39 17.91 -7.02 -5.05
C LEU K 39 19.20 -7.06 -4.24
N ASP K 40 19.84 -5.90 -4.13
CA ASP K 40 21.13 -5.76 -3.47
C ASP K 40 20.96 -5.78 -1.95
N LYS K 41 21.97 -6.29 -1.27
CA LYS K 41 21.97 -6.27 0.19
C LYS K 41 22.50 -4.92 0.68
N GLY K 42 21.86 -4.41 1.74
CA GLY K 42 22.23 -3.11 2.27
C GLY K 42 21.93 -1.96 1.33
N VAL K 43 20.78 -2.00 0.65
CA VAL K 43 20.35 -0.94 -0.23
C VAL K 43 18.91 -0.59 0.13
N ASP K 44 18.52 0.64 -0.19
CA ASP K 44 17.15 1.08 0.05
C ASP K 44 16.22 0.29 -0.85
N PHE K 45 15.52 -0.69 -0.28
CA PHE K 45 14.83 -1.66 -1.12
C PHE K 45 13.60 -1.08 -1.81
N TRP K 46 12.78 -0.29 -1.11
CA TRP K 46 11.64 0.31 -1.80
C TRP K 46 12.09 1.36 -2.82
N SER K 47 13.11 2.15 -2.48
CA SER K 47 13.62 3.11 -3.45
C SER K 47 14.16 2.43 -4.69
N ASN K 48 14.95 1.36 -4.50
CA ASN K 48 15.48 0.63 -5.64
C ASN K 48 14.37 -0.02 -6.45
N ILE K 49 13.38 -0.61 -5.78
CA ILE K 49 12.27 -1.24 -6.49
C ILE K 49 11.50 -0.21 -7.31
N GLU K 50 11.21 0.95 -6.71
CA GLU K 50 10.50 2.00 -7.42
C GLU K 50 11.31 2.51 -8.61
N LYS K 51 12.62 2.69 -8.44
CA LYS K 51 13.45 3.11 -9.56
C LYS K 51 13.41 2.08 -10.68
N VAL K 52 13.48 0.79 -10.33
CA VAL K 52 13.47 -0.25 -11.34
C VAL K 52 12.15 -0.26 -12.10
N ILE K 53 11.03 -0.16 -11.38
CA ILE K 53 9.74 -0.15 -12.05
C ILE K 53 9.57 1.08 -12.93
N ARG K 54 10.02 2.24 -12.44
CA ARG K 54 9.76 3.48 -13.16
C ARG K 54 10.66 3.65 -14.37
N GLU K 55 11.90 3.18 -14.29
CA GLU K 55 12.91 3.54 -15.28
C GLU K 55 13.31 2.39 -16.20
N ASP K 56 13.76 1.26 -15.66
CA ASP K 56 14.33 0.22 -16.51
C ASP K 56 13.40 -0.97 -16.75
N THR K 57 12.18 -0.95 -16.24
CA THR K 57 11.28 -2.08 -16.41
C THR K 57 10.64 -2.02 -17.79
N CYS K 58 11.00 -2.98 -18.64
CA CYS K 58 10.38 -3.08 -19.96
C CYS K 58 8.97 -3.64 -19.87
N LYS K 59 8.76 -4.63 -19.00
CA LYS K 59 7.46 -5.25 -18.84
C LYS K 59 7.35 -5.83 -17.43
N PHE K 60 6.13 -5.87 -16.92
CA PHE K 60 5.85 -6.23 -15.54
C PHE K 60 5.12 -7.56 -15.48
N LEU K 61 5.68 -8.51 -14.75
CA LEU K 61 5.10 -9.84 -14.59
C LEU K 61 4.66 -10.01 -13.15
N LEU K 62 3.37 -10.16 -12.93
CA LEU K 62 2.82 -10.38 -11.60
C LEU K 62 2.54 -11.87 -11.43
N VAL K 63 3.13 -12.48 -10.40
CA VAL K 63 2.85 -13.86 -10.04
C VAL K 63 1.67 -13.85 -9.08
N SER K 64 0.48 -14.14 -9.58
CA SER K 64 -0.75 -14.03 -8.81
C SER K 64 -1.13 -15.39 -8.25
N SER K 65 -1.19 -15.49 -6.92
CA SER K 65 -1.65 -16.69 -6.24
C SER K 65 -2.50 -16.28 -5.05
N SER K 66 -2.88 -17.26 -4.24
CA SER K 66 -3.67 -16.95 -3.04
C SER K 66 -2.91 -16.02 -2.09
N TYR K 67 -1.59 -16.11 -2.06
CA TYR K 67 -0.81 -15.22 -1.22
C TYR K 67 -0.71 -13.82 -1.82
N SER K 68 -0.58 -13.73 -3.14
CA SER K 68 -0.24 -12.46 -3.78
C SER K 68 -1.44 -11.55 -4.02
N ASN K 69 -2.65 -11.99 -3.63
CA ASN K 69 -3.81 -11.14 -3.86
C ASN K 69 -3.85 -9.97 -2.87
N GLN K 70 -3.83 -10.25 -1.58
CA GLN K 70 -3.99 -9.24 -0.55
C GLN K 70 -2.65 -8.87 0.07
N ARG K 71 -1.55 -9.23 -0.59
CA ARG K 71 -0.22 -8.94 -0.08
C ARG K 71 0.10 -7.48 -0.36
N GLU K 72 0.30 -6.69 0.70
CA GLU K 72 0.47 -5.25 0.53
C GLU K 72 1.71 -4.91 -0.27
N GLY K 73 2.81 -5.64 -0.05
CA GLY K 73 4.04 -5.34 -0.75
C GLY K 73 3.91 -5.50 -2.25
N VAL K 74 3.23 -6.56 -2.68
CA VAL K 74 3.04 -6.77 -4.12
C VAL K 74 2.04 -5.76 -4.67
N LEU K 75 1.06 -5.35 -3.86
CA LEU K 75 0.09 -4.38 -4.33
C LEU K 75 0.73 -3.02 -4.57
N LYS K 76 1.70 -2.64 -3.73
CA LYS K 76 2.36 -1.35 -3.95
C LYS K 76 3.15 -1.35 -5.27
N GLU K 77 3.87 -2.44 -5.54
CA GLU K 77 4.54 -2.56 -6.83
C GLU K 77 3.54 -2.59 -7.98
N LEU K 78 2.39 -3.22 -7.78
CA LEU K 78 1.36 -3.25 -8.81
C LEU K 78 0.82 -1.85 -9.10
N ALA K 79 0.65 -1.04 -8.06
CA ALA K 79 0.18 0.33 -8.25
C ALA K 79 1.21 1.15 -9.00
N VAL K 80 2.49 1.02 -8.64
CA VAL K 80 3.53 1.73 -9.38
C VAL K 80 3.57 1.25 -10.82
N ALA K 81 3.34 -0.05 -11.05
CA ALA K 81 3.28 -0.58 -12.40
C ALA K 81 2.12 0.00 -13.19
N ALA K 82 0.96 0.18 -12.54
CA ALA K 82 -0.16 0.81 -13.22
C ALA K 82 0.16 2.27 -13.59
N LYS K 83 0.80 2.98 -12.68
CA LYS K 83 1.18 4.37 -12.97
C LYS K 83 2.15 4.44 -14.15
N VAL K 84 3.15 3.56 -14.18
CA VAL K 84 4.12 3.60 -15.27
C VAL K 84 3.50 3.05 -16.55
N LYS K 85 2.46 2.21 -16.42
CA LYS K 85 1.68 1.82 -17.59
C LYS K 85 0.98 3.03 -18.19
N LYS K 86 0.36 3.86 -17.36
CA LYS K 86 -0.26 5.08 -17.86
C LYS K 86 0.77 5.98 -18.52
N GLN K 87 1.92 6.13 -17.87
CA GLN K 87 2.95 7.02 -18.42
C GLN K 87 3.49 6.50 -19.74
N LEU K 88 3.66 5.18 -19.87
CA LEU K 88 4.29 4.63 -21.06
C LEU K 88 3.30 4.40 -22.20
N LYS K 89 2.00 4.48 -21.90
CA LYS K 89 0.94 4.24 -22.89
C LYS K 89 1.09 2.86 -23.53
N ASP K 90 0.98 1.85 -22.66
CA ASP K 90 1.12 0.46 -23.10
C ASP K 90 0.18 -0.40 -22.26
N ASP K 91 -1.00 -0.69 -22.81
CA ASP K 91 -1.98 -1.51 -22.11
C ASP K 91 -1.44 -2.89 -21.78
N LYS K 92 -0.51 -3.40 -22.58
CA LYS K 92 0.05 -4.73 -22.41
C LYS K 92 1.27 -4.75 -21.50
N PHE K 93 1.38 -3.78 -20.60
CA PHE K 93 2.54 -3.70 -19.72
C PHE K 93 2.50 -4.77 -18.64
N ILE K 94 1.34 -4.98 -18.04
CA ILE K 94 1.19 -5.86 -16.88
C ILE K 94 0.59 -7.18 -17.38
N ILE K 95 1.30 -8.28 -17.14
CA ILE K 95 0.82 -9.61 -17.48
C ILE K 95 0.71 -10.43 -16.20
N PRO K 96 -0.47 -10.53 -15.60
CA PRO K 96 -0.60 -11.37 -14.39
C PRO K 96 -0.42 -12.84 -14.72
N LEU K 97 0.12 -13.59 -13.76
CA LEU K 97 0.36 -15.01 -13.90
C LEU K 97 -0.43 -15.75 -12.82
N ALA K 98 -1.29 -16.67 -13.25
CA ALA K 98 -2.12 -17.44 -12.34
C ALA K 98 -1.49 -18.82 -12.16
N ILE K 99 -0.90 -19.05 -10.98
CA ILE K 99 -0.21 -20.30 -10.69
C ILE K 99 -0.93 -21.14 -9.66
N ASP K 100 -1.88 -20.56 -8.93
CA ASP K 100 -2.62 -21.27 -7.90
C ASP K 100 -3.96 -21.69 -8.46
N GLU K 101 -4.24 -22.99 -8.42
CA GLU K 101 -5.53 -23.48 -8.89
C GLU K 101 -6.67 -23.02 -8.00
N GLN K 102 -6.41 -22.88 -6.69
CA GLN K 102 -7.43 -22.44 -5.76
C GLN K 102 -7.78 -20.97 -5.89
N LEU K 103 -7.01 -20.19 -6.65
CA LEU K 103 -7.32 -18.78 -6.89
C LEU K 103 -8.28 -18.71 -8.07
N SER K 104 -9.57 -18.74 -7.79
CA SER K 104 -10.57 -18.62 -8.84
C SER K 104 -10.48 -17.23 -9.47
N TYR K 105 -10.79 -17.15 -10.77
CA TYR K 105 -10.77 -15.87 -11.46
C TYR K 105 -11.81 -14.91 -10.89
N ASP K 106 -12.78 -15.43 -10.13
CA ASP K 106 -13.77 -14.58 -9.50
C ASP K 106 -13.15 -13.66 -8.46
N ASP K 107 -12.08 -14.11 -7.81
CA ASP K 107 -11.54 -13.44 -6.63
C ASP K 107 -10.21 -12.73 -6.87
N ILE K 108 -9.88 -12.41 -8.12
CA ILE K 108 -8.64 -11.69 -8.38
C ILE K 108 -8.84 -10.20 -8.15
N ASN K 109 -7.74 -9.51 -7.83
CA ASN K 109 -7.78 -8.10 -7.47
C ASN K 109 -8.14 -7.23 -8.67
N ILE K 110 -8.48 -5.97 -8.39
CA ILE K 110 -8.96 -5.07 -9.44
C ILE K 110 -7.93 -4.90 -10.54
N ASP K 111 -6.70 -4.56 -10.16
CA ASP K 111 -5.67 -4.19 -11.12
C ASP K 111 -5.42 -5.31 -12.12
N ILE K 112 -5.73 -6.54 -11.71
CA ILE K 112 -5.60 -7.68 -12.62
C ILE K 112 -6.93 -8.21 -13.10
N VAL K 113 -8.04 -7.93 -12.39
CA VAL K 113 -9.33 -8.41 -12.88
C VAL K 113 -9.69 -7.68 -14.15
N ARG K 114 -9.22 -6.45 -14.33
CA ARG K 114 -9.40 -5.81 -15.62
C ARG K 114 -8.58 -6.50 -16.70
N LEU K 115 -7.41 -7.05 -16.33
CA LEU K 115 -6.49 -7.59 -17.31
C LEU K 115 -6.69 -9.09 -17.52
N ASN K 116 -6.13 -9.59 -18.61
CA ASN K 116 -6.10 -11.02 -18.87
C ASN K 116 -4.80 -11.64 -18.37
N ALA K 117 -4.89 -12.89 -17.93
CA ALA K 117 -3.77 -13.57 -17.29
C ALA K 117 -3.36 -14.80 -18.10
N ILE K 118 -2.08 -15.15 -17.99
CA ILE K 118 -1.53 -16.34 -18.61
C ILE K 118 -1.63 -17.49 -17.61
N ASP K 119 -2.24 -18.59 -18.03
CA ASP K 119 -2.56 -19.69 -17.13
C ASP K 119 -1.31 -20.52 -16.85
N PHE K 120 -0.94 -20.60 -15.57
CA PHE K 120 0.12 -21.49 -15.14
C PHE K 120 -0.42 -22.58 -14.22
N LYS K 121 -1.73 -22.64 -13.99
CA LYS K 121 -2.29 -23.57 -13.02
C LYS K 121 -2.17 -25.01 -13.47
N MET K 122 -2.19 -25.24 -14.78
CA MET K 122 -2.15 -26.61 -15.29
C MET K 122 -0.73 -27.05 -15.59
N SER K 123 -0.01 -26.28 -16.40
CA SER K 123 1.36 -26.62 -16.77
C SER K 123 2.23 -25.37 -16.72
N TRP K 124 3.40 -25.51 -16.09
CA TRP K 124 4.39 -24.43 -16.07
C TRP K 124 5.16 -24.32 -17.36
N ALA K 125 5.01 -25.28 -18.27
CA ALA K 125 5.62 -25.21 -19.59
C ALA K 125 4.75 -24.48 -20.60
N ARG K 126 3.44 -24.79 -20.61
CA ARG K 126 2.52 -24.08 -21.51
C ARG K 126 2.44 -22.59 -21.15
N GLY K 127 2.48 -22.28 -19.86
CA GLY K 127 2.50 -20.89 -19.45
C GLY K 127 3.71 -20.15 -19.97
N LEU K 128 4.88 -20.80 -19.90
CA LEU K 128 6.09 -20.18 -20.42
C LEU K 128 6.03 -20.07 -21.94
N LYS K 129 5.39 -21.03 -22.59
CA LYS K 129 5.14 -20.94 -24.03
C LYS K 129 4.34 -19.69 -24.36
N ASP K 130 3.26 -19.46 -23.61
CA ASP K 130 2.43 -18.27 -23.80
C ASP K 130 3.22 -17.00 -23.52
N ILE K 131 4.05 -17.02 -22.47
CA ILE K 131 4.84 -15.85 -22.12
C ILE K 131 5.82 -15.51 -23.24
N LEU K 132 6.47 -16.54 -23.80
CA LEU K 132 7.39 -16.31 -24.90
C LEU K 132 6.67 -15.80 -26.14
N GLU K 133 5.51 -16.37 -26.45
CA GLU K 133 4.76 -15.90 -27.61
C GLU K 133 4.35 -14.45 -27.45
N ALA K 134 3.89 -14.08 -26.24
CA ALA K 134 3.57 -12.68 -25.98
C ALA K 134 4.80 -11.80 -26.12
N PHE K 135 5.91 -12.17 -25.49
CA PHE K 135 7.13 -11.39 -25.54
C PHE K 135 7.67 -11.25 -26.96
N GLU K 136 7.32 -12.17 -27.85
CA GLU K 136 7.73 -12.06 -29.24
C GLU K 136 6.76 -11.20 -30.05
N LYS K 137 5.46 -11.30 -29.76
CA LYS K 137 4.50 -10.47 -30.49
C LYS K 137 4.55 -9.03 -30.00
N GLN K 138 4.94 -8.82 -28.75
CA GLN K 138 5.07 -7.48 -28.19
C GLN K 138 6.47 -6.90 -28.40
N LYS K 139 7.38 -7.70 -28.94
CA LYS K 139 8.75 -7.27 -29.26
C LYS K 139 9.47 -6.73 -28.02
N VAL K 140 9.52 -7.57 -26.99
CA VAL K 140 10.30 -7.24 -25.80
C VAL K 140 11.79 -7.40 -26.11
N PRO K 141 12.63 -6.40 -25.85
CA PRO K 141 14.06 -6.56 -26.13
C PRO K 141 14.65 -7.70 -25.33
N LYS K 142 15.54 -8.46 -25.99
CA LYS K 142 16.22 -9.59 -25.37
C LYS K 142 17.60 -9.71 -26.00
N GLU K 143 18.63 -9.84 -25.16
CA GLU K 143 19.97 -10.09 -25.67
C GLU K 143 20.07 -11.52 -26.17
N VAL K 144 20.59 -11.68 -27.39
CA VAL K 144 20.72 -13.02 -27.97
C VAL K 144 21.65 -13.87 -27.11
N ALA K 145 22.63 -13.23 -26.48
CA ALA K 145 23.55 -13.89 -25.55
C ALA K 145 24.30 -15.04 -26.22
N ASP K 146 24.20 -16.24 -25.63
CA ASP K 146 24.92 -17.42 -26.11
C ASP K 146 24.61 -17.71 -27.58
N ALA K 147 23.36 -17.52 -27.98
CA ALA K 147 22.88 -17.70 -29.35
C ALA K 147 22.84 -19.19 -29.73
N SER K 148 23.34 -20.04 -28.85
CA SER K 148 23.21 -21.49 -29.04
C SER K 148 22.39 -22.10 -27.92
N LYS K 149 22.79 -21.83 -26.67
CA LYS K 149 22.03 -22.33 -25.53
C LYS K 149 20.62 -21.77 -25.52
N SER K 150 20.47 -20.48 -25.85
CA SER K 150 19.14 -19.88 -25.88
C SER K 150 18.26 -20.53 -26.93
N ASN K 151 18.81 -20.82 -28.12
CA ASN K 151 18.03 -21.50 -29.15
C ASN K 151 17.67 -22.91 -28.72
N LEU K 152 18.60 -23.61 -28.08
CA LEU K 152 18.31 -24.95 -27.58
C LEU K 152 17.17 -24.93 -26.55
N LEU K 153 17.20 -23.98 -25.62
CA LEU K 153 16.11 -23.86 -24.66
C LEU K 153 14.80 -23.49 -25.34
N TYR K 154 14.85 -22.64 -26.37
CA TYR K 154 13.62 -22.28 -27.08
C TYR K 154 13.02 -23.49 -27.79
N GLN K 155 13.87 -24.32 -28.39
CA GLN K 155 13.37 -25.53 -29.03
C GLN K 155 12.83 -26.52 -28.00
N GLN K 156 13.53 -26.64 -26.88
CA GLN K 156 13.07 -27.55 -25.82
C GLN K 156 11.72 -27.13 -25.27
N ILE K 157 11.55 -25.85 -24.96
CA ILE K 157 10.28 -25.38 -24.43
C ILE K 157 9.21 -25.38 -25.51
N PHE K 158 9.58 -25.02 -26.74
CA PHE K 158 8.59 -24.85 -27.80
C PHE K 158 8.94 -25.68 -29.03
N LEU K 159 8.23 -28.83 -28.12
CA LEU K 159 7.48 -29.63 -27.16
C LEU K 159 5.98 -29.46 -27.45
N HIS K 160 5.65 -28.46 -28.26
CA HIS K 160 4.25 -28.26 -28.67
C HIS K 160 4.14 -28.33 -30.18
N ASP K 161 5.22 -28.02 -30.89
CA ASP K 161 5.26 -28.10 -32.34
C ASP K 161 5.20 -29.54 -32.82
N LYS K 162 5.33 -30.50 -31.90
CA LYS K 162 5.39 -31.92 -32.21
C LYS K 162 4.37 -32.63 -31.32
N SER K 163 3.17 -32.83 -31.84
CA SER K 163 2.10 -33.52 -31.15
C SER K 163 1.21 -34.23 -32.17
N VAL K 164 0.39 -35.16 -31.67
CA VAL K 164 -0.49 -35.92 -32.55
C VAL K 164 -1.69 -35.06 -32.94
N ILE K 165 -1.99 -35.03 -34.23
CA ILE K 165 -3.10 -34.24 -34.76
C ILE K 165 -4.22 -35.17 -35.17
N GLU K 166 -5.44 -34.66 -35.18
CA GLU K 166 -6.61 -35.46 -35.52
C GLU K 166 -6.81 -35.47 -37.03
N LYS K 167 -6.44 -36.58 -37.67
CA LYS K 167 -6.58 -36.71 -39.12
C LYS K 167 -6.60 -38.20 -39.44
N GLU K 168 -7.58 -38.64 -40.22
CA GLU K 168 -7.76 -40.06 -40.48
C GLU K 168 -6.70 -40.55 -41.45
N GLU K 169 -6.15 -41.75 -41.18
CA GLU K 169 -4.99 -42.26 -41.90
C GLU K 169 -5.22 -43.71 -42.28
N ILE K 170 -4.69 -44.13 -43.43
CA ILE K 170 -4.81 -45.50 -43.90
C ILE K 170 -3.44 -46.16 -43.86
N TYR K 171 -3.40 -47.43 -43.44
CA TYR K 171 -2.16 -48.20 -43.35
C TYR K 171 -2.27 -49.47 -44.18
N ASP K 172 -1.13 -50.09 -44.43
CA ASP K 172 -1.07 -51.37 -45.12
C ASP K 172 -0.36 -52.39 -44.23
N SER K 173 -0.98 -53.55 -44.05
CA SER K 173 -0.49 -54.56 -43.12
C SER K 173 0.23 -55.67 -43.86
N ASN K 174 0.59 -56.73 -43.12
CA ASN K 174 1.17 -57.94 -43.70
C ASN K 174 0.13 -59.04 -43.89
N TRP K 175 -1.12 -58.78 -43.54
CA TRP K 175 -2.16 -59.81 -43.49
C TRP K 175 -2.85 -59.87 -44.86
N LEU K 176 -2.69 -60.99 -45.55
CA LEU K 176 -3.42 -61.26 -46.79
C LEU K 176 -4.65 -62.07 -46.44
N SER K 177 -5.81 -61.40 -46.41
CA SER K 177 -7.04 -62.03 -45.97
C SER K 177 -7.46 -63.13 -46.93
N ILE K 178 -7.94 -64.23 -46.37
CA ILE K 178 -8.46 -65.35 -47.17
C ILE K 178 -9.91 -65.06 -47.52
N LEU K 179 -10.18 -64.92 -48.82
CA LEU K 179 -11.53 -64.55 -49.28
C LEU K 179 -12.56 -65.63 -48.99
N SER K 180 -12.25 -66.90 -49.24
CA SER K 180 -13.18 -67.98 -48.96
C SER K 180 -12.41 -69.30 -48.91
N PHE K 181 -13.11 -70.34 -48.51
CA PHE K 181 -12.56 -71.68 -48.35
C PHE K 181 -13.38 -72.68 -49.15
N PRO K 182 -12.79 -73.83 -49.48
CA PRO K 182 -13.59 -74.93 -50.04
C PRO K 182 -14.68 -75.37 -49.06
N GLU K 183 -15.78 -75.85 -49.64
CA GLU K 183 -16.98 -76.12 -48.84
C GLU K 183 -16.74 -77.17 -47.77
N GLU K 184 -16.04 -78.25 -48.08
CA GLU K 184 -15.90 -79.36 -47.15
C GLU K 184 -14.44 -79.74 -46.97
N LEU K 185 -14.07 -80.00 -45.71
CA LEU K 185 -12.81 -80.67 -45.39
C LEU K 185 -13.08 -82.16 -45.30
N ARG K 186 -12.24 -82.96 -45.93
CA ARG K 186 -12.52 -84.37 -46.12
C ARG K 186 -11.54 -85.23 -45.34
N PHE K 187 -12.08 -86.20 -44.60
CA PHE K 187 -11.34 -87.19 -43.83
C PHE K 187 -11.53 -88.54 -44.52
N HIS K 188 -10.57 -88.94 -45.33
CA HIS K 188 -10.68 -90.18 -46.07
C HIS K 188 -10.04 -91.32 -45.29
N GLU K 189 -10.81 -92.39 -45.07
CA GLU K 189 -10.29 -93.58 -44.39
C GLU K 189 -9.59 -94.49 -45.40
N TYR K 190 -8.41 -94.07 -45.82
CA TYR K 190 -7.59 -94.92 -46.67
C TYR K 190 -7.15 -96.17 -45.92
N ASN K 191 -6.81 -96.01 -44.64
CA ASN K 191 -6.47 -97.13 -43.77
C ASN K 191 -5.31 -97.94 -44.33
N TRP K 192 -5.53 -99.24 -44.55
CA TRP K 192 -4.49 -100.11 -45.07
C TRP K 192 -4.16 -99.81 -46.52
N MET K 193 -5.06 -99.15 -47.25
CA MET K 193 -4.77 -98.77 -48.63
C MET K 193 -3.57 -97.86 -48.70
N LEU K 194 -3.41 -96.96 -47.73
CA LEU K 194 -2.22 -96.14 -47.61
C LEU K 194 -1.23 -96.83 -46.69
N PRO K 195 -0.08 -97.28 -47.18
CA PRO K 195 0.91 -97.88 -46.28
C PRO K 195 1.35 -96.88 -45.21
N LYS K 196 1.47 -97.37 -43.98
CA LYS K 196 1.73 -96.48 -42.85
C LYS K 196 3.08 -95.79 -42.98
N ARG K 197 4.10 -96.53 -43.41
CA ARG K 197 5.44 -95.97 -43.60
C ARG K 197 5.48 -95.22 -44.94
N PHE K 198 4.65 -94.19 -45.02
CA PHE K 198 4.60 -93.29 -46.17
C PHE K 198 4.41 -91.87 -45.68
N ASP K 199 5.26 -90.96 -46.18
CA ASP K 199 5.24 -89.58 -45.77
C ASP K 199 4.24 -88.81 -46.62
N VAL K 200 3.26 -88.18 -45.95
CA VAL K 200 2.18 -87.49 -46.65
C VAL K 200 2.61 -86.17 -47.28
N ARG K 201 3.83 -85.70 -46.98
CA ARG K 201 4.29 -84.44 -47.54
C ARG K 201 4.57 -84.53 -49.04
N GLU K 202 4.81 -85.72 -49.57
CA GLU K 202 5.19 -85.90 -50.96
C GLU K 202 4.00 -85.93 -51.91
N LEU K 203 2.78 -85.89 -51.40
CA LEU K 203 1.61 -85.86 -52.27
C LEU K 203 1.58 -84.56 -53.06
N THR K 204 0.95 -84.59 -54.23
CA THR K 204 0.79 -83.40 -55.06
C THR K 204 0.00 -82.33 -54.33
N PHE K 205 -1.02 -82.74 -53.58
CA PHE K 205 -1.83 -81.79 -52.85
C PHE K 205 -1.65 -81.98 -51.34
N PRO K 206 -1.85 -80.92 -50.56
CA PRO K 206 -1.64 -81.03 -49.11
C PRO K 206 -2.58 -82.03 -48.48
N ALA K 207 -2.06 -82.76 -47.50
CA ALA K 207 -2.82 -83.77 -46.78
C ALA K 207 -2.13 -84.12 -45.46
N VAL K 208 -2.89 -84.19 -44.38
CA VAL K 208 -2.37 -84.56 -43.07
C VAL K 208 -3.04 -85.85 -42.62
N ARG K 209 -2.24 -86.82 -42.19
CA ARG K 209 -2.78 -88.06 -41.68
C ARG K 209 -3.26 -87.88 -40.24
N TYR K 210 -4.53 -88.20 -40.00
CA TYR K 210 -5.11 -88.18 -38.66
C TYR K 210 -5.62 -89.57 -38.36
N LYS K 211 -5.12 -90.17 -37.28
CA LYS K 211 -5.44 -91.55 -36.95
C LYS K 211 -5.18 -92.44 -38.16
N ASN K 212 -6.24 -92.96 -38.75
CA ASN K 212 -6.16 -93.65 -40.04
C ASN K 212 -6.89 -92.90 -41.14
N TYR K 213 -7.29 -91.65 -40.89
CA TYR K 213 -8.02 -90.84 -41.85
C TYR K 213 -7.08 -89.81 -42.45
N LEU K 214 -7.00 -89.78 -43.77
CA LEU K 214 -6.22 -88.75 -44.44
C LEU K 214 -7.04 -87.48 -44.55
N CYS K 215 -6.64 -86.45 -43.80
CA CYS K 215 -7.39 -85.19 -43.75
C CYS K 215 -6.85 -84.24 -44.81
N THR K 216 -7.71 -83.86 -45.74
CA THR K 216 -7.35 -82.92 -46.81
C THR K 216 -8.62 -82.35 -47.42
N PHE K 217 -8.44 -81.33 -48.25
CA PHE K 217 -9.54 -80.73 -49.00
C PHE K 217 -9.71 -81.36 -50.38
N ALA K 218 -8.84 -82.29 -50.75
CA ALA K 218 -8.80 -82.80 -52.11
C ALA K 218 -9.86 -83.88 -52.33
N TRP K 219 -10.03 -84.27 -53.60
CA TRP K 219 -11.02 -85.27 -53.96
C TRP K 219 -10.56 -86.65 -53.52
N ALA K 220 -11.53 -87.58 -53.44
CA ALA K 220 -11.26 -88.89 -52.86
C ALA K 220 -10.18 -89.63 -53.65
N TYR K 221 -10.27 -89.63 -54.97
CA TYR K 221 -9.32 -90.33 -55.82
C TYR K 221 -8.28 -89.41 -56.42
N ASP K 222 -8.18 -88.18 -55.92
CA ASP K 222 -7.16 -87.25 -56.40
C ASP K 222 -5.76 -87.68 -56.03
N PHE K 223 -5.63 -88.60 -55.07
CA PHE K 223 -4.33 -89.11 -54.62
C PHE K 223 -4.05 -90.50 -55.18
N THR K 224 -4.54 -90.78 -56.39
CA THR K 224 -4.41 -92.11 -56.95
C THR K 224 -2.98 -92.39 -57.40
N TYR K 225 -2.30 -91.38 -57.93
CA TYR K 225 -0.98 -91.59 -58.52
C TYR K 225 0.01 -92.09 -57.48
N HIS K 226 0.10 -91.42 -56.34
CA HIS K 226 1.04 -91.83 -55.30
C HIS K 226 0.49 -92.99 -54.49
N LEU K 227 -0.81 -93.24 -54.58
CA LEU K 227 -1.48 -94.30 -53.83
C LEU K 227 -2.30 -95.14 -54.80
N PRO K 228 -1.68 -96.07 -55.52
CA PRO K 228 -2.43 -96.84 -56.53
C PRO K 228 -3.54 -97.70 -55.94
N LYS K 229 -3.48 -98.04 -54.65
CA LYS K 229 -4.47 -98.93 -54.05
C LYS K 229 -5.78 -98.19 -53.77
N THR K 230 -5.73 -96.86 -53.73
CA THR K 230 -6.90 -96.05 -53.41
C THR K 230 -7.93 -96.01 -54.52
N GLU K 231 -7.77 -96.81 -55.58
CA GLU K 231 -8.77 -96.86 -56.63
C GLU K 231 -10.08 -97.47 -56.18
N THR K 232 -10.09 -98.20 -55.07
CA THR K 232 -11.25 -98.96 -54.63
C THR K 232 -11.75 -98.48 -53.27
N TYR K 233 -11.77 -97.17 -53.05
CA TYR K 233 -12.33 -96.63 -51.83
C TYR K 233 -13.81 -96.30 -52.03
N HIS K 234 -14.56 -96.37 -50.93
CA HIS K 234 -15.98 -96.08 -50.93
C HIS K 234 -16.20 -94.66 -50.42
N LYS K 235 -16.76 -93.80 -51.27
CA LYS K 235 -16.93 -92.39 -50.94
C LYS K 235 -18.00 -92.13 -49.89
N SER K 236 -18.77 -93.15 -49.51
CA SER K 236 -19.77 -93.01 -48.46
C SER K 236 -19.17 -93.10 -47.06
N LYS K 237 -17.90 -93.47 -46.95
CA LYS K 237 -17.20 -93.56 -45.67
C LYS K 237 -16.55 -92.25 -45.25
N THR K 238 -16.56 -91.24 -46.12
CA THR K 238 -15.89 -89.98 -45.83
C THR K 238 -16.71 -89.17 -44.83
N ILE K 239 -16.03 -88.31 -44.08
CA ILE K 239 -16.61 -87.60 -42.94
C ILE K 239 -16.60 -86.12 -43.30
N ARG K 240 -16.90 -85.82 -44.56
CA ARG K 240 -16.97 -84.43 -45.04
C ARG K 240 -17.66 -83.52 -44.04
N ILE K 241 -17.03 -82.37 -43.76
CA ILE K 241 -17.49 -81.43 -42.75
C ILE K 241 -17.53 -80.01 -43.28
N PRO K 242 -18.57 -79.23 -42.95
CA PRO K 242 -18.69 -77.84 -43.45
C PRO K 242 -17.78 -76.87 -42.73
N THR K 243 -16.55 -76.70 -43.23
CA THR K 243 -15.51 -75.87 -42.61
C THR K 243 -16.02 -74.53 -42.06
N GLU K 244 -17.08 -73.98 -42.66
CA GLU K 244 -17.61 -72.72 -42.19
C GLU K 244 -18.03 -72.80 -40.72
N GLU K 245 -18.63 -73.91 -40.30
CA GLU K 245 -19.00 -74.05 -38.90
C GLU K 245 -17.78 -74.20 -38.02
N ILE K 246 -16.67 -74.69 -38.58
CA ILE K 246 -15.42 -74.79 -37.83
C ILE K 246 -14.87 -73.39 -37.57
N LEU K 247 -14.76 -72.58 -38.62
CA LEU K 247 -14.25 -71.22 -38.45
C LEU K 247 -15.17 -70.39 -37.56
N SER K 248 -16.48 -70.56 -37.69
CA SER K 248 -17.39 -69.91 -36.75
C SER K 248 -17.18 -70.43 -35.34
N GLY K 249 -16.98 -71.74 -35.20
CA GLY K 249 -16.74 -72.33 -33.89
C GLY K 249 -17.78 -73.36 -33.51
N SER K 250 -18.68 -73.68 -34.45
CA SER K 250 -19.78 -74.58 -34.14
C SER K 250 -19.30 -76.02 -33.95
N TYR K 251 -18.43 -76.49 -34.82
CA TYR K 251 -18.11 -77.92 -34.85
C TYR K 251 -17.11 -78.28 -33.77
N ASP K 252 -17.46 -79.29 -32.97
CA ASP K 252 -16.59 -79.85 -31.95
C ASP K 252 -17.19 -81.18 -31.51
N SER K 253 -16.37 -82.23 -31.50
CA SER K 253 -16.87 -83.56 -31.21
C SER K 253 -15.79 -84.50 -30.73
N ASN K 254 -16.15 -85.75 -30.45
CA ASN K 254 -15.18 -86.76 -30.06
C ASN K 254 -14.18 -87.02 -31.18
N PHE K 255 -14.68 -87.09 -32.43
CA PHE K 255 -13.80 -87.38 -33.55
C PHE K 255 -12.73 -86.32 -33.73
N ILE K 256 -13.15 -85.05 -33.82
CA ILE K 256 -12.23 -83.94 -34.04
C ILE K 256 -12.62 -82.82 -33.09
N ARG K 257 -11.63 -82.26 -32.42
CA ARG K 257 -11.81 -81.10 -31.56
C ARG K 257 -11.57 -79.83 -32.37
N ASN K 258 -12.36 -78.80 -32.05
CA ASN K 258 -12.30 -77.56 -32.82
C ASN K 258 -10.91 -76.93 -32.76
N ALA K 259 -10.26 -76.99 -31.60
CA ALA K 259 -8.90 -76.47 -31.50
C ALA K 259 -7.95 -77.21 -32.43
N GLU K 260 -8.08 -78.53 -32.50
CA GLU K 260 -7.30 -79.34 -33.43
C GLU K 260 -7.92 -79.38 -34.82
N CYS K 261 -9.11 -78.82 -34.99
CA CYS K 261 -9.76 -78.77 -36.30
C CYS K 261 -9.33 -77.55 -37.09
N LYS K 262 -8.78 -76.53 -36.43
CA LYS K 262 -8.22 -75.38 -37.11
C LYS K 262 -6.70 -75.48 -37.24
N ARG K 263 -6.01 -76.14 -36.32
CA ARG K 263 -4.60 -76.45 -36.49
C ARG K 263 -4.35 -77.37 -37.67
N LEU K 264 -5.25 -78.32 -37.93
CA LEU K 264 -5.17 -79.20 -39.08
C LEU K 264 -5.35 -78.46 -40.39
N ILE K 265 -6.15 -77.39 -40.40
CA ILE K 265 -6.28 -76.52 -41.55
C ILE K 265 -5.03 -75.69 -41.76
N VAL K 266 -4.39 -75.23 -40.68
CA VAL K 266 -3.16 -74.46 -40.79
C VAL K 266 -2.03 -75.26 -41.43
N GLN K 267 -1.87 -76.54 -41.09
CA GLN K 267 -0.89 -77.37 -41.78
C GLN K 267 -1.25 -77.51 -43.25
N LEU K 268 -2.54 -77.71 -43.56
CA LEU K 268 -2.95 -77.79 -44.96
C LEU K 268 -2.71 -76.46 -45.68
N LEU K 269 -3.08 -75.35 -45.05
CA LEU K 269 -2.83 -74.05 -45.67
C LEU K 269 -1.35 -73.77 -45.85
N ASN K 270 -0.54 -74.12 -44.85
CA ASN K 270 0.90 -73.92 -44.96
C ASN K 270 1.50 -74.75 -46.09
N LYS K 271 1.09 -76.02 -46.20
CA LYS K 271 1.64 -76.86 -47.25
C LYS K 271 1.16 -76.40 -48.63
N ALA K 272 -0.09 -75.94 -48.72
CA ALA K 272 -0.56 -75.40 -49.99
C ALA K 272 0.24 -74.17 -50.39
N PHE K 273 0.52 -73.29 -49.43
CA PHE K 273 1.35 -72.12 -49.71
C PHE K 273 2.74 -72.54 -50.19
N GLU K 274 3.34 -73.52 -49.51
CA GLU K 274 4.67 -73.98 -49.90
C GLU K 274 4.67 -74.57 -51.30
N LEU K 275 3.66 -75.39 -51.61
CA LEU K 275 3.62 -76.05 -52.92
C LEU K 275 3.31 -75.05 -54.02
N ARG K 276 2.46 -74.07 -53.76
CA ARG K 276 2.20 -73.02 -54.73
C ARG K 276 3.46 -72.19 -54.98
N MET K 277 4.21 -71.90 -53.92
CA MET K 277 5.48 -71.18 -54.08
C MET K 277 6.46 -71.99 -54.90
N LYS K 278 6.50 -73.31 -54.68
CA LYS K 278 7.32 -74.18 -55.52
C LYS K 278 6.86 -74.14 -56.97
N ASP K 279 5.54 -74.06 -57.19
CA ASP K 279 5.01 -73.94 -58.54
C ASP K 279 5.48 -72.66 -59.21
N LYS K 280 5.52 -71.56 -58.46
CA LYS K 280 6.01 -70.30 -58.98
C LYS K 280 7.50 -70.30 -59.26
N GLU K 281 8.20 -71.38 -58.91
CA GLU K 281 9.61 -71.56 -59.27
C GLU K 281 10.49 -70.50 -58.63
N VAL K 282 10.17 -70.13 -57.40
CA VAL K 282 11.03 -69.29 -56.58
C VAL K 282 11.98 -70.20 -55.82
N GLN K 283 13.13 -69.65 -55.43
CA GLN K 283 14.17 -70.43 -54.79
C GLN K 283 14.01 -70.40 -53.27
N GLU K 284 14.60 -71.39 -52.60
CA GLU K 284 14.31 -71.69 -51.22
C GLU K 284 15.56 -71.57 -50.37
N TYR K 285 15.42 -70.86 -49.24
CA TYR K 285 16.50 -70.70 -48.26
C TYR K 285 15.98 -71.20 -46.93
N GLU K 286 16.66 -72.18 -46.34
CA GLU K 286 16.25 -72.75 -45.06
C GLU K 286 16.80 -71.88 -43.93
N MET K 287 15.92 -71.25 -43.16
CA MET K 287 16.32 -70.62 -41.91
C MET K 287 16.03 -71.57 -40.75
N SER K 288 16.19 -71.04 -39.53
CA SER K 288 16.15 -71.90 -38.35
C SER K 288 14.78 -72.54 -38.14
N ASN K 289 13.72 -71.74 -38.21
CA ASN K 289 12.38 -72.24 -37.91
C ASN K 289 11.49 -72.29 -39.15
N LYS K 290 11.26 -71.17 -39.82
CA LYS K 290 10.42 -71.15 -41.00
C LYS K 290 11.25 -71.06 -42.28
N THR K 291 10.56 -71.11 -43.42
CA THR K 291 11.20 -71.12 -44.72
C THR K 291 10.83 -69.86 -45.50
N ALA K 292 11.84 -69.20 -46.06
CA ALA K 292 11.66 -68.00 -46.84
C ALA K 292 11.99 -68.28 -48.30
N TYR K 293 11.21 -67.67 -49.20
CA TYR K 293 11.26 -67.97 -50.62
C TYR K 293 11.72 -66.73 -51.39
N TRP K 294 12.79 -66.89 -52.15
CA TRP K 294 13.43 -65.77 -52.84
C TRP K 294 13.46 -66.03 -54.34
N LEU K 295 13.82 -64.97 -55.08
CA LEU K 295 13.82 -64.99 -56.54
C LEU K 295 15.23 -64.98 -57.08
N GLU K 296 15.42 -65.59 -58.25
CA GLU K 296 16.71 -65.64 -58.90
C GLU K 296 17.03 -64.32 -59.59
N LYS K 297 18.29 -64.18 -59.98
CA LYS K 297 18.74 -63.02 -60.76
C LYS K 297 18.51 -63.30 -62.24
N GLY K 298 17.67 -62.48 -62.88
CA GLY K 298 17.34 -62.63 -64.26
C GLY K 298 16.01 -63.31 -64.53
N LYS K 299 15.42 -63.94 -63.51
CA LYS K 299 14.10 -64.54 -63.69
C LYS K 299 13.05 -63.48 -64.01
N LEU K 300 13.14 -62.34 -63.34
CA LEU K 300 12.28 -61.20 -63.65
C LEU K 300 12.90 -60.37 -64.76
N GLU K 301 12.05 -59.67 -65.51
CA GLU K 301 12.54 -58.75 -66.53
C GLU K 301 13.27 -57.59 -65.87
N LYS K 302 14.60 -57.57 -66.03
CA LYS K 302 15.49 -56.62 -65.38
C LYS K 302 15.46 -56.72 -63.87
N ASP K 303 15.12 -57.89 -63.32
CA ASP K 303 15.07 -58.13 -61.89
C ASP K 303 14.22 -57.10 -61.16
N LYS K 304 13.04 -56.79 -61.71
CA LYS K 304 12.20 -55.73 -61.15
C LYS K 304 10.76 -56.00 -61.56
N PHE K 305 9.92 -56.38 -60.61
CA PHE K 305 8.50 -56.52 -60.88
C PHE K 305 7.77 -55.23 -60.52
N GLU K 306 6.72 -54.92 -61.28
CA GLU K 306 6.01 -53.63 -61.23
C GLU K 306 7.07 -52.54 -61.46
N LYS K 307 7.19 -51.55 -60.58
CA LYS K 307 8.15 -50.47 -60.74
C LYS K 307 9.25 -50.49 -59.69
N THR K 308 9.30 -51.51 -58.85
CA THR K 308 10.25 -51.59 -57.75
C THR K 308 11.10 -52.84 -57.92
N MET K 309 12.41 -52.69 -57.76
CA MET K 309 13.34 -53.79 -57.94
C MET K 309 13.28 -54.74 -56.74
N LEU K 310 13.42 -56.04 -57.01
CA LEU K 310 13.42 -57.06 -55.97
C LEU K 310 14.76 -57.78 -55.83
N VAL K 311 15.62 -57.73 -56.84
CA VAL K 311 16.96 -58.31 -56.77
C VAL K 311 17.94 -57.25 -57.28
N GLY K 312 18.95 -56.96 -56.48
CA GLY K 312 19.92 -55.94 -56.85
C GLY K 312 21.32 -56.41 -56.56
N LYS K 313 22.23 -55.45 -56.43
CA LYS K 313 23.63 -55.73 -56.18
C LYS K 313 24.15 -54.89 -55.02
N GLN K 314 25.12 -55.44 -54.30
CA GLN K 314 25.78 -54.73 -53.21
C GLN K 314 27.21 -55.26 -53.12
N LYS K 315 28.15 -54.55 -53.74
CA LYS K 315 29.56 -54.96 -53.82
C LYS K 315 29.58 -56.33 -54.50
N ASP K 316 30.14 -57.36 -53.88
CA ASP K 316 30.11 -58.70 -54.45
C ASP K 316 28.87 -59.48 -54.04
N LYS K 317 28.04 -58.93 -53.15
CA LYS K 317 26.89 -59.63 -52.60
C LYS K 317 25.61 -59.12 -53.27
N ASN K 318 24.85 -60.03 -53.85
CA ASN K 318 23.57 -59.67 -54.45
C ASN K 318 22.45 -59.96 -53.47
N TRP K 319 21.71 -58.92 -53.08
CA TRP K 319 20.62 -59.09 -52.14
C TRP K 319 19.36 -59.57 -52.86
N HIS K 320 18.70 -60.55 -52.27
CA HIS K 320 17.48 -61.12 -52.83
C HIS K 320 16.35 -60.94 -51.84
N PHE K 321 15.37 -60.12 -52.22
CA PHE K 321 14.20 -59.92 -51.37
C PHE K 321 13.36 -61.19 -51.34
N ALA K 322 12.97 -61.61 -50.14
CA ALA K 322 12.26 -62.86 -49.95
C ALA K 322 11.14 -62.66 -48.93
N ILE K 323 10.15 -63.54 -48.98
CA ILE K 323 9.05 -63.52 -48.02
C ILE K 323 8.87 -64.92 -47.45
N SER K 324 8.18 -64.99 -46.31
CA SER K 324 7.79 -66.24 -45.69
C SER K 324 6.32 -66.14 -45.28
N GLY K 325 5.61 -67.25 -45.42
CA GLY K 325 4.18 -67.25 -45.21
C GLY K 325 3.77 -68.20 -44.10
N ALA K 326 2.63 -67.86 -43.48
CA ALA K 326 2.03 -68.68 -42.44
C ALA K 326 0.59 -68.22 -42.22
N SER K 327 -0.35 -69.15 -42.27
CA SER K 327 -1.77 -68.83 -42.14
C SER K 327 -2.25 -69.09 -40.73
N LYS K 328 -2.88 -68.08 -40.14
CA LYS K 328 -3.41 -68.16 -38.78
C LYS K 328 -4.90 -67.87 -38.84
N LEU K 329 -5.69 -68.64 -38.10
CA LEU K 329 -7.14 -68.48 -38.11
C LEU K 329 -7.66 -67.74 -36.88
N TYR K 330 -6.78 -67.24 -36.03
CA TYR K 330 -7.25 -66.68 -34.77
C TYR K 330 -7.93 -65.33 -34.98
N PRO K 331 -7.25 -64.29 -35.50
CA PRO K 331 -7.97 -63.02 -35.69
C PRO K 331 -9.00 -63.10 -36.80
N PHE K 332 -8.60 -63.56 -37.98
CA PHE K 332 -9.38 -63.72 -39.19
C PHE K 332 -8.67 -64.76 -40.05
N PRO K 333 -9.31 -65.34 -41.05
CA PRO K 333 -8.56 -66.22 -41.95
C PRO K 333 -7.60 -65.40 -42.80
N VAL K 334 -6.32 -65.48 -42.46
CA VAL K 334 -5.32 -64.57 -43.01
C VAL K 334 -4.07 -65.37 -43.40
N LEU K 335 -3.26 -64.78 -44.27
CA LEU K 335 -1.99 -65.35 -44.69
C LEU K 335 -0.90 -64.33 -44.37
N MET K 336 -0.32 -64.47 -43.17
CA MET K 336 0.73 -63.56 -42.74
C MET K 336 1.97 -63.73 -43.60
N ILE K 337 2.62 -62.62 -43.92
CA ILE K 337 3.83 -62.62 -44.74
C ILE K 337 4.90 -61.80 -44.03
N SER K 338 6.13 -62.32 -44.02
CA SER K 338 7.25 -61.69 -43.35
C SER K 338 8.39 -61.47 -44.33
N SER K 339 9.04 -60.31 -44.22
CA SER K 339 10.06 -59.89 -45.17
C SER K 339 11.44 -60.33 -44.70
N HIS K 340 12.32 -60.59 -45.66
CA HIS K 340 13.70 -60.96 -45.39
C HIS K 340 14.58 -60.44 -46.52
N ILE K 341 15.89 -60.43 -46.27
CA ILE K 341 16.89 -60.07 -47.26
C ILE K 341 17.96 -61.14 -47.27
N PHE K 342 18.21 -61.74 -48.42
CA PHE K 342 19.16 -62.83 -48.59
C PHE K 342 20.19 -62.45 -49.62
N PHE K 343 21.43 -62.88 -49.39
CA PHE K 343 22.56 -62.47 -50.21
C PHE K 343 23.24 -63.67 -50.85
N THR K 344 23.69 -63.48 -52.08
CA THR K 344 24.36 -64.51 -52.86
C THR K 344 25.63 -63.93 -53.47
N ALA K 345 26.58 -64.81 -53.78
CA ALA K 345 27.82 -64.39 -54.42
C ALA K 345 27.72 -64.37 -55.94
N ASP K 346 26.88 -65.23 -56.53
CA ASP K 346 26.73 -65.30 -57.97
C ASP K 346 25.32 -64.97 -58.44
N GLY K 347 24.38 -64.75 -57.51
CA GLY K 347 22.99 -64.60 -57.86
C GLY K 347 22.19 -65.88 -57.91
N LYS K 348 22.85 -67.02 -57.79
CA LYS K 348 22.20 -68.33 -57.83
C LYS K 348 22.49 -69.17 -56.60
N LYS K 349 23.70 -69.10 -56.05
CA LYS K 349 24.09 -69.90 -54.90
C LYS K 349 24.10 -69.03 -53.65
N LEU K 350 23.39 -69.48 -52.62
CA LEU K 350 23.31 -68.73 -51.38
C LEU K 350 24.63 -68.80 -50.62
N ILE K 351 24.93 -67.75 -49.86
CA ILE K 351 26.12 -67.75 -49.03
C ILE K 351 25.90 -68.63 -47.80
N ASP K 352 26.81 -69.56 -47.56
CA ASP K 352 26.62 -70.56 -46.51
C ASP K 352 26.94 -70.03 -45.12
N SER K 353 27.67 -68.94 -45.00
CA SER K 353 28.08 -68.42 -43.70
C SER K 353 26.99 -67.52 -43.14
N SER K 354 26.50 -67.85 -41.95
CA SER K 354 25.41 -67.08 -41.35
C SER K 354 25.89 -65.72 -40.86
N SER K 355 27.13 -65.65 -40.38
CA SER K 355 27.63 -64.40 -39.79
C SER K 355 27.70 -63.29 -40.83
N VAL K 356 28.34 -63.57 -41.97
CA VAL K 356 28.45 -62.57 -43.02
C VAL K 356 27.08 -62.26 -43.60
N GLN K 357 26.20 -63.26 -43.66
CA GLN K 357 24.85 -63.05 -44.16
C GLN K 357 24.09 -62.07 -43.27
N HIS K 358 24.17 -62.25 -41.95
CA HIS K 358 23.51 -61.32 -41.03
C HIS K 358 24.13 -59.94 -41.09
N SER K 359 25.46 -59.86 -41.17
CA SER K 359 26.11 -58.55 -41.26
C SER K 359 25.67 -57.81 -42.50
N SER K 360 25.60 -58.51 -43.63
CA SER K 360 25.17 -57.89 -44.87
C SER K 360 23.69 -57.54 -44.84
N ARG K 361 22.89 -58.35 -44.14
CA ARG K 361 21.46 -58.04 -44.00
C ARG K 361 21.28 -56.74 -43.23
N ARG K 362 22.02 -56.57 -42.14
CA ARG K 362 21.95 -55.31 -41.40
C ARG K 362 22.49 -54.16 -42.23
N ARG K 363 23.55 -54.39 -43.00
CA ARG K 363 24.08 -53.34 -43.86
C ARG K 363 23.02 -52.87 -44.85
N GLN K 364 22.28 -53.80 -45.44
CA GLN K 364 21.25 -53.44 -46.42
C GLN K 364 20.06 -52.77 -45.74
N GLY K 365 19.65 -53.28 -44.57
CA GLY K 365 18.51 -52.72 -43.88
C GLY K 365 18.81 -51.47 -43.10
N LYS K 366 20.07 -51.02 -43.13
CA LYS K 366 20.48 -49.78 -42.49
C LYS K 366 19.62 -48.59 -42.91
N ASN K 367 19.19 -48.56 -44.17
CA ASN K 367 18.43 -47.42 -44.68
C ASN K 367 17.16 -47.85 -45.41
N TRP K 368 16.48 -48.89 -44.93
CA TRP K 368 15.21 -49.31 -45.51
C TRP K 368 14.07 -48.84 -44.60
N TRP K 369 13.39 -47.78 -45.01
CA TRP K 369 12.28 -47.22 -44.24
C TRP K 369 10.94 -47.80 -44.68
N ASN K 370 9.86 -47.15 -44.24
CA ASN K 370 8.51 -47.67 -44.44
C ASN K 370 8.21 -47.97 -45.91
N ASN K 371 8.45 -46.99 -46.79
CA ASN K 371 8.13 -47.12 -48.20
C ASN K 371 9.20 -47.90 -48.98
N THR K 372 10.29 -48.27 -48.31
CA THR K 372 11.26 -49.18 -48.89
C THR K 372 10.92 -50.64 -48.65
N TRP K 373 10.15 -50.94 -47.60
CA TRP K 373 9.64 -52.29 -47.37
C TRP K 373 8.26 -52.51 -47.96
N ARG K 374 7.35 -51.54 -47.78
CA ARG K 374 5.94 -51.77 -48.14
C ARG K 374 5.80 -52.08 -49.62
N THR K 375 6.34 -51.22 -50.49
CA THR K 375 6.06 -51.33 -51.90
C THR K 375 6.76 -52.55 -52.50
N LYS K 376 7.96 -52.86 -52.01
CA LYS K 376 8.67 -54.04 -52.49
C LYS K 376 7.98 -55.32 -52.05
N LEU K 377 7.46 -55.35 -50.82
CA LEU K 377 6.67 -56.48 -50.37
C LEU K 377 5.42 -56.66 -51.22
N LEU K 378 4.70 -55.56 -51.49
CA LEU K 378 3.50 -55.68 -52.30
C LEU K 378 3.81 -55.97 -53.76
N ALA K 379 5.03 -55.66 -54.20
CA ALA K 379 5.49 -56.03 -55.54
C ALA K 379 5.71 -57.53 -55.60
N PHE K 380 6.30 -58.10 -54.56
CA PHE K 380 6.48 -59.55 -54.52
C PHE K 380 5.10 -60.23 -54.49
N ILE K 381 4.19 -59.69 -53.69
CA ILE K 381 2.84 -60.24 -53.62
C ILE K 381 2.16 -60.15 -54.99
N LYS K 382 2.28 -59.01 -55.66
CA LYS K 382 1.67 -58.85 -56.98
C LYS K 382 2.32 -59.79 -57.99
N TYR K 383 3.60 -60.09 -57.82
CA TYR K 383 4.25 -61.09 -58.66
C TYR K 383 3.63 -62.46 -58.46
N LEU K 384 3.28 -62.80 -57.22
CA LEU K 384 2.68 -64.10 -56.96
C LEU K 384 1.25 -64.21 -57.50
N SER K 385 0.67 -63.12 -57.98
CA SER K 385 -0.74 -63.10 -58.34
C SER K 385 -1.04 -63.96 -59.56
N ASP K 386 -2.26 -64.51 -59.61
CA ASP K 386 -2.76 -65.17 -60.80
C ASP K 386 -3.72 -64.29 -61.59
N ASP K 387 -4.48 -63.43 -60.92
CA ASP K 387 -5.37 -62.50 -61.59
C ASP K 387 -5.16 -61.12 -60.97
N ASP K 388 -5.99 -60.15 -61.35
CA ASP K 388 -5.81 -58.78 -60.88
C ASP K 388 -6.14 -58.61 -59.40
N THR K 389 -6.86 -59.55 -58.79
CA THR K 389 -7.35 -59.35 -57.44
C THR K 389 -6.90 -60.41 -56.43
N SER K 390 -6.37 -61.55 -56.88
CA SER K 390 -6.03 -62.61 -55.94
C SER K 390 -5.11 -63.61 -56.62
N PHE K 391 -4.54 -64.50 -55.80
CA PHE K 391 -3.83 -65.67 -56.29
C PHE K 391 -4.34 -66.89 -55.53
N TYR K 392 -4.27 -68.04 -56.20
CA TYR K 392 -4.94 -69.25 -55.74
C TYR K 392 -3.94 -70.26 -55.21
N LEU K 393 -4.28 -70.85 -54.06
CA LEU K 393 -3.57 -71.99 -53.50
C LEU K 393 -4.36 -73.25 -53.83
N GLU K 394 -3.71 -74.24 -54.42
CA GLU K 394 -4.42 -75.42 -54.88
C GLU K 394 -4.51 -76.46 -53.77
N MET K 395 -5.75 -76.72 -53.32
CA MET K 395 -6.03 -77.78 -52.36
C MET K 395 -6.28 -79.13 -53.01
N GLY K 396 -6.59 -79.16 -54.31
CA GLY K 396 -6.95 -80.41 -54.97
C GLY K 396 -7.26 -80.15 -56.42
N SER K 397 -7.84 -81.18 -57.05
CA SER K 397 -8.20 -81.07 -58.45
C SER K 397 -9.26 -79.99 -58.69
N GLU K 398 -10.25 -79.90 -57.80
CA GLU K 398 -11.33 -78.95 -57.96
C GLU K 398 -11.47 -77.96 -56.81
N GLU K 399 -10.68 -78.09 -55.74
CA GLU K 399 -10.79 -77.25 -54.56
C GLU K 399 -9.64 -76.26 -54.53
N LYS K 400 -9.96 -74.99 -54.31
CA LYS K 400 -8.97 -73.92 -54.24
C LYS K 400 -9.28 -73.02 -53.06
N VAL K 401 -8.25 -72.33 -52.58
CA VAL K 401 -8.37 -71.39 -51.47
C VAL K 401 -8.25 -69.98 -52.01
N PHE K 402 -9.25 -69.16 -51.73
CA PHE K 402 -9.33 -67.79 -52.25
C PHE K 402 -8.64 -66.84 -51.28
N VAL K 403 -7.45 -66.37 -51.65
CA VAL K 403 -6.72 -65.38 -50.85
C VAL K 403 -6.35 -64.20 -51.74
N SER K 404 -6.66 -63.00 -51.27
CA SER K 404 -6.42 -61.78 -52.05
C SER K 404 -4.95 -61.39 -52.01
N ASN K 405 -4.52 -60.73 -53.10
CA ASN K 405 -3.19 -60.16 -53.19
C ASN K 405 -3.13 -58.69 -52.78
N GLU K 406 -4.24 -58.12 -52.25
CA GLU K 406 -4.10 -56.87 -51.52
C GLU K 406 -4.11 -57.15 -50.02
N PRO K 407 -3.18 -56.60 -49.26
CA PRO K 407 -3.18 -56.82 -47.81
C PRO K 407 -4.36 -56.12 -47.14
N VAL K 408 -4.69 -56.61 -45.95
CA VAL K 408 -5.70 -55.96 -45.13
C VAL K 408 -5.23 -54.54 -44.79
N LYS K 409 -6.12 -53.58 -44.99
CA LYS K 409 -5.83 -52.18 -44.74
C LYS K 409 -6.39 -51.77 -43.38
N PHE K 410 -5.71 -50.85 -42.73
CA PHE K 410 -6.04 -50.42 -41.38
C PHE K 410 -6.42 -48.94 -41.41
N LYS K 411 -7.22 -48.43 -40.48
CA LYS K 411 -7.68 -47.06 -40.53
C LYS K 411 -7.57 -46.40 -39.16
N GLY K 412 -6.69 -45.41 -39.03
CA GLY K 412 -6.48 -44.73 -37.77
C GLY K 412 -6.98 -43.30 -37.81
N ASN K 413 -7.45 -42.82 -36.67
CA ASN K 413 -8.07 -41.50 -36.55
C ASN K 413 -7.05 -40.38 -36.35
N VAL K 414 -5.79 -40.71 -36.07
CA VAL K 414 -4.78 -39.69 -35.82
C VAL K 414 -3.56 -39.97 -36.69
N SER K 415 -2.90 -38.91 -37.11
CA SER K 415 -1.74 -39.02 -37.99
C SER K 415 -0.81 -37.85 -37.68
N TYR K 416 0.13 -37.59 -38.59
CA TYR K 416 1.16 -36.58 -38.36
C TYR K 416 1.81 -36.24 -39.70
N ASN K 417 2.68 -35.23 -39.66
CA ASN K 417 3.46 -34.81 -40.82
C ASN K 417 4.88 -34.53 -40.39
N ILE K 418 5.81 -34.64 -41.35
CA ILE K 418 7.21 -34.37 -41.08
C ILE K 418 7.41 -32.89 -40.77
N MET L 1 -10.67 -52.90 -44.48
CA MET L 1 -10.61 -51.73 -43.61
C MET L 1 -11.14 -52.07 -42.22
N LYS L 2 -10.27 -52.03 -41.22
CA LYS L 2 -10.63 -52.29 -39.84
C LYS L 2 -10.16 -51.15 -38.94
N GLU L 3 -11.01 -50.75 -38.01
CA GLU L 3 -10.76 -49.56 -37.20
C GLU L 3 -9.60 -49.78 -36.24
N LEU L 4 -8.92 -48.69 -35.92
CA LEU L 4 -7.69 -48.72 -35.13
C LEU L 4 -7.71 -47.54 -34.16
N ILE L 5 -7.83 -47.82 -32.88
CA ILE L 5 -8.01 -46.79 -31.87
C ILE L 5 -6.64 -46.35 -31.35
N TYR L 6 -6.56 -45.12 -30.87
CA TYR L 6 -5.31 -44.51 -30.45
C TYR L 6 -5.35 -44.23 -28.96
N ILE L 7 -4.34 -44.72 -28.24
CA ILE L 7 -4.23 -44.51 -26.80
C ILE L 7 -3.40 -43.26 -26.54
N GLU L 8 -3.93 -42.38 -25.67
CA GLU L 8 -3.24 -41.15 -25.34
C GLU L 8 -1.91 -41.43 -24.67
N GLU L 9 -0.89 -40.64 -25.01
CA GLU L 9 0.43 -40.77 -24.41
C GLU L 9 0.38 -40.45 -22.92
N PRO L 10 0.88 -41.32 -22.06
CA PRO L 10 0.88 -41.03 -20.62
C PRO L 10 1.97 -40.03 -20.26
N LYS L 11 1.75 -39.33 -19.15
CA LYS L 11 2.69 -38.33 -18.67
C LYS L 11 3.30 -38.75 -17.36
N ILE L 12 4.59 -38.41 -17.18
CA ILE L 12 5.33 -38.73 -15.98
C ILE L 12 5.55 -37.46 -15.17
N LEU L 13 5.48 -37.60 -13.86
CA LEU L 13 5.54 -36.46 -12.94
C LEU L 13 6.99 -36.10 -12.61
N PHE L 14 7.24 -34.80 -12.43
CA PHE L 14 8.55 -34.31 -12.06
C PHE L 14 8.45 -33.35 -10.89
N ALA L 15 9.52 -32.63 -10.58
CA ALA L 15 9.50 -31.68 -9.48
C ALA L 15 8.51 -30.57 -9.77
N HIS L 16 8.02 -29.93 -8.71
CA HIS L 16 7.00 -28.90 -8.74
C HIS L 16 5.67 -29.42 -9.28
N GLY L 17 5.42 -30.72 -9.17
CA GLY L 17 4.17 -31.27 -9.64
C GLY L 17 3.93 -31.18 -11.13
N GLN L 18 4.98 -30.92 -11.90
CA GLN L 18 4.83 -30.70 -13.33
C GLN L 18 4.98 -32.01 -14.10
N LYS L 19 4.33 -32.08 -15.25
CA LYS L 19 4.26 -33.29 -16.04
C LYS L 19 4.73 -33.02 -17.46
N CYS L 20 5.54 -33.94 -17.99
CA CYS L 20 5.96 -33.90 -19.38
C CYS L 20 6.02 -35.34 -19.88
N THR L 21 5.59 -35.54 -21.13
CA THR L 21 5.65 -36.89 -21.71
C THR L 21 7.09 -37.35 -21.82
N ASP L 22 7.98 -36.49 -22.25
CA ASP L 22 9.39 -36.83 -22.38
C ASP L 22 10.09 -36.71 -21.03
N ALA L 23 10.91 -37.72 -20.72
CA ALA L 23 11.73 -37.69 -19.50
C ALA L 23 12.90 -36.74 -19.58
N ARG L 24 13.56 -36.68 -20.75
CA ARG L 24 14.65 -35.72 -20.91
C ARG L 24 14.15 -34.28 -20.80
N ASP L 25 13.01 -33.98 -21.43
CA ASP L 25 12.43 -32.65 -21.32
C ASP L 25 11.99 -32.35 -19.89
N GLY L 26 11.39 -33.34 -19.22
CA GLY L 26 10.94 -33.13 -17.85
C GLY L 26 12.09 -32.86 -16.90
N LEU L 27 13.19 -33.58 -17.05
CA LEU L 27 14.36 -33.33 -16.21
C LEU L 27 15.02 -32.01 -16.56
N ALA L 28 15.08 -31.67 -17.86
CA ALA L 28 15.84 -30.50 -18.28
C ALA L 28 15.20 -29.21 -17.80
N LEU L 29 13.92 -29.26 -17.41
CA LEU L 29 13.19 -28.07 -16.98
C LEU L 29 12.92 -28.10 -15.48
N PHE L 30 12.32 -29.19 -14.97
CA PHE L 30 11.86 -29.17 -13.59
C PHE L 30 12.77 -29.95 -12.65
N GLY L 31 13.62 -30.84 -13.16
CA GLY L 31 14.55 -31.55 -12.33
C GLY L 31 13.95 -32.76 -11.65
N PRO L 32 14.74 -33.43 -10.82
CA PRO L 32 14.29 -34.68 -10.22
C PRO L 32 13.23 -34.46 -9.14
N LEU L 33 12.57 -35.55 -8.78
CA LEU L 33 11.48 -35.48 -7.80
C LEU L 33 11.99 -35.13 -6.41
N ASN L 34 13.13 -35.65 -6.00
CA ASN L 34 13.64 -35.45 -4.66
C ASN L 34 14.99 -34.77 -4.71
N ASN L 35 15.41 -34.24 -3.55
CA ASN L 35 16.65 -33.50 -3.42
C ASN L 35 17.74 -34.45 -2.96
N LEU L 36 18.73 -34.66 -3.82
CA LEU L 36 19.91 -35.45 -3.49
C LEU L 36 21.11 -34.50 -3.40
N TYR L 37 21.65 -34.37 -2.20
CA TYR L 37 22.70 -33.39 -1.92
C TYR L 37 23.92 -33.60 -2.81
N GLY L 38 24.42 -34.82 -2.87
CA GLY L 38 25.58 -35.11 -3.69
C GLY L 38 25.88 -36.59 -3.76
N ILE L 39 26.62 -37.01 -4.78
CA ILE L 39 26.97 -38.40 -4.98
C ILE L 39 28.44 -38.57 -4.62
N LYS L 40 28.70 -39.30 -3.54
CA LYS L 40 30.05 -39.69 -3.18
C LYS L 40 30.36 -40.99 -3.91
N SER L 41 31.09 -40.90 -5.02
CA SER L 41 31.31 -42.03 -5.89
C SER L 41 32.63 -42.72 -5.57
N GLY L 42 32.66 -44.03 -5.77
CA GLY L 42 33.86 -44.82 -5.59
C GLY L 42 34.23 -45.50 -6.90
N VAL L 43 35.53 -45.56 -7.18
CA VAL L 43 36.05 -46.15 -8.41
C VAL L 43 36.99 -47.29 -8.04
N ILE L 44 36.77 -48.45 -8.63
CA ILE L 44 37.68 -49.58 -8.49
C ILE L 44 38.11 -50.00 -9.88
N GLY L 45 39.42 -50.05 -10.10
CA GLY L 45 39.94 -50.40 -11.40
C GLY L 45 41.40 -49.99 -11.51
N THR L 46 41.93 -50.16 -12.72
CA THR L 46 43.32 -49.83 -12.98
C THR L 46 43.52 -48.31 -12.92
N LYS L 47 44.75 -47.90 -12.60
CA LYS L 47 45.08 -46.48 -12.53
C LYS L 47 44.94 -45.79 -13.87
N GLN L 48 45.35 -46.46 -14.96
CA GLN L 48 45.16 -45.87 -16.28
C GLN L 48 43.68 -45.75 -16.64
N GLY L 49 42.83 -46.55 -16.00
CA GLY L 49 41.40 -46.49 -16.22
C GLY L 49 40.67 -45.42 -15.44
N LEU L 50 41.22 -44.97 -14.32
CA LEU L 50 40.65 -43.87 -13.56
C LEU L 50 40.78 -42.53 -14.29
N LYS L 51 41.83 -42.37 -15.10
CA LYS L 51 42.03 -41.12 -15.83
C LYS L 51 40.87 -40.84 -16.77
N ILE L 52 40.42 -41.85 -17.52
CA ILE L 52 39.34 -41.65 -18.47
C ILE L 52 38.04 -41.36 -17.74
N PHE L 53 37.82 -42.02 -16.60
CA PHE L 53 36.64 -41.74 -15.80
C PHE L 53 36.64 -40.29 -15.29
N ARG L 54 37.80 -39.82 -14.82
CA ARG L 54 37.90 -38.43 -14.39
C ARG L 54 37.62 -37.48 -15.55
N ASP L 55 38.17 -37.79 -16.73
CA ASP L 55 37.92 -36.96 -17.90
C ASP L 55 36.44 -36.94 -18.26
N TYR L 56 35.76 -38.07 -18.12
CA TYR L 56 34.36 -38.12 -18.52
C TYR L 56 33.47 -37.39 -17.52
N LEU L 57 33.77 -37.52 -16.22
CA LEU L 57 33.04 -36.70 -15.25
C LEU L 57 33.24 -35.23 -15.52
N ASP L 58 34.49 -34.81 -15.77
CA ASP L 58 34.76 -33.42 -16.09
C ASP L 58 34.02 -32.99 -17.35
N HIS L 59 33.88 -33.91 -18.30
CA HIS L 59 33.13 -33.63 -19.52
C HIS L 59 31.67 -33.37 -19.22
N ILE L 60 31.03 -34.27 -18.47
CA ILE L 60 29.61 -34.13 -18.19
C ILE L 60 29.32 -33.03 -17.19
N GLN L 61 30.35 -32.48 -16.53
CA GLN L 61 30.12 -31.29 -15.74
C GLN L 61 29.60 -30.13 -16.59
N LYS L 62 30.21 -29.94 -17.76
CA LYS L 62 29.82 -28.91 -18.70
C LYS L 62 28.65 -29.39 -19.56
N PRO L 63 27.90 -28.47 -20.16
CA PRO L 63 26.83 -28.88 -21.06
C PRO L 63 27.36 -29.66 -22.25
N ILE L 64 26.57 -30.62 -22.72
CA ILE L 64 26.92 -31.48 -23.82
C ILE L 64 25.93 -31.26 -24.95
N TYR L 65 26.46 -31.05 -26.16
CA TYR L 65 25.66 -30.68 -27.31
C TYR L 65 25.70 -31.81 -28.33
N ASN L 66 24.53 -32.19 -28.82
CA ASN L 66 24.36 -33.31 -29.73
C ASN L 66 24.25 -32.82 -31.18
N SER L 67 24.23 -33.77 -32.10
CA SER L 67 24.22 -33.43 -33.52
C SER L 67 22.91 -32.74 -33.92
N ASN L 68 21.78 -33.34 -33.56
CA ASN L 68 20.47 -32.80 -33.92
C ASN L 68 19.64 -32.69 -32.64
N SER L 69 19.17 -31.48 -32.34
CA SER L 69 18.45 -31.21 -31.10
C SER L 69 17.05 -31.83 -31.09
N ILE L 70 16.30 -31.75 -32.18
CA ILE L 70 14.94 -32.26 -32.17
C ILE L 70 14.93 -33.77 -32.01
N THR L 71 15.92 -34.46 -32.58
CA THR L 71 16.00 -35.91 -32.43
C THR L 71 16.21 -36.29 -30.97
N ARG L 72 16.94 -35.46 -30.21
CA ARG L 72 17.14 -35.72 -28.79
C ARG L 72 17.65 -34.46 -28.11
N PRO L 73 17.03 -34.06 -27.00
CA PRO L 73 17.48 -32.85 -26.30
C PRO L 73 18.95 -32.88 -25.89
N MET L 74 19.54 -31.70 -25.75
CA MET L 74 20.92 -31.57 -25.32
C MET L 74 21.07 -32.01 -23.86
N PHE L 75 22.31 -32.17 -23.44
CA PHE L 75 22.57 -32.45 -22.03
C PHE L 75 23.13 -31.20 -21.35
N PRO L 76 22.40 -30.59 -20.43
CA PRO L 76 22.82 -29.30 -19.86
C PRO L 76 23.80 -29.40 -18.69
N GLY L 77 24.39 -30.55 -18.43
CA GLY L 77 25.27 -30.67 -17.27
C GLY L 77 24.57 -31.27 -16.08
N PHE L 78 25.30 -32.05 -15.28
CA PHE L 78 24.67 -32.86 -14.24
C PHE L 78 24.03 -31.98 -13.17
N GLU L 79 24.77 -30.99 -12.66
CA GLU L 79 24.20 -30.11 -11.64
C GLU L 79 23.07 -29.26 -12.17
N ALA L 80 23.02 -29.02 -13.48
CA ALA L 80 21.98 -28.18 -14.05
C ALA L 80 20.64 -28.91 -14.07
N VAL L 81 20.65 -30.22 -14.31
CA VAL L 81 19.40 -30.95 -14.43
C VAL L 81 19.03 -31.62 -13.11
N PHE L 82 19.98 -32.32 -12.47
CA PHE L 82 19.67 -33.05 -11.26
C PHE L 82 19.83 -32.20 -10.00
N ASP L 83 20.44 -31.02 -10.11
CA ASP L 83 20.67 -30.14 -8.98
C ASP L 83 21.37 -30.90 -7.86
N CYS L 84 22.32 -31.74 -8.25
CA CYS L 84 23.06 -32.60 -7.33
C CYS L 84 24.53 -32.55 -7.72
N LYS L 85 25.41 -32.60 -6.71
CA LYS L 85 26.83 -32.45 -6.97
C LYS L 85 27.46 -33.82 -7.22
N TRP L 86 27.96 -34.01 -8.44
CA TRP L 86 28.70 -35.22 -8.81
C TRP L 86 30.04 -34.77 -9.36
N GLU L 87 31.01 -34.58 -8.49
CA GLU L 87 32.29 -34.00 -8.84
C GLU L 87 33.35 -35.09 -8.96
N SER L 88 34.41 -34.77 -9.71
CA SER L 88 35.56 -35.66 -9.81
C SER L 88 36.47 -35.57 -8.59
N THR L 89 36.20 -34.64 -7.68
CA THR L 89 36.96 -34.50 -6.45
C THR L 89 36.23 -35.24 -5.33
N GLY L 90 36.97 -36.00 -4.54
CA GLY L 90 36.39 -36.78 -3.47
C GLY L 90 35.95 -38.17 -3.84
N ILE L 91 36.42 -38.72 -4.95
CA ILE L 91 36.07 -40.08 -5.32
C ILE L 91 37.03 -41.05 -4.65
N THR L 92 36.47 -42.02 -3.92
CA THR L 92 37.30 -43.06 -3.32
C THR L 92 37.79 -43.99 -4.41
N PHE L 93 39.11 -44.12 -4.53
CA PHE L 93 39.71 -44.94 -5.57
C PHE L 93 40.39 -46.15 -4.94
N LYS L 94 40.05 -47.33 -5.45
CA LYS L 94 40.73 -48.57 -5.11
C LYS L 94 41.42 -49.06 -6.38
N GLU L 95 42.71 -49.37 -6.29
CA GLU L 95 43.48 -49.71 -7.47
C GLU L 95 43.57 -51.22 -7.65
N VAL L 96 43.33 -51.66 -8.88
CA VAL L 96 43.50 -53.05 -9.28
C VAL L 96 44.63 -53.04 -10.29
N THR L 97 45.76 -53.66 -9.94
CA THR L 97 46.95 -53.57 -10.76
C THR L 97 46.77 -54.33 -12.08
N ASN L 98 47.49 -53.86 -13.10
CA ASN L 98 47.46 -54.53 -14.40
C ASN L 98 48.02 -55.94 -14.29
N GLU L 99 49.06 -56.12 -13.47
CA GLU L 99 49.61 -57.46 -13.27
C GLU L 99 48.56 -58.40 -12.71
N ASP L 100 47.84 -57.97 -11.67
CA ASP L 100 46.81 -58.80 -11.09
C ASP L 100 45.69 -59.10 -12.08
N ILE L 101 45.24 -58.07 -12.82
CA ILE L 101 44.17 -58.26 -13.79
C ILE L 101 44.60 -59.13 -14.96
N GLY L 102 45.91 -59.29 -15.18
CA GLY L 102 46.38 -60.20 -16.21
C GLY L 102 46.58 -61.60 -15.68
N LYS L 103 46.88 -61.71 -14.38
CA LYS L 103 47.15 -63.02 -13.79
C LYS L 103 45.96 -63.96 -13.93
N PHE L 104 44.75 -63.41 -13.83
CA PHE L 104 43.54 -64.22 -13.93
C PHE L 104 43.06 -64.32 -15.38
N LEU L 105 43.20 -63.23 -16.14
CA LEU L 105 42.66 -63.17 -17.49
C LEU L 105 43.29 -64.17 -18.44
N TYR L 106 44.61 -64.33 -18.38
CA TYR L 106 45.27 -65.24 -19.33
C TYR L 106 45.10 -66.68 -18.87
N ASN L 107 43.86 -67.12 -18.70
CA ASN L 107 43.53 -68.49 -18.32
C ASN L 107 42.55 -69.09 -19.31
N SER L 108 42.84 -70.31 -19.75
CA SER L 108 42.00 -70.96 -20.75
C SER L 108 40.62 -71.31 -20.21
N SER L 109 40.53 -71.66 -18.93
CA SER L 109 39.25 -72.03 -18.30
C SER L 109 38.44 -70.76 -18.09
N THR L 110 37.38 -70.59 -18.89
CA THR L 110 36.59 -69.37 -18.81
C THR L 110 35.87 -69.24 -17.47
N HIS L 111 35.40 -70.34 -16.90
CA HIS L 111 34.65 -70.27 -15.65
C HIS L 111 35.55 -69.87 -14.49
N LYS L 112 36.71 -70.50 -14.36
CA LYS L 112 37.63 -70.11 -13.30
C LYS L 112 38.15 -68.70 -13.52
N ARG L 113 38.40 -68.33 -14.78
CA ARG L 113 38.83 -66.97 -15.08
C ARG L 113 37.79 -65.95 -14.60
N THR L 114 36.53 -66.14 -14.97
CA THR L 114 35.52 -65.16 -14.61
C THR L 114 35.26 -65.15 -13.11
N TYR L 115 35.32 -66.32 -12.46
CA TYR L 115 35.11 -66.35 -11.01
C TYR L 115 36.22 -65.61 -10.27
N ASP L 116 37.48 -65.91 -10.62
CA ASP L 116 38.59 -65.24 -9.96
C ASP L 116 38.60 -63.75 -10.26
N LEU L 117 38.26 -63.36 -11.49
CA LEU L 117 38.25 -61.95 -11.83
C LEU L 117 37.14 -61.21 -11.09
N VAL L 118 35.98 -61.83 -10.94
CA VAL L 118 34.91 -61.23 -10.15
C VAL L 118 35.33 -61.09 -8.70
N SER L 119 36.00 -62.11 -8.15
CA SER L 119 36.48 -62.03 -6.77
C SER L 119 37.47 -60.89 -6.61
N LEU L 120 38.35 -60.70 -7.59
CA LEU L 120 39.39 -59.66 -7.51
C LEU L 120 38.78 -58.28 -7.31
N PHE L 121 37.57 -58.06 -7.82
CA PHE L 121 36.91 -56.77 -7.64
C PHE L 121 36.04 -56.76 -6.40
N ILE L 122 35.26 -57.83 -6.17
CA ILE L 122 34.29 -57.78 -5.09
C ILE L 122 34.98 -57.78 -3.74
N ASP L 123 36.11 -58.47 -3.61
CA ASP L 123 36.79 -58.47 -2.33
C ASP L 123 37.30 -57.08 -1.97
N LYS L 124 37.87 -56.35 -2.94
CA LYS L 124 38.31 -54.99 -2.68
C LYS L 124 37.13 -54.08 -2.35
N ILE L 125 36.01 -54.24 -3.07
CA ILE L 125 34.85 -53.40 -2.79
C ILE L 125 34.30 -53.69 -1.40
N ILE L 126 34.23 -54.97 -1.02
CA ILE L 126 33.73 -55.33 0.30
C ILE L 126 34.66 -54.83 1.38
N SER L 127 35.97 -54.93 1.17
CA SER L 127 36.92 -54.41 2.15
C SER L 127 36.78 -52.91 2.29
N ALA L 128 36.54 -52.20 1.18
CA ALA L 128 36.32 -50.77 1.27
C ALA L 128 35.03 -50.45 2.03
N ASN L 129 33.97 -51.23 1.78
CA ASN L 129 32.70 -50.98 2.46
C ASN L 129 32.80 -51.24 3.97
N LYS L 130 33.48 -52.32 4.36
CA LYS L 130 33.51 -52.75 5.74
C LYS L 130 34.62 -52.11 6.56
N ASN L 131 35.79 -51.88 5.96
CA ASN L 131 37.00 -51.58 6.69
C ASN L 131 37.52 -50.16 6.44
N GLU L 132 36.63 -49.24 6.08
CA GLU L 132 37.05 -47.88 5.75
C GLU L 132 36.07 -46.87 6.33
N ASP L 133 36.60 -45.70 6.68
CA ASP L 133 35.77 -44.66 7.29
C ASP L 133 34.91 -43.96 6.27
N GLU L 134 35.38 -43.84 5.03
CA GLU L 134 34.66 -43.08 4.02
C GLU L 134 33.34 -43.76 3.66
N ASN L 135 32.37 -42.93 3.27
CA ASN L 135 31.06 -43.41 2.84
C ASN L 135 30.86 -43.09 1.37
N VAL L 136 30.57 -44.12 0.57
CA VAL L 136 30.39 -43.99 -0.88
C VAL L 136 28.98 -44.45 -1.20
N ASP L 137 28.26 -43.65 -1.99
CA ASP L 137 26.89 -43.98 -2.37
C ASP L 137 26.85 -45.07 -3.43
N VAL L 138 27.72 -44.99 -4.44
CA VAL L 138 27.69 -45.90 -5.58
C VAL L 138 29.13 -46.22 -5.98
N TRP L 139 29.37 -47.47 -6.36
CA TRP L 139 30.70 -47.97 -6.66
C TRP L 139 30.82 -48.19 -8.17
N PHE L 140 31.62 -47.36 -8.83
CA PHE L 140 31.79 -47.49 -10.28
C PHE L 140 32.95 -48.42 -10.60
N VAL L 141 32.68 -49.44 -11.40
CA VAL L 141 33.67 -50.46 -11.73
C VAL L 141 34.11 -50.33 -13.17
N ILE L 142 35.27 -49.71 -13.38
CA ILE L 142 35.82 -49.57 -14.73
C ILE L 142 36.54 -50.86 -15.07
N VAL L 143 36.15 -51.51 -16.17
CA VAL L 143 36.75 -52.78 -16.56
C VAL L 143 37.38 -52.62 -17.94
N PRO L 144 38.57 -53.17 -18.18
CA PRO L 144 39.21 -53.01 -19.49
C PRO L 144 38.49 -53.72 -20.62
N ASP L 145 38.99 -53.58 -21.85
CA ASP L 145 38.37 -54.16 -23.02
C ASP L 145 38.78 -55.60 -23.31
N GLU L 146 40.01 -56.00 -22.98
CA GLU L 146 40.40 -57.38 -23.15
C GLU L 146 39.55 -58.29 -22.29
N ILE L 147 39.11 -57.80 -21.13
CA ILE L 147 38.20 -58.56 -20.28
C ILE L 147 36.92 -58.87 -21.03
N TYR L 148 36.28 -57.85 -21.61
CA TYR L 148 35.03 -58.07 -22.33
C TYR L 148 35.24 -58.98 -23.53
N LYS L 149 36.43 -58.94 -24.13
CA LYS L 149 36.74 -59.87 -25.20
C LYS L 149 36.79 -61.31 -24.67
N TYR L 150 37.36 -61.50 -23.48
CA TYR L 150 37.61 -62.85 -22.98
C TYR L 150 37.15 -63.07 -21.54
N CYS L 151 35.93 -62.65 -21.18
CA CYS L 151 35.37 -63.01 -19.89
C CYS L 151 33.88 -63.34 -19.98
N ARG L 152 33.40 -63.71 -21.17
CA ARG L 152 32.00 -64.03 -21.40
C ARG L 152 31.88 -65.37 -22.10
N PRO L 153 30.71 -66.02 -22.02
CA PRO L 153 30.55 -67.34 -22.66
C PRO L 153 30.84 -67.32 -24.15
N ASN L 154 31.36 -68.43 -24.66
CA ASN L 154 31.66 -68.61 -26.09
C ASN L 154 32.72 -67.63 -26.59
N SER L 155 33.50 -67.06 -25.68
CA SER L 155 34.62 -66.20 -26.05
C SER L 155 35.87 -67.07 -26.11
N VAL L 156 36.25 -67.47 -27.32
CA VAL L 156 37.38 -68.37 -27.54
C VAL L 156 38.66 -67.62 -27.25
N LEU L 157 39.38 -68.04 -26.22
CA LEU L 157 40.64 -67.39 -25.86
C LEU L 157 41.68 -67.69 -26.94
N PRO L 158 42.32 -66.66 -27.51
CA PRO L 158 43.33 -66.92 -28.56
C PRO L 158 44.47 -67.79 -28.04
N LYS L 159 44.93 -68.70 -28.90
CA LYS L 159 45.93 -69.68 -28.52
C LYS L 159 47.26 -69.04 -28.18
N GLU L 160 47.63 -67.99 -28.91
CA GLU L 160 48.96 -67.39 -28.77
C GLU L 160 49.17 -66.68 -27.44
N MET L 161 48.11 -66.42 -26.67
CA MET L 161 48.24 -65.69 -25.41
C MET L 161 47.70 -66.45 -24.20
N VAL L 162 47.41 -67.73 -24.34
CA VAL L 162 46.98 -68.55 -23.20
C VAL L 162 48.20 -68.76 -22.30
N GLN L 163 48.06 -68.41 -21.01
CA GLN L 163 49.13 -68.59 -20.05
C GLN L 163 48.88 -69.74 -19.09
N THR L 164 47.65 -69.89 -18.59
CA THR L 164 47.34 -70.96 -17.65
C THR L 164 46.11 -71.75 -18.11
N THR L 199 33.93 -72.62 -9.04
CA THR L 199 33.96 -71.80 -10.25
C THR L 199 32.93 -72.29 -11.26
N TYR L 200 32.87 -73.60 -11.44
CA TYR L 200 31.96 -74.20 -12.41
C TYR L 200 30.50 -74.14 -11.96
N ASN L 201 30.25 -73.88 -10.67
CA ASN L 201 28.90 -73.68 -10.18
C ASN L 201 28.43 -72.24 -10.31
N TYR L 202 29.04 -71.48 -11.23
CA TYR L 202 28.75 -70.07 -11.38
C TYR L 202 28.67 -69.74 -12.87
N ASP L 203 28.17 -68.52 -13.16
CA ASP L 203 28.03 -68.07 -14.52
C ASP L 203 29.39 -67.73 -15.12
N ALA L 204 29.45 -67.76 -16.46
CA ALA L 204 30.66 -67.37 -17.19
C ALA L 204 30.64 -65.91 -17.59
N GLN L 205 29.66 -65.14 -17.13
CA GLN L 205 29.51 -63.74 -17.51
C GLN L 205 29.85 -62.84 -16.33
N PHE L 206 30.72 -61.85 -16.58
CA PHE L 206 31.27 -61.03 -15.50
C PHE L 206 30.19 -60.19 -14.83
N HIS L 207 29.30 -59.59 -15.62
CA HIS L 207 28.35 -58.62 -15.07
C HIS L 207 27.41 -59.27 -14.06
N ASP L 208 26.77 -60.38 -14.45
CA ASP L 208 25.80 -61.00 -13.56
C ASP L 208 26.47 -61.67 -12.37
N GLN L 209 27.65 -62.27 -12.58
CA GLN L 209 28.41 -62.78 -11.45
C GLN L 209 28.71 -61.67 -10.44
N PHE L 210 29.24 -60.55 -10.94
CA PHE L 210 29.57 -59.42 -10.09
C PHE L 210 28.37 -58.94 -9.29
N LYS L 211 27.25 -58.68 -9.97
CA LYS L 211 26.11 -58.12 -9.27
C LYS L 211 25.40 -59.15 -8.40
N ALA L 212 25.58 -60.44 -8.68
CA ALA L 212 24.97 -61.46 -7.84
C ALA L 212 25.75 -61.65 -6.54
N ARG L 213 27.08 -61.62 -6.62
CA ARG L 213 27.88 -61.89 -5.43
C ARG L 213 27.98 -60.70 -4.49
N LEU L 214 27.41 -59.56 -4.85
CA LEU L 214 27.38 -58.39 -3.98
C LEU L 214 26.03 -58.16 -3.32
N LEU L 215 25.06 -59.06 -3.48
CA LEU L 215 23.72 -58.79 -2.98
C LEU L 215 23.67 -58.84 -1.45
N LYS L 216 24.48 -59.70 -0.83
CA LYS L 216 24.45 -59.82 0.62
C LYS L 216 24.86 -58.52 1.31
N HIS L 217 25.61 -57.66 0.63
CA HIS L 217 26.15 -56.44 1.22
C HIS L 217 25.41 -55.18 0.77
N THR L 218 24.55 -55.28 -0.23
CA THR L 218 23.71 -54.16 -0.70
C THR L 218 24.57 -52.95 -1.07
N ILE L 219 25.40 -53.13 -2.09
CA ILE L 219 26.28 -52.09 -2.58
C ILE L 219 25.85 -51.75 -4.01
N PRO L 220 25.39 -50.52 -4.28
CA PRO L 220 25.04 -50.16 -5.66
C PRO L 220 26.30 -50.04 -6.52
N THR L 221 26.23 -50.60 -7.72
CA THR L 221 27.38 -50.61 -8.61
C THR L 221 26.93 -50.24 -10.02
N GLN L 222 27.91 -49.80 -10.81
CA GLN L 222 27.70 -49.46 -12.22
C GLN L 222 28.94 -49.92 -12.98
N ILE L 223 28.84 -51.08 -13.63
CA ILE L 223 29.97 -51.60 -14.39
C ILE L 223 30.10 -50.79 -15.68
N PHE L 224 31.29 -50.22 -15.87
CA PHE L 224 31.57 -49.37 -17.02
C PHE L 224 32.59 -50.05 -17.91
N ARG L 225 32.33 -50.04 -19.21
CA ARG L 225 33.36 -50.40 -20.16
C ARG L 225 34.40 -49.29 -20.23
N GLU L 226 35.59 -49.63 -20.74
CA GLU L 226 36.51 -48.53 -21.06
C GLU L 226 36.10 -47.83 -22.35
N SER L 227 35.42 -48.54 -23.24
CA SER L 227 34.99 -47.95 -24.51
C SER L 227 33.80 -47.01 -24.32
N THR L 228 32.86 -47.37 -23.45
CA THR L 228 31.68 -46.54 -23.21
C THR L 228 32.08 -45.19 -22.64
N LEU L 229 33.26 -45.16 -22.03
CA LEU L 229 33.92 -43.94 -21.58
C LEU L 229 34.53 -43.27 -22.81
N ALA L 230 35.55 -42.43 -22.64
CA ALA L 230 35.96 -41.56 -23.73
C ALA L 230 36.47 -42.39 -24.89
N TRP L 231 35.52 -42.82 -25.72
CA TRP L 231 35.76 -43.78 -26.79
C TRP L 231 36.75 -43.28 -27.83
N ARG L 232 36.94 -41.96 -27.91
CA ARG L 232 37.83 -41.41 -28.93
C ARG L 232 39.25 -41.93 -28.76
N ASP L 233 39.59 -42.42 -27.57
CA ASP L 233 40.90 -43.06 -27.38
C ASP L 233 40.98 -44.37 -28.16
N PHE L 234 39.90 -45.14 -28.17
CA PHE L 234 39.89 -46.44 -28.83
C PHE L 234 39.57 -46.25 -30.31
N LYS L 235 40.39 -46.84 -31.18
CA LYS L 235 40.30 -46.64 -32.62
C LYS L 235 40.40 -47.98 -33.34
N ASN L 236 39.81 -48.04 -34.53
CA ASN L 236 39.83 -49.26 -35.34
C ASN L 236 40.95 -49.20 -36.38
N ALA L 237 40.94 -50.19 -37.28
CA ALA L 237 41.95 -50.22 -38.34
C ALA L 237 41.82 -49.03 -39.28
N PHE L 238 40.59 -48.67 -39.63
CA PHE L 238 40.39 -47.52 -40.53
C PHE L 238 40.74 -46.21 -39.84
N GLY L 239 40.73 -46.18 -38.51
CA GLY L 239 41.11 -45.02 -37.75
C GLY L 239 39.98 -44.33 -37.03
N LEU L 240 38.73 -44.57 -37.42
CA LEU L 240 37.60 -44.00 -36.70
C LEU L 240 37.40 -44.75 -35.38
N PRO L 241 36.89 -44.07 -34.35
CA PRO L 241 36.54 -44.78 -33.11
C PRO L 241 35.53 -45.89 -33.38
N ILE L 242 35.73 -47.03 -32.72
CA ILE L 242 34.92 -48.21 -33.01
C ILE L 242 33.47 -47.98 -32.56
N ARG L 243 33.27 -47.46 -31.35
CA ARG L 243 31.95 -47.13 -30.84
C ARG L 243 31.67 -45.64 -30.99
N ASP L 244 31.53 -45.16 -32.23
CA ASP L 244 31.42 -43.73 -32.49
C ASP L 244 30.15 -43.17 -31.86
N PHE L 245 30.32 -42.32 -30.85
CA PHE L 245 29.23 -41.63 -30.17
C PHE L 245 29.37 -40.13 -30.38
N SER L 246 29.94 -39.73 -31.51
CA SER L 246 30.14 -38.31 -31.79
C SER L 246 28.81 -37.58 -31.88
N LYS L 247 27.82 -38.18 -32.54
CA LYS L 247 26.51 -37.56 -32.64
C LYS L 247 25.65 -37.88 -31.42
N ILE L 248 26.03 -38.87 -30.62
CA ILE L 248 25.14 -39.43 -29.62
C ILE L 248 25.76 -39.25 -28.24
N GLU L 249 26.68 -38.30 -28.13
CA GLU L 249 27.36 -38.09 -26.84
C GLU L 249 26.38 -37.59 -25.79
N GLY L 250 25.45 -36.70 -26.19
CA GLY L 250 24.49 -36.16 -25.24
C GLY L 250 23.58 -37.22 -24.65
N HIS L 251 23.10 -38.15 -25.48
CA HIS L 251 22.24 -39.21 -24.95
C HIS L 251 23.03 -40.18 -24.08
N LEU L 252 24.30 -40.39 -24.41
CA LEU L 252 25.15 -41.21 -23.55
C LEU L 252 25.25 -40.59 -22.16
N ALA L 253 25.49 -39.27 -22.12
CA ALA L 253 25.51 -38.58 -20.83
C ALA L 253 24.17 -38.65 -20.13
N TRP L 254 23.07 -38.49 -20.88
CA TRP L 254 21.73 -38.54 -20.28
C TRP L 254 21.47 -39.88 -19.62
N THR L 255 21.81 -40.97 -20.30
CA THR L 255 21.58 -42.30 -19.76
C THR L 255 22.53 -42.66 -18.61
N ILE L 256 23.78 -42.20 -18.66
CA ILE L 256 24.70 -42.47 -17.56
C ILE L 256 24.28 -41.70 -16.31
N SER L 257 23.96 -40.42 -16.47
CA SER L 257 23.63 -39.58 -15.32
C SER L 257 22.36 -40.04 -14.64
N THR L 258 21.34 -40.43 -15.42
CA THR L 258 20.09 -40.88 -14.83
C THR L 258 20.30 -42.16 -14.03
N ALA L 259 21.08 -43.10 -14.58
CA ALA L 259 21.36 -44.33 -13.86
C ALA L 259 22.14 -44.06 -12.58
N ALA L 260 23.15 -43.18 -12.65
CA ALA L 260 23.92 -42.84 -11.46
C ALA L 260 23.05 -42.16 -10.41
N PHE L 261 22.15 -41.27 -10.84
CA PHE L 261 21.25 -40.60 -9.92
C PHE L 261 20.30 -41.59 -9.26
N TYR L 262 19.78 -42.55 -10.03
CA TYR L 262 18.89 -43.55 -9.46
C TYR L 262 19.63 -44.43 -8.45
N LYS L 263 20.84 -44.87 -8.80
CA LYS L 263 21.60 -45.74 -7.90
C LYS L 263 22.05 -45.02 -6.64
N ALA L 264 22.17 -43.70 -6.68
CA ALA L 264 22.56 -42.94 -5.49
C ALA L 264 21.42 -42.70 -4.53
N GLY L 265 20.18 -42.97 -4.94
CA GLY L 265 19.06 -42.88 -4.04
C GLY L 265 18.07 -41.77 -4.38
N GLY L 266 18.13 -41.26 -5.60
CA GLY L 266 17.26 -40.19 -6.04
C GLY L 266 16.11 -40.71 -6.89
N LYS L 267 15.02 -39.95 -6.93
CA LYS L 267 13.88 -40.28 -7.75
C LYS L 267 13.94 -39.45 -9.01
N PRO L 268 14.27 -40.03 -10.16
CA PRO L 268 14.34 -39.23 -11.40
C PRO L 268 12.98 -38.67 -11.79
N TRP L 269 11.97 -39.53 -11.86
CA TRP L 269 10.60 -39.13 -12.16
C TRP L 269 9.62 -40.11 -11.54
N LYS L 270 8.35 -39.89 -11.81
CA LYS L 270 7.29 -40.69 -11.21
C LYS L 270 6.10 -40.75 -12.17
N LEU L 271 5.26 -41.76 -11.98
CA LEU L 271 4.03 -41.88 -12.75
C LEU L 271 2.99 -40.90 -12.23
N SER L 272 2.09 -40.49 -13.12
CA SER L 272 1.04 -39.55 -12.76
C SER L 272 -0.37 -40.09 -12.96
N ASP L 273 -0.55 -41.06 -13.84
CA ASP L 273 -1.88 -41.59 -14.16
C ASP L 273 -2.14 -42.96 -13.55
N VAL L 274 -1.35 -43.37 -12.56
CA VAL L 274 -1.60 -44.65 -11.91
C VAL L 274 -2.82 -44.52 -11.01
N ARG L 275 -3.65 -45.55 -10.99
CA ARG L 275 -4.88 -45.52 -10.19
C ARG L 275 -4.65 -46.17 -8.83
N ASN L 276 -5.47 -45.77 -7.86
CA ASN L 276 -5.38 -46.33 -6.52
C ASN L 276 -5.86 -47.78 -6.52
N GLY L 277 -5.34 -48.55 -5.56
CA GLY L 277 -5.79 -49.90 -5.35
C GLY L 277 -5.38 -50.89 -6.41
N VAL L 278 -4.32 -50.61 -7.17
CA VAL L 278 -3.88 -51.48 -8.26
C VAL L 278 -2.44 -51.89 -7.99
N CYS L 279 -2.24 -53.18 -7.72
CA CYS L 279 -0.92 -53.78 -7.72
C CYS L 279 -0.73 -54.49 -9.05
N TYR L 280 0.51 -54.59 -9.53
CA TYR L 280 0.67 -55.11 -10.89
C TYR L 280 1.36 -56.46 -10.93
N LEU L 281 2.59 -56.56 -10.46
CA LEU L 281 3.36 -57.80 -10.47
C LEU L 281 3.66 -58.25 -11.90
N GLY L 282 4.91 -58.63 -12.17
CA GLY L 282 5.26 -59.11 -13.49
C GLY L 282 6.13 -60.35 -13.46
N LEU L 283 5.68 -61.44 -14.08
CA LEU L 283 6.36 -62.71 -13.99
C LEU L 283 7.20 -62.98 -15.23
N VAL L 284 8.44 -63.39 -15.01
CA VAL L 284 9.33 -63.84 -16.08
C VAL L 284 10.08 -65.06 -15.58
N TYR L 285 10.26 -66.04 -16.46
CA TYR L 285 10.93 -67.29 -16.13
C TYR L 285 12.30 -67.32 -16.78
N LYS L 286 13.32 -67.61 -15.99
CA LYS L 286 14.70 -67.67 -16.45
C LYS L 286 15.29 -69.04 -16.13
N LYS L 287 16.02 -69.60 -17.10
CA LYS L 287 16.67 -70.88 -16.90
C LYS L 287 17.81 -70.76 -15.89
N VAL L 288 18.12 -71.88 -15.25
CA VAL L 288 19.26 -71.98 -14.35
C VAL L 288 20.09 -73.18 -14.82
N GLU L 289 21.12 -72.90 -15.61
CA GLU L 289 21.95 -73.98 -16.16
C GLU L 289 22.83 -74.64 -15.12
N LYS L 290 23.02 -74.02 -13.96
CA LYS L 290 23.97 -74.53 -12.98
C LYS L 290 23.49 -75.86 -12.40
N SER L 291 22.25 -75.91 -11.95
CA SER L 291 21.70 -77.15 -11.41
C SER L 291 21.31 -78.09 -12.55
N LYS L 292 21.20 -79.38 -12.23
CA LYS L 292 20.70 -80.34 -13.20
C LYS L 292 19.30 -79.95 -13.62
N ASN L 293 19.08 -79.88 -14.94
CA ASN L 293 17.87 -79.36 -15.59
C ASN L 293 17.84 -77.85 -15.42
N PRO L 294 17.40 -77.09 -16.43
CA PRO L 294 17.44 -75.63 -16.31
C PRO L 294 16.62 -75.08 -15.15
N ARG L 295 15.56 -75.79 -14.72
CA ARG L 295 14.86 -75.47 -13.48
C ARG L 295 14.11 -74.15 -13.57
N ASN L 296 14.25 -73.44 -14.69
CA ASN L 296 13.42 -72.32 -15.13
C ASN L 296 12.90 -71.45 -13.98
N ALA L 297 13.81 -70.90 -13.19
CA ALA L 297 13.44 -70.08 -12.04
C ALA L 297 12.64 -68.86 -12.45
N CYS L 298 11.74 -68.42 -11.58
CA CYS L 298 10.84 -67.30 -11.84
C CYS L 298 11.16 -66.15 -10.91
N CYS L 299 10.92 -64.92 -11.38
CA CYS L 299 11.10 -63.72 -10.58
C CYS L 299 10.02 -62.72 -10.94
N ALA L 300 9.78 -61.77 -10.04
CA ALA L 300 8.68 -60.83 -10.18
C ALA L 300 9.10 -59.43 -9.76
N ALA L 301 8.36 -58.43 -10.25
CA ALA L 301 8.55 -57.04 -9.90
C ALA L 301 7.19 -56.40 -9.65
N GLN L 302 7.09 -55.59 -8.60
CA GLN L 302 5.85 -54.92 -8.22
C GLN L 302 5.87 -53.46 -8.66
N MET L 303 4.68 -52.87 -8.74
CA MET L 303 4.52 -51.44 -8.96
C MET L 303 3.11 -51.06 -8.52
N PHE L 304 3.02 -50.19 -7.52
CA PHE L 304 1.73 -49.71 -7.04
C PHE L 304 1.91 -48.33 -6.40
N LEU L 305 0.81 -47.61 -6.28
CA LEU L 305 0.82 -46.31 -5.63
C LEU L 305 0.88 -46.50 -4.11
N ASP L 306 1.21 -45.42 -3.42
CA ASP L 306 1.32 -45.43 -1.97
C ASP L 306 0.46 -44.31 -1.40
N ASN L 307 0.35 -44.30 -0.07
CA ASN L 307 -0.33 -43.19 0.60
C ASN L 307 0.31 -41.87 0.20
N GLY L 308 -0.51 -40.97 -0.32
CA GLY L 308 0.02 -39.79 -0.99
C GLY L 308 0.01 -39.98 -2.50
N ASP L 309 1.19 -39.81 -3.08
CA ASP L 309 1.36 -40.02 -4.51
C ASP L 309 2.68 -40.73 -4.84
N GLY L 310 3.34 -41.31 -3.84
CA GLY L 310 4.62 -41.96 -4.10
C GLY L 310 4.44 -43.30 -4.79
N THR L 311 5.14 -43.45 -5.92
CA THR L 311 5.11 -44.72 -6.64
C THR L 311 6.10 -45.70 -6.02
N VAL L 312 5.61 -46.89 -5.69
CA VAL L 312 6.41 -47.93 -5.07
C VAL L 312 6.76 -48.91 -6.18
N PHE L 313 7.91 -48.72 -6.81
CA PHE L 313 8.39 -49.57 -7.90
C PHE L 313 9.57 -50.37 -7.37
N LYS L 314 9.27 -51.50 -6.75
CA LYS L 314 10.28 -52.39 -6.19
C LYS L 314 10.01 -53.82 -6.65
N GLY L 315 11.09 -54.55 -6.87
CA GLY L 315 10.96 -55.95 -7.22
C GLY L 315 10.41 -56.78 -6.07
N GLU L 316 9.59 -57.77 -6.42
CA GLU L 316 9.03 -58.70 -5.46
C GLU L 316 9.69 -60.06 -5.72
N VAL L 317 10.82 -60.29 -5.08
CA VAL L 317 11.77 -61.31 -5.49
C VAL L 317 11.88 -62.37 -4.40
N GLY L 318 11.27 -63.51 -4.65
CA GLY L 318 11.34 -64.65 -3.77
C GLY L 318 11.64 -65.93 -4.53
N PRO L 319 12.60 -65.86 -5.49
CA PRO L 319 12.56 -66.73 -6.68
C PRO L 319 12.06 -68.13 -6.43
N TRP L 320 10.99 -68.48 -7.13
CA TRP L 320 10.26 -69.72 -6.88
C TRP L 320 10.61 -70.73 -7.96
N TYR L 321 11.52 -71.66 -7.63
CA TYR L 321 12.04 -72.57 -8.62
C TYR L 321 11.00 -73.61 -9.00
N ASN L 322 11.14 -74.16 -10.20
CA ASN L 322 10.19 -75.09 -10.76
C ASN L 322 10.92 -76.19 -11.53
N PRO L 323 10.63 -77.46 -11.28
CA PRO L 323 11.22 -78.52 -12.10
C PRO L 323 10.68 -78.49 -13.52
N LYS L 324 11.13 -79.46 -14.31
CA LYS L 324 10.75 -79.71 -15.71
C LYS L 324 11.61 -78.88 -16.65
N ASN L 325 11.87 -79.41 -17.85
CA ASN L 325 12.80 -78.77 -18.78
C ASN L 325 12.27 -77.44 -19.29
N GLY L 326 11.04 -77.41 -19.78
CA GLY L 326 10.52 -76.21 -20.43
C GLY L 326 9.11 -75.86 -20.02
N GLN L 327 8.76 -76.11 -18.75
CA GLN L 327 7.40 -75.88 -18.31
C GLN L 327 7.02 -74.41 -18.37
N TYR L 328 7.71 -73.56 -17.63
CA TYR L 328 7.40 -72.14 -17.47
C TYR L 328 6.03 -71.90 -16.86
N HIS L 329 5.45 -72.90 -16.21
CA HIS L 329 4.21 -72.75 -15.45
C HIS L 329 4.50 -73.07 -14.00
N LEU L 330 4.01 -72.23 -13.09
CA LEU L 330 4.35 -72.33 -11.69
C LEU L 330 3.34 -73.20 -10.95
N GLU L 331 3.85 -74.19 -10.22
CA GLU L 331 3.02 -75.15 -9.51
C GLU L 331 2.34 -74.44 -8.33
N PRO L 332 1.23 -75.00 -7.82
CA PRO L 332 0.39 -74.27 -6.86
C PRO L 332 1.10 -73.78 -5.61
N LYS L 333 2.05 -74.56 -5.07
CA LYS L 333 2.73 -74.15 -3.85
C LYS L 333 3.49 -72.84 -4.05
N GLU L 334 4.34 -72.78 -5.07
CA GLU L 334 5.11 -71.58 -5.35
C GLU L 334 4.20 -70.42 -5.77
N ALA L 335 3.12 -70.71 -6.48
CA ALA L 335 2.18 -69.67 -6.88
C ALA L 335 1.54 -69.03 -5.64
N LYS L 336 1.11 -69.87 -4.69
CA LYS L 336 0.53 -69.36 -3.45
C LYS L 336 1.54 -68.54 -2.66
N ALA L 337 2.78 -69.03 -2.55
CA ALA L 337 3.80 -68.26 -1.84
C ALA L 337 4.03 -66.90 -2.50
N LEU L 338 4.17 -66.89 -3.82
CA LEU L 338 4.36 -65.64 -4.56
C LEU L 338 3.23 -64.67 -4.34
N LEU L 339 1.98 -65.13 -4.50
CA LEU L 339 0.88 -64.17 -4.43
C LEU L 339 0.62 -63.74 -2.99
N SER L 340 0.87 -64.61 -2.01
CA SER L 340 0.76 -64.19 -0.62
C SER L 340 1.80 -63.12 -0.30
N GLN L 341 3.03 -63.29 -0.81
CA GLN L 341 4.03 -62.24 -0.65
C GLN L 341 3.60 -60.94 -1.30
N SER L 342 3.02 -61.01 -2.49
CA SER L 342 2.53 -59.83 -3.18
C SER L 342 1.43 -59.11 -2.42
N LEU L 343 0.50 -59.84 -1.82
CA LEU L 343 -0.59 -59.19 -1.08
C LEU L 343 -0.09 -58.64 0.25
N GLN L 344 0.79 -59.37 0.95
CA GLN L 344 1.28 -58.90 2.22
C GLN L 344 2.20 -57.68 2.11
N SER L 345 3.03 -57.62 1.06
CA SER L 345 3.89 -56.46 0.84
C SER L 345 3.11 -55.22 0.48
N TYR L 346 1.84 -55.36 0.09
CA TYR L 346 0.94 -54.24 -0.16
C TYR L 346 0.17 -53.85 1.10
N LYS L 347 -0.29 -54.85 1.87
CA LYS L 347 -0.88 -54.56 3.17
C LYS L 347 0.09 -53.81 4.08
N GLU L 348 1.34 -54.29 4.17
CA GLU L 348 2.28 -53.71 5.13
C GLU L 348 2.58 -52.25 4.82
N GLN L 349 2.47 -51.83 3.56
CA GLN L 349 2.83 -50.49 3.16
C GLN L 349 1.64 -49.54 3.01
N ILE L 350 0.45 -50.04 2.67
CA ILE L 350 -0.71 -49.19 2.49
C ILE L 350 -1.84 -49.48 3.47
N GLY L 351 -1.82 -50.60 4.17
CA GLY L 351 -2.79 -50.83 5.22
C GLY L 351 -3.95 -51.73 4.84
N GLU L 352 -4.30 -51.77 3.55
CA GLU L 352 -5.37 -52.61 3.07
C GLU L 352 -4.89 -53.35 1.82
N TYR L 353 -5.62 -54.40 1.42
CA TYR L 353 -5.31 -55.23 0.26
C TYR L 353 -5.63 -54.49 -1.04
N PRO L 354 -4.95 -54.86 -2.13
CA PRO L 354 -5.32 -54.32 -3.44
C PRO L 354 -6.71 -54.76 -3.84
N LYS L 355 -7.37 -53.92 -4.63
CA LYS L 355 -8.68 -54.24 -5.17
C LYS L 355 -8.63 -54.67 -6.63
N GLU L 356 -7.46 -54.56 -7.26
CA GLU L 356 -7.33 -54.92 -8.67
C GLU L 356 -5.88 -55.24 -9.04
N VAL L 357 -5.57 -56.50 -9.28
CA VAL L 357 -4.21 -56.91 -9.60
C VAL L 357 -4.09 -57.20 -11.09
N PHE L 358 -3.02 -56.69 -11.71
CA PHE L 358 -2.80 -56.82 -13.14
C PHE L 358 -1.49 -57.55 -13.39
N ILE L 359 -1.52 -58.87 -13.37
CA ILE L 359 -0.33 -59.70 -13.46
C ILE L 359 0.06 -59.83 -14.92
N HIS L 360 1.19 -59.23 -15.29
CA HIS L 360 1.71 -59.35 -16.63
C HIS L 360 2.75 -60.47 -16.70
N ALA L 361 2.89 -61.05 -17.90
CA ALA L 361 3.87 -62.11 -18.12
C ALA L 361 4.13 -62.32 -19.60
N LYS L 362 5.30 -62.85 -19.94
CA LYS L 362 5.61 -63.18 -21.32
C LYS L 362 5.02 -64.51 -21.77
N THR L 363 4.44 -65.28 -20.84
CA THR L 363 3.92 -66.61 -21.13
C THR L 363 2.47 -66.71 -20.66
N ARG L 364 1.75 -67.68 -21.21
CA ARG L 364 0.35 -67.88 -20.86
C ARG L 364 0.21 -68.64 -19.54
N PHE L 365 -0.85 -68.32 -18.80
CA PHE L 365 -1.13 -68.97 -17.52
C PHE L 365 -2.06 -70.15 -17.76
N ASN L 366 -1.72 -71.30 -17.18
CA ASN L 366 -2.66 -72.40 -17.20
C ASN L 366 -3.63 -72.29 -16.02
N HIS L 367 -4.70 -73.08 -16.07
CA HIS L 367 -5.72 -73.00 -15.03
C HIS L 367 -5.19 -73.42 -13.67
N GLN L 368 -4.17 -74.28 -13.64
CA GLN L 368 -3.66 -74.79 -12.38
C GLN L 368 -3.13 -73.67 -11.50
N GLU L 369 -2.24 -72.84 -12.04
CA GLU L 369 -1.66 -71.77 -11.22
C GLU L 369 -2.69 -70.68 -10.93
N TRP L 370 -3.62 -70.44 -11.85
CA TRP L 370 -4.65 -69.43 -11.61
C TRP L 370 -5.57 -69.83 -10.47
N ASP L 371 -5.90 -71.13 -10.37
CA ASP L 371 -6.71 -71.59 -9.25
C ASP L 371 -5.99 -71.38 -7.92
N ALA L 372 -4.69 -71.65 -7.88
CA ALA L 372 -3.89 -71.41 -6.69
C ALA L 372 -3.88 -69.93 -6.35
N PHE L 373 -3.75 -69.08 -7.37
CA PHE L 373 -3.80 -67.63 -7.19
C PHE L 373 -5.12 -67.21 -6.57
N LEU L 374 -6.22 -67.75 -7.08
CA LEU L 374 -7.55 -67.35 -6.67
C LEU L 374 -7.79 -67.64 -5.19
N GLU L 375 -7.26 -68.75 -4.71
CA GLU L 375 -7.40 -69.11 -3.30
C GLU L 375 -6.74 -68.08 -2.40
N VAL L 376 -5.55 -67.61 -2.78
CA VAL L 376 -4.85 -66.60 -2.00
C VAL L 376 -5.56 -65.25 -2.13
N THR L 377 -6.05 -64.93 -3.33
CA THR L 377 -6.72 -63.66 -3.55
C THR L 377 -8.03 -63.62 -2.79
N PRO L 378 -8.33 -62.53 -2.09
CA PRO L 378 -9.57 -62.42 -1.34
C PRO L 378 -10.75 -62.14 -2.26
N LYS L 379 -11.94 -62.05 -1.65
CA LYS L 379 -13.16 -61.81 -2.42
C LYS L 379 -13.14 -60.45 -3.11
N GLU L 380 -12.63 -59.42 -2.43
CA GLU L 380 -12.68 -58.07 -2.98
C GLU L 380 -11.71 -57.90 -4.16
N THR L 381 -10.53 -58.50 -4.07
CA THR L 381 -9.52 -58.30 -5.10
C THR L 381 -9.89 -59.01 -6.38
N ASN L 382 -9.71 -58.33 -7.51
CA ASN L 382 -9.98 -58.88 -8.83
C ASN L 382 -8.66 -59.18 -9.51
N LEU L 383 -8.41 -60.45 -9.80
CA LEU L 383 -7.17 -60.85 -10.46
C LEU L 383 -7.31 -60.73 -11.97
N VAL L 384 -6.27 -60.20 -12.61
CA VAL L 384 -6.20 -60.09 -14.05
C VAL L 384 -4.86 -60.64 -14.51
N GLY L 385 -4.90 -61.59 -15.46
CA GLY L 385 -3.70 -62.13 -16.04
C GLY L 385 -3.57 -61.69 -17.48
N VAL L 386 -2.48 -60.99 -17.78
CA VAL L 386 -2.22 -60.43 -19.10
C VAL L 386 -0.93 -61.02 -19.64
N THR L 387 -0.98 -61.52 -20.87
CA THR L 387 0.19 -62.04 -21.54
C THR L 387 0.62 -61.08 -22.64
N ILE L 388 1.93 -60.88 -22.79
CA ILE L 388 2.49 -59.97 -23.76
C ILE L 388 3.53 -60.71 -24.58
N SER L 389 3.42 -60.61 -25.91
CA SER L 389 4.34 -61.32 -26.78
C SER L 389 4.63 -60.47 -28.01
N LYS L 390 5.89 -60.47 -28.42
CA LYS L 390 6.33 -59.74 -29.60
C LYS L 390 6.46 -60.64 -30.83
N THR L 391 5.99 -61.89 -30.74
CA THR L 391 6.22 -62.84 -31.82
C THR L 391 5.30 -62.59 -33.01
N LYS L 392 4.06 -62.16 -32.75
CA LYS L 392 3.04 -62.03 -33.78
C LYS L 392 3.50 -61.20 -34.96
N PRO L 393 3.58 -61.76 -36.17
CA PRO L 393 4.07 -61.00 -37.34
C PRO L 393 3.08 -60.00 -37.93
N LEU L 394 2.75 -58.97 -37.16
CA LEU L 394 1.94 -57.87 -37.64
C LEU L 394 2.86 -56.66 -37.84
N LYS L 395 2.75 -56.02 -39.00
CA LYS L 395 3.63 -54.91 -39.36
C LYS L 395 2.83 -53.96 -40.23
N LEU L 396 2.41 -52.83 -39.66
CA LEU L 396 1.59 -51.86 -40.39
C LEU L 396 2.49 -50.87 -41.12
N TYR L 397 2.31 -50.78 -42.44
CA TYR L 397 3.03 -49.84 -43.27
C TYR L 397 2.10 -48.68 -43.61
N LYS L 398 2.67 -47.49 -43.81
CA LYS L 398 1.87 -46.35 -44.20
C LYS L 398 1.81 -46.21 -45.72
N THR L 399 0.84 -45.42 -46.19
CA THR L 399 0.62 -45.30 -47.63
C THR L 399 1.79 -44.61 -48.32
N GLU L 400 2.31 -43.55 -47.73
CA GLU L 400 3.39 -42.80 -48.36
C GLU L 400 4.18 -42.05 -47.30
N GLY L 401 5.49 -42.01 -47.48
CA GLY L 401 6.36 -41.32 -46.54
C GLY L 401 7.26 -42.26 -45.78
N ASP L 402 8.54 -41.91 -45.64
CA ASP L 402 9.50 -42.78 -44.96
C ASP L 402 9.39 -42.62 -43.45
N TYR L 403 8.18 -42.81 -42.92
CA TYR L 403 7.94 -42.74 -41.48
C TYR L 403 6.85 -43.75 -41.12
N THR L 404 6.94 -44.28 -39.90
CA THR L 404 6.15 -45.43 -39.47
C THR L 404 4.89 -44.97 -38.75
N ILE L 405 4.17 -45.94 -38.20
CA ILE L 405 2.93 -45.71 -37.48
C ILE L 405 3.21 -45.01 -36.16
N LEU L 406 2.25 -44.21 -35.69
CA LEU L 406 2.37 -43.58 -34.38
C LEU L 406 2.43 -44.61 -33.27
N ARG L 407 3.21 -44.30 -32.25
CA ARG L 407 3.21 -45.09 -31.03
C ARG L 407 2.01 -44.68 -30.19
N GLY L 408 1.26 -45.64 -29.69
CA GLY L 408 0.05 -45.36 -28.95
C GLY L 408 -1.17 -45.88 -29.66
N ASN L 409 -1.03 -46.15 -30.96
CA ASN L 409 -2.11 -46.78 -31.71
C ASN L 409 -2.37 -48.17 -31.14
N ALA L 410 -3.64 -48.55 -31.12
CA ALA L 410 -4.04 -49.83 -30.55
C ALA L 410 -5.04 -50.50 -31.48
N TYR L 411 -4.70 -51.68 -31.98
CA TYR L 411 -5.59 -52.50 -32.77
C TYR L 411 -6.34 -53.45 -31.83
N VAL L 412 -7.61 -53.14 -31.58
CA VAL L 412 -8.43 -53.93 -30.66
C VAL L 412 -9.09 -55.03 -31.48
N VAL L 413 -8.52 -56.24 -31.42
CA VAL L 413 -9.08 -57.37 -32.15
C VAL L 413 -10.42 -57.78 -31.56
N ASN L 414 -10.53 -57.81 -30.24
CA ASN L 414 -11.79 -58.17 -29.60
C ASN L 414 -11.78 -57.63 -28.19
N GLU L 415 -12.82 -58.00 -27.43
CA GLU L 415 -12.96 -57.51 -26.06
C GLU L 415 -11.92 -58.12 -25.13
N ARG L 416 -11.23 -59.17 -25.55
CA ARG L 416 -10.31 -59.88 -24.66
C ARG L 416 -8.85 -59.75 -25.06
N SER L 417 -8.56 -59.48 -26.33
CA SER L 417 -7.19 -59.35 -26.79
C SER L 417 -7.07 -58.17 -27.74
N ALA L 418 -5.87 -57.62 -27.84
CA ALA L 418 -5.64 -56.45 -28.68
C ALA L 418 -4.16 -56.34 -29.02
N PHE L 419 -3.87 -55.54 -30.04
CA PHE L 419 -2.51 -55.22 -30.44
C PHE L 419 -2.22 -53.79 -30.02
N LEU L 420 -1.05 -53.56 -29.43
CA LEU L 420 -0.63 -52.23 -29.01
C LEU L 420 0.75 -51.94 -29.57
N TRP L 421 0.94 -50.75 -30.13
CA TRP L 421 2.24 -50.32 -30.64
C TRP L 421 2.93 -49.47 -29.59
N THR L 422 3.61 -50.11 -28.65
CA THR L 422 4.43 -49.38 -27.69
C THR L 422 5.66 -48.77 -28.34
N VAL L 423 6.01 -49.21 -29.54
CA VAL L 423 7.08 -48.61 -30.32
C VAL L 423 6.47 -48.03 -31.59
N GLY L 424 6.81 -46.79 -31.90
CA GLY L 424 6.34 -46.16 -33.11
C GLY L 424 6.88 -44.77 -33.23
N TYR L 425 6.37 -44.04 -34.21
CA TYR L 425 6.75 -42.65 -34.39
C TYR L 425 6.01 -41.78 -33.39
N VAL L 426 6.76 -41.03 -32.58
CA VAL L 426 6.20 -40.01 -31.70
C VAL L 426 6.79 -38.67 -32.13
N PRO L 427 5.98 -37.63 -32.26
CA PRO L 427 6.47 -36.40 -32.90
C PRO L 427 7.61 -35.73 -32.17
N LYS L 428 7.64 -35.77 -30.84
CA LYS L 428 8.63 -34.98 -30.10
C LYS L 428 10.05 -35.45 -30.36
N ILE L 429 10.27 -36.76 -30.35
CA ILE L 429 11.62 -37.26 -30.63
C ILE L 429 11.94 -37.17 -32.11
N GLN L 430 10.95 -36.85 -32.93
CA GLN L 430 11.04 -36.55 -34.37
C GLN L 430 11.27 -37.82 -35.18
N THR L 431 11.53 -38.97 -34.55
CA THR L 431 11.77 -40.21 -35.26
C THR L 431 10.91 -41.29 -34.62
N ALA L 432 10.96 -42.48 -35.22
CA ALA L 432 10.38 -43.64 -34.60
C ALA L 432 11.42 -44.35 -33.72
N LEU L 433 10.94 -44.95 -32.64
CA LEU L 433 11.83 -45.61 -31.70
C LEU L 433 12.40 -46.92 -32.25
N SER L 434 11.86 -47.44 -33.34
CA SER L 434 12.33 -48.68 -33.94
C SER L 434 13.37 -48.33 -35.02
N MET L 435 13.88 -49.28 -35.79
CA MET L 435 14.88 -48.95 -36.79
C MET L 435 14.28 -49.12 -38.17
N GLU L 436 13.77 -50.31 -38.44
CA GLU L 436 12.91 -50.55 -39.60
C GLU L 436 11.46 -50.34 -39.16
N VAL L 437 10.52 -50.83 -39.96
CA VAL L 437 9.12 -50.83 -39.53
C VAL L 437 8.98 -51.69 -38.27
N PRO L 438 8.32 -51.21 -37.24
CA PRO L 438 8.34 -51.90 -35.94
C PRO L 438 7.37 -53.07 -35.92
N ASN L 439 7.41 -53.82 -34.81
CA ASN L 439 6.49 -54.90 -34.53
C ASN L 439 5.74 -54.61 -33.23
N PRO L 440 4.42 -54.57 -33.28
CA PRO L 440 3.63 -54.26 -32.08
C PRO L 440 3.64 -55.42 -31.09
N LEU L 441 3.02 -55.16 -29.94
CA LEU L 441 2.97 -56.11 -28.84
C LEU L 441 1.59 -56.74 -28.82
N PHE L 442 1.54 -58.07 -28.79
CA PHE L 442 0.29 -58.79 -28.64
C PHE L 442 -0.09 -58.85 -27.17
N ILE L 443 -1.16 -58.15 -26.80
CA ILE L 443 -1.62 -58.08 -25.42
C ILE L 443 -2.92 -58.85 -25.31
N GLU L 444 -2.92 -59.91 -24.50
CA GLU L 444 -4.09 -60.74 -24.34
C GLU L 444 -4.36 -60.93 -22.85
N ILE L 445 -5.62 -60.71 -22.46
CA ILE L 445 -6.04 -60.94 -21.09
C ILE L 445 -6.36 -62.41 -20.94
N ASN L 446 -5.34 -63.20 -20.61
CA ASN L 446 -5.49 -64.66 -20.66
C ASN L 446 -6.51 -65.14 -19.62
N LYS L 447 -6.37 -64.68 -18.38
CA LYS L 447 -7.30 -65.04 -17.33
C LYS L 447 -7.87 -63.76 -16.72
N GLY L 448 -8.98 -63.89 -16.00
CA GLY L 448 -9.67 -62.73 -15.51
C GLY L 448 -10.49 -62.08 -16.60
N GLU L 449 -11.09 -60.92 -16.35
CA GLU L 449 -11.93 -60.30 -17.36
C GLU L 449 -11.32 -59.01 -17.89
N ALA L 450 -11.15 -58.02 -17.01
CA ALA L 450 -10.49 -56.75 -17.31
C ALA L 450 -11.08 -55.95 -18.47
N ASP L 451 -11.07 -54.63 -18.35
CA ASP L 451 -11.38 -53.79 -19.50
C ASP L 451 -10.15 -53.65 -20.39
N ILE L 452 -10.30 -54.00 -21.67
CA ILE L 452 -9.15 -54.05 -22.56
C ILE L 452 -8.55 -52.66 -22.76
N LYS L 453 -9.40 -51.63 -22.80
CA LYS L 453 -8.89 -50.27 -22.91
C LYS L 453 -8.06 -49.87 -21.71
N GLN L 454 -8.52 -50.20 -20.50
CA GLN L 454 -7.75 -49.88 -19.31
C GLN L 454 -6.46 -50.69 -19.26
N VAL L 455 -6.49 -51.93 -19.75
CA VAL L 455 -5.27 -52.75 -19.80
C VAL L 455 -4.26 -52.12 -20.75
N LEU L 456 -4.70 -51.69 -21.93
CA LEU L 456 -3.81 -51.06 -22.88
C LEU L 456 -3.32 -49.70 -22.43
N LYS L 457 -4.10 -48.97 -21.64
CA LYS L 457 -3.69 -47.67 -21.13
C LYS L 457 -2.63 -47.77 -20.04
N ASP L 458 -2.52 -48.91 -19.38
CA ASP L 458 -1.56 -49.11 -18.29
C ASP L 458 -0.22 -49.65 -18.76
N ILE L 459 -0.23 -50.58 -19.71
CA ILE L 459 1.03 -51.10 -20.23
C ILE L 459 1.84 -50.00 -20.88
N LEU L 460 1.19 -49.16 -21.70
CA LEU L 460 1.88 -48.02 -22.29
C LEU L 460 2.40 -47.08 -21.20
N SER L 461 1.67 -46.95 -20.10
CA SER L 461 2.16 -46.18 -18.96
C SER L 461 3.39 -46.83 -18.35
N LEU L 462 3.38 -48.16 -18.21
CA LEU L 462 4.52 -48.85 -17.63
C LEU L 462 5.73 -48.85 -18.54
N THR L 463 5.55 -48.57 -19.83
CA THR L 463 6.69 -48.50 -20.74
C THR L 463 7.60 -47.30 -20.47
N LYS L 464 7.30 -46.47 -19.48
CA LYS L 464 8.04 -45.25 -19.24
C LYS L 464 8.83 -45.25 -17.94
N LEU L 465 8.56 -46.17 -17.03
CA LEU L 465 9.30 -46.25 -15.76
C LEU L 465 10.61 -47.02 -15.91
N ASN L 466 11.46 -46.65 -16.87
CA ASN L 466 12.73 -47.33 -17.08
C ASN L 466 13.83 -46.40 -16.58
N TYR L 467 14.37 -46.70 -15.40
CA TYR L 467 15.40 -45.86 -14.82
C TYR L 467 16.81 -46.22 -15.29
N ASN L 468 16.99 -47.41 -15.88
CA ASN L 468 18.29 -47.77 -16.41
C ASN L 468 18.66 -46.98 -17.64
N ALA L 469 17.68 -46.41 -18.34
CA ALA L 469 17.93 -45.63 -19.54
C ALA L 469 17.02 -44.41 -19.55
N CYS L 470 17.57 -43.26 -19.90
CA CYS L 470 16.81 -42.02 -20.00
C CYS L 470 16.37 -41.87 -21.44
N ILE L 471 15.30 -42.59 -21.80
CA ILE L 471 14.77 -42.58 -23.15
C ILE L 471 13.32 -42.11 -23.10
N PHE L 472 12.75 -41.87 -24.28
CA PHE L 472 11.36 -41.45 -24.35
C PHE L 472 10.44 -42.51 -23.75
N ALA L 473 10.57 -43.75 -24.20
CA ALA L 473 9.77 -44.85 -23.69
C ALA L 473 10.43 -46.16 -24.11
N ASP L 474 9.98 -47.25 -23.48
CA ASP L 474 10.50 -48.58 -23.75
C ASP L 474 9.52 -49.36 -24.60
N GLY L 475 10.05 -50.29 -25.40
CA GLY L 475 9.21 -51.13 -26.22
C GLY L 475 8.46 -52.19 -25.45
N GLU L 476 8.91 -52.51 -24.24
CA GLU L 476 8.30 -53.52 -23.40
C GLU L 476 7.98 -52.86 -22.06
N PRO L 477 6.88 -53.22 -21.41
CA PRO L 477 6.62 -52.66 -20.08
C PRO L 477 7.76 -52.98 -19.13
N VAL L 478 8.19 -52.00 -18.33
CA VAL L 478 9.40 -52.16 -17.53
C VAL L 478 9.28 -53.26 -16.49
N THR L 479 8.05 -53.63 -16.10
CA THR L 479 7.90 -54.71 -15.13
C THR L 479 8.48 -56.01 -15.69
N LEU L 480 8.14 -56.35 -16.93
CA LEU L 480 8.71 -57.51 -17.60
C LEU L 480 10.16 -57.32 -17.99
N ARG L 481 10.68 -56.10 -17.90
CA ARG L 481 12.09 -55.84 -18.17
C ARG L 481 12.94 -55.84 -16.90
N PHE L 482 12.50 -55.14 -15.87
CA PHE L 482 13.25 -55.16 -14.61
C PHE L 482 13.15 -56.52 -13.92
N ALA L 483 11.99 -57.18 -14.01
CA ALA L 483 11.89 -58.54 -13.51
C ALA L 483 12.82 -59.47 -14.29
N ASP L 484 12.95 -59.26 -15.59
CA ASP L 484 13.88 -60.05 -16.39
C ASP L 484 15.31 -59.79 -15.96
N LYS L 485 15.65 -58.53 -15.67
CA LYS L 485 16.99 -58.23 -15.17
C LYS L 485 17.27 -58.93 -13.85
N ILE L 486 16.30 -58.89 -12.93
CA ILE L 486 16.47 -59.58 -11.65
C ILE L 486 16.67 -61.07 -11.86
N GLY L 487 15.85 -61.67 -12.71
CA GLY L 487 16.01 -63.09 -13.00
C GLY L 487 17.35 -63.43 -13.60
N GLU L 488 17.81 -62.62 -14.55
CA GLU L 488 19.09 -62.83 -15.22
C GLU L 488 20.27 -62.64 -14.29
N ILE L 489 20.12 -61.85 -13.23
CA ILE L 489 21.18 -61.69 -12.24
C ILE L 489 21.21 -62.81 -11.21
N LEU L 490 20.05 -63.27 -10.74
CA LEU L 490 19.99 -64.25 -9.67
C LEU L 490 20.31 -65.67 -10.11
N THR L 491 20.24 -65.98 -11.40
CA THR L 491 20.55 -67.31 -11.90
C THR L 491 22.04 -67.50 -12.11
N ALA L 492 22.85 -66.47 -11.88
CA ALA L 492 24.30 -66.57 -11.98
C ALA L 492 24.94 -67.15 -10.73
N SER L 493 24.44 -66.82 -9.54
CA SER L 493 24.95 -67.35 -8.29
C SER L 493 23.84 -68.14 -7.61
N THR L 494 24.17 -69.35 -7.17
CA THR L 494 23.20 -70.24 -6.55
C THR L 494 23.12 -70.10 -5.04
N ASP L 495 23.96 -69.27 -4.43
CA ASP L 495 24.01 -69.12 -2.99
C ASP L 495 23.31 -67.86 -2.50
N ILE L 496 22.42 -67.29 -3.31
CA ILE L 496 21.73 -66.08 -2.90
C ILE L 496 20.56 -66.44 -1.99
N LYS L 497 20.46 -65.70 -0.88
CA LYS L 497 19.41 -65.97 0.10
C LYS L 497 18.86 -64.63 0.57
N THR L 498 17.52 -64.55 0.59
CA THR L 498 16.78 -63.34 0.93
C THR L 498 17.34 -62.17 0.14
N PRO L 499 17.16 -62.14 -1.17
CA PRO L 499 17.79 -61.11 -1.99
C PRO L 499 17.17 -59.75 -1.73
N PRO L 500 17.92 -58.67 -1.92
CA PRO L 500 17.36 -57.33 -1.76
C PRO L 500 16.27 -57.07 -2.78
N LEU L 501 15.26 -56.28 -2.38
CA LEU L 501 14.12 -56.00 -3.22
C LEU L 501 14.20 -54.63 -3.90
N ALA L 502 15.34 -53.96 -3.81
CA ALA L 502 15.51 -52.65 -4.43
C ALA L 502 16.22 -52.81 -5.77
N PHE L 503 15.78 -51.99 -6.74
CA PHE L 503 16.27 -52.16 -8.10
C PHE L 503 17.69 -51.65 -8.29
N LYS L 504 18.14 -50.76 -7.41
CA LYS L 504 19.45 -50.16 -7.59
C LYS L 504 20.57 -51.17 -7.41
N TYR L 505 20.27 -52.31 -6.78
CA TYR L 505 21.25 -53.37 -6.59
C TYR L 505 21.33 -54.31 -7.78
N TYR L 506 20.44 -54.18 -8.76
CA TYR L 506 20.50 -55.03 -9.93
C TYR L 506 20.74 -54.26 -11.22
N ILE L 507 20.00 -53.20 -11.48
CA ILE L 507 20.11 -52.51 -12.76
C ILE L 507 21.39 -51.70 -12.82
#